data_6LAG
#
_entry.id   6LAG
#
_entity_poly.entity_id   1
_entity_poly.type   'polypeptide(L)'
_entity_poly.pdbx_seq_one_letter_code
;MGSSHHHHHHSSGLVPRGSHMGENQELVLSDHYISLKRYLSATSRDGNPKPPPNKARDKLQRLTEVQFLELSTDVYDELK
RREQVARRGPNAPPETAPPDFLLPQDNFHPKRNQARQKLSSLGPPRFRDLATDVFCELERRYPNFANLEMPLNAS
;
_entity_poly.pdbx_strand_id   A
#
# COMPACT_ATOMS: atom_id res chain seq x y z
N MET A 21 10.52 2.71 20.35
CA MET A 21 9.10 2.27 20.23
C MET A 21 8.17 3.30 20.80
N GLY A 22 6.88 3.22 20.43
CA GLY A 22 5.92 4.17 20.93
C GLY A 22 4.61 3.81 20.32
N GLU A 23 3.57 4.63 20.59
CA GLU A 23 2.27 4.36 20.05
C GLU A 23 1.81 5.60 19.35
N ASN A 24 1.74 5.53 18.00
CA ASN A 24 1.31 6.68 17.24
C ASN A 24 0.84 6.14 15.93
N GLN A 25 -0.37 6.57 15.49
CA GLN A 25 -0.93 6.11 14.25
C GLN A 25 -0.16 6.74 13.12
N GLU A 26 0.42 7.93 13.38
CA GLU A 26 1.17 8.64 12.37
C GLU A 26 2.39 7.83 12.02
N LEU A 27 3.00 7.20 13.03
CA LEU A 27 4.18 6.39 12.81
C LEU A 27 3.83 5.21 11.95
N VAL A 28 2.63 4.63 12.18
CA VAL A 28 2.20 3.48 11.41
C VAL A 28 2.08 3.89 9.96
N LEU A 29 1.45 5.05 9.71
CA LEU A 29 1.29 5.51 8.34
C LEU A 29 2.61 5.94 7.79
N SER A 30 3.57 6.32 8.66
CA SER A 30 4.88 6.74 8.20
C SER A 30 5.53 5.56 7.51
N ASP A 31 5.41 4.36 8.12
CA ASP A 31 6.01 3.17 7.55
C ASP A 31 5.33 2.88 6.24
N HIS A 32 4.00 3.08 6.18
CA HIS A 32 3.24 2.82 4.97
C HIS A 32 3.70 3.79 3.91
N TYR A 33 3.90 5.06 4.31
CA TYR A 33 4.33 6.11 3.41
C TYR A 33 5.66 5.75 2.80
N ILE A 34 6.62 5.35 3.66
CA ILE A 34 7.94 5.00 3.20
C ILE A 34 7.84 3.81 2.27
N SER A 35 7.03 2.80 2.65
CA SER A 35 6.90 1.61 1.84
C SER A 35 6.32 1.98 0.49
N LEU A 36 5.30 2.87 0.48
CA LEU A 36 4.68 3.27 -0.77
C LEU A 36 5.68 4.01 -1.62
N LYS A 37 6.50 4.88 -1.00
CA LYS A 37 7.46 5.64 -1.77
C LYS A 37 8.45 4.70 -2.42
N ARG A 38 8.93 3.68 -1.64
CA ARG A 38 9.88 2.75 -2.19
C ARG A 38 9.22 1.94 -3.29
N TYR A 39 7.95 1.55 -3.07
CA TYR A 39 7.22 0.77 -4.06
C TYR A 39 7.10 1.56 -5.33
N LEU A 40 6.67 2.84 -5.22
CA LEU A 40 6.49 3.67 -6.39
C LEU A 40 7.83 3.90 -7.05
N SER A 41 8.89 4.09 -6.25
CA SER A 41 10.21 4.35 -6.79
C SER A 41 10.70 3.13 -7.55
N ALA A 42 10.42 1.94 -7.03
CA ALA A 42 10.87 0.71 -7.66
C ALA A 42 10.10 0.46 -8.94
N THR A 43 8.89 1.05 -9.09
CA THR A 43 8.10 0.78 -10.27
C THR A 43 8.07 1.99 -11.17
N SER A 44 8.66 3.12 -10.74
CA SER A 44 8.64 4.29 -11.59
C SER A 44 9.79 5.17 -11.20
N ARG A 45 10.36 5.88 -12.20
CA ARG A 45 11.49 6.76 -11.94
C ARG A 45 10.99 7.95 -11.17
N ASP A 46 9.65 8.15 -11.14
CA ASP A 46 9.05 9.26 -10.42
C ASP A 46 9.50 10.55 -11.07
N GLY A 47 9.40 10.62 -12.41
CA GLY A 47 9.80 11.81 -13.12
C GLY A 47 8.59 12.70 -13.27
N ASN A 48 7.43 12.22 -12.76
CA ASN A 48 6.23 13.00 -12.85
C ASN A 48 5.65 13.04 -11.45
N PRO A 49 5.57 14.23 -10.88
CA PRO A 49 5.03 14.39 -9.53
C PRO A 49 3.56 14.11 -9.44
N LYS A 50 2.85 14.19 -10.58
CA LYS A 50 1.42 13.93 -10.58
C LYS A 50 1.14 12.96 -11.68
N PRO A 51 1.37 11.68 -11.42
CA PRO A 51 1.13 10.62 -12.40
C PRO A 51 -0.27 10.57 -12.98
N PRO A 52 -1.32 10.69 -12.20
CA PRO A 52 -2.66 10.65 -12.75
C PRO A 52 -3.12 11.97 -13.28
N PRO A 53 -3.81 11.99 -14.41
CA PRO A 53 -4.30 13.22 -14.99
C PRO A 53 -5.46 13.81 -14.25
N ASN A 54 -6.18 12.96 -13.48
CA ASN A 54 -7.33 13.42 -12.75
C ASN A 54 -7.03 13.20 -11.30
N LYS A 55 -7.67 14.00 -10.42
CA LYS A 55 -7.44 13.86 -9.00
C LYS A 55 -8.76 14.09 -8.33
N ALA A 56 -8.94 13.49 -7.13
CA ALA A 56 -10.16 13.67 -6.41
C ALA A 56 -9.89 13.26 -4.99
N ARG A 57 -9.23 14.16 -4.22
CA ARG A 57 -8.91 13.89 -2.84
C ARG A 57 -10.17 13.91 -2.02
N ASP A 58 -11.26 14.52 -2.56
CA ASP A 58 -12.50 14.62 -1.83
C ASP A 58 -13.09 13.23 -1.67
N LYS A 59 -12.78 12.30 -2.61
CA LYS A 59 -13.31 10.96 -2.53
C LYS A 59 -12.75 10.28 -1.31
N LEU A 60 -11.47 10.56 -1.00
CA LEU A 60 -10.83 9.93 0.14
C LEU A 60 -11.31 10.59 1.41
N GLN A 61 -12.03 11.72 1.29
CA GLN A 61 -12.52 12.41 2.46
C GLN A 61 -13.93 11.94 2.74
N ARG A 62 -14.39 10.90 2.01
CA ARG A 62 -15.74 10.40 2.20
C ARG A 62 -15.67 9.18 3.08
N LEU A 63 -14.71 9.16 4.01
CA LEU A 63 -14.56 8.03 4.89
C LEU A 63 -13.96 8.53 6.16
N THR A 64 -14.02 7.70 7.22
CA THR A 64 -13.50 8.09 8.50
C THR A 64 -12.03 7.82 8.52
N GLU A 65 -11.35 8.35 9.56
CA GLU A 65 -9.93 8.16 9.72
C GLU A 65 -9.64 6.69 9.92
N VAL A 66 -10.52 6.00 10.69
CA VAL A 66 -10.33 4.60 10.97
C VAL A 66 -10.44 3.83 9.67
N GLN A 67 -11.43 4.19 8.84
CA GLN A 67 -11.60 3.51 7.59
C GLN A 67 -10.39 3.77 6.73
N PHE A 68 -9.86 5.01 6.80
CA PHE A 68 -8.69 5.36 6.04
C PHE A 68 -7.54 4.50 6.49
N LEU A 69 -7.37 4.32 7.83
CA LEU A 69 -6.29 3.51 8.33
C LEU A 69 -6.48 2.09 7.88
N GLU A 70 -7.73 1.61 7.86
CA GLU A 70 -7.99 0.26 7.45
C GLU A 70 -7.58 0.10 6.01
N LEU A 71 -7.89 1.11 5.16
CA LEU A 71 -7.52 1.03 3.76
C LEU A 71 -6.02 1.08 3.64
N SER A 72 -5.36 1.92 4.48
CA SER A 72 -3.92 2.03 4.44
C SER A 72 -3.31 0.71 4.81
N THR A 73 -3.90 0.04 5.83
CA THR A 73 -3.40 -1.23 6.28
C THR A 73 -3.62 -2.26 5.22
N ASP A 74 -4.79 -2.23 4.54
CA ASP A 74 -5.07 -3.20 3.51
C ASP A 74 -4.07 -3.04 2.40
N VAL A 75 -3.73 -1.78 2.04
CA VAL A 75 -2.77 -1.54 0.97
C VAL A 75 -1.42 -2.04 1.42
N TYR A 76 -1.04 -1.73 2.68
CA TYR A 76 0.25 -2.15 3.20
C TYR A 76 0.33 -3.65 3.20
N ASP A 77 -0.74 -4.32 3.69
CA ASP A 77 -0.75 -5.77 3.75
C ASP A 77 -0.63 -6.32 2.35
N GLU A 78 -1.30 -5.69 1.36
CA GLU A 78 -1.22 -6.18 0.01
C GLU A 78 0.20 -6.05 -0.49
N LEU A 79 0.86 -4.92 -0.14
CA LEU A 79 2.21 -4.69 -0.60
C LEU A 79 3.16 -5.74 -0.08
N LYS A 80 3.05 -6.11 1.22
CA LYS A 80 3.97 -7.09 1.76
C LYS A 80 3.68 -8.45 1.20
N ARG A 81 2.40 -8.76 0.91
CA ARG A 81 2.07 -10.06 0.38
C ARG A 81 2.68 -10.21 -0.99
N ARG A 82 2.61 -9.14 -1.80
CA ARG A 82 3.15 -9.18 -3.15
C ARG A 82 4.65 -9.34 -3.06
N GLU A 83 5.29 -8.66 -2.09
CA GLU A 83 6.73 -8.74 -1.96
C GLU A 83 7.11 -10.16 -1.61
N GLN A 84 6.33 -10.82 -0.74
CA GLN A 84 6.62 -12.18 -0.35
C GLN A 84 6.49 -13.07 -1.55
N VAL A 85 5.46 -12.81 -2.39
CA VAL A 85 5.24 -13.62 -3.57
C VAL A 85 6.43 -13.48 -4.48
N ALA A 86 6.91 -12.23 -4.66
CA ALA A 86 8.04 -11.98 -5.54
C ALA A 86 9.27 -12.68 -5.00
N ARG A 87 9.47 -12.63 -3.67
CA ARG A 87 10.62 -13.26 -3.06
C ARG A 87 10.56 -14.74 -3.28
N ARG A 88 9.35 -15.31 -3.24
CA ARG A 88 9.19 -16.73 -3.41
C ARG A 88 8.78 -17.00 -4.82
N GLY A 89 9.27 -16.15 -5.72
CA GLY A 89 8.98 -16.31 -7.13
C GLY A 89 9.99 -17.25 -7.70
N PRO A 90 11.12 -16.70 -8.07
CA PRO A 90 12.20 -17.49 -8.62
C PRO A 90 12.98 -18.23 -7.58
N ASN A 91 13.49 -19.42 -7.95
CA ASN A 91 14.28 -20.22 -7.04
C ASN A 91 13.45 -20.57 -5.82
N ALA A 92 12.15 -20.84 -6.04
CA ALA A 92 11.29 -21.19 -4.93
C ALA A 92 10.45 -22.36 -5.39
N PRO A 93 10.26 -23.33 -4.52
CA PRO A 93 9.49 -24.51 -4.85
C PRO A 93 8.00 -24.23 -4.87
N PRO A 94 7.25 -24.99 -5.64
CA PRO A 94 5.81 -24.80 -5.73
C PRO A 94 5.07 -25.22 -4.50
N GLU A 95 5.71 -26.04 -3.65
CA GLU A 95 5.06 -26.51 -2.45
C GLU A 95 4.85 -25.37 -1.51
N THR A 96 5.84 -24.45 -1.45
CA THR A 96 5.74 -23.32 -0.57
C THR A 96 5.35 -22.12 -1.37
N ALA A 97 4.83 -22.36 -2.59
CA ALA A 97 4.44 -21.24 -3.43
C ALA A 97 3.22 -20.60 -2.82
N PRO A 98 3.27 -19.29 -2.65
CA PRO A 98 2.17 -18.55 -2.06
C PRO A 98 1.04 -18.34 -3.03
N PRO A 99 -0.14 -18.05 -2.54
CA PRO A 99 -1.30 -17.83 -3.38
C PRO A 99 -1.24 -16.53 -4.14
N ASP A 100 -1.99 -16.46 -5.25
CA ASP A 100 -1.99 -15.27 -6.07
C ASP A 100 -2.93 -14.27 -5.45
N PHE A 101 -3.64 -14.67 -4.38
CA PHE A 101 -4.56 -13.78 -3.74
C PHE A 101 -4.58 -14.11 -2.27
N LEU A 102 -5.03 -13.16 -1.43
CA LEU A 102 -5.06 -13.41 -0.02
C LEU A 102 -6.19 -14.37 0.27
N LEU A 103 -5.86 -15.49 0.93
CA LEU A 103 -6.85 -16.48 1.24
C LEU A 103 -7.67 -15.96 2.40
N PRO A 104 -8.93 -16.33 2.43
CA PRO A 104 -9.82 -15.90 3.51
C PRO A 104 -9.53 -16.57 4.81
N GLN A 105 -9.78 -15.84 5.91
CA GLN A 105 -9.54 -16.38 7.24
C GLN A 105 -10.72 -16.00 8.06
N ASP A 106 -11.02 -16.78 9.12
CA ASP A 106 -12.15 -16.47 9.97
C ASP A 106 -11.71 -15.44 10.97
N ASN A 107 -10.39 -15.18 11.05
CA ASN A 107 -9.88 -14.21 11.98
C ASN A 107 -10.26 -12.84 11.48
N PHE A 108 -10.43 -12.71 10.15
CA PHE A 108 -10.78 -11.45 9.56
C PHE A 108 -12.17 -11.56 9.03
N HIS A 109 -12.89 -10.41 8.95
CA HIS A 109 -14.25 -10.41 8.45
C HIS A 109 -14.21 -10.77 6.99
N PRO A 110 -15.24 -11.44 6.53
CA PRO A 110 -15.33 -11.86 5.13
C PRO A 110 -15.40 -10.71 4.16
N LYS A 111 -16.05 -9.60 4.56
CA LYS A 111 -16.15 -8.47 3.67
C LYS A 111 -14.78 -7.89 3.48
N ARG A 112 -13.99 -7.86 4.56
CA ARG A 112 -12.64 -7.34 4.50
C ARG A 112 -11.80 -8.26 3.66
N ASN A 113 -12.01 -9.59 3.80
CA ASN A 113 -11.25 -10.55 3.04
C ASN A 113 -11.54 -10.36 1.57
N GLN A 114 -12.82 -10.08 1.21
CA GLN A 114 -13.18 -9.89 -0.17
C GLN A 114 -12.52 -8.67 -0.69
N ALA A 115 -12.46 -7.63 0.16
CA ALA A 115 -11.85 -6.38 -0.23
C ALA A 115 -10.39 -6.61 -0.53
N ARG A 116 -9.72 -7.44 0.29
CA ARG A 116 -8.32 -7.73 0.08
C ARG A 116 -8.17 -8.51 -1.20
N GLN A 117 -9.13 -9.43 -1.47
CA GLN A 117 -9.07 -10.24 -2.67
C GLN A 117 -9.19 -9.33 -3.87
N LYS A 118 -10.04 -8.29 -3.78
CA LYS A 118 -10.22 -7.36 -4.87
C LYS A 118 -8.91 -6.67 -5.17
N LEU A 119 -8.13 -6.33 -4.13
CA LEU A 119 -6.87 -5.65 -4.34
C LEU A 119 -5.96 -6.55 -5.14
N SER A 120 -5.96 -7.86 -4.80
CA SER A 120 -5.12 -8.80 -5.51
C SER A 120 -5.61 -8.93 -6.93
N SER A 121 -6.95 -8.90 -7.11
CA SER A 121 -7.54 -9.04 -8.43
C SER A 121 -7.13 -7.87 -9.28
N LEU A 122 -7.05 -6.66 -8.70
CA LEU A 122 -6.68 -5.48 -9.45
C LEU A 122 -5.28 -5.67 -9.97
N GLY A 123 -5.06 -5.26 -11.24
CA GLY A 123 -3.75 -5.39 -11.83
C GLY A 123 -2.89 -4.28 -11.32
N PRO A 124 -1.61 -4.39 -11.64
CA PRO A 124 -0.63 -3.41 -11.22
C PRO A 124 -0.93 -1.97 -11.55
N PRO A 125 -1.43 -1.63 -12.74
CA PRO A 125 -1.74 -0.24 -13.07
C PRO A 125 -2.79 0.37 -12.16
N ARG A 126 -3.86 -0.40 -11.86
CA ARG A 126 -4.91 0.12 -11.02
C ARG A 126 -4.40 0.21 -9.61
N PHE A 127 -3.63 -0.81 -9.19
CA PHE A 127 -3.09 -0.83 -7.85
C PHE A 127 -2.11 0.29 -7.68
N ARG A 128 -1.29 0.57 -8.73
CA ARG A 128 -0.32 1.62 -8.66
C ARG A 128 -1.05 2.93 -8.45
N ASP A 129 -2.20 3.10 -9.13
CA ASP A 129 -2.96 4.32 -8.98
C ASP A 129 -3.45 4.42 -7.55
N LEU A 130 -3.84 3.28 -6.93
CA LEU A 130 -4.33 3.30 -5.57
C LEU A 130 -3.22 3.71 -4.67
N ALA A 131 -2.01 3.16 -4.93
CA ALA A 131 -0.85 3.46 -4.13
C ALA A 131 -0.51 4.92 -4.26
N THR A 132 -0.61 5.46 -5.48
CA THR A 132 -0.29 6.85 -5.73
C THR A 132 -1.27 7.72 -5.00
N ASP A 133 -2.57 7.37 -5.06
CA ASP A 133 -3.59 8.17 -4.40
C ASP A 133 -3.37 8.17 -2.91
N VAL A 134 -3.05 7.00 -2.32
CA VAL A 134 -2.84 6.93 -0.90
C VAL A 134 -1.60 7.70 -0.54
N PHE A 135 -0.53 7.54 -1.35
CA PHE A 135 0.73 8.20 -1.09
C PHE A 135 0.51 9.70 -1.13
N CYS A 136 -0.18 10.19 -2.18
CA CYS A 136 -0.41 11.61 -2.32
C CYS A 136 -1.24 12.11 -1.17
N GLU A 137 -2.26 11.32 -0.76
CA GLU A 137 -3.13 11.73 0.32
C GLU A 137 -2.32 11.87 1.58
N LEU A 138 -1.42 10.89 1.86
CA LEU A 138 -0.62 10.96 3.06
C LEU A 138 0.31 12.14 3.00
N GLU A 139 0.90 12.42 1.83
CA GLU A 139 1.81 13.52 1.72
C GLU A 139 1.08 14.83 1.93
N ARG A 140 -0.12 14.98 1.34
CA ARG A 140 -0.87 16.22 1.48
C ARG A 140 -1.38 16.36 2.89
N ARG A 141 -1.87 15.24 3.49
CA ARG A 141 -2.41 15.31 4.83
C ARG A 141 -1.31 15.54 5.82
N TYR A 142 -0.16 14.86 5.62
CA TYR A 142 0.96 15.01 6.52
C TYR A 142 2.11 15.57 5.74
N PRO A 143 2.23 16.89 5.74
CA PRO A 143 3.32 17.54 5.03
C PRO A 143 4.66 17.26 5.64
N ASN A 144 4.66 16.76 6.90
CA ASN A 144 5.90 16.45 7.56
C ASN A 144 6.39 15.12 7.08
N PHE A 145 5.56 14.40 6.27
CA PHE A 145 5.99 13.12 5.76
C PHE A 145 6.94 13.37 4.62
N ALA A 146 6.93 14.59 4.08
CA ALA A 146 7.81 14.93 3.00
C ALA A 146 9.18 15.21 3.58
N ASN A 147 9.31 15.23 4.92
CA ASN A 147 10.58 15.52 5.53
C ASN A 147 10.90 14.41 6.52
N LEU A 148 10.57 13.15 6.18
CA LEU A 148 10.88 12.05 7.06
C LEU A 148 12.30 11.63 6.79
N GLU A 149 12.48 10.37 6.35
CA GLU A 149 13.80 9.88 6.08
C GLU A 149 13.61 8.64 5.25
N MET A 150 14.68 8.23 4.52
CA MET A 150 14.58 7.04 3.70
C MET A 150 15.81 6.23 3.96
N PRO A 151 15.67 4.93 3.84
CA PRO A 151 16.78 4.01 4.04
C PRO A 151 17.68 3.92 2.83
N LEU A 152 18.82 3.23 2.99
CA LEU A 152 19.74 3.08 1.88
C LEU A 152 19.92 1.61 1.65
N ASN A 153 20.26 1.24 0.40
CA ASN A 153 20.45 -0.14 0.08
C ASN A 153 21.94 -0.36 -0.10
N ALA A 154 22.44 -1.50 0.40
CA ALA A 154 23.84 -1.79 0.28
C ALA A 154 23.98 -3.27 0.21
N SER A 155 25.05 -3.76 -0.45
CA SER A 155 25.25 -5.18 -0.56
C SER A 155 26.75 -5.41 -0.80
N MET A 21 -1.80 8.59 25.93
CA MET A 21 -1.14 7.26 25.81
C MET A 21 -1.88 6.39 24.82
N GLY A 22 -1.25 6.15 23.65
CA GLY A 22 -1.88 5.34 22.65
C GLY A 22 -0.91 5.21 21.52
N GLU A 23 -1.30 4.48 20.47
CA GLU A 23 -0.43 4.30 19.32
C GLU A 23 -0.61 5.51 18.44
N ASN A 24 0.52 5.99 17.87
CA ASN A 24 0.46 7.14 17.01
C ASN A 24 0.26 6.61 15.60
N GLN A 25 -0.90 6.95 15.00
CA GLN A 25 -1.21 6.48 13.67
C GLN A 25 -0.27 7.12 12.68
N GLU A 26 0.30 8.29 13.03
CA GLU A 26 1.21 8.97 12.13
C GLU A 26 2.42 8.11 11.93
N LEU A 27 2.88 7.44 13.01
CA LEU A 27 4.05 6.60 12.92
C LEU A 27 3.73 5.40 12.07
N VAL A 28 2.50 4.86 12.21
CA VAL A 28 2.11 3.70 11.44
C VAL A 28 2.06 4.07 9.98
N LEU A 29 1.46 5.23 9.66
CA LEU A 29 1.35 5.65 8.28
C LEU A 29 2.71 6.07 7.79
N SER A 30 3.65 6.40 8.70
CA SER A 30 4.98 6.79 8.29
C SER A 30 5.63 5.62 7.59
N ASP A 31 5.46 4.42 8.18
CA ASP A 31 6.04 3.22 7.60
C ASP A 31 5.36 2.95 6.28
N HIS A 32 4.02 3.17 6.23
CA HIS A 32 3.28 2.93 5.00
C HIS A 32 3.76 3.88 3.94
N TYR A 33 4.01 5.14 4.34
CA TYR A 33 4.48 6.18 3.43
C TYR A 33 5.79 5.76 2.83
N ILE A 34 6.74 5.35 3.69
CA ILE A 34 8.05 4.94 3.23
C ILE A 34 7.91 3.76 2.32
N SER A 35 7.05 2.78 2.69
CA SER A 35 6.86 1.59 1.88
C SER A 35 6.29 1.99 0.54
N LEU A 36 5.34 2.95 0.52
CA LEU A 36 4.74 3.39 -0.72
C LEU A 36 5.80 4.02 -1.58
N LYS A 37 6.72 4.80 -0.96
CA LYS A 37 7.76 5.46 -1.72
C LYS A 37 8.63 4.39 -2.35
N ARG A 38 8.95 3.32 -1.58
CA ARG A 38 9.78 2.26 -2.12
C ARG A 38 9.04 1.60 -3.26
N TYR A 39 7.72 1.41 -3.10
CA TYR A 39 6.92 0.78 -4.14
C TYR A 39 6.97 1.62 -5.39
N LEU A 40 6.77 2.96 -5.24
CA LEU A 40 6.78 3.84 -6.39
C LEU A 40 8.16 3.82 -7.02
N SER A 41 9.22 3.79 -6.18
CA SER A 41 10.57 3.77 -6.68
C SER A 41 10.77 2.51 -7.48
N ALA A 42 10.24 1.37 -6.99
CA ALA A 42 10.38 0.12 -7.68
C ALA A 42 9.70 0.18 -9.02
N THR A 43 8.51 0.82 -9.09
CA THR A 43 7.78 0.89 -10.34
C THR A 43 8.49 1.83 -11.29
N SER A 44 9.13 2.90 -10.78
CA SER A 44 9.81 3.81 -11.67
C SER A 44 10.91 4.46 -10.89
N ARG A 45 12.10 4.59 -11.54
CA ARG A 45 13.23 5.20 -10.89
C ARG A 45 13.03 6.69 -10.86
N ASP A 46 12.04 7.19 -11.65
CA ASP A 46 11.77 8.60 -11.69
C ASP A 46 11.32 9.05 -10.33
N GLY A 47 10.52 8.20 -9.65
CA GLY A 47 10.02 8.54 -8.34
C GLY A 47 8.62 9.00 -8.50
N ASN A 48 8.23 10.03 -7.73
CA ASN A 48 6.88 10.55 -7.83
C ASN A 48 6.93 11.71 -8.79
N PRO A 49 6.28 11.57 -9.93
CA PRO A 49 6.26 12.61 -10.93
C PRO A 49 5.33 13.74 -10.58
N LYS A 50 4.51 13.54 -9.52
CA LYS A 50 3.55 14.54 -9.08
C LYS A 50 2.64 14.88 -10.23
N PRO A 51 1.84 13.92 -10.64
CA PRO A 51 0.92 14.12 -11.74
C PRO A 51 -0.27 14.94 -11.34
N PRO A 52 -0.94 15.55 -12.29
CA PRO A 52 -2.12 16.37 -12.01
C PRO A 52 -3.21 15.58 -11.33
N PRO A 53 -3.90 16.17 -10.39
CA PRO A 53 -4.97 15.49 -9.69
C PRO A 53 -6.21 15.34 -10.52
N ASN A 54 -6.98 14.26 -10.27
CA ASN A 54 -8.19 14.03 -11.01
C ASN A 54 -9.34 14.49 -10.15
N LYS A 55 -9.01 15.14 -9.02
CA LYS A 55 -10.03 15.63 -8.10
C LYS A 55 -10.67 14.43 -7.46
N ALA A 56 -11.93 14.59 -6.99
CA ALA A 56 -12.65 13.51 -6.35
C ALA A 56 -11.98 13.21 -5.04
N ARG A 57 -11.38 14.24 -4.41
CA ARG A 57 -10.73 14.04 -3.14
C ARG A 57 -11.78 13.85 -2.07
N ASP A 58 -13.03 14.25 -2.40
CA ASP A 58 -14.13 14.12 -1.46
C ASP A 58 -14.38 12.66 -1.20
N LYS A 59 -14.00 11.77 -2.14
CA LYS A 59 -14.23 10.36 -1.97
C LYS A 59 -13.46 9.86 -0.78
N LEU A 60 -12.23 10.38 -0.58
CA LEU A 60 -11.42 9.95 0.53
C LEU A 60 -11.94 10.55 1.81
N GLN A 61 -12.87 11.53 1.71
CA GLN A 61 -13.40 12.15 2.90
C GLN A 61 -14.68 11.46 3.29
N ARG A 62 -15.12 10.44 2.50
CA ARG A 62 -16.34 9.75 2.82
C ARG A 62 -16.00 8.54 3.62
N LEU A 63 -15.29 8.74 4.75
CA LEU A 63 -14.92 7.63 5.57
C LEU A 63 -14.36 8.20 6.84
N THR A 64 -14.32 7.35 7.90
CA THR A 64 -13.82 7.81 9.17
C THR A 64 -12.33 7.66 9.18
N GLU A 65 -11.69 8.23 10.22
CA GLU A 65 -10.25 8.17 10.35
C GLU A 65 -9.83 6.72 10.51
N VAL A 66 -10.61 5.94 11.27
CA VAL A 66 -10.28 4.55 11.50
C VAL A 66 -10.40 3.81 10.20
N GLN A 67 -11.45 4.11 9.42
CA GLN A 67 -11.63 3.44 8.15
C GLN A 67 -10.47 3.79 7.26
N PHE A 68 -9.98 5.04 7.34
CA PHE A 68 -8.86 5.45 6.53
C PHE A 68 -7.67 4.58 6.88
N LEU A 69 -7.43 4.35 8.19
CA LEU A 69 -6.31 3.53 8.60
C LEU A 69 -6.52 2.11 8.11
N GLU A 70 -7.78 1.62 8.15
CA GLU A 70 -8.05 0.28 7.70
C GLU A 70 -7.74 0.18 6.23
N LEU A 71 -8.08 1.24 5.45
CA LEU A 71 -7.82 1.23 4.03
C LEU A 71 -6.33 1.25 3.81
N SER A 72 -5.61 2.09 4.58
CA SER A 72 -4.17 2.19 4.44
C SER A 72 -3.56 0.84 4.76
N THR A 73 -4.08 0.18 5.80
CA THR A 73 -3.57 -1.12 6.21
C THR A 73 -3.86 -2.14 5.14
N ASP A 74 -5.06 -2.09 4.52
CA ASP A 74 -5.39 -3.06 3.49
C ASP A 74 -4.42 -2.93 2.34
N VAL A 75 -4.09 -1.68 1.95
CA VAL A 75 -3.18 -1.47 0.84
C VAL A 75 -1.80 -1.93 1.27
N TYR A 76 -1.40 -1.57 2.51
CA TYR A 76 -0.10 -1.93 3.03
C TYR A 76 0.05 -3.43 3.06
N ASP A 77 -0.99 -4.13 3.56
CA ASP A 77 -0.93 -5.57 3.66
C ASP A 77 -0.74 -6.20 2.31
N GLU A 78 -1.41 -5.67 1.26
CA GLU A 78 -1.25 -6.27 -0.05
C GLU A 78 0.14 -5.95 -0.57
N LEU A 79 0.61 -4.70 -0.35
CA LEU A 79 1.92 -4.31 -0.83
C LEU A 79 3.01 -5.12 -0.19
N LYS A 80 2.92 -5.38 1.14
CA LYS A 80 3.99 -6.12 1.81
C LYS A 80 3.99 -7.54 1.35
N ARG A 81 2.83 -8.07 0.90
CA ARG A 81 2.79 -9.45 0.46
C ARG A 81 3.68 -9.60 -0.75
N ARG A 82 3.59 -8.62 -1.68
CA ARG A 82 4.40 -8.65 -2.88
C ARG A 82 5.85 -8.51 -2.50
N GLU A 83 6.14 -7.67 -1.49
CA GLU A 83 7.50 -7.45 -1.07
C GLU A 83 8.09 -8.74 -0.54
N GLN A 84 7.28 -9.54 0.18
CA GLN A 84 7.78 -10.78 0.73
C GLN A 84 8.17 -11.70 -0.39
N VAL A 85 7.37 -11.72 -1.47
CA VAL A 85 7.67 -12.57 -2.61
C VAL A 85 8.96 -12.11 -3.23
N ALA A 86 9.13 -10.78 -3.34
CA ALA A 86 10.33 -10.22 -3.92
C ALA A 86 11.54 -10.60 -3.11
N ARG A 87 11.40 -10.62 -1.77
CA ARG A 87 12.50 -10.95 -0.90
C ARG A 87 12.93 -12.37 -1.18
N ARG A 88 11.96 -13.25 -1.48
CA ARG A 88 12.29 -14.64 -1.75
C ARG A 88 13.15 -14.69 -3.00
N GLY A 89 12.76 -13.88 -4.00
CA GLY A 89 13.52 -13.79 -5.21
C GLY A 89 12.90 -14.66 -6.26
N PRO A 90 13.31 -14.43 -7.49
CA PRO A 90 12.83 -15.18 -8.64
C PRO A 90 13.19 -16.64 -8.57
N ASN A 91 12.28 -17.50 -9.09
CA ASN A 91 12.51 -18.93 -9.10
C ASN A 91 12.69 -19.40 -7.68
N ALA A 92 11.94 -18.79 -6.73
CA ALA A 92 12.04 -19.19 -5.35
C ALA A 92 11.30 -20.50 -5.23
N PRO A 93 11.68 -21.30 -4.26
CA PRO A 93 11.06 -22.60 -4.05
C PRO A 93 9.64 -22.47 -3.54
N PRO A 94 8.80 -23.42 -3.88
CA PRO A 94 7.40 -23.40 -3.47
C PRO A 94 7.17 -23.64 -2.01
N GLU A 95 8.13 -24.26 -1.33
CA GLU A 95 7.96 -24.56 0.07
C GLU A 95 8.02 -23.29 0.88
N THR A 96 8.65 -22.24 0.33
CA THR A 96 8.74 -20.99 1.04
C THR A 96 8.00 -19.96 0.24
N ALA A 97 7.17 -20.42 -0.72
CA ALA A 97 6.44 -19.51 -1.55
C ALA A 97 5.25 -19.00 -0.78
N PRO A 98 5.17 -17.70 -0.60
CA PRO A 98 4.06 -17.08 0.10
C PRO A 98 2.75 -17.25 -0.64
N PRO A 99 1.64 -17.20 0.05
CA PRO A 99 0.33 -17.35 -0.59
C PRO A 99 0.12 -16.36 -1.69
N ASP A 100 -0.57 -16.79 -2.77
CA ASP A 100 -0.80 -15.91 -3.89
C ASP A 100 -1.97 -15.02 -3.57
N PHE A 101 -2.61 -15.22 -2.41
CA PHE A 101 -3.72 -14.38 -2.04
C PHE A 101 -3.77 -14.36 -0.54
N LEU A 102 -4.40 -13.31 0.03
CA LEU A 102 -4.49 -13.21 1.46
C LEU A 102 -5.50 -14.22 1.91
N LEU A 103 -5.12 -15.06 2.89
CA LEU A 103 -6.01 -16.09 3.35
C LEU A 103 -7.07 -15.44 4.20
N PRO A 104 -8.28 -15.97 4.14
CA PRO A 104 -9.40 -15.44 4.88
C PRO A 104 -9.33 -15.74 6.35
N GLN A 105 -9.95 -14.87 7.16
CA GLN A 105 -9.97 -15.06 8.59
C GLN A 105 -11.37 -14.82 9.03
N ASP A 106 -11.77 -15.44 10.17
CA ASP A 106 -13.10 -15.26 10.67
C ASP A 106 -13.13 -13.99 11.48
N ASN A 107 -11.94 -13.41 11.74
CA ASN A 107 -11.84 -12.19 12.48
C ASN A 107 -12.38 -11.08 11.61
N PHE A 108 -12.26 -11.25 10.28
CA PHE A 108 -12.71 -10.25 9.35
C PHE A 108 -13.97 -10.75 8.71
N HIS A 109 -14.83 -9.80 8.28
CA HIS A 109 -16.07 -10.18 7.65
C HIS A 109 -15.75 -10.73 6.28
N PRO A 110 -16.60 -11.61 5.79
CA PRO A 110 -16.41 -12.23 4.48
C PRO A 110 -16.23 -11.25 3.35
N LYS A 111 -16.96 -10.12 3.39
CA LYS A 111 -16.85 -9.13 2.35
C LYS A 111 -15.46 -8.56 2.35
N ARG A 112 -14.89 -8.33 3.56
CA ARG A 112 -13.56 -7.78 3.66
C ARG A 112 -12.58 -8.80 3.13
N ASN A 113 -12.81 -10.09 3.43
CA ASN A 113 -11.92 -11.13 2.97
C ASN A 113 -11.93 -11.17 1.46
N GLN A 114 -13.12 -10.97 0.85
CA GLN A 114 -13.21 -11.00 -0.60
C GLN A 114 -12.46 -9.82 -1.15
N ALA A 115 -12.58 -8.68 -0.46
CA ALA A 115 -11.90 -7.47 -0.88
C ALA A 115 -10.41 -7.69 -0.85
N ARG A 116 -9.92 -8.40 0.19
CA ARG A 116 -8.50 -8.66 0.30
C ARG A 116 -8.07 -9.52 -0.85
N GLN A 117 -8.92 -10.51 -1.23
CA GLN A 117 -8.59 -11.39 -2.33
C GLN A 117 -8.53 -10.59 -3.60
N LYS A 118 -9.47 -9.63 -3.79
CA LYS A 118 -9.49 -8.82 -4.98
C LYS A 118 -8.24 -8.00 -5.04
N LEU A 119 -7.79 -7.45 -3.88
CA LEU A 119 -6.58 -6.66 -3.86
C LEU A 119 -5.42 -7.53 -4.20
N SER A 120 -5.41 -8.78 -3.71
CA SER A 120 -4.31 -9.68 -3.98
C SER A 120 -4.26 -9.98 -5.45
N SER A 121 -5.43 -10.18 -6.07
CA SER A 121 -5.49 -10.50 -7.48
C SER A 121 -5.02 -9.33 -8.29
N LEU A 122 -5.41 -8.10 -7.88
CA LEU A 122 -5.03 -6.89 -8.60
C LEU A 122 -5.61 -7.00 -9.99
N GLY A 123 -4.77 -6.77 -11.02
CA GLY A 123 -5.22 -6.83 -12.38
C GLY A 123 -5.10 -5.45 -12.95
N PRO A 124 -6.11 -4.64 -12.73
CA PRO A 124 -6.12 -3.27 -13.22
C PRO A 124 -5.01 -2.43 -12.66
N PRO A 125 -4.52 -1.47 -13.43
CA PRO A 125 -3.45 -0.59 -13.00
C PRO A 125 -3.94 0.44 -12.02
N ARG A 126 -5.25 0.41 -11.73
CA ARG A 126 -5.84 1.36 -10.80
C ARG A 126 -5.20 1.18 -9.45
N PHE A 127 -4.66 -0.01 -9.16
CA PHE A 127 -4.01 -0.24 -7.88
C PHE A 127 -2.82 0.69 -7.76
N ARG A 128 -2.03 0.82 -8.84
CA ARG A 128 -0.87 1.69 -8.80
C ARG A 128 -1.33 3.11 -8.59
N ASP A 129 -2.44 3.49 -9.23
CA ASP A 129 -2.99 4.83 -9.08
C ASP A 129 -3.44 5.01 -7.65
N LEU A 130 -3.98 3.93 -7.04
CA LEU A 130 -4.46 3.96 -5.69
C LEU A 130 -3.30 4.26 -4.78
N ALA A 131 -2.19 3.53 -5.00
CA ALA A 131 -1.02 3.70 -4.19
C ALA A 131 -0.48 5.10 -4.36
N THR A 132 -0.48 5.61 -5.61
CA THR A 132 0.03 6.94 -5.87
C THR A 132 -0.84 7.96 -5.20
N ASP A 133 -2.18 7.78 -5.30
CA ASP A 133 -3.11 8.73 -4.72
C ASP A 133 -2.95 8.72 -3.22
N VAL A 134 -2.83 7.54 -2.59
CA VAL A 134 -2.70 7.47 -1.15
C VAL A 134 -1.39 8.12 -0.76
N PHE A 135 -0.31 7.84 -1.52
CA PHE A 135 1.00 8.41 -1.22
C PHE A 135 0.90 9.92 -1.29
N CYS A 136 0.29 10.45 -2.37
CA CYS A 136 0.18 11.89 -2.52
C CYS A 136 -0.67 12.45 -1.42
N GLU A 137 -1.77 11.75 -1.05
CA GLU A 137 -2.64 12.23 -0.01
C GLU A 137 -1.89 12.30 1.28
N LEU A 138 -1.07 11.27 1.59
CA LEU A 138 -0.33 11.28 2.84
C LEU A 138 0.65 12.41 2.86
N GLU A 139 1.31 12.71 1.71
CA GLU A 139 2.28 13.76 1.68
C GLU A 139 1.61 15.10 1.96
N ARG A 140 0.45 15.35 1.33
CA ARG A 140 -0.24 16.61 1.55
C ARG A 140 -0.82 16.64 2.94
N ARG A 141 -1.40 15.50 3.37
CA ARG A 141 -2.03 15.40 4.67
C ARG A 141 -1.00 15.61 5.75
N TYR A 142 0.17 14.97 5.61
CA TYR A 142 1.21 15.10 6.59
C TYR A 142 2.41 15.67 5.89
N PRO A 143 2.57 16.98 5.95
CA PRO A 143 3.69 17.64 5.31
C PRO A 143 5.02 17.27 5.90
N ASN A 144 4.99 16.71 7.14
CA ASN A 144 6.22 16.32 7.78
C ASN A 144 6.67 15.01 7.21
N PHE A 145 5.83 14.38 6.35
CA PHE A 145 6.20 13.12 5.74
C PHE A 145 7.17 13.43 4.62
N ALA A 146 7.22 14.70 4.19
CA ALA A 146 8.12 15.09 3.14
C ALA A 146 9.53 15.10 3.69
N ASN A 147 9.65 15.06 5.04
CA ASN A 147 10.96 15.07 5.65
C ASN A 147 11.31 13.66 6.06
N LEU A 148 10.57 12.66 5.53
CA LEU A 148 10.84 11.30 5.88
C LEU A 148 11.82 10.77 4.90
N GLU A 149 13.10 10.94 5.27
CA GLU A 149 14.18 10.47 4.44
C GLU A 149 14.26 8.97 4.61
N MET A 150 14.72 8.27 3.56
CA MET A 150 14.83 6.83 3.62
C MET A 150 16.23 6.49 3.22
N PRO A 151 16.70 5.36 3.70
CA PRO A 151 18.04 4.89 3.40
C PRO A 151 18.13 4.24 2.06
N LEU A 152 19.37 4.05 1.57
CA LEU A 152 19.58 3.43 0.29
C LEU A 152 20.36 2.17 0.53
N ASN A 153 20.00 1.09 -0.20
CA ASN A 153 20.69 -0.16 -0.04
C ASN A 153 21.48 -0.39 -1.29
N ALA A 154 22.73 -0.85 -1.15
CA ALA A 154 23.55 -1.11 -2.31
C ALA A 154 24.51 -2.20 -1.92
N SER A 155 24.99 -2.96 -2.92
CA SER A 155 25.92 -4.03 -2.65
C SER A 155 27.34 -3.45 -2.77
N MET A 21 -5.88 1.55 19.22
CA MET A 21 -6.54 2.76 19.77
C MET A 21 -5.52 3.70 20.34
N GLY A 22 -5.22 4.79 19.61
CA GLY A 22 -4.26 5.75 20.09
C GLY A 22 -4.18 6.83 19.07
N GLU A 23 -3.31 7.84 19.33
CA GLU A 23 -3.16 8.94 18.42
C GLU A 23 -1.77 8.85 17.83
N ASN A 24 -1.24 7.61 17.73
CA ASN A 24 0.08 7.41 17.19
C ASN A 24 -0.04 6.73 15.86
N GLN A 25 -1.21 6.89 15.20
CA GLN A 25 -1.42 6.26 13.92
C GLN A 25 -0.54 6.93 12.90
N GLU A 26 -0.11 8.17 13.21
CA GLU A 26 0.72 8.91 12.32
C GLU A 26 2.03 8.19 12.15
N LEU A 27 2.55 7.60 13.26
CA LEU A 27 3.80 6.89 13.20
C LEU A 27 3.63 5.68 12.33
N VAL A 28 2.47 5.01 12.45
CA VAL A 28 2.21 3.82 11.66
C VAL A 28 2.15 4.20 10.21
N LEU A 29 1.46 5.31 9.90
CA LEU A 29 1.32 5.75 8.52
C LEU A 29 2.65 6.21 7.99
N SER A 30 3.57 6.69 8.84
CA SER A 30 4.85 7.14 8.34
C SER A 30 5.59 5.96 7.76
N ASP A 31 5.44 4.78 8.39
CA ASP A 31 6.10 3.58 7.90
C ASP A 31 5.48 3.21 6.58
N HIS A 32 4.14 3.38 6.48
CA HIS A 32 3.43 3.03 5.26
C HIS A 32 3.89 3.96 4.17
N TYR A 33 4.09 5.25 4.52
CA TYR A 33 4.53 6.26 3.57
C TYR A 33 5.88 5.87 3.02
N ILE A 34 6.81 5.54 3.93
CA ILE A 34 8.15 5.16 3.52
C ILE A 34 8.07 3.92 2.67
N SER A 35 7.25 2.93 3.08
CA SER A 35 7.13 1.70 2.33
C SER A 35 6.61 2.00 0.94
N LEU A 36 5.60 2.88 0.84
CA LEU A 36 5.04 3.22 -0.45
C LEU A 36 6.08 3.90 -1.28
N LYS A 37 6.90 4.79 -0.66
CA LYS A 37 7.92 5.50 -1.40
C LYS A 37 8.91 4.50 -1.93
N ARG A 38 9.32 3.52 -1.11
CA ARG A 38 10.27 2.51 -1.57
C ARG A 38 9.65 1.70 -2.67
N TYR A 39 8.36 1.35 -2.52
CA TYR A 39 7.68 0.55 -3.53
C TYR A 39 7.65 1.30 -4.84
N LEU A 40 7.23 2.58 -4.80
CA LEU A 40 7.14 3.37 -6.01
C LEU A 40 8.51 3.54 -6.61
N SER A 41 9.52 3.77 -5.75
CA SER A 41 10.88 3.97 -6.23
C SER A 41 11.38 2.71 -6.88
N ALA A 42 11.05 1.55 -6.28
CA ALA A 42 11.48 0.28 -6.81
C ALA A 42 10.91 0.06 -8.19
N THR A 43 9.66 0.48 -8.40
CA THR A 43 9.01 0.28 -9.68
C THR A 43 9.22 1.49 -10.57
N SER A 44 10.27 2.28 -10.32
CA SER A 44 10.51 3.44 -11.14
C SER A 44 12.00 3.55 -11.34
N ARG A 45 12.41 4.13 -12.49
CA ARG A 45 13.83 4.28 -12.78
C ARG A 45 14.44 5.17 -11.73
N ASP A 46 13.78 6.30 -11.41
CA ASP A 46 14.30 7.21 -10.43
C ASP A 46 13.27 7.38 -9.35
N GLY A 47 12.03 7.70 -9.75
CA GLY A 47 10.96 7.87 -8.78
C GLY A 47 9.85 8.57 -9.50
N ASN A 48 8.78 8.91 -8.75
CA ASN A 48 7.65 9.59 -9.36
C ASN A 48 7.36 10.80 -8.53
N PRO A 49 8.19 11.81 -8.65
CA PRO A 49 8.03 13.04 -7.90
C PRO A 49 7.02 13.99 -8.48
N LYS A 50 6.53 13.69 -9.70
CA LYS A 50 5.58 14.57 -10.33
C LYS A 50 4.38 13.76 -10.77
N PRO A 51 3.50 13.47 -9.84
CA PRO A 51 2.29 12.72 -10.13
C PRO A 51 1.27 13.58 -10.83
N PRO A 52 0.30 12.99 -11.49
CA PRO A 52 -0.73 13.74 -12.19
C PRO A 52 -1.46 14.70 -11.30
N PRO A 53 -1.67 15.94 -11.73
CA PRO A 53 -2.36 16.93 -10.92
C PRO A 53 -3.84 16.74 -10.87
N ASN A 54 -4.41 16.03 -11.87
CA ASN A 54 -5.83 15.82 -11.90
C ASN A 54 -6.10 14.43 -11.43
N LYS A 55 -6.73 14.31 -10.24
CA LYS A 55 -7.03 13.01 -9.71
C LYS A 55 -8.09 13.23 -8.67
N ALA A 56 -9.02 12.26 -8.52
CA ALA A 56 -10.09 12.39 -7.56
C ALA A 56 -9.57 11.97 -6.20
N ARG A 57 -8.68 12.81 -5.63
CA ARG A 57 -8.13 12.51 -4.33
C ARG A 57 -9.11 12.95 -3.27
N ASP A 58 -10.09 13.79 -3.68
CA ASP A 58 -11.08 14.28 -2.75
C ASP A 58 -11.95 13.13 -2.28
N LYS A 59 -12.01 12.04 -3.07
CA LYS A 59 -12.83 10.90 -2.70
C LYS A 59 -12.25 10.24 -1.48
N LEU A 60 -10.93 10.46 -1.21
CA LEU A 60 -10.30 9.85 -0.06
C LEU A 60 -10.71 10.59 1.18
N GLN A 61 -11.35 11.77 1.03
CA GLN A 61 -11.78 12.53 2.19
C GLN A 61 -13.21 12.19 2.47
N ARG A 62 -13.81 11.24 1.71
CA ARG A 62 -15.19 10.87 1.93
C ARG A 62 -15.22 9.62 2.75
N LEU A 63 -14.50 9.62 3.88
CA LEU A 63 -14.47 8.47 4.73
C LEU A 63 -13.88 8.90 6.04
N THR A 64 -13.97 8.02 7.05
CA THR A 64 -13.46 8.34 8.36
C THR A 64 -11.99 8.03 8.41
N GLU A 65 -11.33 8.50 9.49
CA GLU A 65 -9.92 8.28 9.67
C GLU A 65 -9.67 6.81 9.83
N VAL A 66 -10.61 6.12 10.53
CA VAL A 66 -10.45 4.71 10.78
C VAL A 66 -10.52 3.98 9.46
N GLN A 67 -11.46 4.39 8.59
CA GLN A 67 -11.57 3.73 7.30
C GLN A 67 -10.30 3.98 6.53
N PHE A 68 -9.73 5.19 6.65
CA PHE A 68 -8.51 5.53 5.97
C PHE A 68 -7.41 4.63 6.48
N LEU A 69 -7.33 4.42 7.82
CA LEU A 69 -6.29 3.57 8.36
C LEU A 69 -6.47 2.17 7.88
N GLU A 70 -7.73 1.70 7.80
CA GLU A 70 -7.98 0.35 7.33
C GLU A 70 -7.53 0.23 5.90
N LEU A 71 -7.79 1.27 5.09
CA LEU A 71 -7.38 1.26 3.70
C LEU A 71 -5.89 1.25 3.63
N SER A 72 -5.22 2.08 4.47
CA SER A 72 -3.78 2.16 4.47
C SER A 72 -3.20 0.82 4.85
N THR A 73 -3.81 0.17 5.86
CA THR A 73 -3.33 -1.13 6.32
C THR A 73 -3.54 -2.15 5.24
N ASP A 74 -4.70 -2.10 4.56
CA ASP A 74 -4.98 -3.07 3.52
C ASP A 74 -3.97 -2.92 2.41
N VAL A 75 -3.63 -1.66 2.05
CA VAL A 75 -2.66 -1.43 1.01
C VAL A 75 -1.31 -1.93 1.47
N TYR A 76 -0.94 -1.60 2.72
CA TYR A 76 0.36 -2.02 3.25
C TYR A 76 0.44 -3.52 3.26
N ASP A 77 -0.61 -4.20 3.78
CA ASP A 77 -0.60 -5.65 3.83
C ASP A 77 -0.50 -6.22 2.44
N GLU A 78 -1.21 -5.61 1.47
CA GLU A 78 -1.18 -6.09 0.11
C GLU A 78 0.21 -5.95 -0.45
N LEU A 79 0.89 -4.83 -0.11
CA LEU A 79 2.24 -4.60 -0.61
C LEU A 79 3.16 -5.68 -0.11
N LYS A 80 2.98 -6.12 1.16
CA LYS A 80 3.85 -7.14 1.71
C LYS A 80 3.73 -8.41 0.90
N ARG A 81 2.49 -8.76 0.49
CA ARG A 81 2.27 -9.96 -0.28
C ARG A 81 2.96 -9.81 -1.62
N ARG A 82 2.85 -8.62 -2.23
CA ARG A 82 3.45 -8.38 -3.52
C ARG A 82 4.95 -8.50 -3.40
N GLU A 83 5.53 -8.02 -2.28
CA GLU A 83 6.96 -8.09 -2.09
C GLU A 83 7.39 -9.54 -2.03
N GLN A 84 6.57 -10.39 -1.37
CA GLN A 84 6.93 -11.80 -1.25
C GLN A 84 6.95 -12.41 -2.62
N VAL A 85 5.98 -12.02 -3.48
CA VAL A 85 5.90 -12.56 -4.82
C VAL A 85 7.12 -12.11 -5.58
N ALA A 86 7.51 -10.84 -5.39
CA ALA A 86 8.67 -10.28 -6.07
C ALA A 86 9.90 -11.03 -5.67
N ARG A 87 10.02 -11.39 -4.38
CA ARG A 87 11.19 -12.09 -3.91
C ARG A 87 11.27 -13.43 -4.60
N ARG A 88 10.10 -14.07 -4.82
CA ARG A 88 10.10 -15.36 -5.49
C ARG A 88 10.55 -15.15 -6.90
N GLY A 89 10.06 -14.07 -7.53
CA GLY A 89 10.44 -13.74 -8.88
C GLY A 89 9.32 -14.12 -9.79
N PRO A 90 9.28 -13.45 -10.93
CA PRO A 90 8.26 -13.69 -11.93
C PRO A 90 8.47 -14.97 -12.69
N ASN A 91 9.71 -15.51 -12.63
CA ASN A 91 10.02 -16.73 -13.32
C ASN A 91 10.08 -17.82 -12.29
N ALA A 92 9.46 -17.58 -11.13
CA ALA A 92 9.45 -18.56 -10.07
C ALA A 92 8.55 -19.69 -10.51
N PRO A 93 8.86 -20.89 -10.05
CA PRO A 93 8.06 -22.07 -10.40
C PRO A 93 6.63 -21.94 -9.97
N PRO A 94 5.69 -22.45 -10.75
CA PRO A 94 4.28 -22.36 -10.42
C PRO A 94 3.88 -23.20 -9.25
N GLU A 95 4.65 -24.26 -8.96
CA GLU A 95 4.34 -25.14 -7.86
C GLU A 95 4.58 -24.41 -6.57
N THR A 96 5.66 -23.61 -6.54
CA THR A 96 6.01 -22.87 -5.36
C THR A 96 5.53 -21.47 -5.50
N ALA A 97 4.68 -21.21 -6.50
CA ALA A 97 4.19 -19.87 -6.73
C ALA A 97 3.23 -19.54 -5.61
N PRO A 98 3.41 -18.36 -5.03
CA PRO A 98 2.56 -17.91 -3.95
C PRO A 98 1.21 -17.44 -4.43
N PRO A 99 0.23 -17.39 -3.57
CA PRO A 99 -1.11 -16.94 -3.95
C PRO A 99 -1.12 -15.54 -4.49
N ASP A 100 -1.99 -15.29 -5.50
CA ASP A 100 -2.08 -13.99 -6.09
C ASP A 100 -3.13 -13.21 -5.35
N PHE A 101 -3.70 -13.80 -4.29
CA PHE A 101 -4.72 -13.12 -3.53
C PHE A 101 -4.62 -13.63 -2.13
N LEU A 102 -5.16 -12.85 -1.16
CA LEU A 102 -5.10 -13.25 0.22
C LEU A 102 -6.05 -14.40 0.39
N LEU A 103 -5.53 -15.54 0.90
CA LEU A 103 -6.36 -16.70 1.07
C LEU A 103 -7.29 -16.44 2.23
N PRO A 104 -8.47 -17.04 2.17
CA PRO A 104 -9.47 -16.87 3.22
C PRO A 104 -9.00 -17.29 4.57
N GLN A 105 -9.40 -16.54 5.60
CA GLN A 105 -9.01 -16.86 6.95
C GLN A 105 -10.27 -16.89 7.76
N ASP A 106 -10.30 -17.74 8.81
CA ASP A 106 -11.47 -17.83 9.65
C ASP A 106 -11.45 -16.69 10.62
N ASN A 107 -10.28 -16.03 10.76
CA ASN A 107 -10.16 -14.91 11.66
C ASN A 107 -10.99 -13.77 11.13
N PHE A 108 -11.14 -13.72 9.78
CA PHE A 108 -11.91 -12.66 9.17
C PHE A 108 -13.19 -13.25 8.64
N HIS A 109 -14.26 -12.43 8.61
CA HIS A 109 -15.53 -12.89 8.12
C HIS A 109 -15.41 -13.06 6.63
N PRO A 110 -16.23 -13.93 6.07
CA PRO A 110 -16.21 -14.19 4.63
C PRO A 110 -16.33 -12.96 3.78
N LYS A 111 -17.18 -12.00 4.20
CA LYS A 111 -17.37 -10.78 3.45
C LYS A 111 -16.07 -10.02 3.42
N ARG A 112 -15.37 -10.00 4.58
CA ARG A 112 -14.11 -9.29 4.68
C ARG A 112 -13.11 -9.95 3.77
N ASN A 113 -13.10 -11.30 3.75
CA ASN A 113 -12.16 -12.03 2.92
C ASN A 113 -12.38 -11.69 1.47
N GLN A 114 -13.66 -11.51 1.06
CA GLN A 114 -13.98 -11.19 -0.32
C GLN A 114 -13.40 -9.83 -0.62
N ALA A 115 -13.45 -8.94 0.39
CA ALA A 115 -12.95 -7.60 0.22
C ALA A 115 -11.48 -7.64 -0.11
N ARG A 116 -10.71 -8.56 0.52
CA ARG A 116 -9.29 -8.66 0.23
C ARG A 116 -9.10 -9.05 -1.21
N GLN A 117 -9.97 -9.96 -1.72
CA GLN A 117 -9.86 -10.43 -3.08
C GLN A 117 -10.17 -9.30 -4.05
N LYS A 118 -10.92 -8.27 -3.58
CA LYS A 118 -11.26 -7.16 -4.44
C LYS A 118 -9.99 -6.45 -4.85
N LEU A 119 -9.01 -6.34 -3.94
CA LEU A 119 -7.78 -5.64 -4.24
C LEU A 119 -7.08 -6.35 -5.37
N SER A 120 -7.08 -7.70 -5.34
CA SER A 120 -6.44 -8.47 -6.39
C SER A 120 -7.21 -8.26 -7.67
N SER A 121 -8.55 -8.20 -7.57
CA SER A 121 -9.40 -8.04 -8.72
C SER A 121 -9.14 -6.70 -9.37
N LEU A 122 -8.68 -5.70 -8.59
CA LEU A 122 -8.42 -4.39 -9.15
C LEU A 122 -7.35 -4.51 -10.20
N GLY A 123 -6.33 -5.35 -9.94
CA GLY A 123 -5.26 -5.53 -10.89
C GLY A 123 -4.18 -4.55 -10.56
N PRO A 124 -3.00 -4.86 -11.05
CA PRO A 124 -1.82 -4.01 -10.82
C PRO A 124 -1.95 -2.56 -11.22
N PRO A 125 -2.50 -2.23 -12.39
CA PRO A 125 -2.63 -0.83 -12.79
C PRO A 125 -3.48 -0.01 -11.85
N ARG A 126 -4.64 -0.58 -11.43
CA ARG A 126 -5.53 0.13 -10.53
C ARG A 126 -4.88 0.21 -9.17
N PHE A 127 -4.22 -0.89 -8.76
CA PHE A 127 -3.58 -0.93 -7.47
C PHE A 127 -2.45 0.09 -7.45
N ARG A 128 -1.72 0.22 -8.58
CA ARG A 128 -0.63 1.17 -8.65
C ARG A 128 -1.19 2.56 -8.42
N ASP A 129 -2.35 2.86 -9.06
CA ASP A 129 -2.97 4.16 -8.89
C ASP A 129 -3.40 4.31 -7.46
N LEU A 130 -3.88 3.21 -6.84
CA LEU A 130 -4.35 3.26 -5.47
C LEU A 130 -3.19 3.60 -4.58
N ALA A 131 -2.06 2.92 -4.81
CA ALA A 131 -0.88 3.13 -4.01
C ALA A 131 -0.39 4.54 -4.19
N THR A 132 -0.40 5.05 -5.44
CA THR A 132 0.06 6.39 -5.71
C THR A 132 -0.85 7.37 -5.03
N ASP A 133 -2.18 7.14 -5.11
CA ASP A 133 -3.14 8.05 -4.52
C ASP A 133 -2.94 8.07 -3.02
N VAL A 134 -2.70 6.91 -2.38
CA VAL A 134 -2.51 6.87 -0.96
C VAL A 134 -1.27 7.62 -0.61
N PHE A 135 -0.17 7.39 -1.38
CA PHE A 135 1.08 8.05 -1.13
C PHE A 135 0.91 9.54 -1.25
N CYS A 136 0.26 10.00 -2.34
CA CYS A 136 0.07 11.42 -2.56
C CYS A 136 -0.80 11.99 -1.47
N GLU A 137 -1.85 11.25 -1.07
CA GLU A 137 -2.75 11.73 -0.05
C GLU A 137 -2.00 11.89 1.24
N LEU A 138 -1.13 10.90 1.59
CA LEU A 138 -0.39 10.99 2.82
C LEU A 138 0.55 12.16 2.79
N GLU A 139 1.20 12.43 1.64
CA GLU A 139 2.13 13.51 1.57
C GLU A 139 1.42 14.83 1.76
N ARG A 140 0.24 15.01 1.11
CA ARG A 140 -0.48 16.25 1.24
C ARG A 140 -1.08 16.37 2.63
N ARG A 141 -1.65 15.25 3.12
CA ARG A 141 -2.29 15.24 4.42
C ARG A 141 -1.27 15.50 5.49
N TYR A 142 -0.09 14.86 5.38
CA TYR A 142 0.93 15.02 6.38
C TYR A 142 2.15 15.57 5.70
N PRO A 143 2.31 16.88 5.73
CA PRO A 143 3.47 17.53 5.13
C PRO A 143 4.74 17.14 5.81
N ASN A 144 4.61 16.64 7.06
CA ASN A 144 5.74 16.20 7.83
C ASN A 144 6.36 15.01 7.15
N PHE A 145 5.55 14.23 6.43
CA PHE A 145 6.04 13.03 5.78
C PHE A 145 6.89 13.44 4.61
N ALA A 146 6.78 14.71 4.17
CA ALA A 146 7.57 15.18 3.06
C ALA A 146 9.01 15.31 3.51
N ASN A 147 9.22 15.34 4.85
CA ASN A 147 10.57 15.48 5.38
C ASN A 147 11.06 14.12 5.79
N LEU A 148 10.38 13.04 5.34
CA LEU A 148 10.79 11.70 5.71
C LEU A 148 11.80 11.25 4.73
N GLU A 149 13.06 11.62 5.01
CA GLU A 149 14.15 11.23 4.17
C GLU A 149 14.55 9.84 4.56
N MET A 150 15.09 9.07 3.60
CA MET A 150 15.49 7.71 3.87
C MET A 150 16.72 7.77 4.74
N PRO A 151 16.89 6.77 5.59
CA PRO A 151 18.03 6.69 6.48
C PRO A 151 19.35 6.66 5.78
N LEU A 152 20.38 7.11 6.50
CA LEU A 152 21.71 7.14 5.94
C LEU A 152 22.51 6.09 6.65
N ASN A 153 23.34 5.36 5.88
CA ASN A 153 24.14 4.33 6.48
C ASN A 153 25.33 4.16 5.59
N ALA A 154 26.50 3.85 6.19
CA ALA A 154 27.70 3.67 5.41
C ALA A 154 28.57 2.71 6.16
N SER A 155 29.42 1.97 5.43
CA SER A 155 30.29 1.02 6.07
C SER A 155 31.46 0.76 5.13
N MET A 21 -3.41 4.12 24.63
CA MET A 21 -2.80 5.42 24.99
C MET A 21 -1.93 5.93 23.87
N GLY A 22 -1.95 7.27 23.65
CA GLY A 22 -1.15 7.84 22.60
C GLY A 22 -1.98 7.89 21.37
N GLU A 23 -2.32 6.70 20.81
CA GLU A 23 -3.12 6.61 19.61
C GLU A 23 -2.42 7.34 18.50
N ASN A 24 -1.10 7.09 18.35
CA ASN A 24 -0.34 7.74 17.32
C ASN A 24 -0.42 6.86 16.11
N GLN A 25 -1.23 7.28 15.10
CA GLN A 25 -1.40 6.49 13.90
C GLN A 25 -0.50 7.08 12.84
N GLU A 26 0.03 8.28 13.10
CA GLU A 26 0.88 8.94 12.14
C GLU A 26 2.12 8.12 11.96
N LEU A 27 2.63 7.54 13.06
CA LEU A 27 3.82 6.72 12.98
C LEU A 27 3.53 5.51 12.15
N VAL A 28 2.33 4.93 12.31
CA VAL A 28 1.95 3.74 11.56
C VAL A 28 1.90 4.09 10.09
N LEU A 29 1.27 5.23 9.76
CA LEU A 29 1.14 5.63 8.38
C LEU A 29 2.49 6.04 7.85
N SER A 30 3.42 6.43 8.74
CA SER A 30 4.74 6.83 8.31
C SER A 30 5.40 5.64 7.66
N ASP A 31 5.26 4.45 8.28
CA ASP A 31 5.86 3.26 7.72
C ASP A 31 5.20 2.94 6.41
N HIS A 32 3.87 3.14 6.32
CA HIS A 32 3.15 2.86 5.10
C HIS A 32 3.63 3.80 4.02
N TYR A 33 3.86 5.07 4.41
CA TYR A 33 4.33 6.10 3.50
C TYR A 33 5.67 5.68 2.93
N ILE A 34 6.60 5.28 3.80
CA ILE A 34 7.91 4.87 3.37
C ILE A 34 7.81 3.70 2.43
N SER A 35 6.97 2.70 2.78
CA SER A 35 6.82 1.53 1.95
C SER A 35 6.24 1.91 0.61
N LEU A 36 5.26 2.84 0.60
CA LEU A 36 4.64 3.25 -0.65
C LEU A 36 5.67 3.90 -1.54
N LYS A 37 6.56 4.75 -0.97
CA LYS A 37 7.55 5.42 -1.78
C LYS A 37 8.48 4.40 -2.39
N ARG A 38 8.91 3.40 -1.58
CA ARG A 38 9.81 2.39 -2.09
C ARG A 38 9.11 1.57 -3.13
N TYR A 39 7.81 1.25 -2.91
CA TYR A 39 7.05 0.46 -3.86
C TYR A 39 6.97 1.20 -5.16
N LEU A 40 6.60 2.51 -5.12
CA LEU A 40 6.47 3.28 -6.32
C LEU A 40 7.81 3.39 -7.00
N SER A 41 8.89 3.56 -6.20
CA SER A 41 10.22 3.69 -6.76
C SER A 41 10.59 2.40 -7.45
N ALA A 42 10.22 1.25 -6.85
CA ALA A 42 10.54 -0.04 -7.41
C ALA A 42 9.86 -0.20 -8.73
N THR A 43 8.61 0.32 -8.86
CA THR A 43 7.87 0.18 -10.10
C THR A 43 8.26 1.28 -11.05
N SER A 44 9.25 2.11 -10.69
CA SER A 44 9.66 3.19 -11.55
C SER A 44 11.06 2.92 -12.00
N ARG A 45 11.40 3.33 -13.24
CA ARG A 45 12.73 3.11 -13.75
C ARG A 45 13.68 4.04 -13.04
N ASP A 46 13.15 5.15 -12.49
CA ASP A 46 13.98 6.09 -11.79
C ASP A 46 13.08 6.89 -10.90
N GLY A 47 11.97 7.41 -11.47
CA GLY A 47 11.04 8.18 -10.69
C GLY A 47 9.83 8.38 -11.55
N ASN A 48 8.79 9.00 -10.98
CA ASN A 48 7.58 9.23 -11.74
C ASN A 48 7.18 10.66 -11.49
N PRO A 49 7.79 11.58 -12.23
CA PRO A 49 7.51 12.99 -12.08
C PRO A 49 6.24 13.43 -12.73
N LYS A 50 5.63 12.55 -13.57
CA LYS A 50 4.41 12.91 -14.25
C LYS A 50 3.41 11.80 -14.04
N PRO A 51 2.85 11.73 -12.86
CA PRO A 51 1.86 10.71 -12.54
C PRO A 51 0.54 10.97 -13.22
N PRO A 52 -0.25 9.95 -13.44
CA PRO A 52 -1.54 10.12 -14.09
C PRO A 52 -2.55 10.80 -13.20
N PRO A 53 -3.43 11.60 -13.77
CA PRO A 53 -4.43 12.29 -13.00
C PRO A 53 -5.58 11.42 -12.58
N ASN A 54 -6.14 11.70 -11.39
CA ASN A 54 -7.25 10.92 -10.90
C ASN A 54 -7.95 11.77 -9.89
N LYS A 55 -9.27 11.96 -10.07
CA LYS A 55 -10.02 12.78 -9.14
C LYS A 55 -10.72 11.85 -8.20
N ALA A 56 -10.34 11.90 -6.91
CA ALA A 56 -10.98 11.05 -5.93
C ALA A 56 -10.75 11.66 -4.59
N ARG A 57 -10.50 12.99 -4.56
CA ARG A 57 -10.24 13.67 -3.30
C ARG A 57 -11.50 13.63 -2.48
N ASP A 58 -12.66 13.82 -3.14
CA ASP A 58 -13.92 13.82 -2.43
C ASP A 58 -14.17 12.45 -1.85
N LYS A 59 -13.81 11.39 -2.61
CA LYS A 59 -14.03 10.04 -2.15
C LYS A 59 -13.22 9.79 -0.90
N LEU A 60 -11.98 10.31 -0.84
CA LEU A 60 -11.13 10.11 0.30
C LEU A 60 -11.66 10.86 1.50
N GLN A 61 -12.53 11.86 1.27
CA GLN A 61 -13.07 12.62 2.38
C GLN A 61 -14.36 12.01 2.85
N ARG A 62 -14.82 10.92 2.18
CA ARG A 62 -16.06 10.30 2.59
C ARG A 62 -15.74 9.05 3.35
N LEU A 63 -15.08 9.20 4.51
CA LEU A 63 -14.74 8.07 5.31
C LEU A 63 -14.17 8.59 6.60
N THR A 64 -14.15 7.72 7.63
CA THR A 64 -13.63 8.12 8.91
C THR A 64 -12.16 7.86 8.93
N GLU A 65 -11.47 8.37 9.99
CA GLU A 65 -10.05 8.19 10.11
C GLU A 65 -9.76 6.73 10.30
N VAL A 66 -10.63 6.04 11.05
CA VAL A 66 -10.44 4.63 11.31
C VAL A 66 -10.56 3.88 10.02
N GLN A 67 -11.56 4.25 9.19
CA GLN A 67 -11.74 3.58 7.92
C GLN A 67 -10.53 3.85 7.07
N PHE A 68 -9.98 5.07 7.16
CA PHE A 68 -8.81 5.43 6.38
C PHE A 68 -7.68 4.52 6.80
N LEU A 69 -7.52 4.30 8.14
CA LEU A 69 -6.44 3.46 8.62
C LEU A 69 -6.66 2.06 8.15
N GLU A 70 -7.92 1.59 8.12
CA GLU A 70 -8.21 0.25 7.67
C GLU A 70 -7.84 0.13 6.22
N LEU A 71 -8.15 1.18 5.43
CA LEU A 71 -7.84 1.16 4.01
C LEU A 71 -6.34 1.13 3.85
N SER A 72 -5.62 1.97 4.65
CA SER A 72 -4.19 2.05 4.56
C SER A 72 -3.60 0.70 4.92
N THR A 73 -4.16 0.05 5.96
CA THR A 73 -3.66 -1.23 6.41
C THR A 73 -3.93 -2.27 5.35
N ASP A 74 -5.13 -2.24 4.72
CA ASP A 74 -5.44 -3.23 3.71
C ASP A 74 -4.48 -3.10 2.56
N VAL A 75 -4.17 -1.86 2.15
CA VAL A 75 -3.25 -1.65 1.04
C VAL A 75 -1.88 -2.10 1.47
N TYR A 76 -1.48 -1.72 2.71
CA TYR A 76 -0.16 -2.07 3.21
C TYR A 76 -0.01 -3.57 3.25
N ASP A 77 -1.03 -4.27 3.78
CA ASP A 77 -0.96 -5.71 3.88
C ASP A 77 -0.84 -6.33 2.51
N GLU A 78 -1.55 -5.78 1.50
CA GLU A 78 -1.47 -6.35 0.17
C GLU A 78 -0.07 -6.11 -0.39
N LEU A 79 0.50 -4.93 -0.07
CA LEU A 79 1.84 -4.59 -0.54
C LEU A 79 2.83 -5.58 0.00
N LYS A 80 2.64 -6.05 1.25
CA LYS A 80 3.57 -6.98 1.86
C LYS A 80 3.65 -8.23 1.04
N ARG A 81 2.51 -8.70 0.50
CA ARG A 81 2.52 -9.92 -0.28
C ARG A 81 3.33 -9.69 -1.53
N ARG A 82 3.20 -8.50 -2.15
CA ARG A 82 3.95 -8.20 -3.35
C ARG A 82 5.42 -8.16 -3.02
N GLU A 83 5.78 -7.63 -1.83
CA GLU A 83 7.16 -7.55 -1.43
C GLU A 83 7.73 -8.93 -1.30
N GLN A 84 6.92 -9.90 -0.79
CA GLN A 84 7.40 -11.25 -0.62
C GLN A 84 7.73 -11.83 -1.97
N VAL A 85 6.89 -11.52 -2.98
CA VAL A 85 7.11 -12.03 -4.32
C VAL A 85 8.43 -11.48 -4.82
N ALA A 86 8.66 -10.18 -4.58
CA ALA A 86 9.88 -9.53 -5.03
C ALA A 86 11.07 -10.16 -4.38
N ARG A 87 10.96 -10.51 -3.09
CA ARG A 87 12.07 -11.12 -2.37
C ARG A 87 12.40 -12.43 -3.01
N ARG A 88 11.38 -13.19 -3.46
CA ARG A 88 11.63 -14.47 -4.07
C ARG A 88 12.36 -14.23 -5.36
N GLY A 89 11.90 -13.20 -6.11
CA GLY A 89 12.56 -12.83 -7.34
C GLY A 89 11.82 -13.45 -8.49
N PRO A 90 12.21 -13.01 -9.66
CA PRO A 90 11.61 -13.49 -10.90
C PRO A 90 12.09 -14.87 -11.23
N ASN A 91 11.20 -15.65 -11.90
CA ASN A 91 11.54 -17.02 -12.26
C ASN A 91 11.85 -17.78 -11.00
N ALA A 92 11.13 -17.45 -9.91
CA ALA A 92 11.34 -18.11 -8.65
C ALA A 92 10.73 -19.48 -8.77
N PRO A 93 11.22 -20.42 -7.99
CA PRO A 93 10.73 -21.78 -8.04
C PRO A 93 9.33 -21.92 -7.51
N PRO A 94 8.59 -22.91 -7.99
CA PRO A 94 7.21 -23.12 -7.59
C PRO A 94 7.06 -23.61 -6.17
N GLU A 95 8.13 -24.20 -5.61
CA GLU A 95 8.07 -24.71 -4.26
C GLU A 95 7.87 -23.58 -3.30
N THR A 96 8.55 -22.46 -3.56
CA THR A 96 8.44 -21.33 -2.68
C THR A 96 7.63 -20.28 -3.38
N ALA A 97 6.82 -20.70 -4.37
CA ALA A 97 6.02 -19.75 -5.10
C ALA A 97 4.92 -19.26 -4.19
N PRO A 98 4.82 -17.95 -4.06
CA PRO A 98 3.80 -17.34 -3.22
C PRO A 98 2.46 -17.31 -3.89
N PRO A 99 1.40 -17.14 -3.14
CA PRO A 99 0.06 -17.09 -3.69
C PRO A 99 -0.20 -15.85 -4.49
N ASP A 100 -1.13 -15.95 -5.46
CA ASP A 100 -1.44 -14.81 -6.30
C ASP A 100 -2.55 -14.03 -5.64
N PHE A 101 -3.00 -14.49 -4.46
CA PHE A 101 -4.06 -13.79 -3.77
C PHE A 101 -3.82 -13.96 -2.30
N LEU A 102 -4.44 -13.10 -1.48
CA LEU A 102 -4.25 -13.19 -0.06
C LEU A 102 -5.04 -14.35 0.45
N LEU A 103 -4.34 -15.29 1.15
CA LEU A 103 -4.99 -16.45 1.67
C LEU A 103 -5.76 -16.03 2.90
N PRO A 104 -6.88 -16.68 3.13
CA PRO A 104 -7.72 -16.38 4.27
C PRO A 104 -7.16 -16.89 5.56
N GLN A 105 -7.52 -16.23 6.68
CA GLN A 105 -7.05 -16.65 7.98
C GLN A 105 -8.15 -16.31 8.94
N ASP A 106 -8.14 -16.97 10.13
CA ASP A 106 -9.20 -16.74 11.09
C ASP A 106 -8.92 -15.48 11.87
N ASN A 107 -7.74 -14.87 11.65
CA ASN A 107 -7.42 -13.65 12.36
C ASN A 107 -8.29 -12.54 11.84
N PHE A 108 -8.75 -12.66 10.58
CA PHE A 108 -9.58 -11.63 9.99
C PHE A 108 -10.82 -12.29 9.48
N HIS A 109 -11.89 -11.49 9.28
CA HIS A 109 -13.13 -12.03 8.78
C HIS A 109 -12.91 -12.35 7.33
N PRO A 110 -13.57 -13.37 6.84
CA PRO A 110 -13.44 -13.80 5.45
C PRO A 110 -13.92 -12.77 4.47
N LYS A 111 -14.89 -11.92 4.89
CA LYS A 111 -15.40 -10.90 4.02
C LYS A 111 -14.29 -9.93 3.72
N ARG A 112 -13.47 -9.63 4.75
CA ARG A 112 -12.37 -8.71 4.58
C ARG A 112 -11.38 -9.32 3.63
N ASN A 113 -11.15 -10.64 3.75
CA ASN A 113 -10.20 -11.32 2.90
C ASN A 113 -10.66 -11.23 1.46
N GLN A 114 -11.98 -11.33 1.23
CA GLN A 114 -12.50 -11.27 -0.12
C GLN A 114 -12.25 -9.89 -0.66
N ALA A 115 -12.44 -8.88 0.21
CA ALA A 115 -12.24 -7.51 -0.19
C ALA A 115 -10.79 -7.30 -0.57
N ARG A 116 -9.87 -7.91 0.20
CA ARG A 116 -8.45 -7.77 -0.07
C ARG A 116 -8.14 -8.47 -1.37
N GLN A 117 -8.82 -9.61 -1.64
CA GLN A 117 -8.59 -10.35 -2.86
C GLN A 117 -8.97 -9.49 -4.04
N LYS A 118 -10.06 -8.69 -3.89
CA LYS A 118 -10.51 -7.84 -4.98
C LYS A 118 -9.46 -6.82 -5.32
N LEU A 119 -8.53 -6.51 -4.39
CA LEU A 119 -7.51 -5.52 -4.67
C LEU A 119 -6.66 -6.03 -5.81
N SER A 120 -6.36 -7.35 -5.82
CA SER A 120 -5.53 -7.91 -6.86
C SER A 120 -6.35 -8.04 -8.13
N SER A 121 -7.68 -7.92 -8.03
CA SER A 121 -8.52 -8.06 -9.21
C SER A 121 -8.67 -6.71 -9.86
N LEU A 122 -8.23 -5.63 -9.16
CA LEU A 122 -8.33 -4.30 -9.72
C LEU A 122 -7.42 -4.22 -10.91
N GLY A 123 -6.24 -4.86 -10.80
CA GLY A 123 -5.28 -4.84 -11.87
C GLY A 123 -4.10 -4.04 -11.40
N PRO A 124 -2.94 -4.35 -11.96
CA PRO A 124 -1.71 -3.67 -11.59
C PRO A 124 -1.72 -2.16 -11.73
N PRO A 125 -2.20 -1.58 -12.82
CA PRO A 125 -2.18 -0.12 -12.94
C PRO A 125 -3.15 0.57 -12.04
N ARG A 126 -4.30 -0.07 -11.77
CA ARG A 126 -5.28 0.54 -10.91
C ARG A 126 -4.74 0.56 -9.50
N PHE A 127 -4.07 -0.54 -9.12
CA PHE A 127 -3.50 -0.64 -7.78
C PHE A 127 -2.39 0.37 -7.64
N ARG A 128 -1.55 0.52 -8.68
CA ARG A 128 -0.47 1.48 -8.62
C ARG A 128 -1.05 2.86 -8.47
N ASP A 129 -2.18 3.13 -9.16
CA ASP A 129 -2.82 4.42 -9.07
C ASP A 129 -3.28 4.63 -7.64
N LEU A 130 -3.79 3.56 -6.99
CA LEU A 130 -4.27 3.68 -5.62
C LEU A 130 -3.12 4.02 -4.74
N ALA A 131 -1.97 3.35 -4.98
CA ALA A 131 -0.79 3.58 -4.18
C ALA A 131 -0.32 4.99 -4.36
N THR A 132 -0.36 5.50 -5.62
CA THR A 132 0.09 6.85 -5.89
C THR A 132 -0.84 7.82 -5.22
N ASP A 133 -2.17 7.59 -5.34
CA ASP A 133 -3.14 8.50 -4.76
C ASP A 133 -2.99 8.53 -3.25
N VAL A 134 -2.80 7.35 -2.62
CA VAL A 134 -2.67 7.31 -1.18
C VAL A 134 -1.39 7.97 -0.79
N PHE A 135 -0.30 7.71 -1.55
CA PHE A 135 0.99 8.27 -1.24
C PHE A 135 0.93 9.78 -1.29
N CYS A 136 0.35 10.36 -2.37
CA CYS A 136 0.30 11.80 -2.47
C CYS A 136 -0.66 12.35 -1.46
N GLU A 137 -1.70 11.56 -1.08
CA GLU A 137 -2.67 12.03 -0.11
C GLU A 137 -1.96 12.16 1.21
N LEU A 138 -1.13 11.16 1.57
CA LEU A 138 -0.42 11.21 2.82
C LEU A 138 0.57 12.34 2.81
N GLU A 139 1.23 12.57 1.66
CA GLU A 139 2.21 13.62 1.59
C GLU A 139 1.55 14.96 1.78
N ARG A 140 0.40 15.19 1.12
CA ARG A 140 -0.27 16.47 1.25
C ARG A 140 -0.86 16.61 2.63
N ARG A 141 -1.46 15.53 3.16
CA ARG A 141 -2.08 15.58 4.47
C ARG A 141 -1.02 15.78 5.52
N TYR A 142 0.11 15.06 5.40
CA TYR A 142 1.17 15.16 6.37
C TYR A 142 2.40 15.65 5.64
N PRO A 143 2.59 16.95 5.65
CA PRO A 143 3.74 17.55 4.98
C PRO A 143 5.04 17.20 5.64
N ASN A 144 4.96 16.72 6.91
CA ASN A 144 6.15 16.35 7.63
C ASN A 144 6.62 15.00 7.15
N PHE A 145 5.79 14.30 6.33
CA PHE A 145 6.18 13.00 5.83
C PHE A 145 7.24 13.21 4.78
N ALA A 146 7.20 14.37 4.12
CA ALA A 146 8.16 14.67 3.09
C ALA A 146 9.47 15.05 3.75
N ASN A 147 9.44 15.26 5.08
CA ASN A 147 10.64 15.64 5.79
C ASN A 147 11.06 14.51 6.68
N LEU A 148 10.67 13.25 6.34
CA LEU A 148 11.06 12.13 7.14
C LEU A 148 12.49 11.77 6.80
N GLU A 149 12.71 10.53 6.32
CA GLU A 149 14.03 10.10 5.98
C GLU A 149 13.88 8.83 5.20
N MET A 150 14.96 8.39 4.52
CA MET A 150 14.91 7.18 3.75
C MET A 150 16.10 6.36 4.14
N PRO A 151 15.96 5.05 4.09
CA PRO A 151 17.02 4.14 4.43
C PRO A 151 18.01 3.98 3.31
N LEU A 152 19.13 3.30 3.61
CA LEU A 152 20.15 3.10 2.60
C LEU A 152 19.93 1.74 2.01
N ASN A 153 20.25 1.60 0.71
CA ASN A 153 20.07 0.33 0.04
C ASN A 153 21.43 -0.27 -0.13
N ALA A 154 21.53 -1.60 0.09
CA ALA A 154 22.81 -2.26 -0.04
C ALA A 154 22.50 -3.68 -0.44
N SER A 155 23.46 -4.31 -1.15
CA SER A 155 23.26 -5.68 -1.56
C SER A 155 24.63 -6.29 -1.82
N MET A 21 9.16 7.22 23.15
CA MET A 21 8.87 5.78 22.88
C MET A 21 7.41 5.51 23.00
N GLY A 22 6.74 5.25 21.86
CA GLY A 22 5.32 4.98 21.90
C GLY A 22 4.90 4.73 20.49
N GLU A 23 3.57 4.54 20.28
CA GLU A 23 3.07 4.30 18.96
C GLU A 23 2.02 5.32 18.69
N ASN A 24 2.02 5.88 17.46
CA ASN A 24 1.06 6.88 17.10
C ASN A 24 0.51 6.50 15.75
N GLN A 25 -0.70 6.98 15.44
CA GLN A 25 -1.33 6.68 14.17
C GLN A 25 -0.51 7.30 13.07
N GLU A 26 0.01 8.51 13.33
CA GLU A 26 0.80 9.21 12.37
C GLU A 26 2.04 8.41 12.09
N LEU A 27 2.64 7.80 13.12
CA LEU A 27 3.84 7.01 12.93
C LEU A 27 3.50 5.80 12.10
N VAL A 28 2.30 5.23 12.30
CA VAL A 28 1.89 4.06 11.55
C VAL A 28 1.86 4.40 10.09
N LEU A 29 1.23 5.55 9.74
CA LEU A 29 1.14 5.94 8.35
C LEU A 29 2.51 6.38 7.87
N SER A 30 3.37 6.86 8.79
CA SER A 30 4.70 7.30 8.39
C SER A 30 5.44 6.11 7.84
N ASP A 31 5.34 4.95 8.54
CA ASP A 31 6.03 3.76 8.09
C ASP A 31 5.45 3.30 6.78
N HIS A 32 4.11 3.43 6.63
CA HIS A 32 3.45 3.01 5.41
C HIS A 32 3.89 3.91 4.29
N TYR A 33 4.02 5.23 4.59
CA TYR A 33 4.44 6.21 3.61
C TYR A 33 5.81 5.86 3.10
N ILE A 34 6.74 5.59 4.02
CA ILE A 34 8.09 5.24 3.65
C ILE A 34 8.08 3.97 2.84
N SER A 35 7.26 2.98 3.25
CA SER A 35 7.20 1.72 2.52
C SER A 35 6.68 1.97 1.13
N LEU A 36 5.68 2.85 1.00
CA LEU A 36 5.12 3.17 -0.30
C LEU A 36 6.17 3.81 -1.16
N LYS A 37 7.04 4.65 -0.55
CA LYS A 37 8.06 5.33 -1.31
C LYS A 37 8.97 4.30 -1.95
N ARG A 38 9.38 3.25 -1.19
CA ARG A 38 10.24 2.24 -1.76
C ARG A 38 9.52 1.53 -2.87
N TYR A 39 8.22 1.25 -2.67
CA TYR A 39 7.43 0.56 -3.67
C TYR A 39 7.39 1.38 -4.93
N LEU A 40 7.12 2.69 -4.80
CA LEU A 40 7.04 3.56 -5.96
C LEU A 40 8.37 3.63 -6.65
N SER A 41 9.47 3.70 -5.87
CA SER A 41 10.79 3.80 -6.47
C SER A 41 11.16 2.50 -7.13
N ALA A 42 10.52 1.38 -6.72
CA ALA A 42 10.84 0.10 -7.29
C ALA A 42 10.01 -0.12 -8.54
N THR A 43 8.97 0.72 -8.76
CA THR A 43 8.13 0.53 -9.93
C THR A 43 8.29 1.70 -10.86
N SER A 44 9.03 2.74 -10.43
CA SER A 44 9.21 3.89 -11.29
C SER A 44 10.49 4.54 -10.89
N ARG A 45 11.17 5.20 -11.87
CA ARG A 45 12.42 5.86 -11.58
C ARG A 45 12.17 7.05 -10.72
N ASP A 46 10.92 7.57 -10.70
CA ASP A 46 10.63 8.71 -9.89
C ASP A 46 9.18 8.62 -9.49
N GLY A 47 8.27 8.73 -10.48
CA GLY A 47 6.86 8.66 -10.18
C GLY A 47 6.14 8.86 -11.47
N ASN A 48 4.78 8.87 -11.41
CA ASN A 48 4.00 9.07 -12.61
C ASN A 48 3.34 10.41 -12.45
N PRO A 49 3.78 11.38 -13.21
CA PRO A 49 3.22 12.72 -13.16
C PRO A 49 1.87 12.84 -13.80
N LYS A 50 1.48 11.83 -14.61
CA LYS A 50 0.19 11.88 -15.26
C LYS A 50 -0.51 10.56 -15.00
N PRO A 51 -1.05 10.43 -13.80
CA PRO A 51 -1.75 9.21 -13.42
C PRO A 51 -3.09 9.08 -14.11
N PRO A 52 -3.57 7.87 -14.26
CA PRO A 52 -4.85 7.63 -14.92
C PRO A 52 -6.03 8.03 -14.06
N PRO A 53 -7.17 8.27 -14.66
CA PRO A 53 -8.36 8.66 -13.93
C PRO A 53 -8.78 7.65 -12.89
N ASN A 54 -9.27 8.15 -11.74
CA ASN A 54 -9.70 7.25 -10.69
C ASN A 54 -10.91 7.89 -10.06
N LYS A 55 -12.04 7.15 -10.02
CA LYS A 55 -13.24 7.68 -9.45
C LYS A 55 -13.33 7.25 -8.01
N ALA A 56 -12.26 6.59 -7.52
CA ALA A 56 -12.25 6.14 -6.15
C ALA A 56 -11.76 7.25 -5.28
N ARG A 57 -11.50 8.42 -5.90
CA ARG A 57 -11.02 9.58 -5.18
C ARG A 57 -12.07 9.98 -4.19
N ASP A 58 -13.35 9.98 -4.63
CA ASP A 58 -14.45 10.36 -3.79
C ASP A 58 -14.55 9.39 -2.64
N LYS A 59 -14.31 8.09 -2.92
CA LYS A 59 -14.41 7.06 -1.91
C LYS A 59 -13.38 7.32 -0.84
N LEU A 60 -12.16 7.75 -1.24
CA LEU A 60 -11.09 7.99 -0.30
C LEU A 60 -11.47 9.15 0.60
N GLN A 61 -12.29 10.09 0.10
CA GLN A 61 -12.65 11.23 0.90
C GLN A 61 -13.82 10.88 1.78
N ARG A 62 -14.35 9.65 1.67
CA ARG A 62 -15.47 9.26 2.49
C ARG A 62 -15.05 8.14 3.38
N LEU A 63 -13.93 8.34 4.10
CA LEU A 63 -13.43 7.31 4.97
C LEU A 63 -13.16 7.92 6.30
N THR A 64 -13.39 7.14 7.37
CA THR A 64 -13.13 7.62 8.70
C THR A 64 -11.67 7.39 8.95
N GLU A 65 -11.15 7.91 10.07
CA GLU A 65 -9.75 7.73 10.38
C GLU A 65 -9.46 6.28 10.56
N VAL A 66 -10.40 5.55 11.21
CA VAL A 66 -10.20 4.14 11.47
C VAL A 66 -10.30 3.38 10.17
N GLN A 67 -11.28 3.73 9.32
CA GLN A 67 -11.44 3.04 8.06
C GLN A 67 -10.23 3.29 7.22
N PHE A 68 -9.69 4.52 7.27
CA PHE A 68 -8.54 4.86 6.47
C PHE A 68 -7.37 4.04 6.98
N LEU A 69 -7.24 3.84 8.32
CA LEU A 69 -6.14 3.06 8.83
C LEU A 69 -6.28 1.64 8.35
N GLU A 70 -7.53 1.12 8.31
CA GLU A 70 -7.73 -0.23 7.86
C GLU A 70 -7.34 -0.32 6.40
N LEU A 71 -7.68 0.73 5.61
CA LEU A 71 -7.33 0.73 4.21
C LEU A 71 -5.83 0.77 4.06
N SER A 72 -5.15 1.63 4.85
CA SER A 72 -3.71 1.75 4.76
C SER A 72 -3.08 0.42 5.15
N THR A 73 -3.69 -0.26 6.14
CA THR A 73 -3.15 -1.54 6.59
C THR A 73 -3.33 -2.56 5.51
N ASP A 74 -4.50 -2.55 4.82
CA ASP A 74 -4.75 -3.50 3.77
C ASP A 74 -3.73 -3.30 2.67
N VAL A 75 -3.44 -2.02 2.34
CA VAL A 75 -2.48 -1.73 1.29
C VAL A 75 -1.12 -2.18 1.75
N TYR A 76 -0.77 -1.87 3.02
CA TYR A 76 0.53 -2.22 3.56
C TYR A 76 0.69 -3.73 3.52
N ASP A 77 -0.34 -4.45 4.00
CA ASP A 77 -0.26 -5.91 4.02
C ASP A 77 -0.14 -6.43 2.61
N GLU A 78 -0.88 -5.82 1.65
CA GLU A 78 -0.82 -6.28 0.28
C GLU A 78 0.57 -6.07 -0.27
N LEU A 79 1.23 -4.95 0.09
CA LEU A 79 2.55 -4.66 -0.41
C LEU A 79 3.48 -5.77 0.00
N LYS A 80 3.35 -6.27 1.25
CA LYS A 80 4.23 -7.33 1.71
C LYS A 80 4.02 -8.56 0.88
N ARG A 81 2.76 -8.88 0.54
CA ARG A 81 2.49 -10.07 -0.25
C ARG A 81 3.04 -9.89 -1.63
N ARG A 82 2.91 -8.68 -2.20
CA ARG A 82 3.40 -8.43 -3.54
C ARG A 82 4.90 -8.57 -3.54
N GLU A 83 5.58 -8.08 -2.48
CA GLU A 83 7.03 -8.17 -2.40
C GLU A 83 7.44 -9.61 -2.32
N GLN A 84 6.69 -10.44 -1.56
CA GLN A 84 7.05 -11.84 -1.41
C GLN A 84 6.93 -12.51 -2.75
N VAL A 85 5.87 -12.16 -3.52
CA VAL A 85 5.66 -12.76 -4.81
C VAL A 85 6.78 -12.37 -5.74
N ALA A 86 7.20 -11.10 -5.68
CA ALA A 86 8.26 -10.62 -6.56
C ALA A 86 9.57 -11.32 -6.27
N ARG A 87 9.88 -11.58 -4.98
CA ARG A 87 11.15 -12.18 -4.65
C ARG A 87 11.05 -13.69 -4.66
N ARG A 88 10.00 -14.28 -5.28
CA ARG A 88 9.91 -15.73 -5.31
C ARG A 88 11.09 -16.27 -6.06
N GLY A 89 11.38 -15.67 -7.23
CA GLY A 89 12.50 -16.10 -8.02
C GLY A 89 11.99 -17.11 -9.01
N PRO A 90 12.81 -17.37 -10.00
CA PRO A 90 12.48 -18.32 -11.04
C PRO A 90 12.62 -19.75 -10.62
N ASN A 91 13.35 -19.99 -9.52
CA ASN A 91 13.55 -21.33 -9.04
C ASN A 91 12.80 -21.47 -7.75
N ALA A 92 11.72 -20.66 -7.61
CA ALA A 92 10.93 -20.70 -6.40
C ALA A 92 10.10 -21.97 -6.42
N PRO A 93 10.22 -22.76 -5.37
CA PRO A 93 9.46 -24.00 -5.26
C PRO A 93 8.01 -23.76 -4.95
N PRO A 94 7.14 -24.69 -5.28
CA PRO A 94 5.71 -24.54 -5.05
C PRO A 94 5.34 -24.55 -3.60
N GLU A 95 6.20 -25.10 -2.73
CA GLU A 95 5.90 -25.15 -1.32
C GLU A 95 6.00 -23.77 -0.73
N THR A 96 6.66 -22.83 -1.45
CA THR A 96 6.80 -21.48 -0.96
C THR A 96 5.95 -20.60 -1.79
N ALA A 97 5.03 -21.20 -2.59
CA ALA A 97 4.18 -20.41 -3.44
C ALA A 97 3.15 -19.72 -2.57
N PRO A 98 3.09 -18.40 -2.68
CA PRO A 98 2.16 -17.61 -1.91
C PRO A 98 0.78 -17.64 -2.48
N PRO A 99 -0.23 -17.31 -1.70
CA PRO A 99 -1.60 -17.29 -2.17
C PRO A 99 -1.87 -16.17 -3.13
N ASP A 100 -2.85 -16.37 -4.04
CA ASP A 100 -3.16 -15.35 -5.00
C ASP A 100 -4.10 -14.36 -4.37
N PHE A 101 -4.61 -14.67 -3.16
CA PHE A 101 -5.50 -13.77 -2.50
C PHE A 101 -5.36 -13.97 -1.02
N LEU A 102 -5.76 -12.97 -0.22
CA LEU A 102 -5.63 -13.09 1.21
C LEU A 102 -6.65 -14.09 1.68
N LEU A 103 -6.20 -15.06 2.49
CA LEU A 103 -7.08 -16.09 2.96
C LEU A 103 -7.96 -15.51 4.04
N PRO A 104 -9.25 -15.78 3.94
CA PRO A 104 -10.22 -15.27 4.88
C PRO A 104 -10.22 -16.02 6.19
N GLN A 105 -10.78 -15.38 7.24
CA GLN A 105 -10.84 -16.00 8.53
C GLN A 105 -12.27 -15.93 8.98
N ASP A 106 -12.66 -16.84 9.90
CA ASP A 106 -14.03 -16.90 10.37
C ASP A 106 -14.37 -15.66 11.17
N ASN A 107 -13.37 -14.99 11.77
CA ASN A 107 -13.67 -13.82 12.57
C ASN A 107 -13.72 -12.61 11.68
N PHE A 108 -13.50 -12.79 10.36
CA PHE A 108 -13.54 -11.67 9.44
C PHE A 108 -14.89 -11.68 8.80
N HIS A 109 -15.46 -10.47 8.58
CA HIS A 109 -16.76 -10.36 7.95
C HIS A 109 -16.59 -10.72 6.50
N PRO A 110 -17.62 -11.28 5.91
CA PRO A 110 -17.57 -11.69 4.51
C PRO A 110 -17.40 -10.55 3.55
N LYS A 111 -17.97 -9.37 3.88
CA LYS A 111 -17.82 -8.22 3.02
C LYS A 111 -16.39 -7.78 3.02
N ARG A 112 -15.75 -7.85 4.21
CA ARG A 112 -14.37 -7.47 4.35
C ARG A 112 -13.51 -8.43 3.58
N ASN A 113 -13.88 -9.73 3.63
CA ASN A 113 -13.12 -10.76 2.93
C ASN A 113 -13.19 -10.50 1.44
N GLN A 114 -14.37 -10.07 0.95
CA GLN A 114 -14.53 -9.81 -0.47
C GLN A 114 -13.65 -8.66 -0.85
N ALA A 115 -13.56 -7.67 0.05
CA ALA A 115 -12.77 -6.49 -0.18
C ALA A 115 -11.32 -6.88 -0.38
N ARG A 116 -10.84 -7.87 0.40
CA ARG A 116 -9.46 -8.29 0.27
C ARG A 116 -9.26 -8.91 -1.10
N GLN A 117 -10.26 -9.68 -1.58
CA GLN A 117 -10.14 -10.32 -2.87
C GLN A 117 -10.18 -9.29 -3.97
N LYS A 118 -10.84 -8.13 -3.72
CA LYS A 118 -10.93 -7.09 -4.72
C LYS A 118 -9.55 -6.60 -5.04
N LEU A 119 -8.66 -6.51 -4.02
CA LEU A 119 -7.31 -6.04 -4.24
C LEU A 119 -6.61 -6.97 -5.20
N SER A 120 -6.83 -8.29 -5.03
CA SER A 120 -6.21 -9.27 -5.91
C SER A 120 -6.76 -9.11 -7.30
N SER A 121 -8.07 -8.81 -7.39
CA SER A 121 -8.73 -8.63 -8.67
C SER A 121 -8.11 -7.47 -9.39
N LEU A 122 -7.76 -6.40 -8.65
CA LEU A 122 -7.16 -5.24 -9.26
C LEU A 122 -5.83 -5.63 -9.82
N GLY A 123 -5.53 -5.15 -11.04
CA GLY A 123 -4.26 -5.47 -11.66
C GLY A 123 -3.25 -4.51 -11.10
N PRO A 124 -2.00 -4.79 -11.42
CA PRO A 124 -0.89 -3.97 -10.96
C PRO A 124 -1.01 -2.49 -11.27
N PRO A 125 -1.42 -2.07 -12.44
CA PRO A 125 -1.56 -0.64 -12.75
C PRO A 125 -2.52 0.06 -11.84
N ARG A 126 -3.65 -0.59 -11.52
CA ARG A 126 -4.65 0.01 -10.67
C ARG A 126 -4.11 0.09 -9.27
N PHE A 127 -3.39 -0.97 -8.84
CA PHE A 127 -2.83 -0.98 -7.51
C PHE A 127 -1.76 0.07 -7.40
N ARG A 128 -0.93 0.24 -8.45
CA ARG A 128 0.12 1.24 -8.40
C ARG A 128 -0.53 2.59 -8.29
N ASP A 129 -1.66 2.79 -9.01
CA ASP A 129 -2.37 4.06 -8.94
C ASP A 129 -2.90 4.24 -7.54
N LEU A 130 -3.39 3.13 -6.92
CA LEU A 130 -3.93 3.19 -5.58
C LEU A 130 -2.84 3.61 -4.64
N ALA A 131 -1.67 2.98 -4.78
CA ALA A 131 -0.54 3.27 -3.94
C ALA A 131 -0.13 4.71 -4.13
N THR A 132 -0.13 5.18 -5.39
CA THR A 132 0.28 6.53 -5.69
C THR A 132 -0.70 7.49 -5.06
N ASP A 133 -2.03 7.20 -5.19
CA ASP A 133 -3.03 8.09 -4.63
C ASP A 133 -2.90 8.14 -3.13
N VAL A 134 -2.65 6.98 -2.49
CA VAL A 134 -2.51 6.96 -1.04
C VAL A 134 -1.28 7.74 -0.66
N PHE A 135 -0.17 7.52 -1.40
CA PHE A 135 1.08 8.18 -1.11
C PHE A 135 0.90 9.68 -1.23
N CYS A 136 0.28 10.13 -2.34
CA CYS A 136 0.08 11.56 -2.55
C CYS A 136 -0.86 12.10 -1.50
N GLU A 137 -1.92 11.34 -1.17
CA GLU A 137 -2.88 11.79 -0.18
C GLU A 137 -2.19 11.96 1.14
N LEU A 138 -1.32 11.01 1.54
CA LEU A 138 -0.64 11.12 2.80
C LEU A 138 0.27 12.31 2.76
N GLU A 139 0.94 12.56 1.63
CA GLU A 139 1.83 13.68 1.54
C GLU A 139 1.06 14.97 1.70
N ARG A 140 -0.13 15.06 1.06
CA ARG A 140 -0.91 16.27 1.15
C ARG A 140 -1.46 16.44 2.56
N ARG A 141 -1.99 15.34 3.15
CA ARG A 141 -2.56 15.43 4.49
C ARG A 141 -1.47 15.71 5.49
N TYR A 142 -0.30 15.08 5.32
CA TYR A 142 0.79 15.28 6.24
C TYR A 142 1.94 15.83 5.46
N PRO A 143 2.04 17.15 5.43
CA PRO A 143 3.12 17.81 4.69
C PRO A 143 4.47 17.54 5.28
N ASN A 144 4.51 17.09 6.54
CA ASN A 144 5.76 16.80 7.19
C ASN A 144 6.26 15.46 6.71
N PHE A 145 5.42 14.72 5.93
CA PHE A 145 5.85 13.44 5.42
C PHE A 145 6.79 13.71 4.27
N ALA A 146 6.75 14.94 3.72
CA ALA A 146 7.61 15.29 2.62
C ALA A 146 9.01 15.48 3.15
N ASN A 147 9.15 15.58 4.49
CA ASN A 147 10.45 15.77 5.09
C ASN A 147 10.92 14.44 5.62
N LEU A 148 10.26 13.34 5.22
CA LEU A 148 10.64 12.04 5.69
C LEU A 148 11.68 11.51 4.76
N GLU A 149 12.92 11.91 5.04
CA GLU A 149 14.04 11.46 4.25
C GLU A 149 14.36 10.07 4.68
N MET A 150 14.75 9.21 3.71
CA MET A 150 15.07 7.85 4.03
C MET A 150 16.47 7.84 4.59
N PRO A 151 16.72 6.91 5.49
CA PRO A 151 18.03 6.77 6.10
C PRO A 151 19.01 6.04 5.23
N LEU A 152 20.29 6.09 5.62
CA LEU A 152 21.31 5.43 4.84
C LEU A 152 22.39 5.03 5.80
N ASN A 153 23.24 4.07 5.37
CA ASN A 153 24.30 3.62 6.22
C ASN A 153 25.49 3.39 5.33
N ALA A 154 26.59 4.14 5.58
CA ALA A 154 27.77 3.98 4.77
C ALA A 154 28.94 4.32 5.65
N SER A 155 30.11 3.74 5.34
CA SER A 155 31.29 4.01 6.13
C SER A 155 32.50 3.75 5.24
N MET A 21 -0.29 3.12 26.97
CA MET A 21 -0.17 1.94 26.07
C MET A 21 -1.02 2.14 24.85
N GLY A 22 -0.39 2.56 23.73
CA GLY A 22 -1.14 2.77 22.51
C GLY A 22 -0.15 3.11 21.46
N GLU A 23 -0.64 3.30 20.21
CA GLU A 23 0.24 3.63 19.12
C GLU A 23 -0.40 4.75 18.37
N ASN A 24 0.42 5.63 17.75
CA ASN A 24 -0.11 6.74 17.01
C ASN A 24 -0.34 6.27 15.61
N GLN A 25 -1.51 6.63 15.04
CA GLN A 25 -1.85 6.21 13.69
C GLN A 25 -0.93 6.91 12.72
N GLU A 26 -0.42 8.08 13.11
CA GLU A 26 0.47 8.82 12.26
C GLU A 26 1.73 8.04 12.06
N LEU A 27 2.23 7.38 13.14
CA LEU A 27 3.44 6.61 13.03
C LEU A 27 3.21 5.43 12.14
N VAL A 28 2.02 4.81 12.25
CA VAL A 28 1.70 3.66 11.44
C VAL A 28 1.70 4.05 9.99
N LEU A 29 1.06 5.19 9.66
CA LEU A 29 1.01 5.63 8.28
C LEU A 29 2.37 6.10 7.85
N SER A 30 3.23 6.52 8.80
CA SER A 30 4.56 6.97 8.42
C SER A 30 5.31 5.80 7.83
N ASP A 31 5.15 4.61 8.43
CA ASP A 31 5.83 3.43 7.94
C ASP A 31 5.25 3.07 6.60
N HIS A 32 3.91 3.22 6.45
CA HIS A 32 3.25 2.89 5.21
C HIS A 32 3.76 3.83 4.14
N TYR A 33 3.92 5.12 4.51
CA TYR A 33 4.39 6.13 3.59
C TYR A 33 5.75 5.75 3.07
N ILE A 34 6.66 5.40 4.01
CA ILE A 34 8.01 5.02 3.63
C ILE A 34 7.97 3.81 2.72
N SER A 35 7.14 2.80 3.04
CA SER A 35 7.09 1.60 2.22
C SER A 35 6.54 1.95 0.86
N LEU A 36 5.58 2.90 0.80
CA LEU A 36 5.01 3.30 -0.47
C LEU A 36 6.09 3.97 -1.29
N LYS A 37 6.96 4.76 -0.64
CA LYS A 37 8.01 5.45 -1.35
C LYS A 37 8.94 4.41 -1.94
N ARG A 38 9.27 3.36 -1.15
CA ARG A 38 10.17 2.32 -1.63
C ARG A 38 9.50 1.61 -2.78
N TYR A 39 8.18 1.34 -2.66
CA TYR A 39 7.45 0.66 -3.70
C TYR A 39 7.49 1.47 -4.96
N LEU A 40 7.19 2.78 -4.85
CA LEU A 40 7.16 3.64 -6.02
C LEU A 40 8.55 3.72 -6.61
N SER A 41 9.59 3.78 -5.75
CA SER A 41 10.95 3.85 -6.24
C SER A 41 11.27 2.60 -7.01
N ALA A 42 10.83 1.44 -6.50
CA ALA A 42 11.10 0.18 -7.17
C ALA A 42 10.42 0.16 -8.51
N THR A 43 9.18 0.67 -8.59
CA THR A 43 8.45 0.65 -9.85
C THR A 43 9.04 1.66 -10.80
N SER A 44 9.57 2.79 -10.29
CA SER A 44 10.12 3.78 -11.17
C SER A 44 11.32 4.37 -10.50
N ARG A 45 12.52 4.09 -11.05
CA ARG A 45 13.73 4.62 -10.48
C ARG A 45 14.06 5.90 -11.20
N ASP A 46 13.32 6.18 -12.31
CA ASP A 46 13.55 7.38 -13.07
C ASP A 46 13.20 8.57 -12.22
N GLY A 47 12.10 8.45 -11.44
CA GLY A 47 11.69 9.54 -10.60
C GLY A 47 10.34 9.20 -10.06
N ASN A 48 9.77 10.12 -9.26
CA ASN A 48 8.46 9.89 -8.69
C ASN A 48 7.45 10.09 -9.78
N PRO A 49 6.31 9.41 -9.66
CA PRO A 49 5.23 9.53 -10.64
C PRO A 49 4.75 10.94 -10.85
N LYS A 50 4.68 11.72 -9.75
CA LYS A 50 4.22 13.10 -9.81
C LYS A 50 2.87 13.15 -10.48
N PRO A 51 1.87 12.59 -9.83
CA PRO A 51 0.52 12.55 -10.38
C PRO A 51 -0.15 13.90 -10.37
N PRO A 52 -1.06 14.13 -11.29
CA PRO A 52 -1.77 15.40 -11.37
C PRO A 52 -2.82 15.53 -10.30
N PRO A 53 -3.18 16.74 -9.95
CA PRO A 53 -4.19 16.97 -8.93
C PRO A 53 -5.57 16.65 -9.40
N ASN A 54 -6.45 16.24 -8.46
CA ASN A 54 -7.80 15.90 -8.82
C ASN A 54 -8.61 15.99 -7.56
N LYS A 55 -9.95 16.09 -7.71
CA LYS A 55 -10.81 16.20 -6.57
C LYS A 55 -11.21 14.81 -6.16
N ALA A 56 -10.23 14.00 -5.72
CA ALA A 56 -10.51 12.65 -5.31
C ALA A 56 -10.73 12.66 -3.82
N ARG A 57 -10.81 13.87 -3.25
CA ARG A 57 -11.01 14.02 -1.83
C ARG A 57 -12.36 13.49 -1.47
N ASP A 58 -13.36 13.72 -2.34
CA ASP A 58 -14.71 13.28 -2.07
C ASP A 58 -14.74 11.77 -1.96
N LYS A 59 -13.96 11.07 -2.80
CA LYS A 59 -13.93 9.64 -2.78
C LYS A 59 -13.39 9.15 -1.46
N LEU A 60 -12.38 9.85 -0.92
CA LEU A 60 -11.77 9.44 0.33
C LEU A 60 -12.66 9.86 1.49
N GLN A 61 -13.67 10.70 1.24
CA GLN A 61 -14.54 11.13 2.32
C GLN A 61 -15.70 10.19 2.40
N ARG A 62 -15.67 9.07 1.63
CA ARG A 62 -16.75 8.12 1.67
C ARG A 62 -16.40 7.03 2.63
N LEU A 63 -15.47 7.32 3.55
CA LEU A 63 -15.06 6.34 4.51
C LEU A 63 -14.56 7.07 5.72
N THR A 64 -14.53 6.37 6.86
CA THR A 64 -14.09 6.97 8.10
C THR A 64 -12.58 6.89 8.15
N GLU A 65 -12.00 7.58 9.15
CA GLU A 65 -10.56 7.60 9.32
C GLU A 65 -10.09 6.21 9.65
N VAL A 66 -10.90 5.49 10.46
CA VAL A 66 -10.55 4.14 10.86
C VAL A 66 -10.56 3.27 9.63
N GLN A 67 -11.57 3.44 8.77
CA GLN A 67 -11.67 2.66 7.57
C GLN A 67 -10.50 3.00 6.70
N PHE A 68 -10.09 4.28 6.69
CA PHE A 68 -8.96 4.71 5.90
C PHE A 68 -7.74 3.97 6.38
N LEU A 69 -7.55 3.86 7.72
CA LEU A 69 -6.40 3.16 8.26
C LEU A 69 -6.47 1.72 7.86
N GLU A 70 -7.68 1.13 7.89
CA GLU A 70 -7.83 -0.27 7.53
C GLU A 70 -7.45 -0.43 6.08
N LEU A 71 -7.85 0.54 5.22
CA LEU A 71 -7.53 0.47 3.82
C LEU A 71 -6.04 0.59 3.65
N SER A 72 -5.41 1.51 4.41
CA SER A 72 -3.97 1.71 4.32
C SER A 72 -3.28 0.44 4.72
N THR A 73 -3.77 -0.22 5.79
CA THR A 73 -3.18 -1.45 6.26
C THR A 73 -3.38 -2.53 5.24
N ASP A 74 -4.59 -2.62 4.64
CA ASP A 74 -4.86 -3.64 3.66
C ASP A 74 -3.94 -3.46 2.48
N VAL A 75 -3.75 -2.19 2.03
CA VAL A 75 -2.88 -1.93 0.90
C VAL A 75 -1.47 -2.28 1.28
N TYR A 76 -1.06 -1.89 2.52
CA TYR A 76 0.28 -2.16 2.99
C TYR A 76 0.51 -3.65 3.01
N ASP A 77 -0.44 -4.41 3.57
CA ASP A 77 -0.31 -5.85 3.64
C ASP A 77 -0.25 -6.43 2.25
N GLU A 78 -1.07 -5.91 1.31
CA GLU A 78 -1.06 -6.44 -0.05
C GLU A 78 0.27 -6.18 -0.70
N LEU A 79 0.85 -4.99 -0.45
CA LEU A 79 2.13 -4.64 -1.04
C LEU A 79 3.18 -5.61 -0.55
N LYS A 80 3.13 -6.01 0.74
CA LYS A 80 4.12 -6.92 1.27
C LYS A 80 4.02 -8.24 0.55
N ARG A 81 2.79 -8.71 0.26
CA ARG A 81 2.62 -9.98 -0.42
C ARG A 81 3.19 -9.88 -1.81
N ARG A 82 2.95 -8.74 -2.50
CA ARG A 82 3.46 -8.58 -3.85
C ARG A 82 4.96 -8.55 -3.83
N GLU A 83 5.55 -7.88 -2.81
CA GLU A 83 7.00 -7.80 -2.74
C GLU A 83 7.57 -9.17 -2.51
N GLN A 84 6.92 -9.99 -1.66
CA GLN A 84 7.42 -11.31 -1.38
C GLN A 84 7.32 -12.16 -2.62
N VAL A 85 6.21 -11.99 -3.38
CA VAL A 85 6.02 -12.77 -4.59
C VAL A 85 7.10 -12.39 -5.58
N ALA A 86 7.39 -11.08 -5.69
CA ALA A 86 8.39 -10.62 -6.62
C ALA A 86 9.74 -11.19 -6.26
N ARG A 87 10.02 -11.28 -4.94
CA ARG A 87 11.30 -11.78 -4.50
C ARG A 87 11.23 -13.27 -4.28
N ARG A 88 10.25 -13.96 -4.92
CA ARG A 88 10.16 -15.40 -4.74
C ARG A 88 11.40 -16.04 -5.30
N GLY A 89 11.98 -15.44 -6.36
CA GLY A 89 13.20 -15.95 -6.94
C GLY A 89 12.84 -16.78 -8.15
N PRO A 90 13.87 -17.09 -8.90
CA PRO A 90 13.73 -17.89 -10.10
C PRO A 90 13.51 -19.34 -9.80
N ASN A 91 12.65 -20.00 -10.62
CA ASN A 91 12.35 -21.41 -10.42
C ASN A 91 11.79 -21.58 -9.03
N ALA A 92 10.99 -20.59 -8.57
CA ALA A 92 10.42 -20.67 -7.26
C ALA A 92 9.17 -21.49 -7.36
N PRO A 93 9.07 -22.51 -6.52
CA PRO A 93 7.90 -23.39 -6.52
C PRO A 93 6.68 -22.73 -5.95
N PRO A 94 5.51 -23.18 -6.33
CA PRO A 94 4.26 -22.60 -5.84
C PRO A 94 4.01 -22.85 -4.39
N GLU A 95 4.69 -23.85 -3.81
CA GLU A 95 4.52 -24.17 -2.41
C GLU A 95 5.04 -23.04 -1.57
N THR A 96 6.16 -22.43 -2.01
CA THR A 96 6.75 -21.36 -1.26
C THR A 96 6.27 -20.06 -1.84
N ALA A 97 5.30 -20.12 -2.78
CA ALA A 97 4.80 -18.91 -3.38
C ALA A 97 3.71 -18.38 -2.49
N PRO A 98 3.86 -17.14 -2.04
CA PRO A 98 2.87 -16.50 -1.18
C PRO A 98 1.52 -16.40 -1.84
N PRO A 99 0.46 -16.50 -1.08
CA PRO A 99 -0.89 -16.42 -1.62
C PRO A 99 -1.25 -15.02 -2.05
N ASP A 100 -2.09 -14.91 -3.10
CA ASP A 100 -2.49 -13.61 -3.57
C ASP A 100 -3.78 -13.24 -2.88
N PHE A 101 -4.32 -14.18 -2.08
CA PHE A 101 -5.55 -13.93 -1.37
C PHE A 101 -5.23 -13.91 0.09
N LEU A 102 -5.63 -12.83 0.79
CA LEU A 102 -5.36 -12.71 2.19
C LEU A 102 -6.39 -13.54 2.91
N LEU A 103 -5.93 -14.33 3.91
CA LEU A 103 -6.84 -15.17 4.64
C LEU A 103 -7.62 -14.30 5.59
N PRO A 104 -8.94 -14.43 5.56
CA PRO A 104 -9.80 -13.66 6.43
C PRO A 104 -9.85 -14.20 7.82
N GLN A 105 -10.27 -13.35 8.79
CA GLN A 105 -10.35 -13.78 10.16
C GLN A 105 -11.67 -13.31 10.69
N ASP A 106 -12.13 -13.93 11.80
CA ASP A 106 -13.40 -13.57 12.37
C ASP A 106 -13.25 -12.37 13.27
N ASN A 107 -12.00 -11.90 13.51
CA ASN A 107 -11.82 -10.76 14.36
C ASN A 107 -11.87 -9.51 13.52
N PHE A 108 -12.09 -9.69 12.19
CA PHE A 108 -12.18 -8.56 11.30
C PHE A 108 -13.59 -8.50 10.82
N HIS A 109 -14.07 -7.28 10.50
CA HIS A 109 -15.42 -7.12 10.01
C HIS A 109 -15.46 -7.71 8.63
N PRO A 110 -16.61 -8.22 8.24
CA PRO A 110 -16.78 -8.84 6.94
C PRO A 110 -16.53 -7.90 5.80
N LYS A 111 -16.85 -6.60 5.99
CA LYS A 111 -16.63 -5.62 4.95
C LYS A 111 -15.14 -5.48 4.74
N ARG A 112 -14.38 -5.53 5.85
CA ARG A 112 -12.94 -5.38 5.79
C ARG A 112 -12.38 -6.58 5.04
N ASN A 113 -12.92 -7.78 5.32
CA ASN A 113 -12.47 -8.98 4.67
C ASN A 113 -12.74 -8.89 3.19
N GLN A 114 -13.92 -8.31 2.82
CA GLN A 114 -14.28 -8.20 1.42
C GLN A 114 -13.31 -7.26 0.76
N ALA A 115 -12.91 -6.21 1.50
CA ALA A 115 -11.99 -5.23 0.97
C ALA A 115 -10.70 -5.90 0.59
N ARG A 116 -10.22 -6.85 1.42
CA ARG A 116 -9.00 -7.55 1.11
C ARG A 116 -9.17 -8.34 -0.15
N GLN A 117 -10.35 -8.99 -0.32
CA GLN A 117 -10.61 -9.78 -1.50
C GLN A 117 -10.65 -8.89 -2.71
N LYS A 118 -11.25 -7.68 -2.58
CA LYS A 118 -11.33 -6.78 -3.70
C LYS A 118 -9.94 -6.40 -4.15
N LEU A 119 -9.02 -6.18 -3.19
CA LEU A 119 -7.67 -5.80 -3.53
C LEU A 119 -7.00 -6.94 -4.25
N SER A 120 -7.27 -8.19 -3.81
CA SER A 120 -6.66 -9.35 -4.43
C SER A 120 -7.25 -9.56 -5.80
N SER A 121 -8.37 -8.88 -6.12
CA SER A 121 -8.99 -9.04 -7.40
C SER A 121 -8.41 -8.02 -8.34
N LEU A 122 -7.50 -7.15 -7.83
CA LEU A 122 -6.90 -6.15 -8.67
C LEU A 122 -5.72 -6.76 -9.36
N GLY A 123 -5.46 -6.28 -10.59
CA GLY A 123 -4.37 -6.79 -11.38
C GLY A 123 -3.74 -5.64 -12.13
N PRO A 124 -4.58 -4.94 -12.89
CA PRO A 124 -4.13 -3.79 -13.67
C PRO A 124 -3.46 -2.71 -12.86
N PRO A 125 -2.76 -1.80 -13.51
CA PRO A 125 -2.03 -0.71 -12.84
C PRO A 125 -2.90 0.18 -12.00
N ARG A 126 -4.21 -0.09 -11.97
CA ARG A 126 -5.11 0.69 -11.16
C ARG A 126 -4.67 0.55 -9.73
N PHE A 127 -4.19 -0.66 -9.36
CA PHE A 127 -3.74 -0.91 -8.00
C PHE A 127 -2.59 0.00 -7.66
N ARG A 128 -1.57 0.09 -8.53
CA ARG A 128 -0.42 0.93 -8.21
C ARG A 128 -0.83 2.38 -8.27
N ASP A 129 -1.84 2.71 -9.11
CA ASP A 129 -2.32 4.07 -9.19
C ASP A 129 -2.96 4.41 -7.87
N LEU A 130 -3.67 3.43 -7.28
CA LEU A 130 -4.35 3.63 -6.02
C LEU A 130 -3.31 3.91 -4.97
N ALA A 131 -2.23 3.11 -4.98
CA ALA A 131 -1.16 3.26 -4.03
C ALA A 131 -0.52 4.62 -4.21
N THR A 132 -0.36 5.04 -5.48
CA THR A 132 0.26 6.33 -5.77
C THR A 132 -0.62 7.43 -5.24
N ASP A 133 -1.95 7.31 -5.45
CA ASP A 133 -2.87 8.33 -4.99
C ASP A 133 -2.82 8.41 -3.49
N VAL A 134 -2.75 7.24 -2.80
CA VAL A 134 -2.70 7.25 -1.36
C VAL A 134 -1.42 7.90 -0.90
N PHE A 135 -0.29 7.60 -1.58
CA PHE A 135 0.98 8.17 -1.23
C PHE A 135 0.90 9.67 -1.35
N CYS A 136 0.36 10.17 -2.49
CA CYS A 136 0.24 11.60 -2.71
C CYS A 136 -0.66 12.19 -1.65
N GLU A 137 -1.78 11.51 -1.36
CA GLU A 137 -2.73 12.01 -0.38
C GLU A 137 -2.05 12.13 0.97
N LEU A 138 -1.24 11.12 1.36
CA LEU A 138 -0.57 11.16 2.64
C LEU A 138 0.38 12.31 2.68
N GLU A 139 1.09 12.59 1.57
CA GLU A 139 2.03 13.67 1.56
C GLU A 139 1.30 14.98 1.75
N ARG A 140 0.13 15.14 1.09
CA ARG A 140 -0.62 16.37 1.22
C ARG A 140 -1.18 16.49 2.62
N ARG A 141 -1.77 15.39 3.16
CA ARG A 141 -2.35 15.43 4.49
C ARG A 141 -1.29 15.63 5.53
N TYR A 142 -0.12 14.99 5.37
CA TYR A 142 0.92 15.12 6.34
C TYR A 142 2.13 15.70 5.65
N PRO A 143 2.29 17.00 5.72
CA PRO A 143 3.42 17.68 5.09
C PRO A 143 4.73 17.24 5.68
N ASN A 144 4.69 16.85 6.95
CA ASN A 144 5.87 16.41 7.64
C ASN A 144 6.32 15.07 7.11
N PHE A 145 5.48 14.40 6.29
CA PHE A 145 5.88 13.12 5.73
C PHE A 145 6.87 13.41 4.64
N ALA A 146 6.88 14.67 4.13
CA ALA A 146 7.81 15.03 3.08
C ALA A 146 9.18 15.14 3.69
N ASN A 147 9.27 15.17 5.03
CA ASN A 147 10.54 15.28 5.69
C ASN A 147 10.95 13.92 6.16
N LEU A 148 10.27 12.86 5.67
CA LEU A 148 10.60 11.52 6.08
C LEU A 148 11.62 11.02 5.13
N GLU A 149 12.88 11.22 5.50
CA GLU A 149 13.99 10.78 4.70
C GLU A 149 14.06 9.29 4.79
N MET A 150 14.61 8.66 3.74
CA MET A 150 14.72 7.23 3.70
C MET A 150 16.13 6.92 3.26
N PRO A 151 16.62 5.76 3.66
CA PRO A 151 17.95 5.32 3.31
C PRO A 151 18.02 4.76 1.92
N LEU A 152 19.26 4.60 1.42
CA LEU A 152 19.43 4.07 0.09
C LEU A 152 20.79 3.45 0.06
N ASN A 153 21.03 2.60 -0.97
CA ASN A 153 22.31 1.95 -1.09
C ASN A 153 22.70 2.04 -2.54
N ALA A 154 23.76 2.81 -2.84
CA ALA A 154 24.19 2.96 -4.20
C ALA A 154 25.66 3.25 -4.15
N SER A 155 26.39 2.89 -5.24
CA SER A 155 27.80 3.13 -5.28
C SER A 155 28.22 3.19 -6.75
N MET A 21 -9.53 3.06 17.75
CA MET A 21 -8.73 3.18 18.99
C MET A 21 -7.30 2.83 18.73
N GLY A 22 -6.41 3.85 18.75
CA GLY A 22 -5.02 3.60 18.51
C GLY A 22 -4.27 4.84 18.88
N GLU A 23 -2.93 4.74 18.92
CA GLU A 23 -2.13 5.89 19.27
C GLU A 23 -0.96 5.90 18.35
N ASN A 24 -0.41 7.11 18.07
CA ASN A 24 0.73 7.25 17.20
C ASN A 24 0.41 6.64 15.86
N GLN A 25 -0.81 6.88 15.34
CA GLN A 25 -1.20 6.33 14.06
C GLN A 25 -0.41 7.01 12.98
N GLU A 26 0.06 8.25 13.27
CA GLU A 26 0.84 8.99 12.30
C GLU A 26 2.12 8.27 12.06
N LEU A 27 2.71 7.73 13.13
CA LEU A 27 3.96 7.00 13.03
C LEU A 27 3.74 5.75 12.21
N VAL A 28 2.58 5.10 12.40
CA VAL A 28 2.30 3.88 11.67
C VAL A 28 2.22 4.21 10.20
N LEU A 29 1.50 5.30 9.85
CA LEU A 29 1.37 5.67 8.47
C LEU A 29 2.69 6.17 7.94
N SER A 30 3.58 6.65 8.84
CA SER A 30 4.87 7.14 8.41
C SER A 30 5.62 5.99 7.80
N ASP A 31 5.57 4.81 8.45
CA ASP A 31 6.26 3.64 7.94
C ASP A 31 5.64 3.24 6.63
N HIS A 32 4.29 3.35 6.54
CA HIS A 32 3.60 2.96 5.32
C HIS A 32 4.01 3.91 4.23
N TYR A 33 4.13 5.21 4.56
CA TYR A 33 4.51 6.23 3.60
C TYR A 33 5.87 5.92 3.05
N ILE A 34 6.83 5.66 3.95
CA ILE A 34 8.19 5.35 3.55
C ILE A 34 8.18 4.10 2.69
N SER A 35 7.40 3.09 3.09
CA SER A 35 7.33 1.85 2.35
C SER A 35 6.79 2.11 0.97
N LEU A 36 5.77 2.99 0.86
CA LEU A 36 5.18 3.30 -0.41
C LEU A 36 6.21 3.98 -1.27
N LYS A 37 7.05 4.85 -0.66
CA LYS A 37 8.06 5.56 -1.43
C LYS A 37 9.02 4.54 -2.02
N ARG A 38 9.44 3.52 -1.23
CA ARG A 38 10.34 2.52 -1.74
C ARG A 38 9.67 1.74 -2.83
N TYR A 39 8.37 1.42 -2.63
CA TYR A 39 7.62 0.66 -3.63
C TYR A 39 7.59 1.44 -4.92
N LEU A 40 7.24 2.74 -4.84
CA LEU A 40 7.16 3.56 -6.03
C LEU A 40 8.51 3.67 -6.67
N SER A 41 9.57 3.81 -5.84
CA SER A 41 10.91 3.94 -6.37
C SER A 41 11.32 2.67 -7.08
N ALA A 42 10.93 1.52 -6.53
CA ALA A 42 11.31 0.24 -7.11
C ALA A 42 10.53 -0.01 -8.38
N THR A 43 9.36 0.64 -8.55
CA THR A 43 8.55 0.39 -9.74
C THR A 43 8.62 1.56 -10.68
N SER A 44 9.30 2.66 -10.30
CA SER A 44 9.37 3.80 -11.18
C SER A 44 10.62 4.56 -10.85
N ARG A 45 11.28 5.11 -11.90
CA ARG A 45 12.49 5.88 -11.69
C ARG A 45 12.16 7.08 -10.87
N ASP A 46 11.03 7.74 -11.18
CA ASP A 46 10.64 8.92 -10.44
C ASP A 46 9.15 9.07 -10.59
N GLY A 47 8.68 9.14 -11.86
CA GLY A 47 7.27 9.29 -12.10
C GLY A 47 7.09 10.40 -13.09
N ASN A 48 7.89 10.36 -14.18
CA ASN A 48 7.81 11.38 -15.20
C ASN A 48 6.44 11.40 -15.85
N PRO A 49 5.87 10.25 -16.20
CA PRO A 49 4.55 10.20 -16.83
C PRO A 49 3.47 10.85 -16.03
N LYS A 50 3.56 10.78 -14.68
CA LYS A 50 2.58 11.36 -13.80
C LYS A 50 1.20 10.84 -14.16
N PRO A 51 0.96 9.57 -13.87
CA PRO A 51 -0.31 8.93 -14.19
C PRO A 51 -1.49 9.62 -13.53
N PRO A 52 -2.60 9.75 -14.22
CA PRO A 52 -3.80 10.39 -13.66
C PRO A 52 -4.33 9.67 -12.45
N PRO A 53 -4.87 10.38 -11.49
CA PRO A 53 -5.42 9.78 -10.29
C PRO A 53 -6.74 9.12 -10.53
N ASN A 54 -7.08 8.13 -9.67
CA ASN A 54 -8.32 7.42 -9.82
C ASN A 54 -9.19 7.81 -8.66
N LYS A 55 -10.50 8.00 -8.92
CA LYS A 55 -11.43 8.38 -7.87
C LYS A 55 -11.12 9.80 -7.49
N ALA A 56 -11.33 10.14 -6.21
CA ALA A 56 -11.07 11.48 -5.75
C ALA A 56 -10.63 11.38 -4.32
N ARG A 57 -9.83 12.36 -3.86
CA ARG A 57 -9.36 12.35 -2.50
C ARG A 57 -10.51 12.60 -1.58
N ASP A 58 -11.55 13.31 -2.09
CA ASP A 58 -12.72 13.62 -1.29
C ASP A 58 -13.39 12.33 -0.88
N LYS A 59 -13.43 11.34 -1.81
CA LYS A 59 -14.07 10.08 -1.53
C LYS A 59 -13.24 9.31 -0.53
N LEU A 60 -11.92 9.60 -0.47
CA LEU A 60 -11.05 8.91 0.44
C LEU A 60 -11.20 9.52 1.81
N GLN A 61 -11.91 10.67 1.91
CA GLN A 61 -12.10 11.32 3.18
C GLN A 61 -13.48 10.96 3.69
N ARG A 62 -14.14 9.97 3.07
CA ARG A 62 -15.47 9.58 3.49
C ARG A 62 -15.34 8.40 4.41
N LEU A 63 -14.17 8.24 5.02
CA LEU A 63 -13.93 7.14 5.93
C LEU A 63 -13.41 7.71 7.20
N THR A 64 -13.58 6.95 8.29
CA THR A 64 -13.11 7.41 9.58
C THR A 64 -11.63 7.17 9.63
N GLU A 65 -10.98 7.70 10.68
CA GLU A 65 -9.54 7.56 10.81
C GLU A 65 -9.22 6.10 10.96
N VAL A 66 -10.05 5.36 11.70
CA VAL A 66 -9.80 3.96 11.93
C VAL A 66 -10.00 3.20 10.65
N GLN A 67 -11.08 3.54 9.91
CA GLN A 67 -11.37 2.86 8.67
C GLN A 67 -10.25 3.16 7.70
N PHE A 68 -9.74 4.41 7.71
CA PHE A 68 -8.67 4.78 6.82
C PHE A 68 -7.44 3.98 7.18
N LEU A 69 -7.17 3.78 8.50
CA LEU A 69 -6.01 3.02 8.89
C LEU A 69 -6.17 1.60 8.42
N GLU A 70 -7.39 1.06 8.50
CA GLU A 70 -7.63 -0.30 8.07
C GLU A 70 -7.38 -0.38 6.59
N LEU A 71 -7.81 0.66 5.83
CA LEU A 71 -7.61 0.68 4.40
C LEU A 71 -6.13 0.73 4.11
N SER A 72 -5.40 1.58 4.86
CA SER A 72 -3.97 1.73 4.67
C SER A 72 -3.30 0.41 4.95
N THR A 73 -3.75 -0.28 6.02
CA THR A 73 -3.16 -1.55 6.39
C THR A 73 -3.45 -2.57 5.32
N ASP A 74 -4.70 -2.58 4.78
CA ASP A 74 -5.04 -3.54 3.76
C ASP A 74 -4.16 -3.33 2.55
N VAL A 75 -3.92 -2.05 2.16
CA VAL A 75 -3.10 -1.75 1.01
C VAL A 75 -1.68 -2.18 1.30
N TYR A 76 -1.18 -1.86 2.52
CA TYR A 76 0.16 -2.21 2.90
C TYR A 76 0.33 -3.71 2.87
N ASP A 77 -0.63 -4.43 3.48
CA ASP A 77 -0.56 -5.88 3.54
C ASP A 77 -0.57 -6.45 2.14
N GLU A 78 -1.40 -5.89 1.24
CA GLU A 78 -1.45 -6.41 -0.12
C GLU A 78 -0.13 -6.16 -0.80
N LEU A 79 0.46 -4.95 -0.61
CA LEU A 79 1.70 -4.62 -1.26
C LEU A 79 2.82 -5.52 -0.78
N LYS A 80 2.90 -5.80 0.54
CA LYS A 80 3.99 -6.62 1.02
C LYS A 80 3.79 -8.05 0.60
N ARG A 81 2.51 -8.49 0.46
CA ARG A 81 2.24 -9.86 0.08
C ARG A 81 2.77 -10.07 -1.32
N ARG A 82 2.50 -9.11 -2.22
CA ARG A 82 2.94 -9.22 -3.59
C ARG A 82 4.45 -9.18 -3.63
N GLU A 83 5.07 -8.33 -2.80
CA GLU A 83 6.52 -8.22 -2.79
C GLU A 83 7.13 -9.53 -2.37
N GLN A 84 6.51 -10.22 -1.39
CA GLN A 84 7.06 -11.48 -0.92
C GLN A 84 7.01 -12.48 -2.05
N VAL A 85 5.90 -12.47 -2.81
CA VAL A 85 5.75 -13.39 -3.92
C VAL A 85 6.83 -13.11 -4.93
N ALA A 86 7.06 -11.82 -5.21
CA ALA A 86 8.05 -11.42 -6.18
C ALA A 86 9.42 -11.85 -5.75
N ARG A 87 9.72 -11.72 -4.44
CA ARG A 87 11.03 -12.09 -3.94
C ARG A 87 11.22 -13.57 -4.13
N ARG A 88 10.15 -14.36 -3.92
CA ARG A 88 10.25 -15.80 -4.08
C ARG A 88 10.47 -16.09 -5.53
N GLY A 89 9.72 -15.37 -6.40
CA GLY A 89 9.88 -15.52 -7.82
C GLY A 89 8.75 -16.38 -8.33
N PRO A 90 8.50 -16.23 -9.61
CA PRO A 90 7.45 -16.99 -10.29
C PRO A 90 7.82 -18.42 -10.51
N ASN A 91 9.12 -18.75 -10.40
CA ASN A 91 9.57 -20.10 -10.61
C ASN A 91 9.84 -20.69 -9.25
N ALA A 92 9.26 -20.07 -8.21
CA ALA A 92 9.44 -20.56 -6.88
C ALA A 92 8.67 -21.85 -6.75
N PRO A 93 9.11 -22.73 -5.88
CA PRO A 93 8.46 -24.02 -5.66
C PRO A 93 7.02 -23.88 -5.25
N PRO A 94 6.15 -24.72 -5.73
CA PRO A 94 4.73 -24.66 -5.40
C PRO A 94 4.42 -25.05 -3.99
N GLU A 95 5.31 -25.85 -3.37
CA GLU A 95 5.10 -26.29 -2.01
C GLU A 95 5.23 -25.12 -1.08
N THR A 96 6.20 -24.24 -1.36
CA THR A 96 6.43 -23.09 -0.52
C THR A 96 5.82 -21.89 -1.18
N ALA A 97 4.99 -22.12 -2.21
CA ALA A 97 4.36 -21.02 -2.90
C ALA A 97 3.32 -20.42 -1.99
N PRO A 98 3.31 -19.10 -1.94
CA PRO A 98 2.35 -18.37 -1.12
C PRO A 98 0.99 -18.29 -1.76
N PRO A 99 -0.03 -17.95 -1.00
CA PRO A 99 -1.38 -17.83 -1.54
C PRO A 99 -1.47 -16.85 -2.66
N ASP A 100 -2.33 -17.15 -3.66
CA ASP A 100 -2.50 -16.28 -4.79
C ASP A 100 -3.40 -15.15 -4.39
N PHE A 101 -4.05 -15.27 -3.22
CA PHE A 101 -4.92 -14.22 -2.76
C PHE A 101 -4.91 -14.28 -1.26
N LEU A 102 -5.30 -13.17 -0.59
CA LEU A 102 -5.29 -13.14 0.85
C LEU A 102 -6.42 -14.02 1.31
N LEU A 103 -6.10 -14.96 2.23
CA LEU A 103 -7.08 -15.88 2.72
C LEU A 103 -7.97 -15.15 3.69
N PRO A 104 -9.23 -15.54 3.72
CA PRO A 104 -10.21 -14.92 4.59
C PRO A 104 -10.06 -15.35 6.03
N GLN A 105 -10.53 -14.49 6.96
CA GLN A 105 -10.44 -14.81 8.36
C GLN A 105 -11.78 -14.55 8.95
N ASP A 106 -12.07 -15.19 10.11
CA ASP A 106 -13.36 -15.02 10.74
C ASP A 106 -13.30 -13.86 11.71
N ASN A 107 -12.11 -13.22 11.85
CA ASN A 107 -12.01 -12.11 12.77
C ASN A 107 -12.32 -10.83 12.02
N PHE A 108 -12.59 -10.96 10.70
CA PHE A 108 -12.92 -9.81 9.91
C PHE A 108 -14.26 -10.07 9.28
N HIS A 109 -14.99 -8.98 8.97
CA HIS A 109 -16.28 -9.11 8.33
C HIS A 109 -16.04 -9.58 6.93
N PRO A 110 -17.02 -10.26 6.36
CA PRO A 110 -16.91 -10.79 5.00
C PRO A 110 -16.68 -9.74 3.97
N LYS A 111 -17.13 -8.49 4.22
CA LYS A 111 -16.94 -7.43 3.26
C LYS A 111 -15.47 -7.17 3.13
N ARG A 112 -14.73 -7.21 4.25
CA ARG A 112 -13.30 -6.98 4.23
C ARG A 112 -12.63 -8.12 3.52
N ASN A 113 -13.11 -9.35 3.75
CA ASN A 113 -12.51 -10.51 3.13
C ASN A 113 -12.66 -10.39 1.63
N GLN A 114 -13.84 -9.91 1.17
CA GLN A 114 -14.06 -9.76 -0.25
C GLN A 114 -13.19 -8.67 -0.76
N ALA A 115 -13.06 -7.58 0.03
CA ALA A 115 -12.25 -6.46 -0.36
C ALA A 115 -10.82 -6.88 -0.54
N ARG A 116 -10.30 -7.71 0.39
CA ARG A 116 -8.93 -8.17 0.29
C ARG A 116 -8.78 -9.02 -0.95
N GLN A 117 -9.80 -9.86 -1.25
CA GLN A 117 -9.74 -10.72 -2.41
C GLN A 117 -9.72 -9.87 -3.65
N LYS A 118 -10.50 -8.78 -3.66
CA LYS A 118 -10.55 -7.90 -4.82
C LYS A 118 -9.19 -7.28 -5.04
N LEU A 119 -8.47 -6.92 -3.95
CA LEU A 119 -7.16 -6.31 -4.10
C LEU A 119 -6.24 -7.30 -4.73
N SER A 120 -6.34 -8.59 -4.36
CA SER A 120 -5.47 -9.60 -4.92
C SER A 120 -5.89 -9.90 -6.33
N SER A 121 -7.09 -9.44 -6.73
CA SER A 121 -7.57 -9.69 -8.07
C SER A 121 -7.12 -8.57 -8.96
N LEU A 122 -6.46 -7.54 -8.38
CA LEU A 122 -6.00 -6.44 -9.18
C LEU A 122 -4.73 -6.85 -9.84
N GLY A 123 -4.51 -6.34 -11.07
CA GLY A 123 -3.32 -6.70 -11.82
C GLY A 123 -2.77 -5.46 -12.49
N PRO A 124 -3.62 -4.80 -13.27
CA PRO A 124 -3.23 -3.59 -14.00
C PRO A 124 -2.68 -2.50 -13.12
N PRO A 125 -2.03 -1.52 -13.73
CA PRO A 125 -1.41 -0.38 -13.04
C PRO A 125 -2.38 0.43 -12.22
N ARG A 126 -3.67 0.08 -12.30
CA ARG A 126 -4.68 0.78 -11.53
C ARG A 126 -4.33 0.62 -10.08
N PHE A 127 -3.84 -0.58 -9.69
CA PHE A 127 -3.48 -0.83 -8.31
C PHE A 127 -2.30 0.05 -7.96
N ARG A 128 -1.32 0.17 -8.88
CA ARG A 128 -0.15 0.99 -8.61
C ARG A 128 -0.61 2.42 -8.45
N ASP A 129 -1.59 2.84 -9.28
CA ASP A 129 -2.12 4.18 -9.21
C ASP A 129 -2.79 4.37 -7.88
N LEU A 130 -3.43 3.30 -7.37
CA LEU A 130 -4.13 3.36 -6.10
C LEU A 130 -3.11 3.66 -5.03
N ALA A 131 -1.98 2.94 -5.08
CA ALA A 131 -0.92 3.13 -4.11
C ALA A 131 -0.37 4.52 -4.24
N THR A 132 -0.23 5.01 -5.49
CA THR A 132 0.32 6.33 -5.72
C THR A 132 -0.62 7.36 -5.14
N ASP A 133 -1.93 7.18 -5.34
CA ASP A 133 -2.91 8.13 -4.84
C ASP A 133 -2.86 8.16 -3.33
N VAL A 134 -2.70 6.98 -2.69
CA VAL A 134 -2.63 6.94 -1.24
C VAL A 134 -1.40 7.67 -0.79
N PHE A 135 -0.27 7.45 -1.49
CA PHE A 135 0.98 8.11 -1.16
C PHE A 135 0.80 9.60 -1.27
N CYS A 136 0.21 10.06 -2.39
CA CYS A 136 0.00 11.48 -2.61
C CYS A 136 -0.89 12.03 -1.54
N GLU A 137 -1.98 11.30 -1.20
CA GLU A 137 -2.92 11.76 -0.20
C GLU A 137 -2.21 11.93 1.12
N LEU A 138 -1.36 10.95 1.50
CA LEU A 138 -0.66 11.03 2.76
C LEU A 138 0.24 12.22 2.76
N GLU A 139 0.91 12.51 1.62
CA GLU A 139 1.81 13.63 1.56
C GLU A 139 1.05 14.91 1.74
N ARG A 140 -0.14 15.03 1.10
CA ARG A 140 -0.92 16.25 1.21
C ARG A 140 -1.49 16.39 2.59
N ARG A 141 -1.99 15.28 3.17
CA ARG A 141 -2.59 15.34 4.50
C ARG A 141 -1.53 15.58 5.54
N TYR A 142 -0.35 14.95 5.38
CA TYR A 142 0.70 15.10 6.35
C TYR A 142 1.88 15.72 5.66
N PRO A 143 2.01 17.02 5.74
CA PRO A 143 3.14 17.73 5.14
C PRO A 143 4.44 17.33 5.79
N ASN A 144 4.33 16.78 7.01
CA ASN A 144 5.46 16.32 7.75
C ASN A 144 6.09 15.17 6.99
N PHE A 145 5.24 14.36 6.33
CA PHE A 145 5.72 13.20 5.61
C PHE A 145 6.49 13.66 4.42
N ALA A 146 6.21 14.89 3.95
CA ALA A 146 6.90 15.43 2.80
C ALA A 146 8.35 15.64 3.15
N ASN A 147 8.66 15.75 4.47
CA ASN A 147 10.01 15.98 4.89
C ASN A 147 10.55 14.70 5.47
N LEU A 148 10.03 13.54 5.04
CA LEU A 148 10.51 12.28 5.54
C LEU A 148 11.61 11.83 4.65
N GLU A 149 12.81 12.30 4.96
CA GLU A 149 13.98 11.92 4.20
C GLU A 149 14.33 10.53 4.61
N MET A 150 14.70 9.68 3.63
CA MET A 150 15.06 8.32 3.94
C MET A 150 16.47 8.32 4.47
N PRO A 151 16.76 7.40 5.36
CA PRO A 151 18.07 7.27 5.95
C PRO A 151 19.04 6.59 5.04
N LEU A 152 20.35 6.69 5.39
CA LEU A 152 21.39 6.08 4.60
C LEU A 152 21.36 6.65 3.21
N ASN A 153 21.13 7.97 3.10
CA ASN A 153 21.08 8.61 1.81
C ASN A 153 22.47 9.08 1.49
N ALA A 154 23.12 8.41 0.52
CA ALA A 154 24.46 8.78 0.15
C ALA A 154 24.62 8.44 -1.29
N SER A 155 25.51 9.17 -2.00
CA SER A 155 25.73 8.90 -3.40
C SER A 155 27.13 9.40 -3.75
N MET A 21 -0.04 5.78 27.02
CA MET A 21 -0.45 4.39 26.70
C MET A 21 -1.34 4.38 25.48
N GLY A 22 -0.73 4.16 24.30
CA GLY A 22 -1.49 4.13 23.08
C GLY A 22 -0.53 3.95 21.96
N GLU A 23 -1.03 4.02 20.72
CA GLU A 23 -0.18 3.86 19.56
C GLU A 23 -0.42 5.04 18.68
N ASN A 24 0.66 5.54 18.04
CA ASN A 24 0.52 6.69 17.17
C ASN A 24 0.31 6.15 15.78
N GLN A 25 -0.89 6.41 15.21
CA GLN A 25 -1.21 5.93 13.89
C GLN A 25 -0.35 6.62 12.87
N GLU A 26 0.17 7.82 13.22
CA GLU A 26 1.00 8.57 12.30
C GLU A 26 2.25 7.78 12.04
N LEU A 27 2.78 7.14 13.10
CA LEU A 27 4.00 6.37 12.95
C LEU A 27 3.72 5.18 12.07
N VAL A 28 2.53 4.56 12.23
CA VAL A 28 2.19 3.41 11.45
C VAL A 28 2.10 3.80 10.00
N LEU A 29 1.44 4.95 9.72
CA LEU A 29 1.30 5.40 8.35
C LEU A 29 2.63 5.87 7.85
N SER A 30 3.55 6.28 8.74
CA SER A 30 4.85 6.73 8.30
C SER A 30 5.55 5.58 7.62
N ASP A 31 5.45 4.37 8.21
CA ASP A 31 6.07 3.20 7.63
C ASP A 31 5.42 2.90 6.31
N HIS A 32 4.08 3.07 6.24
CA HIS A 32 3.36 2.79 5.01
C HIS A 32 3.81 3.78 3.96
N TYR A 33 3.98 5.04 4.38
CA TYR A 33 4.40 6.11 3.48
C TYR A 33 5.74 5.78 2.90
N ILE A 34 6.69 5.39 3.76
CA ILE A 34 8.03 5.06 3.32
C ILE A 34 7.97 3.89 2.37
N SER A 35 7.18 2.85 2.72
CA SER A 35 7.08 1.68 1.88
C SER A 35 6.51 2.07 0.54
N LEU A 36 5.45 2.90 0.54
CA LEU A 36 4.83 3.32 -0.70
C LEU A 36 5.80 4.13 -1.52
N LYS A 37 6.61 5.00 -0.86
CA LYS A 37 7.55 5.82 -1.58
C LYS A 37 8.57 4.92 -2.25
N ARG A 38 9.06 3.89 -1.52
CA ARG A 38 10.04 3.00 -2.09
C ARG A 38 9.41 2.23 -3.23
N TYR A 39 8.14 1.82 -3.06
CA TYR A 39 7.44 1.08 -4.09
C TYR A 39 7.33 1.93 -5.32
N LEU A 40 6.90 3.20 -5.16
CA LEU A 40 6.74 4.08 -6.30
C LEU A 40 8.09 4.33 -6.93
N SER A 41 9.14 4.48 -6.11
CA SER A 41 10.46 4.74 -6.64
C SER A 41 10.90 3.56 -7.46
N ALA A 42 10.60 2.33 -6.99
CA ALA A 42 11.00 1.14 -7.70
C ALA A 42 10.32 1.10 -9.04
N THR A 43 9.04 1.52 -9.10
CA THR A 43 8.30 1.49 -10.35
C THR A 43 8.66 2.69 -11.19
N SER A 44 9.42 3.65 -10.63
CA SER A 44 9.78 4.83 -11.38
C SER A 44 11.07 4.55 -12.10
N ARG A 45 11.03 3.63 -13.07
CA ARG A 45 12.21 3.29 -13.82
C ARG A 45 11.87 3.48 -15.27
N ASP A 46 12.66 4.34 -15.96
CA ASP A 46 12.45 4.60 -17.37
C ASP A 46 11.05 5.17 -17.55
N GLY A 47 10.65 6.10 -16.66
CA GLY A 47 9.35 6.68 -16.75
C GLY A 47 9.42 8.02 -16.11
N ASN A 48 8.41 8.88 -16.38
CA ASN A 48 8.39 10.19 -15.81
C ASN A 48 7.98 10.07 -14.38
N PRO A 49 8.50 10.94 -13.53
CA PRO A 49 8.19 10.95 -12.11
C PRO A 49 6.81 11.48 -11.83
N LYS A 50 6.22 12.20 -12.80
CA LYS A 50 4.90 12.76 -12.60
C LYS A 50 3.90 11.65 -12.86
N PRO A 51 3.04 11.41 -11.89
CA PRO A 51 2.04 10.37 -12.01
C PRO A 51 0.89 10.78 -12.90
N PRO A 52 0.18 9.81 -13.45
CA PRO A 52 -0.95 10.09 -14.32
C PRO A 52 -2.16 10.53 -13.56
N PRO A 53 -3.10 11.17 -14.21
CA PRO A 53 -4.32 11.65 -13.56
C PRO A 53 -5.23 10.52 -13.17
N ASN A 54 -6.00 10.70 -12.09
CA ASN A 54 -6.90 9.68 -11.64
C ASN A 54 -8.26 10.29 -11.47
N LYS A 55 -9.31 9.45 -11.53
CA LYS A 55 -10.66 9.94 -11.39
C LYS A 55 -11.26 9.25 -10.21
N ALA A 56 -12.28 9.91 -9.59
CA ALA A 56 -12.94 9.35 -8.43
C ALA A 56 -12.04 9.50 -7.24
N ARG A 57 -11.22 10.57 -7.26
CA ARG A 57 -10.30 10.83 -6.17
C ARG A 57 -11.10 11.26 -4.97
N ASP A 58 -12.29 11.85 -5.22
CA ASP A 58 -13.15 12.33 -4.16
C ASP A 58 -13.60 11.20 -3.27
N LYS A 59 -13.57 9.94 -3.76
CA LYS A 59 -14.01 8.83 -2.93
C LYS A 59 -13.13 8.74 -1.71
N LEU A 60 -11.82 8.98 -1.88
CA LEU A 60 -10.89 8.88 -0.78
C LEU A 60 -11.07 10.07 0.14
N GLN A 61 -11.82 11.09 -0.30
CA GLN A 61 -12.02 12.26 0.53
C GLN A 61 -13.29 12.07 1.34
N ARG A 62 -14.00 10.94 1.12
CA ARG A 62 -15.23 10.70 1.84
C ARG A 62 -15.08 9.44 2.62
N LEU A 63 -14.30 9.49 3.71
CA LEU A 63 -14.11 8.31 4.52
C LEU A 63 -13.62 8.79 5.86
N THR A 64 -13.60 7.86 6.85
CA THR A 64 -13.15 8.22 8.16
C THR A 64 -11.69 7.88 8.25
N GLU A 65 -11.03 8.35 9.32
CA GLU A 65 -9.62 8.09 9.51
C GLU A 65 -9.43 6.62 9.70
N VAL A 66 -10.36 5.97 10.42
CA VAL A 66 -10.25 4.56 10.70
C VAL A 66 -10.38 3.79 9.42
N GLN A 67 -11.34 4.20 8.55
CA GLN A 67 -11.53 3.52 7.30
C GLN A 67 -10.28 3.69 6.47
N PHE A 68 -9.68 4.90 6.54
CA PHE A 68 -8.47 5.16 5.77
C PHE A 68 -7.36 4.29 6.29
N LEU A 69 -7.27 4.09 7.63
CA LEU A 69 -6.22 3.27 8.18
C LEU A 69 -6.39 1.86 7.70
N GLU A 70 -7.64 1.37 7.63
CA GLU A 70 -7.87 0.01 7.18
C GLU A 70 -7.44 -0.11 5.74
N LEU A 71 -7.74 0.92 4.90
CA LEU A 71 -7.36 0.87 3.51
C LEU A 71 -5.84 0.90 3.42
N SER A 72 -5.20 1.74 4.27
CA SER A 72 -3.76 1.85 4.25
C SER A 72 -3.15 0.53 4.63
N THR A 73 -3.74 -0.13 5.64
CA THR A 73 -3.24 -1.41 6.11
C THR A 73 -3.44 -2.44 5.05
N ASP A 74 -4.60 -2.44 4.37
CA ASP A 74 -4.86 -3.41 3.33
C ASP A 74 -3.86 -3.25 2.21
N VAL A 75 -3.56 -1.99 1.84
CA VAL A 75 -2.61 -1.74 0.77
C VAL A 75 -1.24 -2.19 1.22
N TYR A 76 -0.86 -1.82 2.46
CA TYR A 76 0.44 -2.18 3.00
C TYR A 76 0.58 -3.69 3.03
N ASP A 77 -0.45 -4.38 3.55
CA ASP A 77 -0.40 -5.82 3.65
C ASP A 77 -0.28 -6.42 2.28
N GLU A 78 -0.99 -5.87 1.27
CA GLU A 78 -0.91 -6.40 -0.07
C GLU A 78 0.50 -6.23 -0.59
N LEU A 79 1.14 -5.07 -0.30
CA LEU A 79 2.48 -4.82 -0.77
C LEU A 79 3.41 -5.85 -0.18
N LYS A 80 3.24 -6.16 1.12
CA LYS A 80 4.10 -7.11 1.78
C LYS A 80 3.89 -8.48 1.19
N ARG A 81 2.64 -8.83 0.87
CA ARG A 81 2.34 -10.13 0.31
C ARG A 81 3.04 -10.26 -1.03
N ARG A 82 2.97 -9.20 -1.85
CA ARG A 82 3.59 -9.22 -3.15
C ARG A 82 5.08 -9.33 -3.02
N GLU A 83 5.68 -8.67 -1.99
CA GLU A 83 7.12 -8.73 -1.81
C GLU A 83 7.52 -10.15 -1.53
N GLN A 84 6.70 -10.88 -0.75
CA GLN A 84 7.01 -12.26 -0.43
C GLN A 84 6.98 -13.08 -1.69
N VAL A 85 6.03 -12.79 -2.59
CA VAL A 85 5.93 -13.51 -3.84
C VAL A 85 7.19 -13.30 -4.62
N ALA A 86 7.69 -12.04 -4.65
CA ALA A 86 8.89 -11.71 -5.37
C ALA A 86 10.06 -12.47 -4.79
N ARG A 87 10.11 -12.59 -3.45
CA ARG A 87 11.20 -13.28 -2.81
C ARG A 87 11.20 -14.72 -3.24
N ARG A 88 10.00 -15.31 -3.41
CA ARG A 88 9.91 -16.70 -3.82
C ARG A 88 10.50 -16.81 -5.20
N GLY A 89 10.15 -15.86 -6.06
CA GLY A 89 10.66 -15.84 -7.41
C GLY A 89 9.66 -16.44 -8.33
N PRO A 90 9.82 -16.12 -9.59
CA PRO A 90 8.93 -16.61 -10.64
C PRO A 90 9.16 -18.06 -10.97
N ASN A 91 10.33 -18.60 -10.57
CA ASN A 91 10.65 -19.97 -10.85
C ASN A 91 10.46 -20.75 -9.59
N ALA A 92 9.69 -20.18 -8.65
CA ALA A 92 9.43 -20.84 -7.39
C ALA A 92 8.50 -21.99 -7.66
N PRO A 93 8.55 -23.01 -6.83
CA PRO A 93 7.71 -24.19 -6.98
C PRO A 93 6.24 -23.84 -6.95
N PRO A 94 5.43 -24.50 -7.76
CA PRO A 94 4.00 -24.22 -7.81
C PRO A 94 3.26 -24.65 -6.58
N GLU A 95 3.81 -25.62 -5.83
CA GLU A 95 3.16 -26.10 -4.63
C GLU A 95 3.20 -25.03 -3.59
N THR A 96 4.34 -24.32 -3.50
CA THR A 96 4.50 -23.29 -2.52
C THR A 96 4.26 -21.97 -3.18
N ALA A 97 3.73 -21.98 -4.40
CA ALA A 97 3.48 -20.74 -5.11
C ALA A 97 2.32 -20.06 -4.46
N PRO A 98 2.35 -18.73 -4.42
CA PRO A 98 1.28 -17.94 -3.84
C PRO A 98 -0.04 -18.14 -4.53
N PRO A 99 -1.14 -18.09 -3.80
CA PRO A 99 -2.46 -18.27 -4.37
C PRO A 99 -2.91 -17.12 -5.19
N ASP A 100 -2.18 -16.00 -5.06
CA ASP A 100 -2.48 -14.78 -5.76
C ASP A 100 -3.78 -14.24 -5.24
N PHE A 101 -4.31 -14.87 -4.16
CA PHE A 101 -5.53 -14.41 -3.58
C PHE A 101 -5.30 -14.35 -2.10
N LEU A 102 -5.61 -13.18 -1.48
CA LEU A 102 -5.43 -13.05 -0.06
C LEU A 102 -6.48 -13.90 0.59
N LEU A 103 -6.05 -14.81 1.48
CA LEU A 103 -6.97 -15.70 2.12
C LEU A 103 -7.62 -14.98 3.28
N PRO A 104 -8.93 -15.05 3.34
CA PRO A 104 -9.69 -14.40 4.40
C PRO A 104 -9.61 -15.11 5.71
N GLN A 105 -9.91 -14.38 6.81
CA GLN A 105 -9.87 -14.98 8.13
C GLN A 105 -11.18 -14.66 8.78
N ASP A 106 -11.63 -15.56 9.69
CA ASP A 106 -12.89 -15.37 10.37
C ASP A 106 -12.78 -14.24 11.36
N ASN A 107 -11.56 -13.96 11.85
CA ASN A 107 -11.38 -12.89 12.81
C ASN A 107 -11.41 -11.56 12.09
N PHE A 108 -11.38 -11.57 10.74
CA PHE A 108 -11.43 -10.34 9.99
C PHE A 108 -12.87 -10.09 9.62
N HIS A 109 -13.26 -8.80 9.53
CA HIS A 109 -14.62 -8.48 9.18
C HIS A 109 -14.83 -8.83 7.74
N PRO A 110 -16.05 -9.18 7.39
CA PRO A 110 -16.39 -9.55 6.02
C PRO A 110 -16.07 -8.50 5.01
N LYS A 111 -16.29 -7.21 5.35
CA LYS A 111 -16.01 -6.13 4.42
C LYS A 111 -14.53 -6.12 4.14
N ARG A 112 -13.71 -6.32 5.19
CA ARG A 112 -12.27 -6.30 5.04
C ARG A 112 -11.86 -7.41 4.12
N ASN A 113 -12.47 -8.60 4.31
CA ASN A 113 -12.14 -9.76 3.50
C ASN A 113 -12.52 -9.49 2.06
N GLN A 114 -13.68 -8.83 1.83
CA GLN A 114 -14.12 -8.55 0.48
C GLN A 114 -13.19 -7.56 -0.13
N ALA A 115 -12.75 -6.58 0.67
CA ALA A 115 -11.87 -5.55 0.19
C ALA A 115 -10.58 -6.18 -0.30
N ARG A 116 -10.07 -7.18 0.44
CA ARG A 116 -8.83 -7.83 0.05
C ARG A 116 -9.05 -8.56 -1.25
N GLN A 117 -10.23 -9.19 -1.42
CA GLN A 117 -10.52 -9.90 -2.65
C GLN A 117 -10.56 -8.93 -3.79
N LYS A 118 -11.15 -7.73 -3.55
CA LYS A 118 -11.25 -6.73 -4.59
C LYS A 118 -9.86 -6.30 -4.98
N LEU A 119 -8.94 -6.15 -4.00
CA LEU A 119 -7.58 -5.73 -4.31
C LEU A 119 -6.91 -6.77 -5.16
N SER A 120 -7.16 -8.06 -4.86
CA SER A 120 -6.54 -9.13 -5.62
C SER A 120 -7.13 -9.16 -7.01
N SER A 121 -8.28 -8.50 -7.21
CA SER A 121 -8.92 -8.49 -8.51
C SER A 121 -8.45 -7.30 -9.29
N LEU A 122 -7.57 -6.46 -8.68
CA LEU A 122 -7.08 -5.30 -9.39
C LEU A 122 -5.77 -5.66 -10.01
N GLY A 123 -5.55 -5.17 -11.25
CA GLY A 123 -4.31 -5.44 -11.94
C GLY A 123 -3.31 -4.46 -11.44
N PRO A 124 -2.07 -4.69 -11.82
CA PRO A 124 -0.95 -3.83 -11.42
C PRO A 124 -1.15 -2.36 -11.69
N PRO A 125 -1.64 -1.94 -12.85
CA PRO A 125 -1.83 -0.51 -13.12
C PRO A 125 -2.82 0.15 -12.19
N ARG A 126 -3.92 -0.56 -11.88
CA ARG A 126 -4.93 -0.02 -11.00
C ARG A 126 -4.38 0.07 -9.62
N PHE A 127 -3.64 -0.98 -9.21
CA PHE A 127 -3.05 -1.00 -7.88
C PHE A 127 -2.00 0.07 -7.79
N ARG A 128 -1.22 0.28 -8.87
CA ARG A 128 -0.19 1.30 -8.86
C ARG A 128 -0.85 2.65 -8.63
N ASP A 129 -1.99 2.88 -9.32
CA ASP A 129 -2.71 4.12 -9.18
C ASP A 129 -3.22 4.23 -7.76
N LEU A 130 -3.67 3.09 -7.19
CA LEU A 130 -4.21 3.06 -5.84
C LEU A 130 -3.12 3.46 -4.89
N ALA A 131 -1.93 2.87 -5.07
CA ALA A 131 -0.80 3.14 -4.22
C ALA A 131 -0.43 4.59 -4.34
N THR A 132 -0.46 5.14 -5.56
CA THR A 132 -0.11 6.53 -5.78
C THR A 132 -1.11 7.40 -5.07
N ASP A 133 -2.41 7.08 -5.19
CA ASP A 133 -3.45 7.88 -4.56
C ASP A 133 -3.28 7.84 -3.06
N VAL A 134 -2.98 6.66 -2.49
CA VAL A 134 -2.83 6.56 -1.05
C VAL A 134 -1.62 7.37 -0.64
N PHE A 135 -0.53 7.27 -1.43
CA PHE A 135 0.68 7.98 -1.12
C PHE A 135 0.44 9.46 -1.11
N CYS A 136 -0.23 10.01 -2.15
CA CYS A 136 -0.44 11.45 -2.20
C CYS A 136 -1.38 11.88 -1.09
N GLU A 137 -2.33 11.01 -0.68
CA GLU A 137 -3.23 11.38 0.39
C GLU A 137 -2.45 11.54 1.66
N LEU A 138 -1.51 10.62 1.92
CA LEU A 138 -0.71 10.70 3.13
C LEU A 138 0.15 11.92 3.08
N GLU A 139 0.72 12.23 1.90
CA GLU A 139 1.58 13.37 1.79
C GLU A 139 0.81 14.64 2.04
N ARG A 140 -0.43 14.75 1.49
CA ARG A 140 -1.21 15.95 1.67
C ARG A 140 -1.69 16.05 3.10
N ARG A 141 -2.14 14.91 3.69
CA ARG A 141 -2.64 14.93 5.04
C ARG A 141 -1.52 15.18 6.01
N TYR A 142 -0.35 14.56 5.76
CA TYR A 142 0.77 14.72 6.65
C TYR A 142 1.91 15.28 5.85
N PRO A 143 2.03 16.58 5.82
CA PRO A 143 3.09 17.25 5.09
C PRO A 143 4.44 17.02 5.70
N ASN A 144 4.46 16.56 6.98
CA ASN A 144 5.71 16.31 7.66
C ASN A 144 6.30 15.02 7.14
N PHE A 145 5.50 14.24 6.37
CA PHE A 145 5.98 12.99 5.85
C PHE A 145 6.97 13.29 4.75
N ALA A 146 6.81 14.47 4.12
CA ALA A 146 7.69 14.85 3.05
C ALA A 146 9.00 15.30 3.65
N ASN A 147 9.04 15.48 4.99
CA ASN A 147 10.23 15.93 5.65
C ASN A 147 10.83 14.77 6.40
N LEU A 148 10.49 13.51 6.03
CA LEU A 148 11.03 12.37 6.72
C LEU A 148 12.41 12.13 6.16
N GLU A 149 12.66 10.90 5.69
CA GLU A 149 13.96 10.56 5.16
C GLU A 149 13.82 9.25 4.45
N MET A 150 14.84 8.90 3.64
CA MET A 150 14.81 7.64 2.92
C MET A 150 16.11 6.95 3.20
N PRO A 151 16.08 5.64 3.20
CA PRO A 151 17.26 4.83 3.46
C PRO A 151 18.15 4.71 2.26
N LEU A 152 19.38 4.19 2.49
CA LEU A 152 20.33 4.01 1.42
C LEU A 152 20.65 5.34 0.82
N ASN A 153 20.86 6.37 1.68
CA ASN A 153 21.16 7.69 1.20
C ASN A 153 22.66 7.79 1.08
N ALA A 154 23.15 8.96 0.61
CA ALA A 154 24.57 9.13 0.46
C ALA A 154 24.84 10.60 0.61
N SER A 155 26.08 10.95 1.02
CA SER A 155 26.42 12.34 1.19
C SER A 155 27.94 12.47 1.00
N MET A 21 -1.88 2.87 26.84
CA MET A 21 -1.78 1.71 25.91
C MET A 21 -2.48 2.00 24.63
N GLY A 22 -1.71 2.20 23.54
CA GLY A 22 -2.31 2.49 22.27
C GLY A 22 -1.20 2.60 21.28
N GLU A 23 -1.55 2.88 20.00
CA GLU A 23 -0.55 3.00 18.98
C GLU A 23 -0.85 4.26 18.23
N ASN A 24 0.22 4.91 17.70
CA ASN A 24 0.03 6.13 16.96
C ASN A 24 -0.19 5.74 15.52
N GLN A 25 -1.40 6.05 15.00
CA GLN A 25 -1.72 5.70 13.63
C GLN A 25 -0.85 6.47 12.68
N GLU A 26 -0.34 7.64 13.12
CA GLU A 26 0.50 8.43 12.27
C GLU A 26 1.78 7.69 12.02
N LEU A 27 2.31 7.02 13.05
CA LEU A 27 3.55 6.28 12.90
C LEU A 27 3.32 5.11 11.97
N VAL A 28 2.13 4.47 12.08
CA VAL A 28 1.82 3.34 11.24
C VAL A 28 1.81 3.79 9.80
N LEU A 29 1.16 4.92 9.51
CA LEU A 29 1.09 5.40 8.15
C LEU A 29 2.45 5.92 7.73
N SER A 30 3.31 6.30 8.69
CA SER A 30 4.63 6.79 8.33
C SER A 30 5.39 5.65 7.69
N ASP A 31 5.26 4.44 8.27
CA ASP A 31 5.95 3.29 7.73
C ASP A 31 5.35 2.94 6.39
N HIS A 32 4.02 3.08 6.26
CA HIS A 32 3.34 2.77 5.02
C HIS A 32 3.82 3.74 3.97
N TYR A 33 3.97 5.01 4.37
CA TYR A 33 4.42 6.06 3.48
C TYR A 33 5.77 5.71 2.94
N ILE A 34 6.70 5.33 3.84
CA ILE A 34 8.04 4.97 3.43
C ILE A 34 7.98 3.77 2.52
N SER A 35 7.14 2.78 2.86
CA SER A 35 7.02 1.58 2.04
C SER A 35 6.53 1.96 0.67
N LEU A 36 5.53 2.86 0.59
CA LEU A 36 5.00 3.28 -0.68
C LEU A 36 6.06 3.99 -1.46
N LYS A 37 6.90 4.80 -0.77
CA LYS A 37 7.95 5.52 -1.46
C LYS A 37 8.90 4.53 -2.08
N ARG A 38 9.27 3.47 -1.32
CA ARG A 38 10.17 2.47 -1.85
C ARG A 38 9.52 1.75 -3.00
N TYR A 39 8.21 1.46 -2.87
CA TYR A 39 7.49 0.76 -3.92
C TYR A 39 7.50 1.60 -5.18
N LEU A 40 7.18 2.91 -5.05
CA LEU A 40 7.14 3.78 -6.20
C LEU A 40 8.52 3.89 -6.78
N SER A 41 9.55 3.96 -5.91
CA SER A 41 10.92 4.07 -6.37
C SER A 41 11.26 2.83 -7.16
N ALA A 42 10.81 1.66 -6.68
CA ALA A 42 11.10 0.42 -7.36
C ALA A 42 10.49 0.43 -8.74
N THR A 43 9.25 0.96 -8.87
CA THR A 43 8.59 0.97 -10.17
C THR A 43 9.28 1.96 -11.08
N SER A 44 9.79 3.09 -10.52
CA SER A 44 10.46 4.05 -11.36
C SER A 44 11.44 4.78 -10.49
N ARG A 45 12.73 4.79 -10.91
CA ARG A 45 13.75 5.46 -10.13
C ARG A 45 13.45 6.93 -10.11
N ASP A 46 13.07 7.49 -11.28
CA ASP A 46 12.78 8.90 -11.34
C ASP A 46 11.88 9.10 -12.53
N GLY A 47 10.56 9.17 -12.28
CA GLY A 47 9.64 9.37 -13.35
C GLY A 47 8.28 9.49 -12.74
N ASN A 48 7.27 9.82 -13.59
CA ASN A 48 5.90 9.98 -13.12
C ASN A 48 5.88 10.95 -11.96
N PRO A 49 6.22 12.20 -12.22
CA PRO A 49 6.25 13.22 -11.20
C PRO A 49 4.89 13.56 -10.67
N LYS A 50 3.85 13.35 -11.50
CA LYS A 50 2.51 13.63 -11.09
C LYS A 50 1.68 12.47 -11.53
N PRO A 51 0.64 12.18 -10.77
CA PRO A 51 -0.26 11.07 -11.09
C PRO A 51 -1.17 11.39 -12.24
N PRO A 52 -1.63 10.39 -12.95
CA PRO A 52 -2.53 10.58 -14.08
C PRO A 52 -3.92 10.91 -13.63
N PRO A 53 -4.72 11.50 -14.48
CA PRO A 53 -6.09 11.86 -14.13
C PRO A 53 -6.93 10.68 -13.69
N ASN A 54 -7.72 10.88 -12.63
CA ASN A 54 -8.55 9.82 -12.13
C ASN A 54 -9.65 10.47 -11.37
N LYS A 55 -10.91 10.05 -11.63
CA LYS A 55 -12.04 10.64 -10.93
C LYS A 55 -12.37 9.74 -9.78
N ALA A 56 -11.91 10.12 -8.58
CA ALA A 56 -12.20 9.33 -7.40
C ALA A 56 -11.80 10.13 -6.20
N ARG A 57 -11.83 11.47 -6.35
CA ARG A 57 -11.44 12.35 -5.26
C ARG A 57 -12.48 12.24 -4.17
N ASP A 58 -13.76 12.15 -4.56
CA ASP A 58 -14.83 12.07 -3.58
C ASP A 58 -14.81 10.72 -2.92
N LYS A 59 -14.25 9.70 -3.60
CA LYS A 59 -14.20 8.37 -3.04
C LYS A 59 -13.35 8.39 -1.80
N LEU A 60 -12.22 9.11 -1.85
CA LEU A 60 -11.33 9.15 -0.71
C LEU A 60 -11.85 10.13 0.31
N GLN A 61 -12.85 10.96 -0.06
CA GLN A 61 -13.38 11.92 0.88
C GLN A 61 -14.59 11.33 1.56
N ARG A 62 -15.00 10.10 1.17
CA ARG A 62 -16.17 9.50 1.77
C ARG A 62 -15.73 8.28 2.51
N LEU A 63 -15.02 8.48 3.65
CA LEU A 63 -14.58 7.38 4.43
C LEU A 63 -14.13 7.92 5.75
N THR A 64 -14.04 7.04 6.76
CA THR A 64 -13.61 7.46 8.06
C THR A 64 -12.13 7.26 8.15
N GLU A 65 -11.51 7.78 9.22
CA GLU A 65 -10.09 7.66 9.41
C GLU A 65 -9.75 6.21 9.59
N VAL A 66 -10.62 5.48 10.31
CA VAL A 66 -10.38 4.07 10.57
C VAL A 66 -10.47 3.32 9.28
N GLN A 67 -11.46 3.65 8.44
CA GLN A 67 -11.61 2.97 7.17
C GLN A 67 -10.40 3.28 6.33
N PHE A 68 -9.91 4.53 6.40
CA PHE A 68 -8.74 4.91 5.65
C PHE A 68 -7.57 4.07 6.10
N LEU A 69 -7.42 3.87 7.44
CA LEU A 69 -6.31 3.08 7.94
C LEU A 69 -6.45 1.67 7.45
N GLU A 70 -7.70 1.14 7.44
CA GLU A 70 -7.92 -0.21 6.99
C GLU A 70 -7.55 -0.31 5.54
N LEU A 71 -7.90 0.71 4.73
CA LEU A 71 -7.58 0.68 3.32
C LEU A 71 -6.09 0.74 3.15
N SER A 72 -5.42 1.64 3.92
CA SER A 72 -3.99 1.79 3.80
C SER A 72 -3.32 0.48 4.19
N THR A 73 -3.80 -0.14 5.28
CA THR A 73 -3.22 -1.38 5.77
C THR A 73 -3.48 -2.48 4.77
N ASP A 74 -4.69 -2.55 4.20
CA ASP A 74 -4.99 -3.60 3.26
C ASP A 74 -4.10 -3.47 2.05
N VAL A 75 -3.87 -2.23 1.56
CA VAL A 75 -3.00 -2.03 0.42
C VAL A 75 -1.60 -2.41 0.80
N TYR A 76 -1.18 -1.98 2.01
CA TYR A 76 0.15 -2.26 2.51
C TYR A 76 0.36 -3.76 2.58
N ASP A 77 -0.64 -4.48 3.13
CA ASP A 77 -0.54 -5.91 3.27
C ASP A 77 -0.36 -6.54 1.90
N GLU A 78 -1.12 -6.11 0.87
CA GLU A 78 -0.98 -6.71 -0.44
C GLU A 78 0.39 -6.41 -0.96
N LEU A 79 0.89 -5.17 -0.77
CA LEU A 79 2.20 -4.80 -1.27
C LEU A 79 3.25 -5.68 -0.64
N LYS A 80 3.12 -5.96 0.67
CA LYS A 80 4.10 -6.77 1.35
C LYS A 80 4.07 -8.17 0.78
N ARG A 81 2.86 -8.70 0.48
CA ARG A 81 2.74 -10.03 -0.05
C ARG A 81 3.39 -10.08 -1.42
N ARG A 82 3.22 -9.01 -2.22
CA ARG A 82 3.79 -8.98 -3.54
C ARG A 82 5.30 -9.02 -3.42
N GLU A 83 5.85 -8.30 -2.41
CA GLU A 83 7.27 -8.26 -2.22
C GLU A 83 7.77 -9.63 -1.82
N GLN A 84 6.99 -10.35 -0.98
CA GLN A 84 7.40 -11.67 -0.55
C GLN A 84 7.45 -12.59 -1.73
N VAL A 85 6.46 -12.46 -2.64
CA VAL A 85 6.42 -13.31 -3.82
C VAL A 85 7.63 -13.02 -4.66
N ALA A 86 7.97 -11.72 -4.79
CA ALA A 86 9.11 -11.31 -5.58
C ALA A 86 10.38 -11.87 -5.01
N ARG A 87 10.49 -11.88 -3.66
CA ARG A 87 11.70 -12.39 -3.04
C ARG A 87 11.85 -13.85 -3.38
N ARG A 88 10.73 -14.59 -3.43
CA ARG A 88 10.80 -16.00 -3.74
C ARG A 88 11.26 -16.14 -5.17
N GLY A 89 10.70 -15.28 -6.04
CA GLY A 89 11.08 -15.28 -7.43
C GLY A 89 10.07 -16.06 -8.22
N PRO A 90 10.11 -15.82 -9.50
CA PRO A 90 9.20 -16.47 -10.44
C PRO A 90 9.57 -17.90 -10.71
N ASN A 91 10.81 -18.30 -10.33
CA ASN A 91 11.25 -19.65 -10.54
C ASN A 91 11.11 -20.39 -9.24
N ALA A 92 10.34 -19.79 -8.31
CA ALA A 92 10.12 -20.41 -7.03
C ALA A 92 9.21 -21.60 -7.25
N PRO A 93 9.36 -22.61 -6.43
CA PRO A 93 8.55 -23.81 -6.54
C PRO A 93 7.11 -23.57 -6.14
N PRO A 94 6.20 -24.33 -6.70
CA PRO A 94 4.78 -24.18 -6.41
C PRO A 94 4.39 -24.61 -5.03
N GLU A 95 5.22 -25.44 -4.39
CA GLU A 95 4.92 -25.93 -3.06
C GLU A 95 4.94 -24.80 -2.09
N THR A 96 5.92 -23.88 -2.25
CA THR A 96 6.05 -22.77 -1.34
C THR A 96 5.50 -21.55 -2.03
N ALA A 97 4.79 -21.75 -3.15
CA ALA A 97 4.26 -20.62 -3.88
C ALA A 97 3.05 -20.10 -3.13
N PRO A 98 3.05 -18.83 -2.80
CA PRO A 98 1.94 -18.21 -2.10
C PRO A 98 0.77 -17.97 -3.01
N PRO A 99 -0.43 -17.91 -2.47
CA PRO A 99 -1.61 -17.68 -3.27
C PRO A 99 -1.70 -16.28 -3.77
N ASP A 100 -2.30 -16.10 -4.98
CA ASP A 100 -2.43 -14.79 -5.55
C ASP A 100 -3.75 -14.23 -5.10
N PHE A 101 -4.51 -15.02 -4.30
CA PHE A 101 -5.78 -14.60 -3.82
C PHE A 101 -5.68 -14.55 -2.34
N LEU A 102 -5.98 -13.38 -1.74
CA LEU A 102 -5.89 -13.25 -0.30
C LEU A 102 -7.02 -14.05 0.29
N LEU A 103 -6.72 -14.79 1.37
CA LEU A 103 -7.72 -15.62 1.98
C LEU A 103 -8.21 -14.93 3.21
N PRO A 104 -9.47 -15.13 3.52
CA PRO A 104 -10.10 -14.52 4.69
C PRO A 104 -9.71 -15.16 5.98
N GLN A 105 -9.83 -14.38 7.08
CA GLN A 105 -9.50 -14.90 8.38
C GLN A 105 -10.67 -14.57 9.28
N ASP A 106 -10.83 -15.33 10.37
CA ASP A 106 -11.95 -15.12 11.27
C ASP A 106 -11.58 -14.08 12.30
N ASN A 107 -10.32 -13.58 12.29
CA ASN A 107 -9.94 -12.60 13.27
C ASN A 107 -10.22 -11.22 12.71
N PHE A 108 -10.73 -11.16 11.47
CA PHE A 108 -11.05 -9.89 10.85
C PHE A 108 -12.49 -9.93 10.45
N HIS A 109 -13.12 -8.75 10.31
CA HIS A 109 -14.51 -8.68 9.92
C HIS A 109 -14.60 -9.11 8.48
N PRO A 110 -15.71 -9.70 8.12
CA PRO A 110 -15.92 -10.18 6.75
C PRO A 110 -15.90 -9.09 5.72
N LYS A 111 -16.36 -7.88 6.09
CA LYS A 111 -16.39 -6.78 5.14
C LYS A 111 -14.97 -6.42 4.81
N ARG A 112 -14.08 -6.44 5.84
CA ARG A 112 -12.69 -6.11 5.66
C ARG A 112 -12.06 -7.17 4.79
N ASN A 113 -12.45 -8.44 5.02
CA ASN A 113 -11.90 -9.55 4.26
C ASN A 113 -12.29 -9.39 2.81
N GLN A 114 -13.51 -8.92 2.53
CA GLN A 114 -13.96 -8.75 1.16
C GLN A 114 -13.10 -7.72 0.50
N ALA A 115 -12.74 -6.68 1.26
CA ALA A 115 -11.92 -5.62 0.75
C ALA A 115 -10.59 -6.19 0.32
N ARG A 116 -10.03 -7.11 1.12
CA ARG A 116 -8.75 -7.71 0.77
C ARG A 116 -8.91 -8.53 -0.49
N GLN A 117 -10.04 -9.25 -0.61
CA GLN A 117 -10.28 -10.10 -1.76
C GLN A 117 -10.38 -9.23 -2.99
N LYS A 118 -11.04 -8.06 -2.87
CA LYS A 118 -11.19 -7.18 -4.01
C LYS A 118 -9.84 -6.69 -4.44
N LEU A 119 -8.95 -6.36 -3.47
CA LEU A 119 -7.63 -5.87 -3.80
C LEU A 119 -6.85 -6.95 -4.49
N SER A 120 -6.98 -8.21 -4.04
CA SER A 120 -6.23 -9.29 -4.64
C SER A 120 -6.80 -9.60 -6.00
N SER A 121 -8.00 -9.06 -6.30
CA SER A 121 -8.62 -9.32 -7.59
C SER A 121 -8.18 -8.25 -8.54
N LEU A 122 -7.36 -7.28 -8.06
CA LEU A 122 -6.91 -6.22 -8.93
C LEU A 122 -5.77 -6.74 -9.75
N GLY A 123 -5.66 -6.20 -10.98
CA GLY A 123 -4.63 -6.62 -11.90
C GLY A 123 -4.10 -5.39 -12.59
N PRO A 124 -5.00 -4.64 -13.21
CA PRO A 124 -4.64 -3.40 -13.92
C PRO A 124 -3.92 -2.40 -13.06
N PRO A 125 -3.26 -1.43 -13.70
CA PRO A 125 -2.50 -0.40 -13.01
C PRO A 125 -3.32 0.45 -12.08
N ARG A 126 -4.64 0.19 -12.00
CA ARG A 126 -5.49 0.93 -11.12
C ARG A 126 -5.00 0.73 -9.71
N PHE A 127 -4.52 -0.50 -9.41
CA PHE A 127 -4.00 -0.80 -8.09
C PHE A 127 -2.84 0.13 -7.80
N ARG A 128 -1.89 0.21 -8.74
CA ARG A 128 -0.73 1.06 -8.55
C ARG A 128 -1.17 2.50 -8.49
N ASP A 129 -2.17 2.88 -9.32
CA ASP A 129 -2.65 4.24 -9.36
C ASP A 129 -3.23 4.62 -8.02
N LEU A 130 -3.96 3.69 -7.35
CA LEU A 130 -4.57 4.03 -6.07
C LEU A 130 -3.47 4.10 -5.04
N ALA A 131 -2.40 3.29 -5.22
CA ALA A 131 -1.30 3.30 -4.29
C ALA A 131 -0.64 4.65 -4.36
N THR A 132 -0.50 5.19 -5.58
CA THR A 132 0.11 6.49 -5.77
C THR A 132 -0.78 7.54 -5.16
N ASP A 133 -2.11 7.41 -5.35
CA ASP A 133 -3.04 8.36 -4.81
C ASP A 133 -2.94 8.36 -3.30
N VAL A 134 -2.80 7.18 -2.68
CA VAL A 134 -2.70 7.09 -1.24
C VAL A 134 -1.43 7.80 -0.82
N PHE A 135 -0.33 7.57 -1.55
CA PHE A 135 0.94 8.20 -1.23
C PHE A 135 0.78 9.70 -1.29
N CYS A 136 0.16 10.21 -2.38
CA CYS A 136 -0.01 11.64 -2.53
C CYS A 136 -0.89 12.17 -1.43
N GLU A 137 -1.97 11.44 -1.07
CA GLU A 137 -2.86 11.90 -0.03
C GLU A 137 -2.13 11.95 1.27
N LEU A 138 -1.27 10.96 1.56
CA LEU A 138 -0.55 10.96 2.82
C LEU A 138 0.39 12.13 2.86
N GLU A 139 1.05 12.47 1.74
CA GLU A 139 1.97 13.56 1.74
C GLU A 139 1.25 14.86 1.98
N ARG A 140 0.09 15.08 1.32
CA ARG A 140 -0.65 16.31 1.52
C ARG A 140 -1.26 16.34 2.89
N ARG A 141 -1.81 15.19 3.34
CA ARG A 141 -2.47 15.12 4.62
C ARG A 141 -1.46 15.33 5.72
N TYR A 142 -0.28 14.71 5.58
CA TYR A 142 0.75 14.83 6.58
C TYR A 142 1.96 15.43 5.90
N PRO A 143 2.07 16.75 5.94
CA PRO A 143 3.18 17.43 5.31
C PRO A 143 4.50 17.13 5.97
N ASN A 144 4.44 16.60 7.21
CA ASN A 144 5.66 16.26 7.91
C ASN A 144 6.19 14.97 7.37
N PHE A 145 5.41 14.27 6.50
CA PHE A 145 5.87 13.03 5.94
C PHE A 145 6.89 13.36 4.88
N ALA A 146 6.89 14.62 4.42
CA ALA A 146 7.84 15.04 3.40
C ALA A 146 9.20 15.13 4.03
N ASN A 147 9.26 15.15 5.39
CA ASN A 147 10.52 15.24 6.07
C ASN A 147 10.92 13.86 6.54
N LEU A 148 10.26 12.81 6.00
CA LEU A 148 10.58 11.46 6.41
C LEU A 148 11.70 11.00 5.55
N GLU A 149 12.91 11.27 6.04
CA GLU A 149 14.10 10.86 5.33
C GLU A 149 14.24 9.38 5.52
N MET A 150 14.97 8.74 4.58
CA MET A 150 15.16 7.32 4.66
C MET A 150 16.51 7.07 5.29
N PRO A 151 16.61 5.98 6.02
CA PRO A 151 17.84 5.62 6.70
C PRO A 151 18.87 5.04 5.78
N LEU A 152 18.43 4.74 4.56
CA LEU A 152 19.30 4.17 3.58
C LEU A 152 19.55 5.22 2.53
N ASN A 153 20.82 5.36 2.11
CA ASN A 153 21.15 6.35 1.11
C ASN A 153 22.37 5.85 0.42
N ALA A 154 22.40 5.96 -0.93
CA ALA A 154 23.53 5.51 -1.68
C ALA A 154 23.60 6.35 -2.93
N SER A 155 24.82 6.52 -3.47
CA SER A 155 24.98 7.30 -4.67
C SER A 155 26.27 6.84 -5.35
N MET A 21 -0.12 -3.26 16.74
CA MET A 21 0.36 -2.81 18.08
C MET A 21 1.30 -1.65 17.95
N GLY A 22 0.83 -0.44 18.30
CA GLY A 22 1.66 0.73 18.21
C GLY A 22 0.87 1.89 18.71
N GLU A 23 1.48 3.08 18.71
CA GLU A 23 0.80 4.26 19.18
C GLU A 23 1.03 5.33 18.16
N ASN A 24 0.03 6.22 17.98
CA ASN A 24 0.14 7.31 17.03
C ASN A 24 -0.04 6.75 15.64
N GLN A 25 -1.21 7.04 15.03
CA GLN A 25 -1.48 6.54 13.70
C GLN A 25 -0.56 7.21 12.71
N GLU A 26 -0.05 8.41 13.07
CA GLU A 26 0.83 9.13 12.19
C GLU A 26 2.10 8.35 12.02
N LEU A 27 2.58 7.74 13.12
CA LEU A 27 3.81 6.98 13.06
C LEU A 27 3.59 5.75 12.21
N VAL A 28 2.41 5.13 12.34
CA VAL A 28 2.13 3.93 11.57
C VAL A 28 2.10 4.28 10.11
N LEU A 29 1.42 5.38 9.75
CA LEU A 29 1.32 5.78 8.37
C LEU A 29 2.64 6.30 7.88
N SER A 30 3.53 6.79 8.78
CA SER A 30 4.81 7.29 8.32
C SER A 30 5.61 6.13 7.79
N ASP A 31 5.47 4.94 8.43
CA ASP A 31 6.19 3.78 7.98
C ASP A 31 5.62 3.35 6.66
N HIS A 32 4.28 3.44 6.52
CA HIS A 32 3.63 3.04 5.29
C HIS A 32 4.06 3.99 4.21
N TYR A 33 4.16 5.29 4.56
CA TYR A 33 4.56 6.32 3.62
C TYR A 33 5.94 6.01 3.09
N ILE A 34 6.88 5.73 4.01
CA ILE A 34 8.25 5.41 3.62
C ILE A 34 8.24 4.18 2.75
N SER A 35 7.45 3.16 3.14
CA SER A 35 7.41 1.92 2.38
C SER A 35 6.89 2.20 0.99
N LEU A 36 5.85 3.05 0.89
CA LEU A 36 5.28 3.39 -0.40
C LEU A 36 6.31 4.14 -1.21
N LYS A 37 7.07 5.03 -0.56
CA LYS A 37 8.08 5.80 -1.25
C LYS A 37 9.10 4.85 -1.82
N ARG A 38 9.50 3.82 -1.02
CA ARG A 38 10.46 2.85 -1.49
C ARG A 38 9.88 2.10 -2.66
N TYR A 39 8.58 1.75 -2.58
CA TYR A 39 7.93 1.02 -3.65
C TYR A 39 7.95 1.84 -4.91
N LEU A 40 7.56 3.13 -4.80
CA LEU A 40 7.52 4.00 -5.97
C LEU A 40 8.92 4.17 -6.50
N SER A 41 9.91 4.30 -5.59
CA SER A 41 11.29 4.49 -5.98
C SER A 41 11.76 3.27 -6.73
N ALA A 42 11.30 2.08 -6.30
CA ALA A 42 11.70 0.84 -6.94
C ALA A 42 11.29 0.83 -8.38
N THR A 43 10.11 1.40 -8.71
CA THR A 43 9.66 1.41 -10.09
C THR A 43 10.50 2.36 -10.89
N SER A 44 11.29 3.23 -10.20
CA SER A 44 12.17 4.18 -10.85
C SER A 44 11.34 5.26 -11.49
N ARG A 45 11.96 6.01 -12.42
CA ARG A 45 11.28 7.10 -13.08
C ARG A 45 10.56 6.55 -14.29
N ASP A 46 10.75 5.24 -14.56
CA ASP A 46 10.10 4.63 -15.69
C ASP A 46 8.77 4.11 -15.23
N GLY A 47 8.48 4.27 -13.92
CA GLY A 47 7.22 3.81 -13.39
C GLY A 47 6.39 5.00 -13.05
N ASN A 48 6.30 5.32 -11.75
CA ASN A 48 5.51 6.45 -11.33
C ASN A 48 6.29 7.19 -10.29
N PRO A 49 7.20 8.04 -10.73
CA PRO A 49 8.03 8.82 -9.83
C PRO A 49 7.28 9.92 -9.13
N LYS A 50 6.22 10.44 -9.79
CA LYS A 50 5.44 11.49 -9.20
C LYS A 50 3.99 11.14 -9.42
N PRO A 51 3.15 11.54 -8.51
CA PRO A 51 1.73 11.25 -8.61
C PRO A 51 1.03 12.12 -9.63
N PRO A 52 0.13 11.57 -10.41
CA PRO A 52 -0.60 12.33 -11.40
C PRO A 52 -1.78 13.04 -10.81
N PRO A 53 -2.14 14.19 -11.35
CA PRO A 53 -3.29 14.94 -10.84
C PRO A 53 -4.57 14.17 -10.96
N ASN A 54 -5.43 14.24 -9.92
CA ASN A 54 -6.67 13.52 -9.96
C ASN A 54 -7.58 14.15 -8.95
N LYS A 55 -8.85 13.69 -8.93
CA LYS A 55 -9.81 14.23 -7.99
C LYS A 55 -10.35 13.07 -7.20
N ALA A 56 -9.53 12.02 -7.01
CA ALA A 56 -9.96 10.86 -6.27
C ALA A 56 -9.76 11.10 -4.81
N ARG A 57 -9.22 12.29 -4.47
CA ARG A 57 -8.98 12.63 -3.10
C ARG A 57 -10.30 12.85 -2.42
N ASP A 58 -11.34 13.22 -3.20
CA ASP A 58 -12.66 13.45 -2.64
C ASP A 58 -13.21 12.13 -2.17
N LYS A 59 -12.96 11.06 -2.95
CA LYS A 59 -13.45 9.74 -2.61
C LYS A 59 -12.82 9.28 -1.33
N LEU A 60 -11.53 9.61 -1.13
CA LEU A 60 -10.83 9.19 0.06
C LEU A 60 -11.33 9.95 1.26
N GLN A 61 -12.13 11.01 1.05
CA GLN A 61 -12.65 11.78 2.16
C GLN A 61 -14.03 11.29 2.49
N ARG A 62 -14.46 10.16 1.86
CA ARG A 62 -15.79 9.64 2.11
C ARG A 62 -15.67 8.49 3.07
N LEU A 63 -14.69 8.56 3.99
CA LEU A 63 -14.51 7.49 4.93
C LEU A 63 -13.85 8.07 6.14
N THR A 64 -13.89 7.32 7.27
CA THR A 64 -13.30 7.79 8.49
C THR A 64 -11.83 7.50 8.46
N GLU A 65 -11.08 8.08 9.42
CA GLU A 65 -9.65 7.87 9.47
C GLU A 65 -9.36 6.44 9.84
N VAL A 66 -10.30 5.80 10.59
CA VAL A 66 -10.09 4.43 10.98
C VAL A 66 -10.20 3.57 9.76
N GLN A 67 -11.20 3.87 8.91
CA GLN A 67 -11.38 3.13 7.69
C GLN A 67 -10.18 3.36 6.82
N PHE A 68 -9.67 4.60 6.83
CA PHE A 68 -8.51 4.93 6.04
C PHE A 68 -7.34 4.10 6.52
N LEU A 69 -7.17 3.96 7.85
CA LEU A 69 -6.06 3.16 8.36
C LEU A 69 -6.23 1.73 7.93
N GLU A 70 -7.48 1.22 7.94
CA GLU A 70 -7.72 -0.14 7.54
C GLU A 70 -7.35 -0.28 6.09
N LEU A 71 -7.70 0.73 5.26
CA LEU A 71 -7.37 0.68 3.85
C LEU A 71 -5.88 0.71 3.68
N SER A 72 -5.19 1.59 4.46
CA SER A 72 -3.74 1.70 4.37
C SER A 72 -3.12 0.39 4.75
N THR A 73 -3.65 -0.26 5.80
CA THR A 73 -3.11 -1.53 6.25
C THR A 73 -3.38 -2.59 5.22
N ASP A 74 -4.59 -2.60 4.63
CA ASP A 74 -4.92 -3.60 3.63
C ASP A 74 -4.00 -3.45 2.44
N VAL A 75 -3.74 -2.19 2.01
CA VAL A 75 -2.87 -1.96 0.87
C VAL A 75 -1.48 -2.38 1.25
N TYR A 76 -1.04 -2.02 2.47
CA TYR A 76 0.29 -2.34 2.93
C TYR A 76 0.47 -3.83 2.94
N ASP A 77 -0.50 -4.55 3.53
CA ASP A 77 -0.43 -5.99 3.61
C ASP A 77 -0.43 -6.59 2.22
N GLU A 78 -1.25 -6.04 1.30
CA GLU A 78 -1.32 -6.57 -0.04
C GLU A 78 0.00 -6.40 -0.73
N LEU A 79 0.67 -5.23 -0.52
CA LEU A 79 1.95 -4.97 -1.15
C LEU A 79 2.96 -5.99 -0.70
N LYS A 80 2.92 -6.37 0.61
CA LYS A 80 3.87 -7.34 1.11
C LYS A 80 3.69 -8.65 0.40
N ARG A 81 2.43 -9.05 0.13
CA ARG A 81 2.18 -10.30 -0.54
C ARG A 81 2.76 -10.25 -1.93
N ARG A 82 2.62 -9.09 -2.61
CA ARG A 82 3.14 -8.95 -3.94
C ARG A 82 4.65 -9.08 -3.91
N GLU A 83 5.28 -8.50 -2.86
CA GLU A 83 6.72 -8.55 -2.73
C GLU A 83 7.16 -9.97 -2.55
N GLN A 84 6.40 -10.77 -1.77
CA GLN A 84 6.78 -12.15 -1.54
C GLN A 84 6.78 -12.89 -2.84
N VAL A 85 5.78 -12.62 -3.70
CA VAL A 85 5.68 -13.29 -4.97
C VAL A 85 6.88 -12.92 -5.81
N ALA A 86 7.25 -11.63 -5.78
CA ALA A 86 8.39 -11.15 -6.54
C ALA A 86 9.65 -11.82 -6.09
N ARG A 87 9.79 -12.00 -4.75
CA ARG A 87 10.98 -12.63 -4.22
C ARG A 87 11.06 -14.04 -4.71
N ARG A 88 9.90 -14.73 -4.82
CA ARG A 88 9.89 -16.10 -5.27
C ARG A 88 10.35 -16.11 -6.71
N GLY A 89 9.84 -15.15 -7.50
CA GLY A 89 10.24 -15.04 -8.88
C GLY A 89 9.27 -15.81 -9.72
N PRO A 90 9.45 -15.65 -11.01
CA PRO A 90 8.62 -16.31 -12.00
C PRO A 90 8.93 -17.77 -12.11
N ASN A 91 7.90 -18.59 -12.43
CA ASN A 91 8.08 -20.02 -12.56
C ASN A 91 8.62 -20.55 -11.25
N ALA A 92 8.14 -19.96 -10.13
CA ALA A 92 8.57 -20.40 -8.83
C ALA A 92 7.78 -21.64 -8.48
N PRO A 93 8.32 -22.45 -7.60
CA PRO A 93 7.66 -23.69 -7.19
C PRO A 93 6.28 -23.45 -6.63
N PRO A 94 5.33 -24.30 -6.94
CA PRO A 94 3.97 -24.14 -6.46
C PRO A 94 3.81 -24.39 -4.99
N GLU A 95 4.73 -25.19 -4.40
CA GLU A 95 4.63 -25.50 -2.99
C GLU A 95 5.05 -24.30 -2.19
N THR A 96 5.79 -23.36 -2.80
CA THR A 96 6.22 -22.18 -2.09
C THR A 96 5.52 -21.01 -2.71
N ALA A 97 4.51 -21.29 -3.55
CA ALA A 97 3.79 -20.23 -4.22
C ALA A 97 2.77 -19.67 -3.27
N PRO A 98 2.85 -18.38 -3.00
CA PRO A 98 1.89 -17.72 -2.11
C PRO A 98 0.49 -17.77 -2.67
N PRO A 99 -0.52 -17.66 -1.83
CA PRO A 99 -1.91 -17.69 -2.26
C PRO A 99 -2.20 -16.66 -3.32
N ASP A 100 -3.06 -17.05 -4.30
CA ASP A 100 -3.40 -16.15 -5.37
C ASP A 100 -4.28 -15.06 -4.81
N PHE A 101 -4.87 -15.29 -3.63
CA PHE A 101 -5.71 -14.29 -3.03
C PHE A 101 -5.59 -14.45 -1.55
N LEU A 102 -5.92 -13.38 -0.79
CA LEU A 102 -5.81 -13.44 0.65
C LEU A 102 -6.89 -14.35 1.15
N LEU A 103 -6.51 -15.29 2.02
CA LEU A 103 -7.46 -16.25 2.54
C LEU A 103 -8.28 -15.56 3.60
N PRO A 104 -9.60 -15.70 3.52
CA PRO A 104 -10.52 -15.09 4.49
C PRO A 104 -10.26 -15.53 5.90
N GLN A 105 -10.49 -14.60 6.85
CA GLN A 105 -10.28 -14.92 8.24
C GLN A 105 -11.57 -14.66 8.95
N ASP A 106 -11.86 -15.45 10.02
CA ASP A 106 -13.11 -15.29 10.74
C ASP A 106 -13.00 -14.14 11.71
N ASN A 107 -11.77 -13.64 11.95
CA ASN A 107 -11.60 -12.53 12.86
C ASN A 107 -11.88 -11.25 12.13
N PHE A 108 -12.00 -11.32 10.78
CA PHE A 108 -12.30 -10.15 10.00
C PHE A 108 -13.70 -10.30 9.49
N HIS A 109 -14.39 -9.16 9.27
CA HIS A 109 -15.74 -9.20 8.77
C HIS A 109 -15.69 -9.67 7.35
N PRO A 110 -16.76 -10.32 6.91
CA PRO A 110 -16.85 -10.83 5.54
C PRO A 110 -16.63 -9.78 4.48
N LYS A 111 -17.13 -8.55 4.72
CA LYS A 111 -16.97 -7.49 3.75
C LYS A 111 -15.51 -7.16 3.62
N ARG A 112 -14.77 -7.17 4.75
CA ARG A 112 -13.36 -6.86 4.72
C ARG A 112 -12.64 -7.95 3.96
N ASN A 113 -13.06 -9.21 4.18
CA ASN A 113 -12.43 -10.33 3.50
C ASN A 113 -12.66 -10.20 2.01
N GLN A 114 -13.86 -9.76 1.60
CA GLN A 114 -14.15 -9.61 0.19
C GLN A 114 -13.29 -8.53 -0.37
N ALA A 115 -13.11 -7.45 0.43
CA ALA A 115 -12.31 -6.34 0.01
C ALA A 115 -10.89 -6.80 -0.22
N ARG A 116 -10.38 -7.69 0.66
CA ARG A 116 -9.03 -8.19 0.52
C ARG A 116 -8.94 -8.99 -0.76
N GLN A 117 -9.99 -9.78 -1.07
CA GLN A 117 -9.99 -10.58 -2.27
C GLN A 117 -9.97 -9.68 -3.47
N LYS A 118 -10.73 -8.55 -3.41
CA LYS A 118 -10.79 -7.63 -4.52
C LYS A 118 -9.43 -7.04 -4.78
N LEU A 119 -8.66 -6.74 -3.71
CA LEU A 119 -7.35 -6.15 -3.88
C LEU A 119 -6.46 -7.11 -4.62
N SER A 120 -6.56 -8.42 -4.30
CA SER A 120 -5.73 -9.41 -4.95
C SER A 120 -6.20 -9.60 -6.36
N SER A 121 -7.45 -9.23 -6.65
CA SER A 121 -7.99 -9.39 -7.98
C SER A 121 -7.68 -8.18 -8.81
N LEU A 122 -7.03 -7.16 -8.21
CA LEU A 122 -6.72 -5.96 -8.97
C LEU A 122 -5.40 -6.17 -9.64
N GLY A 123 -5.39 -7.05 -10.67
CA GLY A 123 -4.19 -7.33 -11.43
C GLY A 123 -3.73 -6.09 -12.17
N PRO A 124 -4.66 -5.36 -12.79
CA PRO A 124 -4.32 -4.14 -13.53
C PRO A 124 -3.61 -3.09 -12.72
N PRO A 125 -2.95 -2.16 -13.38
CA PRO A 125 -2.19 -1.09 -12.73
C PRO A 125 -3.03 -0.18 -11.88
N ARG A 126 -4.36 -0.43 -11.85
CA ARG A 126 -5.25 0.34 -11.04
C ARG A 126 -4.79 0.20 -9.61
N PHE A 127 -4.35 -1.03 -9.25
CA PHE A 127 -3.88 -1.28 -7.90
C PHE A 127 -2.70 -0.40 -7.61
N ARG A 128 -1.75 -0.32 -8.57
CA ARG A 128 -0.56 0.49 -8.39
C ARG A 128 -0.98 1.93 -8.22
N ASP A 129 -2.02 2.36 -8.98
CA ASP A 129 -2.49 3.72 -8.89
C ASP A 129 -3.02 3.98 -7.50
N LEU A 130 -3.61 2.95 -6.85
CA LEU A 130 -4.15 3.12 -5.52
C LEU A 130 -3.04 3.46 -4.58
N ALA A 131 -1.88 2.78 -4.77
CA ALA A 131 -0.74 3.00 -3.94
C ALA A 131 -0.27 4.43 -4.11
N THR A 132 -0.26 4.92 -5.36
CA THR A 132 0.17 6.27 -5.63
C THR A 132 -0.79 7.23 -5.00
N ASP A 133 -2.11 6.96 -5.11
CA ASP A 133 -3.10 7.84 -4.54
C ASP A 133 -2.93 7.90 -3.05
N VAL A 134 -2.66 6.75 -2.40
CA VAL A 134 -2.49 6.73 -0.96
C VAL A 134 -1.27 7.55 -0.60
N PHE A 135 -0.17 7.37 -1.36
CA PHE A 135 1.05 8.10 -1.08
C PHE A 135 0.80 9.58 -1.20
N CYS A 136 0.14 9.99 -2.32
CA CYS A 136 -0.13 11.40 -2.55
C CYS A 136 -1.04 11.93 -1.47
N GLU A 137 -2.08 11.17 -1.11
CA GLU A 137 -3.03 11.60 -0.11
C GLU A 137 -2.32 11.80 1.21
N LEU A 138 -1.42 10.85 1.58
CA LEU A 138 -0.72 10.97 2.84
C LEU A 138 0.15 12.20 2.83
N GLU A 139 0.80 12.51 1.70
CA GLU A 139 1.65 13.65 1.64
C GLU A 139 0.85 14.91 1.84
N ARG A 140 -0.35 14.99 1.22
CA ARG A 140 -1.16 16.20 1.36
C ARG A 140 -1.71 16.29 2.77
N ARG A 141 -2.17 15.16 3.35
CA ARG A 141 -2.74 15.19 4.69
C ARG A 141 -1.65 15.48 5.70
N TYR A 142 -0.47 14.88 5.51
CA TYR A 142 0.61 15.07 6.44
C TYR A 142 1.77 15.65 5.69
N PRO A 143 1.85 16.97 5.69
CA PRO A 143 2.93 17.67 5.00
C PRO A 143 4.27 17.43 5.63
N ASN A 144 4.26 16.95 6.90
CA ASN A 144 5.49 16.68 7.59
C ASN A 144 6.06 15.37 7.09
N PHE A 145 5.28 14.63 6.26
CA PHE A 145 5.77 13.38 5.73
C PHE A 145 6.73 13.71 4.62
N ALA A 146 6.67 14.97 4.12
CA ALA A 146 7.55 15.37 3.05
C ALA A 146 8.94 15.54 3.62
N ASN A 147 9.06 15.57 4.97
CA ASN A 147 10.34 15.74 5.60
C ASN A 147 10.82 14.39 6.06
N LEU A 148 10.17 13.30 5.58
CA LEU A 148 10.55 11.98 5.97
C LEU A 148 11.60 11.52 5.01
N GLU A 149 12.84 11.80 5.36
CA GLU A 149 13.96 11.41 4.55
C GLU A 149 14.15 9.93 4.71
N MET A 150 14.67 9.27 3.66
CA MET A 150 14.88 7.84 3.72
C MET A 150 16.31 7.60 3.29
N PRO A 151 16.87 6.51 3.75
CA PRO A 151 18.23 6.14 3.41
C PRO A 151 18.33 5.52 2.05
N LEU A 152 19.57 5.42 1.54
CA LEU A 152 19.78 4.84 0.24
C LEU A 152 20.63 3.62 0.43
N ASN A 153 20.29 2.53 -0.28
CA ASN A 153 21.05 1.31 -0.15
C ASN A 153 22.13 1.34 -1.20
N ALA A 154 23.19 2.14 -0.94
CA ALA A 154 24.26 2.24 -1.89
C ALA A 154 25.50 2.59 -1.11
N SER A 155 26.68 2.20 -1.65
CA SER A 155 27.93 2.50 -0.99
C SER A 155 27.97 1.73 0.35
N MET A 21 -5.04 9.18 25.82
CA MET A 21 -5.92 8.30 25.00
C MET A 21 -5.86 8.71 23.56
N GLY A 22 -5.16 7.90 22.74
CA GLY A 22 -5.05 8.21 21.33
C GLY A 22 -4.27 7.11 20.70
N GLU A 23 -4.05 7.22 19.38
CA GLU A 23 -3.30 6.20 18.68
C GLU A 23 -2.29 6.91 17.83
N ASN A 24 -1.11 6.27 17.64
CA ASN A 24 -0.07 6.87 16.85
C ASN A 24 -0.31 6.49 15.42
N GLN A 25 -1.37 7.08 14.82
CA GLN A 25 -1.71 6.79 13.45
C GLN A 25 -0.65 7.36 12.56
N GLU A 26 -0.09 8.52 12.96
CA GLU A 26 0.90 9.18 12.17
C GLU A 26 2.10 8.27 12.00
N LEU A 27 2.52 7.57 13.07
CA LEU A 27 3.67 6.69 12.96
C LEU A 27 3.30 5.53 12.08
N VAL A 28 2.06 5.02 12.21
CA VAL A 28 1.64 3.90 11.41
C VAL A 28 1.65 4.27 9.95
N LEU A 29 1.07 5.44 9.64
CA LEU A 29 1.00 5.87 8.26
C LEU A 29 2.37 6.27 7.76
N SER A 30 3.28 6.70 8.65
CA SER A 30 4.61 7.08 8.18
C SER A 30 5.31 5.84 7.67
N ASP A 31 5.09 4.68 8.33
CA ASP A 31 5.71 3.46 7.88
C ASP A 31 5.13 3.07 6.55
N HIS A 32 3.80 3.28 6.40
CA HIS A 32 3.12 2.95 5.17
C HIS A 32 3.64 3.85 4.08
N TYR A 33 3.86 5.14 4.42
CA TYR A 33 4.35 6.13 3.49
C TYR A 33 5.69 5.69 2.97
N ILE A 34 6.59 5.30 3.89
CA ILE A 34 7.91 4.87 3.52
C ILE A 34 7.80 3.66 2.62
N SER A 35 6.91 2.71 2.96
CA SER A 35 6.74 1.51 2.16
C SER A 35 6.28 1.89 0.78
N LEU A 36 5.34 2.86 0.70
CA LEU A 36 4.82 3.30 -0.58
C LEU A 36 5.94 3.96 -1.37
N LYS A 37 6.79 4.75 -0.69
CA LYS A 37 7.85 5.45 -1.38
C LYS A 37 8.79 4.47 -2.04
N ARG A 38 9.21 3.40 -1.32
CA ARG A 38 10.12 2.45 -1.91
C ARG A 38 9.39 1.64 -2.95
N TYR A 39 8.09 1.38 -2.74
CA TYR A 39 7.31 0.61 -3.69
C TYR A 39 7.27 1.38 -5.00
N LEU A 40 6.94 2.68 -4.93
CA LEU A 40 6.86 3.50 -6.12
C LEU A 40 8.22 3.60 -6.75
N SER A 41 9.27 3.73 -5.92
CA SER A 41 10.62 3.85 -6.43
C SER A 41 10.96 2.60 -7.20
N ALA A 42 10.56 1.43 -6.68
CA ALA A 42 10.84 0.19 -7.34
C ALA A 42 10.17 0.15 -8.70
N THR A 43 8.92 0.66 -8.78
CA THR A 43 8.20 0.62 -10.04
C THR A 43 8.81 1.61 -11.00
N SER A 44 9.27 2.78 -10.48
CA SER A 44 9.87 3.76 -11.35
C SER A 44 10.80 4.58 -10.52
N ARG A 45 12.09 4.60 -10.90
CA ARG A 45 13.07 5.38 -10.17
C ARG A 45 12.77 6.83 -10.34
N ASP A 46 12.36 7.21 -11.57
CA ASP A 46 12.06 8.61 -11.85
C ASP A 46 10.85 9.00 -11.05
N GLY A 47 9.85 8.10 -10.96
CA GLY A 47 8.65 8.39 -10.22
C GLY A 47 7.77 9.24 -11.09
N ASN A 48 6.76 9.89 -10.48
CA ASN A 48 5.86 10.73 -11.25
C ASN A 48 5.81 12.05 -10.52
N PRO A 49 5.85 13.13 -11.28
CA PRO A 49 5.81 14.46 -10.69
C PRO A 49 4.46 14.83 -10.15
N LYS A 50 3.39 14.27 -10.75
CA LYS A 50 2.06 14.56 -10.30
C LYS A 50 1.29 13.27 -10.32
N PRO A 51 0.33 13.16 -9.44
CA PRO A 51 -0.51 11.97 -9.37
C PRO A 51 -1.52 11.91 -10.47
N PRO A 52 -2.00 10.74 -10.81
CA PRO A 52 -2.98 10.59 -11.87
C PRO A 52 -4.35 11.08 -11.47
N PRO A 53 -5.15 11.53 -12.40
CA PRO A 53 -6.49 12.01 -12.10
C PRO A 53 -7.42 10.90 -11.74
N ASN A 54 -8.39 11.19 -10.84
CA ASN A 54 -9.33 10.18 -10.44
C ASN A 54 -10.51 10.90 -9.85
N LYS A 55 -11.57 10.13 -9.54
CA LYS A 55 -12.77 10.72 -8.96
C LYS A 55 -13.00 10.05 -7.64
N ALA A 56 -11.93 9.47 -7.05
CA ALA A 56 -12.06 8.77 -5.79
C ALA A 56 -11.71 9.73 -4.69
N ARG A 57 -11.50 11.00 -5.06
CA ARG A 57 -11.14 12.01 -4.08
C ARG A 57 -12.30 12.18 -3.14
N ASP A 58 -13.54 12.15 -3.68
CA ASP A 58 -14.71 12.31 -2.86
C ASP A 58 -14.81 11.16 -1.89
N LYS A 59 -14.46 9.94 -2.34
CA LYS A 59 -14.54 8.77 -1.50
C LYS A 59 -13.54 8.90 -0.38
N LEU A 60 -12.34 9.43 -0.68
CA LEU A 60 -11.31 9.58 0.32
C LEU A 60 -11.73 10.61 1.34
N GLN A 61 -12.58 11.58 0.94
CA GLN A 61 -13.00 12.60 1.86
C GLN A 61 -14.25 12.15 2.59
N ARG A 62 -14.75 10.93 2.28
CA ARG A 62 -15.95 10.46 2.94
C ARG A 62 -15.64 9.17 3.61
N LEU A 63 -14.90 9.23 4.74
CA LEU A 63 -14.57 8.05 5.46
C LEU A 63 -14.10 8.47 6.83
N THR A 64 -14.09 7.51 7.77
CA THR A 64 -13.66 7.82 9.12
C THR A 64 -12.20 7.52 9.20
N GLU A 65 -11.56 7.93 10.33
CA GLU A 65 -10.16 7.70 10.52
C GLU A 65 -9.91 6.22 10.60
N VAL A 66 -10.84 5.50 11.27
CA VAL A 66 -10.67 4.07 11.43
C VAL A 66 -10.77 3.42 10.09
N GLN A 67 -11.74 3.87 9.26
CA GLN A 67 -11.91 3.30 7.95
C GLN A 67 -10.67 3.58 7.14
N PHE A 68 -10.09 4.78 7.32
CA PHE A 68 -8.90 5.15 6.60
C PHE A 68 -7.78 4.23 7.02
N LEU A 69 -7.69 3.91 8.34
CA LEU A 69 -6.64 3.03 8.80
C LEU A 69 -6.83 1.66 8.20
N GLU A 70 -8.10 1.22 8.10
CA GLU A 70 -8.37 -0.09 7.54
C GLU A 70 -7.96 -0.07 6.08
N LEU A 71 -8.24 1.04 5.38
CA LEU A 71 -7.88 1.15 3.98
C LEU A 71 -6.38 1.11 3.85
N SER A 72 -5.67 1.87 4.71
CA SER A 72 -4.23 1.92 4.67
C SER A 72 -3.66 0.55 4.97
N THR A 73 -4.26 -0.16 5.95
CA THR A 73 -3.79 -1.47 6.34
C THR A 73 -4.02 -2.45 5.23
N ASP A 74 -5.20 -2.38 4.56
CA ASP A 74 -5.48 -3.32 3.49
C ASP A 74 -4.47 -3.15 2.39
N VAL A 75 -4.13 -1.88 2.07
CA VAL A 75 -3.16 -1.62 1.01
C VAL A 75 -1.80 -2.11 1.48
N TYR A 76 -1.45 -1.81 2.76
CA TYR A 76 -0.17 -2.19 3.30
C TYR A 76 -0.02 -3.69 3.27
N ASP A 77 -1.06 -4.42 3.68
CA ASP A 77 -1.00 -5.87 3.71
C ASP A 77 -0.75 -6.39 2.32
N GLU A 78 -1.39 -5.82 1.28
CA GLU A 78 -1.16 -6.29 -0.06
C GLU A 78 0.26 -5.95 -0.48
N LEU A 79 0.73 -4.74 -0.11
CA LEU A 79 2.06 -4.32 -0.50
C LEU A 79 3.11 -5.24 0.07
N LYS A 80 2.98 -5.65 1.34
CA LYS A 80 4.00 -6.51 1.93
C LYS A 80 3.93 -7.87 1.28
N ARG A 81 2.73 -8.28 0.80
CA ARG A 81 2.60 -9.57 0.17
C ARG A 81 3.33 -9.53 -1.15
N ARG A 82 3.20 -8.40 -1.88
CA ARG A 82 3.85 -8.25 -3.16
C ARG A 82 5.34 -8.21 -2.97
N GLU A 83 5.81 -7.62 -1.84
CA GLU A 83 7.24 -7.54 -1.58
C GLU A 83 7.81 -8.92 -1.43
N GLN A 84 6.97 -9.91 -1.01
CA GLN A 84 7.47 -11.26 -0.84
C GLN A 84 7.91 -11.78 -2.18
N VAL A 85 7.14 -11.45 -3.24
CA VAL A 85 7.45 -11.91 -4.57
C VAL A 85 8.78 -11.32 -4.98
N ALA A 86 8.99 -10.03 -4.64
CA ALA A 86 10.23 -9.36 -4.99
C ALA A 86 11.40 -10.04 -4.33
N ARG A 87 11.22 -10.44 -3.05
CA ARG A 87 12.29 -11.09 -2.33
C ARG A 87 12.60 -12.39 -3.00
N ARG A 88 11.55 -13.09 -3.49
CA ARG A 88 11.75 -14.37 -4.14
C ARG A 88 12.52 -14.15 -5.40
N GLY A 89 12.16 -13.08 -6.13
CA GLY A 89 12.84 -12.74 -7.36
C GLY A 89 11.95 -13.11 -8.51
N PRO A 90 12.26 -12.51 -9.63
CA PRO A 90 11.50 -12.73 -10.86
C PRO A 90 11.75 -14.08 -11.48
N ASN A 91 12.87 -14.72 -11.10
CA ASN A 91 13.20 -16.01 -11.65
C ASN A 91 12.83 -17.07 -10.63
N ALA A 92 11.94 -16.70 -9.69
CA ALA A 92 11.54 -17.64 -8.67
C ALA A 92 10.60 -18.63 -9.32
N PRO A 93 10.58 -19.84 -8.81
CA PRO A 93 9.72 -20.90 -9.35
C PRO A 93 8.26 -20.52 -9.32
N PRO A 94 7.54 -20.77 -10.40
CA PRO A 94 6.13 -20.43 -10.48
C PRO A 94 5.23 -21.40 -9.77
N GLU A 95 5.72 -22.63 -9.54
CA GLU A 95 4.91 -23.65 -8.90
C GLU A 95 4.68 -23.27 -7.47
N THR A 96 5.71 -22.71 -6.81
CA THR A 96 5.60 -22.34 -5.43
C THR A 96 5.46 -20.85 -5.36
N ALA A 97 5.13 -20.22 -6.50
CA ALA A 97 4.99 -18.78 -6.52
C ALA A 97 3.74 -18.40 -5.77
N PRO A 98 3.76 -17.23 -5.16
CA PRO A 98 2.62 -16.73 -4.40
C PRO A 98 1.40 -16.52 -5.26
N PRO A 99 0.23 -16.61 -4.67
CA PRO A 99 -1.02 -16.42 -5.38
C PRO A 99 -1.25 -15.00 -5.80
N ASP A 100 -2.12 -14.80 -6.82
CA ASP A 100 -2.40 -13.48 -7.32
C ASP A 100 -3.28 -12.77 -6.33
N PHE A 101 -3.79 -13.50 -5.31
CA PHE A 101 -4.64 -12.88 -4.33
C PHE A 101 -4.39 -13.58 -3.03
N LEU A 102 -4.70 -12.90 -1.90
CA LEU A 102 -4.47 -13.50 -0.62
C LEU A 102 -5.50 -14.56 -0.40
N LEU A 103 -5.02 -15.78 -0.09
CA LEU A 103 -5.91 -16.89 0.14
C LEU A 103 -6.55 -16.71 1.49
N PRO A 104 -7.72 -17.29 1.66
CA PRO A 104 -8.44 -17.18 2.92
C PRO A 104 -7.74 -17.84 4.06
N GLN A 105 -7.87 -17.24 5.26
CA GLN A 105 -7.22 -17.75 6.43
C GLN A 105 -8.22 -17.68 7.54
N ASP A 106 -8.01 -18.46 8.63
CA ASP A 106 -8.96 -18.46 9.72
C ASP A 106 -8.59 -17.38 10.70
N ASN A 107 -7.51 -16.61 10.43
CA ASN A 107 -7.13 -15.55 11.33
C ASN A 107 -7.67 -14.26 10.79
N PHE A 108 -8.24 -14.28 9.56
CA PHE A 108 -8.82 -13.10 8.98
C PHE A 108 -10.24 -13.42 8.65
N HIS A 109 -11.12 -12.41 8.72
CA HIS A 109 -12.52 -12.63 8.41
C HIS A 109 -12.61 -12.78 6.91
N PRO A 110 -13.56 -13.57 6.45
CA PRO A 110 -13.74 -13.80 5.03
C PRO A 110 -14.12 -12.56 4.28
N LYS A 111 -14.82 -11.62 4.95
CA LYS A 111 -15.21 -10.39 4.32
C LYS A 111 -13.96 -9.60 4.03
N ARG A 112 -13.00 -9.65 4.97
CA ARG A 112 -11.75 -8.95 4.80
C ARG A 112 -11.00 -9.56 3.65
N ASN A 113 -11.06 -10.90 3.53
CA ASN A 113 -10.38 -11.58 2.45
C ASN A 113 -10.96 -11.15 1.13
N GLN A 114 -12.30 -10.94 1.08
CA GLN A 114 -12.94 -10.52 -0.15
C GLN A 114 -12.43 -9.16 -0.50
N ALA A 115 -12.26 -8.32 0.53
CA ALA A 115 -11.77 -6.97 0.33
C ALA A 115 -10.40 -7.03 -0.28
N ARG A 116 -9.54 -7.96 0.20
CA ARG A 116 -8.20 -8.08 -0.34
C ARG A 116 -8.30 -8.56 -1.77
N GLN A 117 -9.25 -9.47 -2.04
CA GLN A 117 -9.42 -10.01 -3.38
C GLN A 117 -9.80 -8.89 -4.31
N LYS A 118 -10.65 -7.95 -3.84
CA LYS A 118 -11.08 -6.85 -4.66
C LYS A 118 -9.89 -6.01 -5.05
N LEU A 119 -8.93 -5.82 -4.14
CA LEU A 119 -7.75 -5.02 -4.45
C LEU A 119 -6.97 -5.68 -5.55
N SER A 120 -6.85 -7.02 -5.48
CA SER A 120 -6.10 -7.75 -6.50
C SER A 120 -6.84 -7.65 -7.81
N SER A 121 -8.19 -7.69 -7.74
CA SER A 121 -9.02 -7.63 -8.92
C SER A 121 -8.86 -6.31 -9.62
N LEU A 122 -8.41 -5.26 -8.89
CA LEU A 122 -8.23 -3.96 -9.50
C LEU A 122 -7.19 -4.08 -10.58
N GLY A 123 -6.13 -4.86 -10.32
CA GLY A 123 -5.08 -5.05 -11.29
C GLY A 123 -3.93 -4.18 -10.90
N PRO A 124 -2.77 -4.54 -11.39
CA PRO A 124 -1.52 -3.82 -11.10
C PRO A 124 -1.54 -2.34 -11.40
N PRO A 125 -2.02 -1.86 -12.54
CA PRO A 125 -2.00 -0.44 -12.82
C PRO A 125 -2.98 0.35 -11.98
N ARG A 126 -4.17 -0.23 -11.71
CA ARG A 126 -5.15 0.45 -10.91
C ARG A 126 -4.65 0.50 -9.50
N PHE A 127 -4.04 -0.61 -9.04
CA PHE A 127 -3.50 -0.69 -7.70
C PHE A 127 -2.40 0.32 -7.57
N ARG A 128 -1.50 0.39 -8.58
CA ARG A 128 -0.40 1.33 -8.53
C ARG A 128 -0.94 2.73 -8.44
N ASP A 129 -1.99 3.04 -9.24
CA ASP A 129 -2.57 4.36 -9.23
C ASP A 129 -3.17 4.63 -7.85
N LEU A 130 -3.80 3.60 -7.25
CA LEU A 130 -4.41 3.75 -5.95
C LEU A 130 -3.33 4.03 -4.94
N ALA A 131 -2.22 3.28 -5.04
CA ALA A 131 -1.11 3.43 -4.14
C ALA A 131 -0.54 4.81 -4.28
N THR A 132 -0.45 5.31 -5.52
CA THR A 132 0.09 6.63 -5.77
C THR A 132 -0.83 7.65 -5.16
N ASP A 133 -2.16 7.45 -5.31
CA ASP A 133 -3.13 8.38 -4.78
C ASP A 133 -3.00 8.43 -3.27
N VAL A 134 -2.82 7.27 -2.62
CA VAL A 134 -2.69 7.23 -1.18
C VAL A 134 -1.40 7.91 -0.79
N PHE A 135 -0.33 7.63 -1.55
CA PHE A 135 0.98 8.20 -1.25
C PHE A 135 0.91 9.71 -1.30
N CYS A 136 0.33 10.29 -2.39
CA CYS A 136 0.28 11.72 -2.49
C CYS A 136 -0.71 12.27 -1.48
N GLU A 137 -1.73 11.49 -1.10
CA GLU A 137 -2.70 11.95 -0.15
C GLU A 137 -2.01 12.11 1.18
N LEU A 138 -1.16 11.13 1.55
CA LEU A 138 -0.46 11.18 2.81
C LEU A 138 0.50 12.34 2.79
N GLU A 139 1.15 12.58 1.65
CA GLU A 139 2.10 13.66 1.56
C GLU A 139 1.40 14.99 1.77
N ARG A 140 0.20 15.17 1.16
CA ARG A 140 -0.50 16.41 1.31
C ARG A 140 -1.03 16.57 2.72
N ARG A 141 -1.57 15.47 3.31
CA ARG A 141 -2.12 15.56 4.65
C ARG A 141 -1.02 15.74 5.65
N TYR A 142 0.11 15.04 5.45
CA TYR A 142 1.21 15.11 6.37
C TYR A 142 2.40 15.62 5.61
N PRO A 143 2.60 16.92 5.61
CA PRO A 143 3.71 17.52 4.90
C PRO A 143 5.05 17.16 5.48
N ASN A 144 5.05 16.67 6.74
CA ASN A 144 6.29 16.30 7.38
C ASN A 144 6.73 14.96 6.85
N PHE A 145 5.85 14.28 6.05
CA PHE A 145 6.22 13.01 5.49
C PHE A 145 7.15 13.27 4.34
N ALA A 146 7.17 14.53 3.86
CA ALA A 146 8.04 14.89 2.76
C ALA A 146 9.45 14.95 3.26
N ASN A 147 9.64 14.96 4.60
CA ASN A 147 10.96 15.03 5.17
C ASN A 147 11.36 13.64 5.59
N LEU A 148 10.61 12.61 5.14
CA LEU A 148 10.92 11.25 5.49
C LEU A 148 11.86 10.73 4.46
N GLU A 149 13.14 11.04 4.68
CA GLU A 149 14.18 10.61 3.77
C GLU A 149 14.45 9.16 4.07
N MET A 150 14.80 8.38 3.03
CA MET A 150 15.09 6.99 3.21
C MET A 150 16.44 6.87 3.86
N PRO A 151 16.62 5.86 4.68
CA PRO A 151 17.88 5.62 5.36
C PRO A 151 18.89 4.97 4.49
N LEU A 152 20.15 4.96 4.95
CA LEU A 152 21.22 4.36 4.18
C LEU A 152 21.63 3.11 4.91
N ASN A 153 21.86 2.02 4.15
CA ASN A 153 22.26 0.79 4.77
C ASN A 153 23.26 0.14 3.84
N ALA A 154 24.51 0.01 4.29
CA ALA A 154 25.52 -0.59 3.46
C ALA A 154 26.53 -1.21 4.38
N SER A 155 27.21 -2.26 3.91
CA SER A 155 28.20 -2.92 4.73
C SER A 155 29.13 -3.71 3.80
N MET A 21 0.04 5.27 27.33
CA MET A 21 -0.23 3.94 26.71
C MET A 21 -1.13 4.09 25.51
N GLY A 22 -0.53 4.03 24.30
CA GLY A 22 -1.32 4.16 23.10
C GLY A 22 -0.38 4.05 21.95
N GLU A 23 -0.91 4.18 20.72
CA GLU A 23 -0.09 4.08 19.54
C GLU A 23 -0.43 5.26 18.68
N ASN A 24 0.58 5.76 17.94
CA ASN A 24 0.35 6.90 17.08
C ASN A 24 0.10 6.37 15.70
N GLN A 25 -1.03 6.78 15.10
CA GLN A 25 -1.37 6.33 13.77
C GLN A 25 -0.43 6.96 12.78
N GLU A 26 0.14 8.12 13.16
CA GLU A 26 1.04 8.82 12.30
C GLU A 26 2.26 7.97 12.05
N LEU A 27 2.75 7.28 13.11
CA LEU A 27 3.92 6.44 12.97
C LEU A 27 3.60 5.28 12.07
N VAL A 28 2.37 4.73 12.21
CA VAL A 28 1.97 3.59 11.41
C VAL A 28 1.92 4.00 9.96
N LEU A 29 1.30 5.17 9.68
CA LEU A 29 1.19 5.64 8.31
C LEU A 29 2.54 6.06 7.81
N SER A 30 3.49 6.42 8.70
CA SER A 30 4.80 6.82 8.26
C SER A 30 5.45 5.64 7.60
N ASP A 31 5.27 4.43 8.18
CA ASP A 31 5.87 3.24 7.61
C ASP A 31 5.20 2.95 6.30
N HIS A 32 3.86 3.17 6.22
CA HIS A 32 3.12 2.91 5.01
C HIS A 32 3.60 3.86 3.94
N TYR A 33 3.84 5.13 4.34
CA TYR A 33 4.32 6.16 3.43
C TYR A 33 5.65 5.73 2.85
N ILE A 34 6.58 5.31 3.72
CA ILE A 34 7.89 4.89 3.29
C ILE A 34 7.74 3.69 2.38
N SER A 35 6.86 2.74 2.74
CA SER A 35 6.66 1.55 1.94
C SER A 35 6.17 1.96 0.57
N LEU A 36 5.22 2.91 0.52
CA LEU A 36 4.69 3.37 -0.76
C LEU A 36 5.79 4.01 -1.55
N LYS A 37 6.66 4.79 -0.89
CA LYS A 37 7.74 5.46 -1.59
C LYS A 37 8.66 4.42 -2.17
N ARG A 38 8.98 3.36 -1.38
CA ARG A 38 9.86 2.32 -1.85
C ARG A 38 9.21 1.62 -3.01
N TYR A 39 7.89 1.37 -2.91
CA TYR A 39 7.15 0.70 -3.96
C TYR A 39 7.24 1.52 -5.23
N LEU A 40 6.97 2.84 -5.13
CA LEU A 40 7.01 3.69 -6.30
C LEU A 40 8.41 3.71 -6.85
N SER A 41 9.43 3.75 -5.97
CA SER A 41 10.81 3.76 -6.41
C SER A 41 11.11 2.48 -7.13
N ALA A 42 10.59 1.36 -6.61
CA ALA A 42 10.83 0.06 -7.22
C ALA A 42 10.23 0.03 -8.59
N THR A 43 9.03 0.63 -8.79
CA THR A 43 8.40 0.59 -10.09
C THR A 43 9.17 1.45 -11.06
N SER A 44 9.71 2.59 -10.60
CA SER A 44 10.46 3.44 -11.49
C SER A 44 11.37 4.29 -10.67
N ARG A 45 12.57 4.62 -11.24
CA ARG A 45 13.52 5.43 -10.53
C ARG A 45 12.98 6.83 -10.41
N ASP A 46 12.31 7.31 -11.48
CA ASP A 46 11.76 8.64 -11.45
C ASP A 46 10.50 8.60 -12.26
N GLY A 47 9.35 8.41 -11.58
CA GLY A 47 8.09 8.37 -12.26
C GLY A 47 7.55 9.77 -12.27
N ASN A 48 6.30 9.92 -12.77
CA ASN A 48 5.70 11.23 -12.83
C ASN A 48 5.16 11.50 -11.45
N PRO A 49 5.64 12.56 -10.81
CA PRO A 49 5.20 12.91 -9.47
C PRO A 49 3.79 13.43 -9.43
N LYS A 50 3.27 13.88 -10.57
CA LYS A 50 1.92 14.39 -10.61
C LYS A 50 0.99 13.21 -10.73
N PRO A 51 0.03 13.13 -9.83
CA PRO A 51 -0.93 12.04 -9.83
C PRO A 51 -1.96 12.17 -10.92
N PRO A 52 -2.64 11.11 -11.26
CA PRO A 52 -3.66 11.14 -12.30
C PRO A 52 -4.77 12.09 -11.97
N PRO A 53 -5.38 12.70 -12.97
CA PRO A 53 -6.47 13.64 -12.76
C PRO A 53 -7.78 12.97 -12.47
N ASN A 54 -7.81 12.18 -11.37
CA ASN A 54 -9.02 11.50 -11.00
C ASN A 54 -9.71 12.37 -10.00
N LYS A 55 -10.81 13.03 -10.42
CA LYS A 55 -11.53 13.90 -9.53
C LYS A 55 -12.52 13.08 -8.76
N ALA A 56 -12.02 12.09 -7.98
CA ALA A 56 -12.89 11.25 -7.20
C ALA A 56 -12.16 10.88 -5.95
N ARG A 57 -11.17 11.71 -5.55
CA ARG A 57 -10.41 11.44 -4.35
C ARG A 57 -11.29 11.70 -3.16
N ASP A 58 -12.36 12.49 -3.35
CA ASP A 58 -13.27 12.81 -2.26
C ASP A 58 -14.00 11.55 -1.86
N LYS A 59 -14.28 10.67 -2.84
CA LYS A 59 -15.01 9.45 -2.56
C LYS A 59 -14.24 8.58 -1.61
N LEU A 60 -12.91 8.52 -1.74
CA LEU A 60 -12.13 7.67 -0.86
C LEU A 60 -12.00 8.32 0.49
N GLN A 61 -12.38 9.60 0.62
CA GLN A 61 -12.28 10.29 1.89
C GLN A 61 -13.60 10.19 2.61
N ARG A 62 -14.59 9.48 2.03
CA ARG A 62 -15.88 9.35 2.67
C ARG A 62 -15.82 8.14 3.55
N LEU A 63 -14.96 8.20 4.59
CA LEU A 63 -14.83 7.12 5.51
C LEU A 63 -14.34 7.69 6.80
N THR A 64 -14.33 6.85 7.86
CA THR A 64 -13.90 7.31 9.16
C THR A 64 -12.40 7.20 9.20
N GLU A 65 -11.80 7.79 10.26
CA GLU A 65 -10.37 7.77 10.43
C GLU A 65 -9.92 6.35 10.60
N VAL A 66 -10.70 5.54 11.35
CA VAL A 66 -10.32 4.16 11.59
C VAL A 66 -10.41 3.40 10.31
N GLN A 67 -11.48 3.66 9.53
CA GLN A 67 -11.65 2.97 8.27
C GLN A 67 -10.52 3.34 7.36
N PHE A 68 -10.08 4.61 7.42
CA PHE A 68 -8.98 5.06 6.59
C PHE A 68 -7.75 4.26 6.96
N LEU A 69 -7.49 4.07 8.27
CA LEU A 69 -6.32 3.32 8.67
C LEU A 69 -6.44 1.90 8.21
N GLU A 70 -7.65 1.32 8.26
CA GLU A 70 -7.85 -0.04 7.81
C GLU A 70 -7.57 -0.10 6.34
N LEU A 71 -8.00 0.93 5.58
CA LEU A 71 -7.78 0.96 4.15
C LEU A 71 -6.29 1.04 3.90
N SER A 72 -5.59 1.89 4.67
CA SER A 72 -4.16 2.05 4.50
C SER A 72 -3.49 0.73 4.79
N THR A 73 -3.97 0.01 5.83
CA THR A 73 -3.40 -1.27 6.19
C THR A 73 -3.65 -2.27 5.09
N ASP A 74 -4.86 -2.25 4.48
CA ASP A 74 -5.16 -3.19 3.43
C ASP A 74 -4.21 -2.98 2.28
N VAL A 75 -3.92 -1.69 1.95
CA VAL A 75 -3.01 -1.40 0.87
C VAL A 75 -1.62 -1.85 1.26
N TYR A 76 -1.24 -1.56 2.53
CA TYR A 76 0.07 -1.91 3.03
C TYR A 76 0.25 -3.41 2.95
N ASP A 77 -0.77 -4.18 3.38
CA ASP A 77 -0.68 -5.62 3.36
C ASP A 77 -0.45 -6.09 1.95
N GLU A 78 -1.12 -5.48 0.96
CA GLU A 78 -0.92 -5.88 -0.42
C GLU A 78 0.49 -5.53 -0.84
N LEU A 79 1.00 -4.36 -0.40
CA LEU A 79 2.33 -3.93 -0.78
C LEU A 79 3.38 -4.89 -0.27
N LYS A 80 3.26 -5.33 1.01
CA LYS A 80 4.27 -6.22 1.54
C LYS A 80 4.16 -7.58 0.91
N ARG A 81 2.95 -7.98 0.47
CA ARG A 81 2.80 -9.28 -0.14
C ARG A 81 3.62 -9.34 -1.40
N ARG A 82 3.53 -8.28 -2.22
CA ARG A 82 4.27 -8.23 -3.46
C ARG A 82 5.75 -8.16 -3.18
N GLU A 83 6.14 -7.43 -2.11
CA GLU A 83 7.54 -7.32 -1.77
C GLU A 83 8.08 -8.68 -1.41
N GLN A 84 7.28 -9.48 -0.67
CA GLN A 84 7.73 -10.80 -0.26
C GLN A 84 7.90 -11.66 -1.49
N VAL A 85 6.98 -11.51 -2.47
CA VAL A 85 7.06 -12.30 -3.68
C VAL A 85 8.35 -11.97 -4.38
N ALA A 86 8.69 -10.66 -4.43
CA ALA A 86 9.90 -10.22 -5.10
C ALA A 86 11.10 -10.80 -4.40
N ARG A 87 11.06 -10.86 -3.05
CA ARG A 87 12.17 -11.40 -2.29
C ARG A 87 12.35 -12.85 -2.63
N ARG A 88 11.23 -13.57 -2.86
CA ARG A 88 11.32 -14.98 -3.18
C ARG A 88 12.03 -15.11 -4.50
N GLY A 89 11.67 -14.23 -5.46
CA GLY A 89 12.31 -14.23 -6.75
C GLY A 89 11.54 -15.09 -7.70
N PRO A 90 11.81 -14.90 -8.97
CA PRO A 90 11.19 -15.67 -10.04
C PRO A 90 11.51 -17.13 -9.97
N ASN A 91 10.52 -17.98 -10.33
CA ASN A 91 10.72 -19.41 -10.30
C ASN A 91 11.09 -19.82 -8.90
N ALA A 92 10.44 -19.18 -7.90
CA ALA A 92 10.73 -19.50 -6.53
C ALA A 92 10.06 -20.82 -6.22
N PRO A 93 10.57 -21.51 -5.21
CA PRO A 93 10.03 -22.81 -4.82
C PRO A 93 8.56 -22.76 -4.47
N PRO A 94 7.81 -23.78 -4.82
CA PRO A 94 6.38 -23.82 -4.56
C PRO A 94 6.03 -23.97 -3.10
N GLU A 95 6.97 -24.51 -2.30
CA GLU A 95 6.71 -24.70 -0.89
C GLU A 95 6.66 -23.36 -0.23
N THR A 96 7.55 -22.44 -0.65
CA THR A 96 7.59 -21.14 -0.06
C THR A 96 6.89 -20.17 -0.96
N ALA A 97 6.13 -20.71 -1.94
CA ALA A 97 5.43 -19.85 -2.88
C ALA A 97 4.25 -19.24 -2.17
N PRO A 98 4.18 -17.93 -2.18
CA PRO A 98 3.08 -17.22 -1.55
C PRO A 98 1.82 -17.26 -2.36
N PRO A 99 0.69 -17.02 -1.76
CA PRO A 99 -0.58 -17.04 -2.46
C PRO A 99 -0.74 -15.87 -3.38
N ASP A 100 -1.59 -16.02 -4.43
CA ASP A 100 -1.78 -14.96 -5.37
C ASP A 100 -2.90 -14.07 -4.86
N PHE A 101 -3.42 -14.37 -3.66
CA PHE A 101 -4.46 -13.55 -3.10
C PHE A 101 -4.34 -13.63 -1.62
N LEU A 102 -4.91 -12.64 -0.89
CA LEU A 102 -4.81 -12.65 0.55
C LEU A 102 -5.75 -13.70 1.04
N LEU A 103 -5.24 -14.62 1.88
CA LEU A 103 -6.04 -15.69 2.40
C LEU A 103 -6.97 -15.13 3.43
N PRO A 104 -8.15 -15.70 3.52
CA PRO A 104 -9.16 -15.26 4.48
C PRO A 104 -8.83 -15.63 5.89
N GLN A 105 -9.35 -14.84 6.85
CA GLN A 105 -9.11 -15.10 8.24
C GLN A 105 -10.46 -15.13 8.91
N ASP A 106 -10.58 -15.94 9.99
CA ASP A 106 -11.86 -16.04 10.68
C ASP A 106 -11.99 -14.91 11.67
N ASN A 107 -10.89 -14.19 11.95
CA ASN A 107 -10.95 -13.09 12.88
C ASN A 107 -11.46 -11.87 12.15
N PHE A 108 -11.52 -11.93 10.81
CA PHE A 108 -12.00 -10.82 10.03
C PHE A 108 -13.32 -11.23 9.45
N HIS A 109 -14.20 -10.23 9.19
CA HIS A 109 -15.48 -10.53 8.61
C HIS A 109 -15.27 -10.96 7.19
N PRO A 110 -16.16 -11.78 6.69
CA PRO A 110 -16.05 -12.29 5.32
C PRO A 110 -16.12 -11.22 4.27
N LYS A 111 -16.83 -10.12 4.58
CA LYS A 111 -16.94 -9.03 3.62
C LYS A 111 -15.58 -8.42 3.44
N ARG A 112 -14.82 -8.30 4.56
CA ARG A 112 -13.50 -7.73 4.50
C ARG A 112 -12.60 -8.67 3.73
N ASN A 113 -12.77 -9.98 3.95
CA ASN A 113 -11.95 -10.97 3.27
C ASN A 113 -12.18 -10.86 1.78
N GLN A 114 -13.44 -10.62 1.37
CA GLN A 114 -13.74 -10.51 -0.04
C GLN A 114 -13.10 -9.27 -0.58
N ALA A 115 -13.13 -8.20 0.25
CA ALA A 115 -12.55 -6.93 -0.14
C ALA A 115 -11.07 -7.10 -0.37
N ARG A 116 -10.41 -7.90 0.48
CA ARG A 116 -8.98 -8.13 0.33
C ARG A 116 -8.73 -8.83 -0.98
N GLN A 117 -9.62 -9.79 -1.33
CA GLN A 117 -9.47 -10.53 -2.57
C GLN A 117 -9.65 -9.59 -3.74
N LYS A 118 -10.54 -8.59 -3.60
CA LYS A 118 -10.79 -7.66 -4.69
C LYS A 118 -9.52 -6.93 -5.03
N LEU A 119 -8.70 -6.57 -4.04
CA LEU A 119 -7.46 -5.85 -4.32
C LEU A 119 -6.57 -6.72 -5.18
N SER A 120 -6.55 -8.03 -4.89
CA SER A 120 -5.71 -8.94 -5.64
C SER A 120 -6.28 -9.13 -7.02
N SER A 121 -7.56 -8.74 -7.22
CA SER A 121 -8.18 -8.92 -8.51
C SER A 121 -7.99 -7.67 -9.33
N LEU A 122 -7.36 -6.62 -8.73
CA LEU A 122 -7.16 -5.40 -9.47
C LEU A 122 -5.88 -5.56 -10.25
N GLY A 123 -5.84 -4.96 -11.46
CA GLY A 123 -4.66 -5.04 -12.27
C GLY A 123 -3.63 -4.13 -11.66
N PRO A 124 -2.39 -4.40 -11.97
CA PRO A 124 -1.27 -3.61 -11.46
C PRO A 124 -1.38 -2.11 -11.68
N PRO A 125 -1.76 -1.63 -12.86
CA PRO A 125 -1.88 -0.18 -13.08
C PRO A 125 -2.85 0.49 -12.15
N ARG A 126 -3.99 -0.17 -11.88
CA ARG A 126 -4.98 0.39 -11.02
C ARG A 126 -4.43 0.47 -9.62
N PHE A 127 -3.74 -0.60 -9.19
CA PHE A 127 -3.18 -0.65 -7.86
C PHE A 127 -2.09 0.40 -7.74
N ARG A 128 -1.27 0.56 -8.81
CA ARG A 128 -0.20 1.55 -8.77
C ARG A 128 -0.82 2.92 -8.63
N ASP A 129 -1.95 3.17 -9.34
CA ASP A 129 -2.61 4.44 -9.25
C ASP A 129 -3.14 4.62 -7.84
N LEU A 130 -3.64 3.51 -7.24
CA LEU A 130 -4.18 3.56 -5.91
C LEU A 130 -3.08 3.94 -4.95
N ALA A 131 -1.93 3.27 -5.11
CA ALA A 131 -0.78 3.52 -4.26
C ALA A 131 -0.32 4.94 -4.42
N THR A 132 -0.31 5.44 -5.68
CA THR A 132 0.14 6.79 -5.94
C THR A 132 -0.81 7.77 -5.29
N ASP A 133 -2.13 7.53 -5.42
CA ASP A 133 -3.11 8.43 -4.85
C ASP A 133 -2.98 8.44 -3.35
N VAL A 134 -2.78 7.25 -2.74
CA VAL A 134 -2.66 7.18 -1.29
C VAL A 134 -1.39 7.88 -0.87
N PHE A 135 -0.28 7.66 -1.61
CA PHE A 135 0.98 8.27 -1.29
C PHE A 135 0.82 9.77 -1.35
N CYS A 136 0.21 10.29 -2.44
CA CYS A 136 0.02 11.70 -2.61
C CYS A 136 -0.84 12.23 -1.49
N GLU A 137 -1.92 11.50 -1.15
CA GLU A 137 -2.84 11.93 -0.12
C GLU A 137 -2.09 12.02 1.20
N LEU A 138 -1.25 11.02 1.52
CA LEU A 138 -0.52 11.05 2.78
C LEU A 138 0.43 12.21 2.78
N GLU A 139 1.07 12.50 1.63
CA GLU A 139 2.00 13.59 1.57
C GLU A 139 1.27 14.89 1.80
N ARG A 140 0.07 15.05 1.21
CA ARG A 140 -0.68 16.28 1.38
C ARG A 140 -1.18 16.40 2.80
N ARG A 141 -1.68 15.29 3.40
CA ARG A 141 -2.20 15.34 4.74
C ARG A 141 -1.08 15.53 5.73
N TYR A 142 0.06 14.86 5.49
CA TYR A 142 1.17 14.96 6.39
C TYR A 142 2.35 15.49 5.61
N PRO A 143 2.50 16.80 5.58
CA PRO A 143 3.59 17.42 4.86
C PRO A 143 4.93 17.11 5.46
N ASN A 144 4.94 16.65 6.72
CA ASN A 144 6.18 16.33 7.39
C ASN A 144 6.64 14.99 6.90
N PHE A 145 5.80 14.26 6.13
CA PHE A 145 6.20 12.97 5.62
C PHE A 145 7.21 13.19 4.54
N ALA A 146 7.15 14.38 3.90
CA ALA A 146 8.07 14.70 2.85
C ALA A 146 9.40 15.04 3.47
N ASN A 147 9.46 15.13 4.81
CA ASN A 147 10.70 15.46 5.47
C ASN A 147 11.08 14.33 6.40
N LEU A 148 10.74 13.07 6.03
CA LEU A 148 11.10 11.96 6.86
C LEU A 148 12.50 11.55 6.47
N GLU A 149 12.71 10.25 6.24
CA GLU A 149 14.00 9.77 5.87
C GLU A 149 13.81 8.37 5.36
N MET A 150 14.78 7.88 4.55
CA MET A 150 14.68 6.57 4.02
C MET A 150 15.96 5.84 4.40
N PRO A 151 15.87 4.99 5.41
CA PRO A 151 17.01 4.22 5.88
C PRO A 151 17.61 3.34 4.84
N LEU A 152 18.90 3.03 5.02
CA LEU A 152 19.59 2.19 4.08
C LEU A 152 20.61 1.41 4.86
N ASN A 153 21.05 0.28 4.29
CA ASN A 153 22.03 -0.54 4.96
C ASN A 153 22.73 -1.34 3.90
N ALA A 154 24.02 -1.65 4.14
CA ALA A 154 24.76 -2.41 3.17
C ALA A 154 25.81 -3.17 3.92
N SER A 155 26.22 -4.34 3.37
CA SER A 155 27.22 -5.13 4.03
C SER A 155 27.85 -6.06 2.98
N MET A 21 10.11 6.87 21.00
CA MET A 21 9.72 6.04 22.17
C MET A 21 8.24 6.19 22.45
N GLY A 22 7.40 5.71 21.51
CA GLY A 22 5.99 5.82 21.70
C GLY A 22 5.34 5.19 20.51
N GLU A 23 3.99 5.22 20.46
CA GLU A 23 3.28 4.63 19.35
C GLU A 23 2.29 5.66 18.89
N ASN A 24 2.04 5.70 17.56
CA ASN A 24 1.10 6.66 17.04
C ASN A 24 0.67 6.14 15.70
N GLN A 25 -0.56 6.49 15.29
CA GLN A 25 -1.09 6.04 14.03
C GLN A 25 -0.32 6.71 12.93
N GLU A 26 0.10 7.97 13.17
CA GLU A 26 0.85 8.72 12.19
C GLU A 26 2.14 8.00 11.92
N LEU A 27 2.74 7.43 12.99
CA LEU A 27 3.99 6.71 12.85
C LEU A 27 3.74 5.48 12.00
N VAL A 28 2.58 4.84 12.21
CA VAL A 28 2.25 3.65 11.45
C VAL A 28 2.14 4.01 9.99
N LEU A 29 1.45 5.14 9.69
CA LEU A 29 1.30 5.55 8.31
C LEU A 29 2.62 6.02 7.78
N SER A 30 3.55 6.46 8.65
CA SER A 30 4.84 6.91 8.19
C SER A 30 5.55 5.75 7.55
N ASP A 31 5.41 4.55 8.15
CA ASP A 31 6.04 3.37 7.63
C ASP A 31 5.40 3.03 6.31
N HIS A 32 4.05 3.19 6.23
CA HIS A 32 3.33 2.89 5.01
C HIS A 32 3.80 3.84 3.94
N TYR A 33 3.98 5.12 4.32
CA TYR A 33 4.41 6.16 3.41
C TYR A 33 5.76 5.80 2.85
N ILE A 34 6.70 5.42 3.72
CA ILE A 34 8.04 5.06 3.30
C ILE A 34 7.96 3.87 2.37
N SER A 35 7.13 2.86 2.72
CA SER A 35 7.01 1.68 1.90
C SER A 35 6.47 2.06 0.54
N LEU A 36 5.45 2.95 0.52
CA LEU A 36 4.87 3.37 -0.73
C LEU A 36 5.90 4.11 -1.55
N LYS A 37 6.73 4.94 -0.90
CA LYS A 37 7.73 5.71 -1.62
C LYS A 37 8.70 4.75 -2.26
N ARG A 38 9.14 3.71 -1.51
CA ARG A 38 10.09 2.75 -2.04
C ARG A 38 9.44 2.00 -3.17
N TYR A 39 8.15 1.64 -3.01
CA TYR A 39 7.45 0.91 -4.04
C TYR A 39 7.38 1.74 -5.29
N LEU A 40 6.99 3.03 -5.15
CA LEU A 40 6.87 3.90 -6.30
C LEU A 40 8.22 4.11 -6.93
N SER A 41 9.28 4.25 -6.13
CA SER A 41 10.61 4.47 -6.67
C SER A 41 11.09 3.23 -7.39
N ALA A 42 10.51 2.07 -7.06
CA ALA A 42 10.93 0.84 -7.70
C ALA A 42 10.17 0.66 -8.98
N THR A 43 9.11 1.47 -9.21
CA THR A 43 8.33 1.32 -10.42
C THR A 43 8.37 2.60 -11.21
N SER A 44 9.20 3.57 -10.80
CA SER A 44 9.28 4.81 -11.53
C SER A 44 10.61 5.43 -11.24
N ARG A 45 10.93 6.52 -11.96
CA ARG A 45 12.20 7.20 -11.77
C ARG A 45 12.27 7.71 -10.37
N ASP A 46 11.16 8.30 -9.87
CA ASP A 46 11.15 8.82 -8.52
C ASP A 46 9.72 8.83 -8.07
N GLY A 47 8.86 9.59 -8.76
CA GLY A 47 7.48 9.65 -8.39
C GLY A 47 6.86 10.72 -9.22
N ASN A 48 5.57 11.02 -8.95
CA ASN A 48 4.87 12.02 -9.71
C ASN A 48 4.59 13.16 -8.75
N PRO A 49 4.60 14.37 -9.27
CA PRO A 49 4.36 15.56 -8.46
C PRO A 49 2.92 15.69 -8.03
N LYS A 50 2.01 15.04 -8.78
CA LYS A 50 0.61 15.11 -8.45
C LYS A 50 0.00 13.80 -8.85
N PRO A 51 -1.08 13.45 -8.20
CA PRO A 51 -1.78 12.20 -8.49
C PRO A 51 -2.58 12.27 -9.76
N PRO A 52 -2.89 11.15 -10.36
CA PRO A 52 -3.68 11.11 -11.59
C PRO A 52 -5.04 11.74 -11.42
N PRO A 53 -5.57 12.36 -12.44
CA PRO A 53 -6.87 12.99 -12.37
C PRO A 53 -8.00 12.03 -12.56
N ASN A 54 -8.11 11.05 -11.63
CA ASN A 54 -9.16 10.07 -11.72
C ASN A 54 -10.34 10.54 -10.91
N LYS A 55 -10.17 11.71 -10.24
CA LYS A 55 -11.23 12.30 -9.43
C LYS A 55 -11.65 11.31 -8.38
N ALA A 56 -10.68 10.56 -7.81
CA ALA A 56 -11.01 9.59 -6.79
C ALA A 56 -10.83 10.25 -5.45
N ARG A 57 -10.55 11.57 -5.47
CA ARG A 57 -10.33 12.30 -4.25
C ARG A 57 -11.62 12.32 -3.48
N ASP A 58 -12.76 12.49 -4.20
CA ASP A 58 -14.05 12.53 -3.56
C ASP A 58 -14.32 11.21 -2.91
N LYS A 59 -13.94 10.10 -3.59
CA LYS A 59 -14.17 8.78 -3.07
C LYS A 59 -13.42 8.60 -1.78
N LEU A 60 -12.18 9.14 -1.72
CA LEU A 60 -11.36 9.00 -0.53
C LEU A 60 -11.92 9.86 0.58
N GLN A 61 -12.85 10.79 0.27
CA GLN A 61 -13.41 11.63 1.29
C GLN A 61 -14.66 10.99 1.83
N ARG A 62 -15.06 9.81 1.29
CA ARG A 62 -16.26 9.18 1.76
C ARG A 62 -15.86 8.00 2.61
N LEU A 63 -15.21 8.29 3.76
CA LEU A 63 -14.80 7.24 4.65
C LEU A 63 -14.28 7.87 5.89
N THR A 64 -14.23 7.08 6.98
CA THR A 64 -13.76 7.59 8.24
C THR A 64 -12.26 7.43 8.30
N GLU A 65 -11.64 8.04 9.32
CA GLU A 65 -10.20 7.96 9.48
C GLU A 65 -9.82 6.53 9.75
N VAL A 66 -10.66 5.82 10.52
CA VAL A 66 -10.37 4.43 10.86
C VAL A 66 -10.43 3.62 9.59
N GLN A 67 -11.43 3.89 8.75
CA GLN A 67 -11.55 3.16 7.51
C GLN A 67 -10.36 3.46 6.65
N PHE A 68 -9.89 4.73 6.69
CA PHE A 68 -8.73 5.12 5.91
C PHE A 68 -7.54 4.31 6.39
N LEU A 69 -7.39 4.15 7.72
CA LEU A 69 -6.27 3.39 8.25
C LEU A 69 -6.38 1.97 7.80
N GLU A 70 -7.62 1.42 7.78
CA GLU A 70 -7.81 0.05 7.35
C GLU A 70 -7.43 -0.07 5.89
N LEU A 71 -7.79 0.94 5.08
CA LEU A 71 -7.46 0.92 3.67
C LEU A 71 -5.96 0.99 3.52
N SER A 72 -5.31 1.87 4.31
CA SER A 72 -3.87 2.02 4.23
C SER A 72 -3.21 0.72 4.60
N THR A 73 -3.75 0.05 5.64
CA THR A 73 -3.19 -1.21 6.09
C THR A 73 -3.41 -2.26 5.04
N ASP A 74 -4.60 -2.29 4.40
CA ASP A 74 -4.87 -3.29 3.39
C ASP A 74 -3.91 -3.13 2.24
N VAL A 75 -3.66 -1.88 1.80
CA VAL A 75 -2.75 -1.67 0.69
C VAL A 75 -1.36 -2.05 1.10
N TYR A 76 -0.96 -1.64 2.33
CA TYR A 76 0.35 -1.93 2.85
C TYR A 76 0.55 -3.42 2.91
N ASP A 77 -0.43 -4.14 3.49
CA ASP A 77 -0.32 -5.57 3.63
C ASP A 77 -0.27 -6.21 2.26
N GLU A 78 -1.06 -5.72 1.29
CA GLU A 78 -1.06 -6.32 -0.03
C GLU A 78 0.30 -6.16 -0.66
N LEU A 79 0.90 -4.95 -0.54
CA LEU A 79 2.19 -4.71 -1.14
C LEU A 79 3.24 -5.59 -0.51
N LYS A 80 3.20 -5.72 0.83
CA LYS A 80 4.20 -6.51 1.52
C LYS A 80 4.01 -7.98 1.26
N ARG A 81 2.77 -8.43 1.06
CA ARG A 81 2.52 -9.85 0.84
C ARG A 81 3.27 -10.30 -0.39
N ARG A 82 3.18 -9.54 -1.49
CA ARG A 82 3.85 -9.91 -2.71
C ARG A 82 5.35 -9.80 -2.54
N GLU A 83 5.82 -8.78 -1.81
CA GLU A 83 7.24 -8.60 -1.62
C GLU A 83 7.80 -9.76 -0.84
N GLN A 84 7.06 -10.26 0.17
CA GLN A 84 7.57 -11.36 0.97
C GLN A 84 7.69 -12.58 0.10
N VAL A 85 6.72 -12.78 -0.82
CA VAL A 85 6.75 -13.93 -1.70
C VAL A 85 7.98 -13.82 -2.57
N ALA A 86 8.26 -12.61 -3.07
CA ALA A 86 9.40 -12.39 -3.94
C ALA A 86 10.68 -12.69 -3.19
N ARG A 87 10.73 -12.33 -1.89
CA ARG A 87 11.93 -12.56 -1.10
C ARG A 87 12.18 -14.03 -0.94
N ARG A 88 11.13 -14.87 -1.10
CA ARG A 88 11.32 -16.31 -0.95
C ARG A 88 12.24 -16.77 -2.04
N GLY A 89 12.04 -16.23 -3.26
CA GLY A 89 12.89 -16.57 -4.36
C GLY A 89 12.16 -17.57 -5.23
N PRO A 90 12.83 -17.93 -6.29
CA PRO A 90 12.29 -18.88 -7.25
C PRO A 90 12.31 -20.29 -6.74
N ASN A 91 11.42 -21.14 -7.30
CA ASN A 91 11.32 -22.53 -6.89
C ASN A 91 10.97 -22.57 -5.43
N ALA A 92 10.14 -21.60 -4.98
CA ALA A 92 9.74 -21.56 -3.60
C ALA A 92 8.33 -22.09 -3.55
N PRO A 93 8.14 -23.17 -2.81
CA PRO A 93 6.82 -23.77 -2.70
C PRO A 93 5.87 -22.94 -1.88
N PRO A 94 4.59 -23.01 -2.17
CA PRO A 94 3.59 -22.23 -1.46
C PRO A 94 3.37 -22.63 -0.04
N GLU A 95 3.79 -23.86 0.33
CA GLU A 95 3.60 -24.32 1.68
C GLU A 95 4.55 -23.59 2.61
N THR A 96 5.63 -23.00 2.06
CA THR A 96 6.57 -22.29 2.89
C THR A 96 6.57 -20.86 2.45
N ALA A 97 5.52 -20.46 1.71
CA ALA A 97 5.45 -19.10 1.23
C ALA A 97 4.09 -18.55 1.54
N PRO A 98 3.98 -17.24 1.60
CA PRO A 98 2.71 -16.58 1.87
C PRO A 98 1.67 -16.89 0.83
N PRO A 99 0.42 -16.89 1.19
CA PRO A 99 -0.66 -17.18 0.25
C PRO A 99 -0.86 -16.09 -0.75
N ASP A 100 -1.32 -16.47 -1.97
CA ASP A 100 -1.54 -15.49 -3.00
C ASP A 100 -2.98 -15.03 -2.90
N PHE A 101 -3.66 -15.45 -1.81
CA PHE A 101 -5.04 -15.07 -1.63
C PHE A 101 -5.18 -14.71 -0.18
N LEU A 102 -5.69 -13.48 0.09
CA LEU A 102 -5.87 -13.08 1.46
C LEU A 102 -6.99 -13.90 2.00
N LEU A 103 -6.75 -14.55 3.16
CA LEU A 103 -7.75 -15.40 3.74
C LEU A 103 -8.74 -14.54 4.47
N PRO A 104 -10.01 -14.76 4.21
CA PRO A 104 -11.07 -13.99 4.83
C PRO A 104 -11.29 -14.33 6.27
N GLN A 105 -11.91 -13.39 7.02
CA GLN A 105 -12.17 -13.62 8.41
C GLN A 105 -13.62 -13.30 8.64
N ASP A 106 -14.19 -13.79 9.76
CA ASP A 106 -15.59 -13.56 10.04
C ASP A 106 -15.74 -12.27 10.81
N ASN A 107 -14.63 -11.58 11.14
CA ASN A 107 -14.74 -10.34 11.87
C ASN A 107 -14.81 -9.21 10.88
N PHE A 108 -14.77 -9.54 9.57
CA PHE A 108 -14.85 -8.52 8.55
C PHE A 108 -16.14 -8.74 7.82
N HIS A 109 -16.69 -7.65 7.26
CA HIS A 109 -17.93 -7.75 6.52
C HIS A 109 -17.62 -8.41 5.21
N PRO A 110 -18.61 -9.06 4.62
CA PRO A 110 -18.44 -9.76 3.35
C PRO A 110 -17.88 -8.89 2.26
N LYS A 111 -18.26 -7.60 2.26
CA LYS A 111 -17.77 -6.69 1.25
C LYS A 111 -16.28 -6.56 1.39
N ARG A 112 -15.78 -6.48 2.64
CA ARG A 112 -14.36 -6.34 2.86
C ARG A 112 -13.66 -7.59 2.40
N ASN A 113 -14.27 -8.76 2.65
CA ASN A 113 -13.64 -10.00 2.24
C ASN A 113 -13.52 -10.02 0.74
N GLN A 114 -14.54 -9.51 0.02
CA GLN A 114 -14.50 -9.48 -1.42
C GLN A 114 -13.44 -8.51 -1.85
N ALA A 115 -13.37 -7.38 -1.13
CA ALA A 115 -12.41 -6.34 -1.44
C ALA A 115 -11.01 -6.89 -1.28
N ARG A 116 -10.78 -7.68 -0.21
CA ARG A 116 -9.47 -8.26 0.03
C ARG A 116 -9.13 -9.18 -1.12
N GLN A 117 -10.13 -9.95 -1.61
CA GLN A 117 -9.89 -10.86 -2.73
C GLN A 117 -9.54 -10.05 -3.95
N LYS A 118 -10.22 -8.91 -4.16
CA LYS A 118 -9.96 -8.08 -5.31
C LYS A 118 -8.54 -7.56 -5.23
N LEU A 119 -8.10 -7.20 -4.00
CA LEU A 119 -6.75 -6.69 -3.83
C LEU A 119 -5.77 -7.78 -4.16
N SER A 120 -6.08 -9.03 -3.78
CA SER A 120 -5.19 -10.13 -4.06
C SER A 120 -5.11 -10.36 -5.54
N SER A 121 -6.27 -10.31 -6.22
CA SER A 121 -6.32 -10.56 -7.64
C SER A 121 -5.66 -9.44 -8.42
N LEU A 122 -5.92 -8.18 -8.02
CA LEU A 122 -5.40 -7.03 -8.73
C LEU A 122 -5.88 -7.10 -10.15
N GLY A 123 -5.04 -6.67 -11.12
CA GLY A 123 -5.44 -6.72 -12.50
C GLY A 123 -5.21 -5.37 -13.11
N PRO A 124 -6.12 -4.46 -12.86
CA PRO A 124 -6.06 -3.11 -13.41
C PRO A 124 -5.03 -2.23 -12.76
N PRO A 125 -4.62 -1.19 -13.45
CA PRO A 125 -3.64 -0.23 -12.94
C PRO A 125 -4.20 0.61 -11.84
N ARG A 126 -5.50 0.38 -11.53
CA ARG A 126 -6.17 1.10 -10.50
C ARG A 126 -5.44 0.88 -9.21
N PHE A 127 -4.90 -0.35 -8.99
CA PHE A 127 -4.19 -0.63 -7.76
C PHE A 127 -2.99 0.29 -7.67
N ARG A 128 -2.26 0.48 -8.79
CA ARG A 128 -1.08 1.33 -8.78
C ARG A 128 -1.54 2.73 -8.46
N ASP A 129 -2.70 3.14 -9.00
CA ASP A 129 -3.23 4.46 -8.77
C ASP A 129 -3.57 4.62 -7.30
N LEU A 130 -4.05 3.53 -6.65
CA LEU A 130 -4.43 3.61 -5.25
C LEU A 130 -3.21 3.93 -4.44
N ALA A 131 -2.09 3.28 -4.79
CA ALA A 131 -0.86 3.50 -4.07
C ALA A 131 -0.41 4.92 -4.24
N THR A 132 -0.52 5.45 -5.48
CA THR A 132 -0.10 6.81 -5.75
C THR A 132 -1.00 7.77 -5.02
N ASP A 133 -2.33 7.52 -5.08
CA ASP A 133 -3.29 8.40 -4.45
C ASP A 133 -3.08 8.42 -2.96
N VAL A 134 -2.85 7.24 -2.35
CA VAL A 134 -2.64 7.18 -0.91
C VAL A 134 -1.37 7.90 -0.57
N PHE A 135 -0.30 7.65 -1.36
CA PHE A 135 0.98 8.28 -1.10
C PHE A 135 0.84 9.78 -1.18
N CYS A 136 0.20 10.28 -2.25
CA CYS A 136 0.05 11.71 -2.42
C CYS A 136 -0.82 12.28 -1.33
N GLU A 137 -1.89 11.55 -0.96
CA GLU A 137 -2.79 12.03 0.06
C GLU A 137 -2.05 12.13 1.37
N LEU A 138 -1.23 11.11 1.70
CA LEU A 138 -0.50 11.13 2.94
C LEU A 138 0.46 12.29 2.96
N GLU A 139 1.11 12.58 1.81
CA GLU A 139 2.06 13.66 1.76
C GLU A 139 1.36 14.97 2.00
N ARG A 140 0.17 15.17 1.38
CA ARG A 140 -0.54 16.43 1.54
C ARG A 140 -1.10 16.53 2.94
N ARG A 141 -1.71 15.43 3.46
CA ARG A 141 -2.30 15.47 4.78
C ARG A 141 -1.23 15.63 5.82
N TYR A 142 -0.07 14.95 5.63
CA TYR A 142 0.99 15.03 6.59
C TYR A 142 2.21 15.55 5.89
N PRO A 143 2.39 16.86 5.92
CA PRO A 143 3.52 17.50 5.27
C PRO A 143 4.83 17.14 5.91
N ASN A 144 4.77 16.61 7.16
CA ASN A 144 5.96 16.25 7.86
C ASN A 144 6.46 14.93 7.31
N PHE A 145 5.65 14.26 6.45
CA PHE A 145 6.06 13.01 5.88
C PHE A 145 7.04 13.31 4.78
N ALA A 146 7.06 14.57 4.31
CA ALA A 146 7.96 14.96 3.25
C ALA A 146 9.35 15.02 3.81
N ASN A 147 9.48 15.02 5.16
CA ASN A 147 10.77 15.09 5.79
C ASN A 147 11.18 13.71 6.18
N LEU A 148 10.47 12.67 5.67
CA LEU A 148 10.80 11.32 6.01
C LEU A 148 11.86 10.87 5.07
N GLU A 149 13.09 11.22 5.42
CA GLU A 149 14.24 10.86 4.62
C GLU A 149 14.54 9.42 4.88
N MET A 150 15.09 8.73 3.86
CA MET A 150 15.42 7.32 4.01
C MET A 150 16.62 7.23 4.92
N PRO A 151 16.69 6.16 5.68
CA PRO A 151 17.79 5.93 6.59
C PRO A 151 19.01 5.42 5.90
N LEU A 152 20.15 5.44 6.62
CA LEU A 152 21.39 4.98 6.04
C LEU A 152 21.77 3.72 6.77
N ASN A 153 22.27 2.72 6.02
CA ASN A 153 22.66 1.49 6.64
C ASN A 153 24.12 1.61 6.99
N ALA A 154 24.41 1.78 8.29
CA ALA A 154 25.78 1.90 8.72
C ALA A 154 25.84 1.40 10.12
N SER A 155 27.03 0.89 10.54
CA SER A 155 27.17 0.38 11.88
C SER A 155 28.67 0.41 12.21
N MET A 21 -4.87 3.87 20.20
CA MET A 21 -4.98 3.48 21.64
C MET A 21 -3.61 3.26 22.22
N GLY A 22 -2.91 4.36 22.57
CA GLY A 22 -1.58 4.24 23.14
C GLY A 22 -0.60 4.12 22.02
N GLU A 23 -1.07 4.23 20.76
CA GLU A 23 -0.18 4.13 19.64
C GLU A 23 -0.45 5.32 18.76
N ASN A 24 0.60 5.84 18.12
CA ASN A 24 0.45 6.98 17.26
C ASN A 24 0.20 6.46 15.87
N GLN A 25 -1.01 6.73 15.33
CA GLN A 25 -1.37 6.25 14.02
C GLN A 25 -0.51 6.94 12.98
N GLU A 26 0.01 8.14 13.30
CA GLU A 26 0.82 8.88 12.38
C GLU A 26 2.08 8.10 12.12
N LEU A 27 2.65 7.48 13.16
CA LEU A 27 3.87 6.72 13.01
C LEU A 27 3.60 5.51 12.14
N VAL A 28 2.42 4.89 12.31
CA VAL A 28 2.07 3.72 11.53
C VAL A 28 2.00 4.10 10.08
N LEU A 29 1.32 5.23 9.77
CA LEU A 29 1.19 5.65 8.40
C LEU A 29 2.52 6.15 7.89
N SER A 30 3.42 6.60 8.79
CA SER A 30 4.72 7.07 8.34
C SER A 30 5.46 5.90 7.75
N ASP A 31 5.35 4.72 8.40
CA ASP A 31 6.02 3.54 7.90
C ASP A 31 5.41 3.15 6.58
N HIS A 32 4.06 3.28 6.47
CA HIS A 32 3.38 2.93 5.25
C HIS A 32 3.84 3.87 4.15
N TYR A 33 3.98 5.16 4.52
CA TYR A 33 4.40 6.19 3.57
C TYR A 33 5.76 5.83 3.02
N ILE A 34 6.70 5.51 3.93
CA ILE A 34 8.04 5.14 3.53
C ILE A 34 8.00 3.92 2.66
N SER A 35 7.17 2.92 3.04
CA SER A 35 7.07 1.70 2.26
C SER A 35 6.57 2.03 0.88
N LEU A 36 5.54 2.90 0.79
CA LEU A 36 4.98 3.26 -0.50
C LEU A 36 6.02 4.01 -1.30
N LYS A 37 6.80 4.89 -0.63
CA LYS A 37 7.80 5.66 -1.33
C LYS A 37 8.84 4.72 -1.90
N ARG A 38 9.28 3.72 -1.09
CA ARG A 38 10.27 2.78 -1.57
C ARG A 38 9.69 1.96 -2.69
N TYR A 39 8.40 1.57 -2.56
CA TYR A 39 7.75 0.76 -3.57
C TYR A 39 7.72 1.53 -4.86
N LEU A 40 7.27 2.80 -4.82
CA LEU A 40 7.17 3.60 -6.02
C LEU A 40 8.55 3.84 -6.58
N SER A 41 9.53 4.09 -5.70
CA SER A 41 10.89 4.36 -6.12
C SER A 41 11.46 3.14 -6.82
N ALA A 42 11.14 1.94 -6.27
CA ALA A 42 11.67 0.71 -6.81
C ALA A 42 11.23 0.52 -8.24
N THR A 43 9.95 0.84 -8.56
CA THR A 43 9.47 0.63 -9.91
C THR A 43 9.80 1.82 -10.76
N SER A 44 9.90 3.03 -10.17
CA SER A 44 10.21 4.20 -10.96
C SER A 44 11.05 5.10 -10.13
N ARG A 45 12.33 5.30 -10.53
CA ARG A 45 13.21 6.16 -9.79
C ARG A 45 12.78 7.59 -10.03
N ASP A 46 12.12 7.84 -11.18
CA ASP A 46 11.66 9.17 -11.50
C ASP A 46 10.59 9.55 -10.50
N GLY A 47 9.74 8.58 -10.13
CA GLY A 47 8.69 8.85 -9.18
C GLY A 47 7.46 9.24 -9.97
N ASN A 48 6.37 9.56 -9.24
CA ASN A 48 5.15 9.94 -9.90
C ASN A 48 4.72 11.27 -9.33
N PRO A 49 5.30 12.33 -9.84
CA PRO A 49 4.98 13.68 -9.37
C PRO A 49 3.60 14.12 -9.75
N LYS A 50 3.02 13.50 -10.79
CA LYS A 50 1.70 13.84 -11.24
C LYS A 50 0.81 12.69 -10.85
N PRO A 51 -0.10 12.91 -9.92
CA PRO A 51 -1.00 11.87 -9.48
C PRO A 51 -2.06 11.54 -10.49
N PRO A 52 -2.49 10.30 -10.55
CA PRO A 52 -3.51 9.87 -11.48
C PRO A 52 -4.90 10.21 -11.01
N PRO A 53 -5.86 10.26 -11.90
CA PRO A 53 -7.23 10.56 -11.54
C PRO A 53 -7.88 9.43 -10.79
N ASN A 54 -8.85 9.76 -9.92
CA ASN A 54 -9.52 8.74 -9.16
C ASN A 54 -10.93 9.23 -8.94
N LYS A 55 -11.93 8.37 -9.25
CA LYS A 55 -13.30 8.75 -9.07
C LYS A 55 -13.72 8.37 -7.68
N ALA A 56 -12.80 7.72 -6.95
CA ALA A 56 -13.09 7.30 -5.60
C ALA A 56 -12.36 8.22 -4.67
N ARG A 57 -11.93 9.38 -5.21
CA ARG A 57 -11.19 10.35 -4.42
C ARG A 57 -12.09 10.89 -3.35
N ASP A 58 -13.37 11.16 -3.70
CA ASP A 58 -14.31 11.69 -2.73
C ASP A 58 -14.64 10.63 -1.72
N LYS A 59 -14.57 9.34 -2.12
CA LYS A 59 -14.89 8.26 -1.20
C LYS A 59 -13.87 8.24 -0.10
N LEU A 60 -12.60 8.55 -0.42
CA LEU A 60 -11.55 8.55 0.56
C LEU A 60 -11.75 9.70 1.52
N GLN A 61 -12.60 10.69 1.16
CA GLN A 61 -12.83 11.81 2.03
C GLN A 61 -14.03 11.53 2.88
N ARG A 62 -14.69 10.36 2.68
CA ARG A 62 -15.87 10.04 3.45
C ARG A 62 -15.60 8.78 4.21
N LEU A 63 -14.74 8.86 5.25
CA LEU A 63 -14.43 7.70 6.03
C LEU A 63 -13.87 8.19 7.33
N THR A 64 -13.77 7.27 8.31
CA THR A 64 -13.24 7.65 9.61
C THR A 64 -11.76 7.41 9.58
N GLU A 65 -11.06 7.92 10.61
CA GLU A 65 -9.62 7.77 10.69
C GLU A 65 -9.30 6.31 10.83
N VAL A 66 -10.12 5.58 11.61
CA VAL A 66 -9.87 4.17 11.84
C VAL A 66 -10.07 3.43 10.55
N GLN A 67 -11.14 3.77 9.80
CA GLN A 67 -11.40 3.10 8.55
C GLN A 67 -10.27 3.37 7.62
N PHE A 68 -9.74 4.61 7.63
CA PHE A 68 -8.64 4.97 6.77
C PHE A 68 -7.45 4.10 7.12
N LEU A 69 -7.19 3.90 8.44
CA LEU A 69 -6.06 3.09 8.84
C LEU A 69 -6.26 1.68 8.38
N GLU A 70 -7.50 1.18 8.46
CA GLU A 70 -7.77 -0.19 8.05
C GLU A 70 -7.52 -0.31 6.57
N LEU A 71 -7.93 0.72 5.78
CA LEU A 71 -7.72 0.68 4.35
C LEU A 71 -6.23 0.75 4.07
N SER A 72 -5.50 1.59 4.84
CA SER A 72 -4.08 1.75 4.64
C SER A 72 -3.42 0.42 4.92
N THR A 73 -3.88 -0.28 5.97
CA THR A 73 -3.31 -1.56 6.34
C THR A 73 -3.59 -2.56 5.26
N ASP A 74 -4.81 -2.54 4.68
CA ASP A 74 -5.14 -3.50 3.65
C ASP A 74 -4.23 -3.31 2.46
N VAL A 75 -3.97 -2.04 2.08
CA VAL A 75 -3.10 -1.78 0.93
C VAL A 75 -1.70 -2.21 1.29
N TYR A 76 -1.25 -1.86 2.51
CA TYR A 76 0.09 -2.19 2.95
C TYR A 76 0.26 -3.70 2.95
N ASP A 77 -0.72 -4.42 3.51
CA ASP A 77 -0.65 -5.87 3.57
C ASP A 77 -0.61 -6.44 2.17
N GLU A 78 -1.39 -5.87 1.23
CA GLU A 78 -1.42 -6.37 -0.13
C GLU A 78 -0.05 -6.24 -0.73
N LEU A 79 0.62 -5.09 -0.50
CA LEU A 79 1.94 -4.87 -1.05
C LEU A 79 2.91 -5.89 -0.49
N LYS A 80 2.79 -6.23 0.81
CA LYS A 80 3.71 -7.19 1.40
C LYS A 80 3.54 -8.53 0.75
N ARG A 81 2.29 -8.93 0.46
CA ARG A 81 2.05 -10.23 -0.14
C ARG A 81 2.66 -10.26 -1.51
N ARG A 82 2.54 -9.16 -2.27
CA ARG A 82 3.10 -9.11 -3.61
C ARG A 82 4.60 -9.20 -3.52
N GLU A 83 5.20 -8.55 -2.51
CA GLU A 83 6.63 -8.58 -2.36
C GLU A 83 7.08 -9.99 -2.07
N GLN A 84 6.30 -10.74 -1.25
CA GLN A 84 6.68 -12.09 -0.92
C GLN A 84 6.65 -12.93 -2.17
N VAL A 85 5.65 -12.70 -3.04
CA VAL A 85 5.53 -13.46 -4.26
C VAL A 85 6.75 -13.18 -5.11
N ALA A 86 7.15 -11.90 -5.18
CA ALA A 86 8.29 -11.51 -5.98
C ALA A 86 9.54 -12.16 -5.46
N ARG A 87 9.68 -12.23 -4.11
CA ARG A 87 10.85 -12.82 -3.52
C ARG A 87 10.91 -14.27 -3.88
N ARG A 88 9.73 -14.94 -3.91
CA ARG A 88 9.72 -16.35 -4.24
C ARG A 88 10.13 -16.50 -5.68
N GLY A 89 9.61 -15.61 -6.54
CA GLY A 89 9.97 -15.63 -7.94
C GLY A 89 8.86 -16.30 -8.69
N PRO A 90 8.85 -16.02 -9.99
CA PRO A 90 7.85 -16.58 -10.88
C PRO A 90 8.06 -18.04 -11.17
N ASN A 91 9.29 -18.53 -10.95
CA ASN A 91 9.58 -19.92 -11.19
C ASN A 91 9.70 -20.59 -9.85
N ALA A 92 8.95 -20.06 -8.85
CA ALA A 92 8.99 -20.61 -7.53
C ALA A 92 8.22 -21.92 -7.56
N PRO A 93 8.61 -22.84 -6.72
CA PRO A 93 7.95 -24.14 -6.64
C PRO A 93 6.57 -24.04 -6.05
N PRO A 94 5.70 -24.96 -6.37
CA PRO A 94 4.32 -24.95 -5.87
C PRO A 94 4.20 -25.19 -4.40
N GLU A 95 5.23 -25.81 -3.80
CA GLU A 95 5.19 -26.11 -2.37
C GLU A 95 5.23 -24.83 -1.59
N THR A 96 6.04 -23.86 -2.05
CA THR A 96 6.16 -22.61 -1.35
C THR A 96 5.43 -21.57 -2.15
N ALA A 97 4.55 -22.01 -3.06
CA ALA A 97 3.84 -21.06 -3.89
C ALA A 97 2.79 -20.40 -3.03
N PRO A 98 2.80 -19.08 -3.01
CA PRO A 98 1.84 -18.31 -2.25
C PRO A 98 0.50 -18.27 -2.91
N PRO A 99 -0.54 -17.93 -2.18
CA PRO A 99 -1.88 -17.86 -2.75
C PRO A 99 -2.04 -16.73 -3.71
N ASP A 100 -2.96 -16.90 -4.69
CA ASP A 100 -3.17 -15.88 -5.69
C ASP A 100 -4.20 -14.90 -5.17
N PHE A 101 -4.66 -15.09 -3.91
CA PHE A 101 -5.62 -14.18 -3.36
C PHE A 101 -5.38 -14.14 -1.88
N LEU A 102 -5.86 -13.06 -1.21
CA LEU A 102 -5.68 -12.95 0.20
C LEU A 102 -6.81 -13.70 0.86
N LEU A 103 -6.46 -14.69 1.70
CA LEU A 103 -7.46 -15.48 2.36
C LEU A 103 -8.14 -14.61 3.40
N PRO A 104 -9.41 -14.88 3.60
CA PRO A 104 -10.22 -14.12 4.55
C PRO A 104 -9.93 -14.46 5.99
N GLN A 105 -10.26 -13.51 6.89
CA GLN A 105 -10.03 -13.72 8.30
C GLN A 105 -11.36 -13.50 8.99
N ASP A 106 -11.60 -14.22 10.10
CA ASP A 106 -12.86 -14.09 10.80
C ASP A 106 -12.83 -12.91 11.74
N ASN A 107 -11.64 -12.33 12.00
CA ASN A 107 -11.60 -11.19 12.90
C ASN A 107 -11.74 -9.93 12.10
N PHE A 108 -11.82 -10.07 10.75
CA PHE A 108 -12.00 -8.91 9.90
C PHE A 108 -13.43 -8.93 9.42
N HIS A 109 -13.97 -7.74 9.11
CA HIS A 109 -15.33 -7.66 8.64
C HIS A 109 -15.35 -8.24 7.25
N PRO A 110 -16.50 -8.78 6.86
CA PRO A 110 -16.67 -9.39 5.54
C PRO A 110 -16.31 -8.47 4.40
N LYS A 111 -16.61 -7.16 4.57
CA LYS A 111 -16.32 -6.20 3.53
C LYS A 111 -14.83 -6.14 3.32
N ARG A 112 -14.04 -6.19 4.41
CA ARG A 112 -12.60 -6.13 4.30
C ARG A 112 -12.10 -7.36 3.61
N ASN A 113 -12.70 -8.52 3.91
CA ASN A 113 -12.26 -9.76 3.30
C ASN A 113 -12.47 -9.68 1.82
N GLN A 114 -13.61 -9.09 1.39
CA GLN A 114 -13.90 -9.00 -0.03
C GLN A 114 -12.96 -7.99 -0.63
N ALA A 115 -12.72 -6.90 0.11
CA ALA A 115 -11.86 -5.83 -0.38
C ALA A 115 -10.46 -6.35 -0.58
N ARG A 116 -9.97 -7.18 0.36
CA ARG A 116 -8.63 -7.72 0.24
C ARG A 116 -8.54 -8.59 -0.98
N GLN A 117 -9.60 -9.39 -1.25
CA GLN A 117 -9.58 -10.26 -2.41
C GLN A 117 -9.61 -9.41 -3.65
N LYS A 118 -10.39 -8.30 -3.63
CA LYS A 118 -10.47 -7.43 -4.79
C LYS A 118 -9.12 -6.84 -5.07
N LEU A 119 -8.36 -6.46 -4.01
CA LEU A 119 -7.05 -5.86 -4.21
C LEU A 119 -6.14 -6.87 -4.86
N SER A 120 -6.24 -8.15 -4.44
CA SER A 120 -5.39 -9.18 -5.01
C SER A 120 -5.87 -9.52 -6.39
N SER A 121 -7.09 -9.06 -6.77
CA SER A 121 -7.62 -9.37 -8.08
C SER A 121 -7.20 -8.27 -9.02
N LEU A 122 -6.54 -7.22 -8.50
CA LEU A 122 -6.12 -6.14 -9.36
C LEU A 122 -4.84 -6.56 -10.03
N GLY A 123 -4.75 -6.24 -11.34
CA GLY A 123 -3.58 -6.60 -12.11
C GLY A 123 -3.04 -5.35 -12.77
N PRO A 124 -3.89 -4.68 -13.51
CA PRO A 124 -3.50 -3.44 -14.21
C PRO A 124 -2.96 -2.36 -13.31
N PRO A 125 -2.36 -1.34 -13.91
CA PRO A 125 -1.76 -0.21 -13.18
C PRO A 125 -2.72 0.51 -12.28
N ARG A 126 -4.00 0.08 -12.29
CA ARG A 126 -4.99 0.70 -11.44
C ARG A 126 -4.55 0.53 -10.02
N PHE A 127 -3.98 -0.65 -9.69
CA PHE A 127 -3.51 -0.90 -8.34
C PHE A 127 -2.41 0.08 -8.02
N ARG A 128 -1.46 0.25 -8.96
CA ARG A 128 -0.35 1.16 -8.76
C ARG A 128 -0.89 2.57 -8.59
N ASP A 129 -1.91 2.92 -9.41
CA ASP A 129 -2.49 4.24 -9.33
C ASP A 129 -3.11 4.43 -7.97
N LEU A 130 -3.73 3.36 -7.42
CA LEU A 130 -4.37 3.43 -6.13
C LEU A 130 -3.31 3.69 -5.09
N ALA A 131 -2.18 2.97 -5.21
CA ALA A 131 -1.09 3.13 -4.28
C ALA A 131 -0.55 4.54 -4.36
N THR A 132 -0.44 5.07 -5.60
CA THR A 132 0.08 6.40 -5.81
C THR A 132 -0.87 7.40 -5.18
N ASP A 133 -2.19 7.19 -5.37
CA ASP A 133 -3.17 8.10 -4.82
C ASP A 133 -3.07 8.11 -3.32
N VAL A 134 -2.90 6.91 -2.70
CA VAL A 134 -2.80 6.85 -1.26
C VAL A 134 -1.55 7.57 -0.82
N PHE A 135 -0.43 7.34 -1.54
CA PHE A 135 0.83 7.98 -1.21
C PHE A 135 0.68 9.47 -1.27
N CYS A 136 0.10 9.98 -2.39
CA CYS A 136 -0.06 11.42 -2.56
C CYS A 136 -1.00 11.95 -1.51
N GLU A 137 -2.07 11.20 -1.19
CA GLU A 137 -3.02 11.65 -0.20
C GLU A 137 -2.33 11.81 1.13
N LEU A 138 -1.45 10.85 1.49
CA LEU A 138 -0.74 10.93 2.75
C LEU A 138 0.16 12.14 2.74
N GLU A 139 0.81 12.43 1.60
CA GLU A 139 1.70 13.55 1.54
C GLU A 139 0.93 14.84 1.75
N ARG A 140 -0.27 14.96 1.12
CA ARG A 140 -1.03 16.17 1.26
C ARG A 140 -1.60 16.26 2.66
N ARG A 141 -2.09 15.12 3.20
CA ARG A 141 -2.68 15.11 4.53
C ARG A 141 -1.62 15.41 5.55
N TYR A 142 -0.42 14.80 5.40
CA TYR A 142 0.64 15.01 6.34
C TYR A 142 1.79 15.61 5.58
N PRO A 143 1.88 16.92 5.59
CA PRO A 143 2.93 17.63 4.88
C PRO A 143 4.29 17.36 5.46
N ASN A 144 4.33 16.86 6.71
CA ASN A 144 5.60 16.57 7.35
C ASN A 144 6.11 15.26 6.82
N PHE A 145 5.28 14.53 6.03
CA PHE A 145 5.72 13.27 5.48
C PHE A 145 6.63 13.57 4.33
N ALA A 146 6.58 14.83 3.83
CA ALA A 146 7.42 15.22 2.72
C ALA A 146 8.85 15.30 3.19
N ASN A 147 9.05 15.36 4.53
CA ASN A 147 10.39 15.46 5.07
C ASN A 147 10.82 14.08 5.50
N LEU A 148 10.07 13.03 5.09
CA LEU A 148 10.42 11.69 5.47
C LEU A 148 11.30 11.14 4.40
N GLU A 149 12.58 11.44 4.52
CA GLU A 149 13.56 10.97 3.57
C GLU A 149 13.97 9.60 3.99
N MET A 150 14.11 8.68 3.01
CA MET A 150 14.51 7.34 3.33
C MET A 150 16.01 7.35 3.52
N PRO A 151 16.51 6.34 4.22
CA PRO A 151 17.93 6.21 4.48
C PRO A 151 18.77 6.13 3.25
N LEU A 152 20.02 6.57 3.40
CA LEU A 152 20.94 6.57 2.29
C LEU A 152 22.04 5.61 2.64
N ASN A 153 22.51 4.84 1.63
CA ASN A 153 23.56 3.89 1.86
C ASN A 153 24.57 4.10 0.77
N ALA A 154 25.76 4.62 1.15
CA ALA A 154 26.78 4.86 0.17
C ALA A 154 28.09 4.77 0.88
N SER A 155 29.16 4.40 0.15
CA SER A 155 30.47 4.30 0.76
C SER A 155 31.51 4.47 -0.34
N MET A 21 -3.66 2.69 20.07
CA MET A 21 -3.01 3.07 21.35
C MET A 21 -2.42 4.46 21.25
N GLY A 22 -3.26 5.48 21.53
CA GLY A 22 -2.78 6.85 21.45
C GLY A 22 -2.85 7.29 20.03
N GLU A 23 -2.28 8.48 19.74
CA GLU A 23 -2.29 8.99 18.39
C GLU A 23 -0.99 8.63 17.75
N ASN A 24 -0.69 7.31 17.70
CA ASN A 24 0.55 6.86 17.11
C ASN A 24 0.24 6.31 15.76
N GLN A 25 -0.95 6.65 15.23
CA GLN A 25 -1.36 6.17 13.93
C GLN A 25 -0.51 6.83 12.88
N GLU A 26 0.01 8.03 13.19
CA GLU A 26 0.83 8.75 12.25
C GLU A 26 2.11 7.99 12.06
N LEU A 27 2.64 7.40 13.14
CA LEU A 27 3.87 6.65 13.06
C LEU A 27 3.66 5.44 12.19
N VAL A 28 2.49 4.80 12.34
CA VAL A 28 2.20 3.62 11.55
C VAL A 28 2.13 4.00 10.10
N LEU A 29 1.44 5.12 9.79
CA LEU A 29 1.30 5.55 8.41
C LEU A 29 2.62 6.04 7.88
N SER A 30 3.54 6.52 8.74
CA SER A 30 4.81 6.99 8.25
C SER A 30 5.58 5.83 7.67
N ASP A 31 5.45 4.64 8.29
CA ASP A 31 6.13 3.46 7.79
C ASP A 31 5.51 3.09 6.47
N HIS A 32 4.17 3.22 6.38
CA HIS A 32 3.47 2.88 5.16
C HIS A 32 3.90 3.84 4.08
N TYR A 33 4.05 5.12 4.45
CA TYR A 33 4.45 6.16 3.53
C TYR A 33 5.81 5.83 2.95
N ILE A 34 6.76 5.51 3.83
CA ILE A 34 8.11 5.16 3.39
C ILE A 34 8.05 3.93 2.52
N SER A 35 7.24 2.93 2.94
CA SER A 35 7.15 1.70 2.18
C SER A 35 6.59 1.99 0.81
N LEU A 36 5.59 2.89 0.72
CA LEU A 36 5.00 3.24 -0.56
C LEU A 36 6.05 3.89 -1.41
N LYS A 37 6.89 4.76 -0.81
CA LYS A 37 7.92 5.44 -1.57
C LYS A 37 8.87 4.41 -2.14
N ARG A 38 9.27 3.42 -1.32
CA ARG A 38 10.17 2.39 -1.78
C ARG A 38 9.52 1.60 -2.88
N TYR A 39 8.22 1.27 -2.72
CA TYR A 39 7.50 0.51 -3.71
C TYR A 39 7.46 1.27 -5.01
N LEU A 40 7.09 2.57 -4.95
CA LEU A 40 6.99 3.37 -6.15
C LEU A 40 8.36 3.51 -6.77
N SER A 41 9.40 3.69 -5.95
CA SER A 41 10.74 3.85 -6.46
C SER A 41 11.16 2.58 -7.15
N ALA A 42 10.90 1.42 -6.52
CA ALA A 42 11.30 0.15 -7.08
C ALA A 42 10.59 -0.10 -8.39
N THR A 43 9.29 0.21 -8.46
CA THR A 43 8.53 -0.04 -9.68
C THR A 43 8.88 0.99 -10.71
N SER A 44 9.45 2.15 -10.30
CA SER A 44 9.80 3.17 -11.25
C SER A 44 11.22 2.93 -11.70
N ARG A 45 11.89 1.91 -11.13
CA ARG A 45 13.25 1.59 -11.49
C ARG A 45 14.16 2.71 -11.04
N ASP A 46 13.99 3.15 -9.77
CA ASP A 46 14.81 4.21 -9.21
C ASP A 46 14.59 5.46 -10.02
N GLY A 47 13.32 5.87 -10.19
CA GLY A 47 13.02 7.05 -10.94
C GLY A 47 11.85 7.71 -10.29
N ASN A 48 11.60 8.99 -10.64
CA ASN A 48 10.49 9.71 -10.07
C ASN A 48 9.69 10.30 -11.20
N PRO A 49 8.77 9.53 -11.73
CA PRO A 49 7.91 9.97 -12.84
C PRO A 49 7.10 11.19 -12.51
N LYS A 50 6.71 11.31 -11.21
CA LYS A 50 5.91 12.42 -10.75
C LYS A 50 4.64 12.50 -11.56
N PRO A 51 3.81 11.50 -11.44
CA PRO A 51 2.54 11.45 -12.17
C PRO A 51 1.53 12.39 -11.59
N PRO A 52 0.55 12.80 -12.37
CA PRO A 52 -0.48 13.71 -11.90
C PRO A 52 -1.43 13.05 -10.94
N PRO A 53 -1.98 13.79 -10.01
CA PRO A 53 -2.91 13.25 -9.03
C PRO A 53 -4.28 13.02 -9.61
N ASN A 54 -5.03 12.07 -9.00
CA ASN A 54 -6.36 11.79 -9.46
C ASN A 54 -7.30 12.60 -8.62
N LYS A 55 -8.38 13.12 -9.23
CA LYS A 55 -9.33 13.91 -8.50
C LYS A 55 -10.33 12.99 -7.87
N ALA A 56 -9.86 12.14 -6.94
CA ALA A 56 -10.74 11.21 -6.28
C ALA A 56 -10.49 11.35 -4.80
N ARG A 57 -10.05 12.55 -4.38
CA ARG A 57 -9.77 12.79 -2.98
C ARG A 57 -11.06 12.83 -2.22
N ASP A 58 -12.17 13.17 -2.90
CA ASP A 58 -13.47 13.25 -2.25
C ASP A 58 -13.83 11.88 -1.76
N LYS A 59 -13.53 10.84 -2.56
CA LYS A 59 -13.85 9.47 -2.20
C LYS A 59 -13.09 9.10 -0.95
N LEU A 60 -11.82 9.54 -0.86
CA LEU A 60 -11.00 9.20 0.28
C LEU A 60 -11.49 9.92 1.51
N GLN A 61 -12.34 10.96 1.34
CA GLN A 61 -12.84 11.69 2.49
C GLN A 61 -14.19 11.13 2.88
N ARG A 62 -14.66 10.07 2.18
CA ARG A 62 -15.94 9.49 2.52
C ARG A 62 -15.70 8.29 3.39
N LEU A 63 -14.94 8.47 4.49
CA LEU A 63 -14.67 7.39 5.37
C LEU A 63 -14.04 7.96 6.60
N THR A 64 -14.03 7.16 7.68
CA THR A 64 -13.46 7.61 8.93
C THR A 64 -11.98 7.37 8.90
N GLU A 65 -11.25 7.94 9.87
CA GLU A 65 -9.81 7.77 9.92
C GLU A 65 -9.48 6.34 10.24
N VAL A 66 -10.38 5.66 10.98
CA VAL A 66 -10.13 4.27 11.33
C VAL A 66 -10.25 3.45 10.09
N GLN A 67 -11.26 3.76 9.26
CA GLN A 67 -11.44 3.03 8.02
C GLN A 67 -10.26 3.32 7.14
N PHE A 68 -9.77 4.57 7.19
CA PHE A 68 -8.62 4.96 6.39
C PHE A 68 -7.45 4.10 6.80
N LEU A 69 -7.24 3.91 8.13
CA LEU A 69 -6.13 3.10 8.58
C LEU A 69 -6.32 1.68 8.12
N GLU A 70 -7.57 1.19 8.13
CA GLU A 70 -7.82 -0.17 7.70
C GLU A 70 -7.48 -0.28 6.22
N LEU A 71 -7.82 0.74 5.43
CA LEU A 71 -7.52 0.71 4.01
C LEU A 71 -6.03 0.78 3.81
N SER A 72 -5.35 1.63 4.61
CA SER A 72 -3.92 1.78 4.49
C SER A 72 -3.26 0.47 4.83
N THR A 73 -3.78 -0.22 5.88
CA THR A 73 -3.23 -1.49 6.29
C THR A 73 -3.49 -2.51 5.23
N ASP A 74 -4.70 -2.51 4.62
CA ASP A 74 -5.01 -3.49 3.61
C ASP A 74 -4.09 -3.29 2.43
N VAL A 75 -3.83 -2.01 2.04
CA VAL A 75 -2.96 -1.75 0.91
C VAL A 75 -1.57 -2.17 1.27
N TYR A 76 -1.12 -1.83 2.49
CA TYR A 76 0.22 -2.17 2.94
C TYR A 76 0.39 -3.67 2.92
N ASP A 77 -0.58 -4.39 3.51
CA ASP A 77 -0.50 -5.83 3.57
C ASP A 77 -0.50 -6.41 2.18
N GLU A 78 -1.32 -5.85 1.26
CA GLU A 78 -1.36 -6.36 -0.09
C GLU A 78 -0.02 -6.17 -0.75
N LEU A 79 0.60 -4.99 -0.55
CA LEU A 79 1.89 -4.72 -1.15
C LEU A 79 2.92 -5.67 -0.61
N LYS A 80 2.86 -5.95 0.71
CA LYS A 80 3.84 -6.84 1.32
C LYS A 80 3.70 -8.22 0.74
N ARG A 81 2.47 -8.69 0.50
CA ARG A 81 2.27 -10.01 -0.05
C ARG A 81 2.84 -10.07 -1.44
N ARG A 82 2.66 -8.99 -2.22
CA ARG A 82 3.18 -8.97 -3.57
C ARG A 82 4.68 -9.01 -3.53
N GLU A 83 5.29 -8.32 -2.55
CA GLU A 83 6.74 -8.31 -2.44
C GLU A 83 7.21 -9.70 -2.14
N GLN A 84 6.48 -10.44 -1.27
CA GLN A 84 6.87 -11.78 -0.93
C GLN A 84 6.79 -12.66 -2.15
N VAL A 85 5.76 -12.44 -2.98
CA VAL A 85 5.58 -13.23 -4.19
C VAL A 85 6.76 -13.00 -5.08
N ALA A 86 7.19 -11.74 -5.21
CA ALA A 86 8.31 -11.40 -6.05
C ALA A 86 9.55 -12.07 -5.55
N ARG A 87 9.75 -12.09 -4.22
CA ARG A 87 10.93 -12.71 -3.64
C ARG A 87 10.91 -14.17 -3.96
N ARG A 88 9.72 -14.80 -3.91
CA ARG A 88 9.62 -16.22 -4.19
C ARG A 88 9.98 -16.44 -5.64
N GLY A 89 9.45 -15.57 -6.51
CA GLY A 89 9.74 -15.66 -7.92
C GLY A 89 8.63 -16.41 -8.59
N PRO A 90 8.58 -16.25 -9.89
CA PRO A 90 7.57 -16.91 -10.72
C PRO A 90 7.84 -18.37 -10.93
N ASN A 91 9.09 -18.79 -10.66
CA ASN A 91 9.46 -20.18 -10.83
C ASN A 91 9.61 -20.78 -9.48
N ALA A 92 8.93 -20.17 -8.47
CA ALA A 92 9.01 -20.67 -7.12
C ALA A 92 8.22 -21.95 -7.06
N PRO A 93 8.56 -22.81 -6.12
CA PRO A 93 7.87 -24.08 -5.95
C PRO A 93 6.41 -23.93 -5.66
N PRO A 94 5.59 -24.83 -6.13
CA PRO A 94 4.14 -24.75 -5.92
C PRO A 94 3.73 -24.95 -4.50
N GLU A 95 4.58 -25.63 -3.70
CA GLU A 95 4.26 -25.88 -2.31
C GLU A 95 4.30 -24.58 -1.57
N THR A 96 5.27 -23.73 -1.92
CA THR A 96 5.43 -22.46 -1.25
C THR A 96 4.87 -21.39 -2.14
N ALA A 97 4.02 -21.79 -3.10
CA ALA A 97 3.45 -20.81 -4.01
C ALA A 97 2.45 -19.99 -3.24
N PRO A 98 2.58 -18.67 -3.31
CA PRO A 98 1.67 -17.76 -2.63
C PRO A 98 0.26 -17.90 -3.11
N PRO A 99 -0.71 -17.60 -2.28
CA PRO A 99 -2.12 -17.70 -2.65
C PRO A 99 -2.53 -16.64 -3.63
N ASP A 100 -3.60 -16.91 -4.39
CA ASP A 100 -4.07 -15.96 -5.38
C ASP A 100 -4.94 -14.95 -4.68
N PHE A 101 -5.23 -15.16 -3.38
CA PHE A 101 -6.05 -14.24 -2.67
C PHE A 101 -5.65 -14.29 -1.22
N LEU A 102 -5.98 -13.22 -0.47
CA LEU A 102 -5.63 -13.19 0.93
C LEU A 102 -6.66 -13.97 1.68
N LEU A 103 -6.20 -14.86 2.59
CA LEU A 103 -7.10 -15.67 3.35
C LEU A 103 -7.87 -14.77 4.28
N PRO A 104 -9.16 -14.97 4.34
CA PRO A 104 -10.03 -14.16 5.20
C PRO A 104 -9.89 -14.48 6.66
N GLN A 105 -10.24 -13.50 7.51
CA GLN A 105 -10.14 -13.69 8.93
C GLN A 105 -11.48 -13.33 9.51
N ASP A 106 -11.82 -13.91 10.69
CA ASP A 106 -13.11 -13.64 11.29
C ASP A 106 -13.02 -12.46 12.20
N ASN A 107 -11.79 -11.91 12.42
CA ASN A 107 -11.68 -10.77 13.29
C ASN A 107 -11.88 -9.52 12.47
N PHE A 108 -11.91 -9.68 11.12
CA PHE A 108 -12.11 -8.55 10.25
C PHE A 108 -13.52 -8.63 9.75
N HIS A 109 -14.09 -7.47 9.36
CA HIS A 109 -15.43 -7.44 8.84
C HIS A 109 -15.39 -8.11 7.49
N PRO A 110 -16.50 -8.69 7.09
CA PRO A 110 -16.58 -9.37 5.81
C PRO A 110 -16.33 -8.46 4.64
N LYS A 111 -16.64 -7.16 4.80
CA LYS A 111 -16.41 -6.21 3.73
C LYS A 111 -14.94 -6.10 3.49
N ARG A 112 -14.14 -6.12 4.58
CA ARG A 112 -12.69 -6.02 4.45
C ARG A 112 -12.17 -7.25 3.78
N ASN A 113 -12.73 -8.42 4.10
CA ASN A 113 -12.27 -9.65 3.51
C ASN A 113 -12.51 -9.60 2.03
N GLN A 114 -13.67 -9.04 1.60
CA GLN A 114 -13.98 -8.96 0.20
C GLN A 114 -13.06 -7.96 -0.44
N ALA A 115 -12.81 -6.85 0.28
CA ALA A 115 -11.94 -5.81 -0.23
C ALA A 115 -10.55 -6.35 -0.44
N ARG A 116 -10.07 -7.16 0.52
CA ARG A 116 -8.74 -7.74 0.41
C ARG A 116 -8.68 -8.63 -0.81
N GLN A 117 -9.76 -9.41 -1.06
CA GLN A 117 -9.79 -10.30 -2.20
C GLN A 117 -9.79 -9.46 -3.46
N LYS A 118 -10.53 -8.34 -3.46
CA LYS A 118 -10.60 -7.48 -4.62
C LYS A 118 -9.23 -6.93 -4.92
N LEU A 119 -8.46 -6.57 -3.88
CA LEU A 119 -7.13 -6.02 -4.09
C LEU A 119 -6.27 -7.05 -4.75
N SER A 120 -6.43 -8.33 -4.35
CA SER A 120 -5.63 -9.39 -4.93
C SER A 120 -6.07 -9.63 -6.36
N SER A 121 -7.29 -9.18 -6.71
CA SER A 121 -7.79 -9.39 -8.05
C SER A 121 -7.31 -8.26 -8.93
N LEU A 122 -6.63 -7.25 -8.35
CA LEU A 122 -6.15 -6.15 -9.15
C LEU A 122 -4.87 -6.59 -9.81
N GLY A 123 -4.65 -6.13 -11.05
CA GLY A 123 -3.47 -6.51 -11.79
C GLY A 123 -2.92 -5.29 -12.48
N PRO A 124 -3.75 -4.63 -13.27
CA PRO A 124 -3.36 -3.44 -14.01
C PRO A 124 -2.81 -2.32 -13.15
N PRO A 125 -2.18 -1.33 -13.78
CA PRO A 125 -1.58 -0.18 -13.10
C PRO A 125 -2.53 0.58 -12.22
N ARG A 126 -3.81 0.21 -12.25
CA ARG A 126 -4.80 0.86 -11.44
C ARG A 126 -4.40 0.68 -10.00
N PHE A 127 -3.87 -0.51 -9.66
CA PHE A 127 -3.43 -0.77 -8.30
C PHE A 127 -2.27 0.14 -7.98
N ARG A 128 -1.33 0.31 -8.93
CA ARG A 128 -0.19 1.16 -8.68
C ARG A 128 -0.68 2.57 -8.48
N ASP A 129 -1.71 2.98 -9.26
CA ASP A 129 -2.28 4.30 -9.13
C ASP A 129 -2.91 4.42 -7.77
N LEU A 130 -3.50 3.32 -7.26
CA LEU A 130 -4.14 3.32 -5.96
C LEU A 130 -3.09 3.63 -4.93
N ALA A 131 -1.95 2.95 -5.04
CA ALA A 131 -0.86 3.14 -4.12
C ALA A 131 -0.35 4.57 -4.22
N THR A 132 -0.28 5.10 -5.45
CA THR A 132 0.21 6.45 -5.67
C THR A 132 -0.74 7.42 -5.03
N ASP A 133 -2.06 7.20 -5.19
CA ASP A 133 -3.05 8.09 -4.63
C ASP A 133 -2.93 8.10 -3.13
N VAL A 134 -2.70 6.92 -2.51
CA VAL A 134 -2.58 6.86 -1.07
C VAL A 134 -1.35 7.64 -0.66
N PHE A 135 -0.24 7.45 -1.39
CA PHE A 135 1.00 8.13 -1.08
C PHE A 135 0.80 9.62 -1.17
N CYS A 136 0.18 10.08 -2.28
CA CYS A 136 -0.05 11.49 -2.49
C CYS A 136 -0.97 12.03 -1.41
N GLU A 137 -2.04 11.27 -1.09
CA GLU A 137 -2.98 11.72 -0.09
C GLU A 137 -2.29 11.86 1.24
N LEU A 138 -1.42 10.89 1.59
CA LEU A 138 -0.73 10.95 2.87
C LEU A 138 0.17 12.16 2.90
N GLU A 139 0.84 12.48 1.77
CA GLU A 139 1.72 13.60 1.74
C GLU A 139 0.94 14.88 1.95
N ARG A 140 -0.24 14.99 1.31
CA ARG A 140 -1.04 16.19 1.45
C ARG A 140 -1.57 16.30 2.87
N ARG A 141 -2.11 15.18 3.42
CA ARG A 141 -2.67 15.22 4.75
C ARG A 141 -1.60 15.45 5.78
N TYR A 142 -0.42 14.83 5.59
CA TYR A 142 0.64 14.97 6.55
C TYR A 142 1.82 15.59 5.86
N PRO A 143 1.95 16.89 5.95
CA PRO A 143 3.08 17.60 5.35
C PRO A 143 4.37 17.20 5.99
N ASN A 144 4.26 16.64 7.21
CA ASN A 144 5.42 16.17 7.94
C ASN A 144 6.05 15.04 7.16
N PHE A 145 5.20 14.23 6.50
CA PHE A 145 5.68 13.08 5.76
C PHE A 145 6.43 13.58 4.55
N ALA A 146 6.13 14.81 4.10
CA ALA A 146 6.79 15.38 2.96
C ALA A 146 8.24 15.64 3.32
N ASN A 147 8.54 15.71 4.64
CA ASN A 147 9.89 15.97 5.07
C ASN A 147 10.51 14.66 5.50
N LEU A 148 9.97 13.52 5.02
CA LEU A 148 10.51 12.24 5.37
C LEU A 148 11.43 11.84 4.27
N GLU A 149 12.69 12.22 4.44
CA GLU A 149 13.69 11.89 3.45
C GLU A 149 13.96 10.41 3.55
N MET A 150 14.36 9.80 2.42
CA MET A 150 14.62 8.38 2.42
C MET A 150 15.96 8.16 3.08
N PRO A 151 16.09 7.04 3.74
CA PRO A 151 17.32 6.70 4.43
C PRO A 151 18.39 6.19 3.49
N LEU A 152 19.63 6.13 4.00
CA LEU A 152 20.73 5.67 3.19
C LEU A 152 21.26 4.42 3.84
N ASN A 153 21.60 3.41 3.01
CA ASN A 153 22.12 2.18 3.54
C ASN A 153 23.59 2.16 3.28
N ALA A 154 24.38 1.75 4.29
CA ALA A 154 25.81 1.70 4.13
C ALA A 154 26.32 0.63 5.03
N SER A 155 27.48 0.04 4.69
CA SER A 155 28.04 -1.00 5.51
C SER A 155 29.51 -1.15 5.12
N MET A 21 0.50 3.02 26.75
CA MET A 21 0.81 1.89 25.84
C MET A 21 -0.02 1.98 24.59
N GLY A 22 0.62 2.40 23.47
CA GLY A 22 -0.10 2.52 22.24
C GLY A 22 0.88 2.96 21.21
N GLU A 23 0.41 3.14 19.95
CA GLU A 23 1.27 3.57 18.89
C GLU A 23 0.56 4.67 18.17
N ASN A 24 1.34 5.64 17.63
CA ASN A 24 0.74 6.73 16.91
C ASN A 24 0.45 6.25 15.52
N GLN A 25 -0.72 6.64 14.97
CA GLN A 25 -1.08 6.22 13.64
C GLN A 25 -0.19 6.90 12.64
N GLU A 26 0.36 8.07 13.01
CA GLU A 26 1.23 8.80 12.13
C GLU A 26 2.47 7.99 11.89
N LEU A 27 2.97 7.33 12.94
CA LEU A 27 4.17 6.53 12.83
C LEU A 27 3.87 5.34 11.95
N VAL A 28 2.68 4.75 12.10
CA VAL A 28 2.31 3.60 11.31
C VAL A 28 2.24 3.99 9.86
N LEU A 29 1.59 5.13 9.56
CA LEU A 29 1.47 5.57 8.20
C LEU A 29 2.79 6.04 7.69
N SER A 30 3.72 6.43 8.58
CA SER A 30 5.03 6.88 8.13
C SER A 30 5.73 5.71 7.48
N ASP A 31 5.59 4.51 8.08
CA ASP A 31 6.22 3.33 7.53
C ASP A 31 5.56 3.01 6.22
N HIS A 32 4.23 3.20 6.13
CA HIS A 32 3.50 2.91 4.91
C HIS A 32 3.96 3.87 3.85
N TYR A 33 4.15 5.15 4.24
CA TYR A 33 4.58 6.19 3.33
C TYR A 33 5.93 5.83 2.75
N ILE A 34 6.88 5.47 3.63
CA ILE A 34 8.21 5.12 3.20
C ILE A 34 8.13 3.91 2.30
N SER A 35 7.32 2.91 2.68
CA SER A 35 7.21 1.69 1.88
C SER A 35 6.63 2.02 0.53
N LEU A 36 5.63 2.92 0.49
CA LEU A 36 5.02 3.29 -0.77
C LEU A 36 6.04 3.98 -1.63
N LYS A 37 6.91 4.81 -1.02
CA LYS A 37 7.92 5.50 -1.79
C LYS A 37 8.83 4.49 -2.43
N ARG A 38 9.23 3.46 -1.67
CA ARG A 38 10.11 2.44 -2.21
C ARG A 38 9.41 1.71 -3.31
N TYR A 39 8.10 1.39 -3.11
CA TYR A 39 7.34 0.68 -4.10
C TYR A 39 7.26 1.49 -5.37
N LEU A 40 6.92 2.78 -5.25
CA LEU A 40 6.79 3.64 -6.41
C LEU A 40 8.13 3.78 -7.07
N SER A 41 9.22 3.92 -6.28
CA SER A 41 10.54 4.07 -6.85
C SER A 41 10.92 2.82 -7.59
N ALA A 42 10.65 1.65 -6.99
CA ALA A 42 11.00 0.38 -7.60
C ALA A 42 10.28 0.20 -8.91
N THR A 43 9.00 0.62 -8.97
CA THR A 43 8.23 0.44 -10.18
C THR A 43 8.38 1.65 -11.07
N SER A 44 9.26 2.60 -10.70
CA SER A 44 9.44 3.77 -11.52
C SER A 44 10.68 3.56 -12.35
N ARG A 45 10.49 3.14 -13.62
CA ARG A 45 11.63 2.91 -14.48
C ARG A 45 12.08 4.24 -15.04
N ASP A 46 11.18 5.24 -15.04
CA ASP A 46 11.53 6.55 -15.55
C ASP A 46 11.06 7.58 -14.56
N GLY A 47 9.73 7.66 -14.34
CA GLY A 47 9.19 8.60 -13.41
C GLY A 47 8.55 9.71 -14.19
N ASN A 48 7.60 10.42 -13.55
CA ASN A 48 6.92 11.50 -14.20
C ASN A 48 6.88 12.63 -13.21
N PRO A 49 6.85 13.85 -13.70
CA PRO A 49 6.80 15.03 -12.84
C PRO A 49 5.51 15.17 -12.11
N LYS A 50 4.44 14.55 -12.64
CA LYS A 50 3.15 14.62 -12.00
C LYS A 50 2.61 13.21 -11.95
N PRO A 51 1.83 12.93 -10.94
CA PRO A 51 1.24 11.61 -10.77
C PRO A 51 0.12 11.35 -11.73
N PRO A 52 -0.17 10.10 -12.04
CA PRO A 52 -1.25 9.75 -12.95
C PRO A 52 -2.60 10.24 -12.48
N PRO A 53 -3.46 10.67 -13.38
CA PRO A 53 -4.77 11.16 -13.00
C PRO A 53 -5.70 10.07 -12.58
N ASN A 54 -6.58 10.37 -11.61
CA ASN A 54 -7.52 9.40 -11.14
C ASN A 54 -8.64 10.14 -10.48
N LYS A 55 -9.89 9.76 -10.77
CA LYS A 55 -11.02 10.43 -10.18
C LYS A 55 -11.51 9.58 -9.04
N ALA A 56 -11.16 9.98 -7.81
CA ALA A 56 -11.59 9.23 -6.65
C ALA A 56 -11.34 10.10 -5.44
N ARG A 57 -11.29 11.43 -5.66
CA ARG A 57 -11.05 12.35 -4.58
C ARG A 57 -12.20 12.30 -3.62
N ASP A 58 -13.43 12.27 -4.15
CA ASP A 58 -14.60 12.26 -3.31
C ASP A 58 -14.72 10.92 -2.62
N LYS A 59 -14.22 9.85 -3.25
CA LYS A 59 -14.32 8.53 -2.66
C LYS A 59 -13.49 8.49 -1.39
N LEU A 60 -12.32 9.15 -1.40
CA LEU A 60 -11.46 9.14 -0.24
C LEU A 60 -11.99 10.10 0.80
N GLN A 61 -12.98 10.96 0.42
CA GLN A 61 -13.53 11.90 1.37
C GLN A 61 -14.75 11.31 2.00
N ARG A 62 -15.14 10.07 1.61
CA ARG A 62 -16.32 9.46 2.19
C ARG A 62 -15.90 8.26 2.98
N LEU A 63 -15.21 8.51 4.10
CA LEU A 63 -14.76 7.43 4.94
C LEU A 63 -14.27 8.04 6.21
N THR A 64 -14.22 7.21 7.28
CA THR A 64 -13.76 7.70 8.55
C THR A 64 -12.27 7.55 8.59
N GLU A 65 -11.65 8.16 9.63
CA GLU A 65 -10.21 8.09 9.78
C GLU A 65 -9.80 6.66 10.00
N VAL A 66 -10.62 5.91 10.77
CA VAL A 66 -10.30 4.52 11.06
C VAL A 66 -10.38 3.74 9.79
N GLN A 67 -11.42 4.02 8.96
CA GLN A 67 -11.57 3.32 7.71
C GLN A 67 -10.38 3.63 6.84
N PHE A 68 -9.90 4.89 6.90
CA PHE A 68 -8.75 5.27 6.10
C PHE A 68 -7.58 4.41 6.52
N LEU A 69 -7.38 4.22 7.84
CA LEU A 69 -6.28 3.40 8.31
C LEU A 69 -6.46 1.99 7.85
N GLU A 70 -7.71 1.50 7.85
CA GLU A 70 -7.98 0.14 7.41
C GLU A 70 -7.61 0.02 5.96
N LEU A 71 -7.91 1.07 5.15
CA LEU A 71 -7.60 1.05 3.74
C LEU A 71 -6.09 1.05 3.57
N SER A 72 -5.39 1.91 4.34
CA SER A 72 -3.94 1.99 4.22
C SER A 72 -3.34 0.65 4.62
N THR A 73 -3.91 0.00 5.64
CA THR A 73 -3.39 -1.26 6.11
C THR A 73 -3.66 -2.34 5.08
N ASP A 74 -4.86 -2.34 4.47
CA ASP A 74 -5.19 -3.35 3.49
C ASP A 74 -4.25 -3.23 2.32
N VAL A 75 -3.98 -1.98 1.85
CA VAL A 75 -3.10 -1.79 0.72
C VAL A 75 -1.69 -2.19 1.11
N TYR A 76 -1.27 -1.76 2.32
CA TYR A 76 0.06 -2.06 2.80
C TYR A 76 0.25 -3.55 2.89
N ASP A 77 -0.72 -4.26 3.49
CA ASP A 77 -0.62 -5.69 3.64
C ASP A 77 -0.55 -6.36 2.28
N GLU A 78 -1.34 -5.90 1.29
CA GLU A 78 -1.32 -6.53 -0.02
C GLU A 78 0.04 -6.32 -0.63
N LEU A 79 0.61 -5.11 -0.47
CA LEU A 79 1.91 -4.81 -1.04
C LEU A 79 2.95 -5.72 -0.44
N LYS A 80 2.84 -6.01 0.88
CA LYS A 80 3.81 -6.86 1.54
C LYS A 80 3.82 -8.23 0.93
N ARG A 81 2.63 -8.76 0.59
CA ARG A 81 2.55 -10.10 0.03
C ARG A 81 3.31 -10.15 -1.28
N ARG A 82 3.16 -9.10 -2.11
CA ARG A 82 3.85 -9.07 -3.38
C ARG A 82 5.34 -8.99 -3.13
N GLU A 83 5.76 -8.21 -2.13
CA GLU A 83 7.17 -8.06 -1.85
C GLU A 83 7.73 -9.38 -1.39
N GLN A 84 6.96 -10.13 -0.57
CA GLN A 84 7.43 -11.42 -0.08
C GLN A 84 7.59 -12.36 -1.23
N VAL A 85 6.64 -12.32 -2.19
CA VAL A 85 6.70 -13.21 -3.33
C VAL A 85 7.95 -12.90 -4.11
N ALA A 86 8.24 -11.59 -4.29
CA ALA A 86 9.40 -11.18 -5.05
C ALA A 86 10.65 -11.64 -4.37
N ARG A 87 10.69 -11.54 -3.02
CA ARG A 87 11.87 -11.95 -2.29
C ARG A 87 12.09 -13.43 -2.47
N ARG A 88 10.98 -14.21 -2.50
CA ARG A 88 11.11 -15.64 -2.67
C ARG A 88 11.64 -15.91 -4.04
N GLY A 89 11.12 -15.18 -5.04
CA GLY A 89 11.58 -15.32 -6.40
C GLY A 89 10.62 -16.23 -7.13
N PRO A 90 10.69 -16.13 -8.44
CA PRO A 90 9.84 -16.93 -9.32
C PRO A 90 10.25 -18.36 -9.40
N ASN A 91 11.50 -18.67 -8.99
CA ASN A 91 11.99 -20.03 -9.04
C ASN A 91 11.96 -20.56 -7.64
N ALA A 92 11.17 -19.93 -6.77
CA ALA A 92 11.06 -20.36 -5.40
C ALA A 92 10.31 -21.66 -5.37
N PRO A 93 10.64 -22.50 -4.42
CA PRO A 93 9.99 -23.79 -4.28
C PRO A 93 8.58 -23.68 -3.78
N PRO A 94 7.75 -24.65 -4.06
CA PRO A 94 6.35 -24.64 -3.65
C PRO A 94 6.15 -24.74 -2.17
N GLU A 95 7.16 -25.26 -1.43
CA GLU A 95 7.03 -25.41 -0.01
C GLU A 95 7.08 -24.05 0.64
N THR A 96 7.63 -23.03 -0.07
CA THR A 96 7.71 -21.71 0.48
C THR A 96 6.84 -20.82 -0.35
N ALA A 97 5.93 -21.44 -1.12
CA ALA A 97 5.05 -20.66 -1.97
C ALA A 97 4.01 -20.00 -1.10
N PRO A 98 3.92 -18.69 -1.20
CA PRO A 98 2.94 -17.92 -0.44
C PRO A 98 1.56 -18.04 -1.01
N PRO A 99 0.54 -17.72 -0.24
CA PRO A 99 -0.83 -17.79 -0.71
C PRO A 99 -1.07 -16.98 -1.94
N ASP A 100 -1.87 -17.53 -2.88
CA ASP A 100 -2.16 -16.84 -4.11
C ASP A 100 -3.08 -15.69 -3.80
N PHE A 101 -3.77 -15.75 -2.65
CA PHE A 101 -4.67 -14.69 -2.28
C PHE A 101 -4.71 -14.64 -0.79
N LEU A 102 -5.16 -13.48 -0.23
CA LEU A 102 -5.22 -13.34 1.21
C LEU A 102 -6.27 -14.28 1.72
N LEU A 103 -5.89 -15.06 2.76
CA LEU A 103 -6.81 -16.02 3.31
C LEU A 103 -7.83 -15.28 4.12
N PRO A 104 -9.03 -15.81 4.16
CA PRO A 104 -10.13 -15.21 4.89
C PRO A 104 -10.01 -15.36 6.38
N GLN A 105 -10.63 -14.42 7.12
CA GLN A 105 -10.59 -14.46 8.56
C GLN A 105 -11.99 -14.22 9.02
N ASP A 106 -12.36 -14.78 10.20
CA ASP A 106 -13.69 -14.60 10.71
C ASP A 106 -13.68 -13.38 11.60
N ASN A 107 -12.55 -12.65 11.62
CA ASN A 107 -12.45 -11.45 12.43
C ASN A 107 -12.95 -10.30 11.61
N PHE A 108 -13.09 -10.50 10.29
CA PHE A 108 -13.55 -9.44 9.42
C PHE A 108 -14.83 -9.88 8.79
N HIS A 109 -15.63 -8.90 8.32
CA HIS A 109 -16.88 -9.19 7.68
C HIS A 109 -16.57 -9.79 6.33
N PRO A 110 -17.48 -10.57 5.80
CA PRO A 110 -17.30 -11.22 4.51
C PRO A 110 -17.08 -10.25 3.39
N LYS A 111 -17.65 -9.03 3.50
CA LYS A 111 -17.47 -8.03 2.47
C LYS A 111 -16.01 -7.66 2.45
N ARG A 112 -15.41 -7.51 3.64
CA ARG A 112 -14.02 -7.16 3.75
C ARG A 112 -13.18 -8.27 3.21
N ASN A 113 -13.60 -9.52 3.44
CA ASN A 113 -12.84 -10.66 2.96
C ASN A 113 -12.78 -10.60 1.45
N GLN A 114 -13.90 -10.22 0.81
CA GLN A 114 -13.93 -10.15 -0.64
C GLN A 114 -13.04 -9.02 -1.08
N ALA A 115 -13.09 -7.91 -0.33
CA ALA A 115 -12.29 -6.75 -0.65
C ALA A 115 -10.83 -7.10 -0.56
N ARG A 116 -10.45 -7.84 0.49
CA ARG A 116 -9.07 -8.23 0.66
C ARG A 116 -8.68 -9.18 -0.45
N GLN A 117 -9.60 -10.09 -0.82
CA GLN A 117 -9.31 -11.07 -1.85
C GLN A 117 -9.12 -10.40 -3.19
N LYS A 118 -9.96 -9.40 -3.54
CA LYS A 118 -9.84 -8.76 -4.85
C LYS A 118 -8.55 -7.98 -4.91
N LEU A 119 -8.06 -7.50 -3.75
CA LEU A 119 -6.82 -6.76 -3.74
C LEU A 119 -5.70 -7.67 -4.16
N SER A 120 -5.74 -8.95 -3.72
CA SER A 120 -4.71 -9.89 -4.08
C SER A 120 -4.74 -10.13 -5.56
N SER A 121 -5.95 -10.24 -6.13
CA SER A 121 -6.09 -10.50 -7.55
C SER A 121 -5.56 -9.34 -8.35
N LEU A 122 -5.86 -8.10 -7.89
CA LEU A 122 -5.43 -6.91 -8.60
C LEU A 122 -6.03 -6.96 -9.98
N GLY A 123 -5.21 -6.69 -11.02
CA GLY A 123 -5.71 -6.72 -12.37
C GLY A 123 -5.36 -5.41 -13.01
N PRO A 124 -6.20 -4.42 -12.78
CA PRO A 124 -6.01 -3.10 -13.35
C PRO A 124 -4.94 -2.28 -12.68
N PRO A 125 -4.42 -1.30 -13.38
CA PRO A 125 -3.40 -0.40 -12.86
C PRO A 125 -3.95 0.55 -11.85
N ARG A 126 -5.29 0.44 -11.61
CA ARG A 126 -5.96 1.29 -10.68
C ARG A 126 -5.36 1.08 -9.32
N PHE A 127 -4.88 -0.15 -9.03
CA PHE A 127 -4.27 -0.42 -7.74
C PHE A 127 -3.07 0.48 -7.57
N ARG A 128 -2.21 0.57 -8.60
CA ARG A 128 -1.02 1.39 -8.51
C ARG A 128 -1.42 2.84 -8.38
N ASP A 129 -2.47 3.25 -9.12
CA ASP A 129 -2.93 4.62 -9.05
C ASP A 129 -3.44 4.90 -7.66
N LEU A 130 -4.11 3.90 -7.05
CA LEU A 130 -4.66 4.04 -5.72
C LEU A 130 -3.53 4.23 -4.77
N ALA A 131 -2.46 3.43 -4.94
CA ALA A 131 -1.32 3.50 -4.08
C ALA A 131 -0.69 4.87 -4.21
N THR A 132 -0.63 5.40 -5.45
CA THR A 132 -0.06 6.71 -5.69
C THR A 132 -0.92 7.75 -5.01
N ASP A 133 -2.25 7.61 -5.12
CA ASP A 133 -3.17 8.56 -4.53
C ASP A 133 -3.00 8.55 -3.03
N VAL A 134 -2.82 7.34 -2.43
CA VAL A 134 -2.65 7.25 -1.00
C VAL A 134 -1.37 7.95 -0.62
N PHE A 135 -0.30 7.72 -1.41
CA PHE A 135 0.99 8.34 -1.13
C PHE A 135 0.84 9.83 -1.18
N CYS A 136 0.17 10.35 -2.23
CA CYS A 136 -0.01 11.78 -2.38
C CYS A 136 -0.83 12.31 -1.23
N GLU A 137 -1.92 11.60 -0.88
CA GLU A 137 -2.78 12.05 0.20
C GLU A 137 -2.01 12.10 1.49
N LEU A 138 -1.15 11.10 1.74
CA LEU A 138 -0.40 11.09 2.98
C LEU A 138 0.53 12.26 3.03
N GLU A 139 1.16 12.62 1.89
CA GLU A 139 2.08 13.71 1.87
C GLU A 139 1.34 15.00 2.14
N ARG A 140 0.16 15.18 1.52
CA ARG A 140 -0.60 16.41 1.72
C ARG A 140 -1.15 16.45 3.13
N ARG A 141 -1.69 15.31 3.61
CA ARG A 141 -2.29 15.24 4.92
C ARG A 141 -1.23 15.47 5.96
N TYR A 142 -0.06 14.83 5.78
CA TYR A 142 1.01 14.95 6.74
C TYR A 142 2.18 15.57 6.04
N PRO A 143 2.31 16.87 6.14
CA PRO A 143 3.41 17.58 5.50
C PRO A 143 4.74 17.25 6.10
N ASN A 144 4.74 16.67 7.31
CA ASN A 144 5.97 16.31 7.96
C ASN A 144 6.49 15.03 7.35
N PHE A 145 5.67 14.38 6.48
CA PHE A 145 6.11 13.16 5.83
C PHE A 145 7.05 13.55 4.73
N ALA A 146 7.03 14.83 4.33
CA ALA A 146 7.90 15.29 3.28
C ALA A 146 9.30 15.41 3.83
N ASN A 147 9.42 15.35 5.18
CA ASN A 147 10.73 15.46 5.81
C ASN A 147 11.20 14.07 6.14
N LEU A 148 10.52 13.04 5.60
CA LEU A 148 10.91 11.69 5.87
C LEU A 148 11.92 11.31 4.85
N GLU A 149 13.17 11.68 5.16
CA GLU A 149 14.28 11.39 4.28
C GLU A 149 14.57 9.93 4.37
N MET A 150 14.95 9.33 3.23
CA MET A 150 15.26 7.92 3.19
C MET A 150 16.63 7.74 3.79
N PRO A 151 16.84 6.62 4.43
CA PRO A 151 18.12 6.31 5.05
C PRO A 151 19.13 5.84 4.06
N LEU A 152 20.41 5.82 4.47
CA LEU A 152 21.46 5.39 3.60
C LEU A 152 22.59 4.93 4.46
N ASN A 153 23.53 4.17 3.86
CA ASN A 153 24.65 3.67 4.61
C ASN A 153 25.88 3.92 3.76
N ALA A 154 26.74 4.85 4.22
CA ALA A 154 27.93 5.15 3.47
C ALA A 154 28.93 5.68 4.44
N SER A 155 30.24 5.50 4.12
CA SER A 155 31.26 5.97 5.02
C SER A 155 32.53 6.17 4.18
N MET A 21 5.18 -0.70 16.51
CA MET A 21 3.84 -0.47 17.09
C MET A 21 3.85 0.76 17.97
N GLY A 22 2.68 1.43 18.08
CA GLY A 22 2.60 2.61 18.89
C GLY A 22 1.17 3.04 18.88
N GLU A 23 0.87 4.13 19.62
CA GLU A 23 -0.49 4.64 19.67
C GLU A 23 -0.60 5.80 18.74
N ASN A 24 0.46 6.00 17.93
CA ASN A 24 0.45 7.11 17.00
C ASN A 24 0.27 6.54 15.63
N GLN A 25 -0.85 6.92 14.96
CA GLN A 25 -1.13 6.42 13.64
C GLN A 25 -0.19 7.08 12.67
N GLU A 26 0.34 8.25 13.05
CA GLU A 26 1.25 8.98 12.19
C GLU A 26 2.49 8.18 12.00
N LEU A 27 2.96 7.53 13.07
CA LEU A 27 4.16 6.75 13.00
C LEU A 27 3.92 5.54 12.13
N VAL A 28 2.73 4.92 12.26
CA VAL A 28 2.41 3.75 11.47
C VAL A 28 2.35 4.13 10.02
N LEU A 29 1.67 5.24 9.71
CA LEU A 29 1.53 5.67 8.34
C LEU A 29 2.86 6.16 7.82
N SER A 30 3.77 6.58 8.73
CA SER A 30 5.07 7.05 8.30
C SER A 30 5.81 5.91 7.66
N ASP A 31 5.74 4.71 8.28
CA ASP A 31 6.41 3.54 7.75
C ASP A 31 5.76 3.16 6.44
N HIS A 32 4.42 3.26 6.38
CA HIS A 32 3.70 2.91 5.18
C HIS A 32 4.09 3.86 4.08
N TYR A 33 4.23 5.15 4.43
CA TYR A 33 4.61 6.18 3.49
C TYR A 33 5.94 5.85 2.88
N ILE A 34 6.93 5.53 3.75
CA ILE A 34 8.26 5.21 3.28
C ILE A 34 8.20 3.99 2.40
N SER A 35 7.42 2.97 2.81
CA SER A 35 7.32 1.76 2.02
C SER A 35 6.73 2.07 0.67
N LEU A 36 5.70 2.94 0.64
CA LEU A 36 5.06 3.30 -0.60
C LEU A 36 6.05 4.05 -1.47
N LYS A 37 6.86 4.92 -0.86
CA LYS A 37 7.83 5.70 -1.62
C LYS A 37 8.80 4.75 -2.28
N ARG A 38 9.31 3.74 -1.52
CA ARG A 38 10.26 2.81 -2.08
C ARG A 38 9.57 2.01 -3.16
N TYR A 39 8.30 1.62 -2.93
CA TYR A 39 7.57 0.83 -3.91
C TYR A 39 7.44 1.63 -5.19
N LEU A 40 7.01 2.90 -5.09
CA LEU A 40 6.85 3.72 -6.27
C LEU A 40 8.18 3.93 -6.94
N SER A 41 9.24 4.12 -6.13
CA SER A 41 10.57 4.35 -6.67
C SER A 41 10.99 3.13 -7.46
N ALA A 42 10.66 1.93 -6.93
CA ALA A 42 11.03 0.70 -7.59
C ALA A 42 10.35 0.61 -8.92
N THR A 43 9.06 1.02 -9.00
CA THR A 43 8.34 0.93 -10.25
C THR A 43 8.86 1.97 -11.21
N SER A 44 9.22 3.17 -10.71
CA SER A 44 9.73 4.20 -11.58
C SER A 44 10.56 5.13 -10.75
N ARG A 45 11.83 5.34 -11.17
CA ARG A 45 12.71 6.23 -10.44
C ARG A 45 12.16 7.63 -10.54
N ASP A 46 11.70 8.02 -11.74
CA ASP A 46 11.16 9.35 -11.94
C ASP A 46 9.90 9.48 -11.13
N GLY A 47 9.08 8.41 -11.11
CA GLY A 47 7.84 8.45 -10.37
C GLY A 47 6.79 9.08 -11.23
N ASN A 48 5.58 9.22 -10.69
CA ASN A 48 4.50 9.81 -11.44
C ASN A 48 4.58 11.31 -11.23
N PRO A 49 4.61 12.06 -12.30
CA PRO A 49 4.69 13.53 -12.23
C PRO A 49 3.61 14.16 -11.41
N LYS A 50 2.38 13.62 -11.50
CA LYS A 50 1.29 14.18 -10.75
C LYS A 50 0.30 13.07 -10.52
N PRO A 51 -0.53 13.23 -9.51
CA PRO A 51 -1.56 12.25 -9.19
C PRO A 51 -2.56 12.06 -10.31
N PRO A 52 -3.11 10.88 -10.46
CA PRO A 52 -4.08 10.61 -11.51
C PRO A 52 -5.30 11.50 -11.44
N PRO A 53 -5.81 11.95 -12.56
CA PRO A 53 -6.97 12.82 -12.58
C PRO A 53 -8.25 12.07 -12.40
N ASN A 54 -9.33 12.81 -12.03
CA ASN A 54 -10.64 12.21 -11.84
C ASN A 54 -10.54 11.19 -10.73
N LYS A 55 -9.84 11.54 -9.64
CA LYS A 55 -9.71 10.64 -8.53
C LYS A 55 -10.77 10.98 -7.53
N ALA A 56 -11.30 9.96 -6.81
CA ALA A 56 -12.34 10.21 -5.85
C ALA A 56 -11.69 10.47 -4.52
N ARG A 57 -11.03 11.63 -4.39
CA ARG A 57 -10.37 11.98 -3.15
C ARG A 57 -11.41 12.32 -2.12
N ASP A 58 -12.63 12.71 -2.59
CA ASP A 58 -13.69 13.06 -1.67
C ASP A 58 -14.08 11.85 -0.87
N LYS A 59 -14.09 10.66 -1.51
CA LYS A 59 -14.46 9.44 -0.83
C LYS A 59 -13.47 9.17 0.29
N LEU A 60 -12.17 9.42 0.02
CA LEU A 60 -11.15 9.16 1.00
C LEU A 60 -11.27 10.15 2.14
N GLN A 61 -11.97 11.28 1.94
CA GLN A 61 -12.11 12.26 2.98
C GLN A 61 -13.38 12.00 3.74
N ARG A 62 -14.15 10.95 3.34
CA ARG A 62 -15.39 10.66 4.04
C ARG A 62 -15.24 9.34 4.73
N LEU A 63 -14.39 9.31 5.78
CA LEU A 63 -14.19 8.09 6.50
C LEU A 63 -13.55 8.46 7.81
N THR A 64 -13.54 7.50 8.77
CA THR A 64 -12.96 7.76 10.06
C THR A 64 -11.49 7.44 9.96
N GLU A 65 -10.71 7.86 10.99
CA GLU A 65 -9.28 7.61 10.97
C GLU A 65 -9.03 6.13 11.10
N VAL A 66 -9.94 5.40 11.79
CA VAL A 66 -9.76 3.99 11.96
C VAL A 66 -9.99 3.32 10.64
N GLN A 67 -11.03 3.77 9.91
CA GLN A 67 -11.32 3.20 8.62
C GLN A 67 -10.17 3.49 7.70
N PHE A 68 -9.59 4.70 7.83
CA PHE A 68 -8.48 5.07 6.99
C PHE A 68 -7.31 4.16 7.29
N LEU A 69 -7.06 3.86 8.59
CA LEU A 69 -5.95 3.00 8.93
C LEU A 69 -6.20 1.63 8.36
N GLU A 70 -7.47 1.17 8.41
CA GLU A 70 -7.79 -0.14 7.87
C GLU A 70 -7.54 -0.13 6.39
N LEU A 71 -7.89 0.97 5.69
CA LEU A 71 -7.68 1.06 4.27
C LEU A 71 -6.20 1.06 3.98
N SER A 72 -5.42 1.87 4.74
CA SER A 72 -3.99 1.94 4.53
C SER A 72 -3.38 0.59 4.77
N THR A 73 -3.81 -0.09 5.85
CA THR A 73 -3.28 -1.38 6.21
C THR A 73 -3.63 -2.39 5.15
N ASP A 74 -4.86 -2.32 4.61
CA ASP A 74 -5.28 -3.27 3.60
C ASP A 74 -4.39 -3.13 2.38
N VAL A 75 -4.13 -1.88 1.95
CA VAL A 75 -3.29 -1.67 0.78
C VAL A 75 -1.88 -2.11 1.10
N TYR A 76 -1.39 -1.76 2.30
CA TYR A 76 -0.04 -2.12 2.73
C TYR A 76 0.10 -3.62 2.73
N ASP A 77 -0.90 -4.32 3.32
CA ASP A 77 -0.85 -5.76 3.41
C ASP A 77 -0.77 -6.36 2.03
N GLU A 78 -1.57 -5.86 1.07
CA GLU A 78 -1.55 -6.41 -0.27
C GLU A 78 -0.19 -6.16 -0.88
N LEU A 79 0.36 -4.95 -0.71
CA LEU A 79 1.64 -4.63 -1.31
C LEU A 79 2.75 -5.47 -0.74
N LYS A 80 2.78 -5.66 0.60
CA LYS A 80 3.87 -6.42 1.18
C LYS A 80 3.72 -7.88 0.86
N ARG A 81 2.47 -8.36 0.63
CA ARG A 81 2.26 -9.76 0.33
C ARG A 81 2.99 -10.09 -0.95
N ARG A 82 2.83 -9.23 -1.97
CA ARG A 82 3.47 -9.47 -3.24
C ARG A 82 4.97 -9.33 -3.10
N GLU A 83 5.43 -8.38 -2.26
CA GLU A 83 6.86 -8.20 -2.08
C GLU A 83 7.46 -9.43 -1.48
N GLN A 84 6.75 -10.09 -0.54
CA GLN A 84 7.27 -11.28 0.09
C GLN A 84 7.41 -12.36 -0.94
N VAL A 85 6.42 -12.47 -1.86
CA VAL A 85 6.46 -13.48 -2.90
C VAL A 85 7.68 -13.23 -3.75
N ALA A 86 7.93 -11.96 -4.09
CA ALA A 86 9.05 -11.60 -4.92
C ALA A 86 10.35 -11.95 -4.23
N ARG A 87 10.41 -11.71 -2.91
CA ARG A 87 11.62 -12.01 -2.17
C ARG A 87 11.89 -13.49 -2.22
N ARG A 88 10.82 -14.30 -2.14
CA ARG A 88 11.01 -15.74 -2.18
C ARG A 88 11.51 -16.11 -3.54
N GLY A 89 10.92 -15.48 -4.58
CA GLY A 89 11.35 -15.71 -5.94
C GLY A 89 10.49 -16.77 -6.55
N PRO A 90 10.59 -16.84 -7.86
CA PRO A 90 9.85 -17.80 -8.66
C PRO A 90 10.41 -19.19 -8.56
N ASN A 91 11.65 -19.30 -8.04
CA ASN A 91 12.28 -20.59 -7.91
C ASN A 91 12.13 -21.03 -6.49
N ALA A 92 11.19 -20.38 -5.77
CA ALA A 92 10.94 -20.72 -4.40
C ALA A 92 10.26 -22.06 -4.38
N PRO A 93 10.50 -22.82 -3.32
CA PRO A 93 9.91 -24.15 -3.19
C PRO A 93 8.43 -24.11 -2.96
N PRO A 94 7.73 -25.14 -3.38
CA PRO A 94 6.28 -25.21 -3.22
C PRO A 94 5.81 -25.36 -1.81
N GLU A 95 6.69 -25.84 -0.92
CA GLU A 95 6.30 -26.02 0.46
C GLU A 95 6.28 -24.68 1.12
N THR A 96 6.93 -23.68 0.48
CA THR A 96 6.96 -22.36 1.02
C THR A 96 6.35 -21.47 -0.01
N ALA A 97 5.32 -21.99 -0.71
CA ALA A 97 4.67 -21.21 -1.73
C ALA A 97 3.62 -20.37 -1.06
N PRO A 98 3.72 -19.05 -1.21
CA PRO A 98 2.75 -18.15 -0.63
C PRO A 98 1.45 -18.12 -1.39
N PRO A 99 0.38 -17.68 -0.77
CA PRO A 99 -0.91 -17.62 -1.42
C PRO A 99 -0.98 -16.57 -2.48
N ASP A 100 -1.85 -16.80 -3.50
CA ASP A 100 -1.98 -15.86 -4.58
C ASP A 100 -3.05 -14.87 -4.21
N PHE A 101 -3.66 -15.03 -3.02
CA PHE A 101 -4.69 -14.11 -2.61
C PHE A 101 -4.65 -14.05 -1.11
N LEU A 102 -5.21 -12.97 -0.52
CA LEU A 102 -5.21 -12.84 0.91
C LEU A 102 -6.20 -13.82 1.46
N LEU A 103 -5.74 -14.63 2.45
CA LEU A 103 -6.58 -15.64 3.04
C LEU A 103 -7.56 -14.97 3.97
N PRO A 104 -8.80 -15.38 3.90
CA PRO A 104 -9.86 -14.83 4.74
C PRO A 104 -9.83 -15.35 6.14
N GLN A 105 -10.47 -14.59 7.06
CA GLN A 105 -10.53 -14.99 8.44
C GLN A 105 -11.84 -14.51 8.97
N ASP A 106 -12.29 -15.08 10.12
CA ASP A 106 -13.58 -14.70 10.68
C ASP A 106 -13.42 -13.45 11.50
N ASN A 107 -12.18 -12.93 11.63
CA ASN A 107 -11.97 -11.72 12.39
C ASN A 107 -12.62 -10.58 11.66
N PHE A 108 -12.70 -10.68 10.32
CA PHE A 108 -13.29 -9.63 9.53
C PHE A 108 -14.53 -10.18 8.89
N HIS A 109 -15.45 -9.26 8.48
CA HIS A 109 -16.68 -9.69 7.85
C HIS A 109 -16.33 -10.19 6.47
N PRO A 110 -17.14 -11.11 5.97
CA PRO A 110 -16.93 -11.69 4.64
C PRO A 110 -16.86 -10.69 3.52
N LYS A 111 -17.64 -9.59 3.62
CA LYS A 111 -17.63 -8.58 2.59
C LYS A 111 -16.26 -7.97 2.52
N ARG A 112 -15.64 -7.74 3.70
CA ARG A 112 -14.32 -7.15 3.74
C ARG A 112 -13.34 -8.12 3.14
N ASN A 113 -13.54 -9.43 3.44
CA ASN A 113 -12.65 -10.46 2.93
C ASN A 113 -12.71 -10.46 1.43
N GLN A 114 -13.92 -10.26 0.84
CA GLN A 114 -14.06 -10.28 -0.60
C GLN A 114 -13.30 -9.12 -1.15
N ALA A 115 -13.36 -7.99 -0.44
CA ALA A 115 -12.68 -6.79 -0.87
C ALA A 115 -11.20 -7.05 -0.89
N ARG A 116 -10.69 -7.79 0.11
CA ARG A 116 -9.27 -8.10 0.17
C ARG A 116 -8.89 -8.94 -1.02
N GLN A 117 -9.78 -9.90 -1.38
CA GLN A 117 -9.52 -10.77 -2.51
C GLN A 117 -9.52 -9.97 -3.79
N LYS A 118 -10.39 -8.94 -3.88
CA LYS A 118 -10.47 -8.11 -5.06
C LYS A 118 -9.15 -7.43 -5.29
N LEU A 119 -8.46 -7.00 -4.21
CA LEU A 119 -7.19 -6.33 -4.36
C LEU A 119 -6.20 -7.29 -4.97
N SER A 120 -6.26 -8.56 -4.56
CA SER A 120 -5.35 -9.56 -5.07
C SER A 120 -5.69 -9.86 -6.51
N SER A 121 -6.93 -9.53 -6.93
CA SER A 121 -7.34 -9.80 -8.30
C SER A 121 -6.99 -8.63 -9.16
N LEU A 122 -6.42 -7.55 -8.58
CA LEU A 122 -6.06 -6.40 -9.36
C LEU A 122 -4.79 -6.71 -10.10
N GLY A 123 -4.67 -6.16 -11.33
CA GLY A 123 -3.51 -6.41 -12.15
C GLY A 123 -3.07 -5.12 -12.79
N PRO A 124 -3.99 -4.48 -13.49
CA PRO A 124 -3.70 -3.22 -14.18
C PRO A 124 -3.16 -2.12 -13.29
N PRO A 125 -2.58 -1.10 -13.89
CA PRO A 125 -2.00 0.04 -13.17
C PRO A 125 -2.94 0.76 -12.27
N ARG A 126 -4.23 0.36 -12.30
CA ARG A 126 -5.22 0.97 -11.45
C ARG A 126 -4.80 0.75 -10.02
N PHE A 127 -4.24 -0.44 -9.73
CA PHE A 127 -3.79 -0.74 -8.38
C PHE A 127 -2.64 0.18 -8.03
N ARG A 128 -1.72 0.41 -8.99
CA ARG A 128 -0.59 1.28 -8.74
C ARG A 128 -1.11 2.67 -8.48
N ASP A 129 -2.16 3.06 -9.22
CA ASP A 129 -2.76 4.37 -9.05
C ASP A 129 -3.35 4.46 -7.67
N LEU A 130 -3.91 3.32 -7.17
CA LEU A 130 -4.51 3.28 -5.86
C LEU A 130 -3.45 3.58 -4.84
N ALA A 131 -2.29 2.93 -5.00
CA ALA A 131 -1.19 3.12 -4.09
C ALA A 131 -0.71 4.55 -4.18
N THR A 132 -0.67 5.10 -5.41
CA THR A 132 -0.21 6.46 -5.62
C THR A 132 -1.14 7.41 -4.92
N ASP A 133 -2.47 7.17 -5.04
CA ASP A 133 -3.44 8.06 -4.43
C ASP A 133 -3.23 8.09 -2.93
N VAL A 134 -2.98 6.91 -2.32
CA VAL A 134 -2.77 6.87 -0.89
C VAL A 134 -1.49 7.60 -0.56
N PHE A 135 -0.43 7.37 -1.37
CA PHE A 135 0.85 7.99 -1.12
C PHE A 135 0.74 9.50 -1.19
N CYS A 136 0.10 10.04 -2.25
CA CYS A 136 0.00 11.49 -2.36
C CYS A 136 -0.94 12.02 -1.31
N GLU A 137 -1.92 11.20 -0.89
CA GLU A 137 -2.86 11.66 0.11
C GLU A 137 -2.12 11.85 1.41
N LEU A 138 -1.22 10.89 1.74
CA LEU A 138 -0.46 10.98 2.97
C LEU A 138 0.44 12.17 2.92
N GLU A 139 1.05 12.44 1.74
CA GLU A 139 1.95 13.56 1.62
C GLU A 139 1.20 14.85 1.84
N ARG A 140 -0.02 14.98 1.26
CA ARG A 140 -0.79 16.20 1.41
C ARG A 140 -1.27 16.31 2.84
N ARG A 141 -1.79 15.19 3.40
CA ARG A 141 -2.33 15.22 4.75
C ARG A 141 -1.22 15.48 5.73
N TYR A 142 -0.06 14.84 5.54
CA TYR A 142 1.05 15.03 6.45
C TYR A 142 2.19 15.59 5.66
N PRO A 143 2.31 16.90 5.65
CA PRO A 143 3.37 17.57 4.92
C PRO A 143 4.73 17.30 5.49
N ASN A 144 4.77 16.83 6.75
CA ASN A 144 6.03 16.54 7.39
C ASN A 144 6.56 15.23 6.86
N PHE A 145 5.72 14.47 6.11
CA PHE A 145 6.15 13.20 5.57
C PHE A 145 7.10 13.50 4.44
N ALA A 146 6.97 14.69 3.83
CA ALA A 146 7.82 15.07 2.74
C ALA A 146 9.23 15.27 3.24
N ASN A 147 9.40 15.51 4.56
CA ASN A 147 10.72 15.74 5.10
C ASN A 147 11.29 14.43 5.56
N LEU A 148 10.53 13.32 5.43
CA LEU A 148 11.02 12.02 5.85
C LEU A 148 12.14 11.63 4.93
N GLU A 149 11.96 11.92 3.62
CA GLU A 149 12.96 11.58 2.63
C GLU A 149 13.06 10.08 2.58
N MET A 150 14.29 9.53 2.68
CA MET A 150 14.46 8.10 2.66
C MET A 150 15.46 7.76 3.72
N PRO A 151 15.33 6.58 4.28
CA PRO A 151 16.24 6.12 5.31
C PRO A 151 17.55 5.64 4.75
N LEU A 152 18.53 5.45 5.64
CA LEU A 152 19.84 5.00 5.21
C LEU A 152 19.98 3.57 5.65
N ASN A 153 20.55 2.72 4.76
CA ASN A 153 20.74 1.34 5.10
C ASN A 153 22.08 0.95 4.56
N ALA A 154 23.02 0.63 5.49
CA ALA A 154 24.36 0.23 5.10
C ALA A 154 25.00 1.38 4.37
N SER A 155 24.75 2.62 4.83
CA SER A 155 25.32 3.77 4.19
C SER A 155 25.16 4.96 5.13
N MET A 21 -6.01 10.83 24.69
CA MET A 21 -7.22 10.40 23.94
C MET A 21 -6.98 10.51 22.46
N GLY A 22 -6.20 9.57 21.91
CA GLY A 22 -5.93 9.60 20.50
C GLY A 22 -5.08 8.40 20.19
N GLU A 23 -4.70 8.24 18.91
CA GLU A 23 -3.89 7.12 18.51
C GLU A 23 -2.79 7.66 17.66
N ASN A 24 -1.61 7.01 17.70
CA ASN A 24 -0.48 7.47 16.92
C ASN A 24 -0.59 6.82 15.57
N GLN A 25 -1.66 7.16 14.82
CA GLN A 25 -1.86 6.59 13.51
C GLN A 25 -0.86 7.18 12.56
N GLU A 26 -0.36 8.39 12.89
CA GLU A 26 0.60 9.06 12.03
C GLU A 26 1.86 8.26 11.99
N LEU A 27 2.26 7.68 13.13
CA LEU A 27 3.48 6.90 13.18
C LEU A 27 3.32 5.66 12.36
N VAL A 28 2.12 5.03 12.41
CA VAL A 28 1.87 3.82 11.67
C VAL A 28 1.89 4.13 10.20
N LEU A 29 1.24 5.24 9.80
CA LEU A 29 1.17 5.61 8.41
C LEU A 29 2.53 6.07 7.95
N SER A 30 3.41 6.50 8.88
CA SER A 30 4.73 6.94 8.50
C SER A 30 5.47 5.77 7.90
N ASP A 31 5.35 4.58 8.54
CA ASP A 31 6.01 3.40 8.04
C ASP A 31 5.42 3.02 6.70
N HIS A 32 4.09 3.17 6.57
CA HIS A 32 3.42 2.82 5.33
C HIS A 32 3.89 3.76 4.25
N TYR A 33 4.05 5.04 4.60
CA TYR A 33 4.51 6.06 3.67
C TYR A 33 5.87 5.69 3.15
N ILE A 34 6.79 5.35 4.07
CA ILE A 34 8.14 4.97 3.69
C ILE A 34 8.08 3.73 2.81
N SER A 35 7.21 2.77 3.18
CA SER A 35 7.10 1.54 2.40
C SER A 35 6.65 1.90 1.00
N LEU A 36 5.68 2.84 0.90
CA LEU A 36 5.17 3.25 -0.39
C LEU A 36 6.29 3.90 -1.18
N LYS A 37 7.15 4.69 -0.50
CA LYS A 37 8.25 5.34 -1.19
C LYS A 37 9.14 4.31 -1.83
N ARG A 38 9.49 3.25 -1.08
CA ARG A 38 10.36 2.22 -1.62
C ARG A 38 9.65 1.50 -2.75
N TYR A 39 8.34 1.21 -2.56
CA TYR A 39 7.59 0.51 -3.57
C TYR A 39 7.55 1.33 -4.83
N LEU A 40 7.19 2.63 -4.72
CA LEU A 40 7.10 3.49 -5.88
C LEU A 40 8.45 3.63 -6.52
N SER A 41 9.51 3.76 -5.70
CA SER A 41 10.85 3.92 -6.23
C SER A 41 11.21 2.71 -7.03
N ALA A 42 10.85 1.51 -6.52
CA ALA A 42 11.17 0.28 -7.22
C ALA A 42 10.46 0.25 -8.55
N THR A 43 9.19 0.70 -8.60
CA THR A 43 8.45 0.67 -9.85
C THR A 43 9.00 1.71 -10.79
N SER A 44 9.38 2.90 -10.26
CA SER A 44 9.90 3.93 -11.12
C SER A 44 10.73 4.85 -10.27
N ARG A 45 12.00 5.03 -10.66
CA ARG A 45 12.89 5.90 -9.92
C ARG A 45 12.39 7.32 -10.05
N ASP A 46 11.98 7.69 -11.27
CA ASP A 46 11.49 9.03 -11.52
C ASP A 46 10.23 9.25 -10.74
N GLY A 47 9.36 8.22 -10.69
CA GLY A 47 8.12 8.33 -9.96
C GLY A 47 7.02 8.00 -10.91
N ASN A 48 5.76 8.09 -10.44
CA ASN A 48 4.63 7.78 -11.27
C ASN A 48 3.67 8.95 -11.19
N PRO A 49 3.90 9.95 -12.00
CA PRO A 49 3.06 11.14 -12.02
C PRO A 49 1.88 11.00 -12.94
N LYS A 50 1.38 9.75 -13.08
CA LYS A 50 0.25 9.48 -13.93
C LYS A 50 -1.00 10.19 -13.42
N PRO A 51 -1.29 10.11 -12.12
CA PRO A 51 -2.48 10.77 -11.58
C PRO A 51 -2.49 12.26 -11.80
N PRO A 52 -3.64 12.82 -12.12
CA PRO A 52 -3.76 14.24 -12.36
C PRO A 52 -3.80 15.05 -11.09
N PRO A 53 -3.52 16.32 -11.16
CA PRO A 53 -3.54 17.21 -9.99
C PRO A 53 -4.87 17.23 -9.28
N ASN A 54 -5.97 17.11 -10.06
CA ASN A 54 -7.28 17.13 -9.48
C ASN A 54 -7.57 15.74 -8.98
N LYS A 55 -7.62 15.59 -7.64
CA LYS A 55 -7.87 14.30 -7.05
C LYS A 55 -9.14 14.42 -6.27
N ALA A 56 -9.91 13.30 -6.19
CA ALA A 56 -11.15 13.31 -5.46
C ALA A 56 -10.83 12.97 -4.03
N ARG A 57 -10.19 13.93 -3.31
CA ARG A 57 -9.84 13.70 -1.94
C ARG A 57 -11.09 13.73 -1.10
N ASP A 58 -12.18 14.29 -1.65
CA ASP A 58 -13.43 14.37 -0.93
C ASP A 58 -13.93 12.98 -0.65
N LYS A 59 -13.73 12.06 -1.61
CA LYS A 59 -14.19 10.69 -1.46
C LYS A 59 -13.41 10.01 -0.36
N LEU A 60 -12.17 10.48 -0.09
CA LEU A 60 -11.36 9.87 0.93
C LEU A 60 -11.80 10.38 2.28
N GLN A 61 -12.66 11.42 2.31
CA GLN A 61 -13.12 11.97 3.57
C GLN A 61 -14.47 11.37 3.87
N ARG A 62 -14.88 10.33 3.11
CA ARG A 62 -16.16 9.72 3.35
C ARG A 62 -15.95 8.45 4.14
N LEU A 63 -14.91 8.44 4.99
CA LEU A 63 -14.64 7.28 5.79
C LEU A 63 -14.02 7.75 7.07
N THR A 64 -14.05 6.88 8.09
CA THR A 64 -13.50 7.23 9.37
C THR A 64 -12.02 7.00 9.36
N GLU A 65 -11.33 7.48 10.41
CA GLU A 65 -9.90 7.33 10.52
C GLU A 65 -9.57 5.86 10.63
N VAL A 66 -10.41 5.12 11.36
CA VAL A 66 -10.18 3.70 11.56
C VAL A 66 -10.32 3.01 10.23
N GLN A 67 -11.34 3.39 9.45
CA GLN A 67 -11.54 2.78 8.16
C GLN A 67 -10.36 3.12 7.28
N PHE A 68 -9.85 4.36 7.41
CA PHE A 68 -8.70 4.77 6.63
C PHE A 68 -7.52 3.90 7.00
N LEU A 69 -7.34 3.64 8.33
CA LEU A 69 -6.23 2.82 8.76
C LEU A 69 -6.41 1.42 8.23
N GLU A 70 -7.66 0.91 8.22
CA GLU A 70 -7.90 -0.42 7.73
C GLU A 70 -7.55 -0.48 6.26
N LEU A 71 -7.90 0.59 5.51
CA LEU A 71 -7.60 0.63 4.10
C LEU A 71 -6.10 0.67 3.92
N SER A 72 -5.42 1.51 4.73
CA SER A 72 -3.98 1.64 4.63
C SER A 72 -3.33 0.31 4.94
N THR A 73 -3.85 -0.40 5.96
CA THR A 73 -3.31 -1.69 6.36
C THR A 73 -3.54 -2.68 5.25
N ASP A 74 -4.74 -2.65 4.63
CA ASP A 74 -5.04 -3.58 3.57
C ASP A 74 -4.06 -3.37 2.44
N VAL A 75 -3.78 -2.09 2.11
CA VAL A 75 -2.85 -1.78 1.05
C VAL A 75 -1.47 -2.24 1.44
N TYR A 76 -1.08 -1.96 2.71
CA TYR A 76 0.23 -2.34 3.20
C TYR A 76 0.39 -3.83 3.11
N ASP A 77 -0.62 -4.58 3.58
CA ASP A 77 -0.55 -6.03 3.55
C ASP A 77 -0.42 -6.50 2.12
N GLU A 78 -1.16 -5.86 1.19
CA GLU A 78 -1.09 -6.25 -0.20
C GLU A 78 0.31 -6.00 -0.72
N LEU A 79 0.92 -4.86 -0.32
CA LEU A 79 2.27 -4.54 -0.78
C LEU A 79 3.23 -5.59 -0.29
N LYS A 80 3.07 -6.03 0.97
CA LYS A 80 3.96 -7.03 1.54
C LYS A 80 3.80 -8.32 0.78
N ARG A 81 2.54 -8.66 0.42
CA ARG A 81 2.28 -9.90 -0.28
C ARG A 81 2.96 -9.85 -1.62
N ARG A 82 2.89 -8.68 -2.29
CA ARG A 82 3.51 -8.52 -3.60
C ARG A 82 5.01 -8.65 -3.47
N GLU A 83 5.59 -8.12 -2.36
CA GLU A 83 7.02 -8.19 -2.17
C GLU A 83 7.45 -9.62 -2.08
N GLN A 84 6.65 -10.49 -1.42
CA GLN A 84 7.02 -11.88 -1.28
C GLN A 84 7.06 -12.52 -2.66
N VAL A 85 6.09 -12.15 -3.52
CA VAL A 85 6.03 -12.69 -4.85
C VAL A 85 7.24 -12.22 -5.61
N ALA A 86 7.60 -10.93 -5.42
CA ALA A 86 8.73 -10.34 -6.09
C ALA A 86 10.00 -11.05 -5.71
N ARG A 87 10.12 -11.43 -4.43
CA ARG A 87 11.32 -12.10 -3.97
C ARG A 87 11.48 -13.39 -4.72
N ARG A 88 10.35 -14.08 -5.01
CA ARG A 88 10.44 -15.34 -5.73
C ARG A 88 10.94 -15.04 -7.11
N GLY A 89 10.40 -13.96 -7.71
CA GLY A 89 10.82 -13.54 -9.01
C GLY A 89 9.79 -14.01 -10.01
N PRO A 90 9.81 -13.34 -11.15
CA PRO A 90 8.89 -13.66 -12.23
C PRO A 90 9.25 -14.93 -12.95
N ASN A 91 10.50 -15.40 -12.75
CA ASN A 91 10.94 -16.60 -13.40
C ASN A 91 10.89 -17.71 -12.40
N ALA A 92 10.17 -17.49 -11.29
CA ALA A 92 10.06 -18.50 -10.27
C ALA A 92 9.15 -19.58 -10.81
N PRO A 93 9.38 -20.81 -10.40
CA PRO A 93 8.58 -21.94 -10.86
C PRO A 93 7.12 -21.77 -10.56
N PRO A 94 6.24 -22.18 -11.45
CA PRO A 94 4.81 -22.04 -11.26
C PRO A 94 4.26 -22.92 -10.17
N GLU A 95 4.96 -24.03 -9.87
CA GLU A 95 4.52 -24.93 -8.84
C GLU A 95 4.68 -24.26 -7.51
N THR A 96 5.77 -23.49 -7.37
CA THR A 96 6.05 -22.80 -6.13
C THR A 96 5.57 -21.39 -6.24
N ALA A 97 4.79 -21.08 -7.30
CA ALA A 97 4.31 -19.73 -7.48
C ALA A 97 3.27 -19.48 -6.42
N PRO A 98 3.40 -18.36 -5.75
CA PRO A 98 2.46 -17.99 -4.69
C PRO A 98 1.16 -17.50 -5.24
N PRO A 99 0.11 -17.53 -4.44
CA PRO A 99 -1.21 -17.07 -4.85
C PRO A 99 -1.22 -15.63 -5.29
N ASP A 100 -2.13 -15.30 -6.23
CA ASP A 100 -2.21 -13.96 -6.73
C ASP A 100 -3.14 -13.18 -5.84
N PHE A 101 -3.69 -13.84 -4.81
CA PHE A 101 -4.58 -13.16 -3.90
C PHE A 101 -4.40 -13.80 -2.56
N LEU A 102 -4.77 -13.08 -1.48
CA LEU A 102 -4.62 -13.61 -0.16
C LEU A 102 -5.88 -14.31 0.22
N LEU A 103 -5.74 -15.45 0.93
CA LEU A 103 -6.87 -16.22 1.35
C LEU A 103 -7.56 -15.47 2.46
N PRO A 104 -8.86 -15.68 2.58
CA PRO A 104 -9.66 -15.02 3.60
C PRO A 104 -9.37 -15.52 4.99
N GLN A 105 -9.64 -14.66 6.00
CA GLN A 105 -9.40 -15.04 7.37
C GLN A 105 -10.72 -15.06 8.07
N ASP A 106 -10.89 -16.02 9.01
CA ASP A 106 -12.16 -16.13 9.71
C ASP A 106 -12.18 -15.18 10.88
N ASN A 107 -11.01 -14.57 11.21
CA ASN A 107 -10.98 -13.64 12.31
C ASN A 107 -11.47 -12.30 11.84
N PHE A 108 -11.60 -12.12 10.51
CA PHE A 108 -12.10 -10.88 9.97
C PHE A 108 -13.42 -11.16 9.33
N HIS A 109 -14.28 -10.12 9.22
CA HIS A 109 -15.58 -10.28 8.62
C HIS A 109 -15.38 -10.56 7.15
N PRO A 110 -16.29 -11.31 6.57
CA PRO A 110 -16.20 -11.66 5.17
C PRO A 110 -16.25 -10.48 4.24
N LYS A 111 -16.91 -9.38 4.66
CA LYS A 111 -16.98 -8.20 3.84
C LYS A 111 -15.60 -7.63 3.70
N ARG A 112 -14.83 -7.65 4.81
CA ARG A 112 -13.49 -7.11 4.79
C ARG A 112 -12.63 -8.00 3.92
N ASN A 113 -12.83 -9.33 4.02
CA ASN A 113 -12.05 -10.27 3.25
C ASN A 113 -12.28 -10.02 1.78
N GLN A 114 -13.53 -9.73 1.37
CA GLN A 114 -13.81 -9.49 -0.03
C GLN A 114 -13.13 -8.23 -0.45
N ALA A 115 -13.16 -7.23 0.45
CA ALA A 115 -12.55 -5.95 0.15
C ALA A 115 -11.06 -6.13 -0.05
N ARG A 116 -10.43 -6.98 0.77
CA ARG A 116 -9.01 -7.22 0.66
C ARG A 116 -8.72 -7.88 -0.67
N GLN A 117 -9.59 -8.81 -1.11
CA GLN A 117 -9.38 -9.49 -2.36
C GLN A 117 -9.61 -8.55 -3.51
N LYS A 118 -10.41 -7.48 -3.30
CA LYS A 118 -10.68 -6.54 -4.37
C LYS A 118 -9.41 -5.85 -4.77
N LEU A 119 -8.43 -5.75 -3.85
CA LEU A 119 -7.19 -5.08 -4.19
C LEU A 119 -6.50 -5.87 -5.28
N SER A 120 -6.55 -7.22 -5.20
CA SER A 120 -5.91 -8.03 -6.21
C SER A 120 -6.77 -8.03 -7.45
N SER A 121 -8.10 -7.81 -7.28
CA SER A 121 -9.03 -7.79 -8.38
C SER A 121 -8.69 -6.62 -9.27
N LEU A 122 -8.28 -5.49 -8.66
CA LEU A 122 -7.97 -4.30 -9.41
C LEU A 122 -6.84 -4.59 -10.37
N GLY A 123 -5.85 -5.40 -9.91
CA GLY A 123 -4.74 -5.74 -10.76
C GLY A 123 -3.62 -4.79 -10.48
N PRO A 124 -2.45 -5.16 -10.93
CA PRO A 124 -1.23 -4.38 -10.74
C PRO A 124 -1.27 -2.94 -11.21
N PRO A 125 -1.75 -2.61 -12.39
CA PRO A 125 -1.74 -1.22 -12.83
C PRO A 125 -2.69 -0.33 -12.09
N ARG A 126 -3.90 -0.83 -11.79
CA ARG A 126 -4.86 -0.04 -11.06
C ARG A 126 -4.38 0.08 -9.64
N PHE A 127 -3.79 -1.02 -9.12
CA PHE A 127 -3.30 -1.04 -7.76
C PHE A 127 -2.22 0.00 -7.60
N ARG A 128 -1.27 0.08 -8.56
CA ARG A 128 -0.20 1.05 -8.47
C ARG A 128 -0.78 2.43 -8.47
N ASP A 129 -1.83 2.67 -9.30
CA ASP A 129 -2.44 3.97 -9.36
C ASP A 129 -3.08 4.28 -8.03
N LEU A 130 -3.72 3.26 -7.41
CA LEU A 130 -4.38 3.44 -6.14
C LEU A 130 -3.35 3.76 -5.09
N ALA A 131 -2.24 3.00 -5.11
CA ALA A 131 -1.18 3.18 -4.16
C ALA A 131 -0.60 4.56 -4.30
N THR A 132 -0.43 5.02 -5.57
CA THR A 132 0.13 6.33 -5.82
C THR A 132 -0.81 7.37 -5.29
N ASP A 133 -2.13 7.18 -5.48
CA ASP A 133 -3.11 8.13 -5.02
C ASP A 133 -3.06 8.22 -3.52
N VAL A 134 -2.98 7.06 -2.82
CA VAL A 134 -2.92 7.05 -1.38
C VAL A 134 -1.65 7.72 -0.94
N PHE A 135 -0.52 7.41 -1.61
CA PHE A 135 0.76 7.98 -1.25
C PHE A 135 0.70 9.48 -1.40
N CYS A 136 0.15 9.97 -2.54
CA CYS A 136 0.07 11.39 -2.77
C CYS A 136 -0.79 12.01 -1.72
N GLU A 137 -1.90 11.34 -1.35
CA GLU A 137 -2.79 11.87 -0.34
C GLU A 137 -2.05 12.00 0.95
N LEU A 138 -1.23 10.98 1.33
CA LEU A 138 -0.51 11.05 2.58
C LEU A 138 0.46 12.20 2.57
N GLU A 139 1.14 12.45 1.43
CA GLU A 139 2.09 13.52 1.37
C GLU A 139 1.42 14.85 1.56
N ARG A 140 0.28 15.07 0.88
CA ARG A 140 -0.42 16.34 1.01
C ARG A 140 -1.05 16.44 2.38
N ARG A 141 -1.63 15.32 2.85
CA ARG A 141 -2.30 15.28 4.13
C ARG A 141 -1.31 15.55 5.24
N TYR A 142 -0.13 14.91 5.17
CA TYR A 142 0.86 15.09 6.19
C TYR A 142 2.10 15.63 5.54
N PRO A 143 2.28 16.94 5.59
CA PRO A 143 3.45 17.58 5.02
C PRO A 143 4.71 17.16 5.72
N ASN A 144 4.53 16.64 6.96
CA ASN A 144 5.63 16.15 7.75
C ASN A 144 6.23 14.96 7.04
N PHE A 145 5.37 14.16 6.38
CA PHE A 145 5.83 12.97 5.70
C PHE A 145 6.65 13.38 4.52
N ALA A 146 6.34 14.55 3.95
CA ALA A 146 7.07 15.04 2.80
C ALA A 146 8.51 15.24 3.17
N ASN A 147 8.76 15.73 4.41
CA ASN A 147 10.11 15.99 4.85
C ASN A 147 10.81 14.69 5.20
N LEU A 148 10.07 13.57 5.30
CA LEU A 148 10.69 12.30 5.64
C LEU A 148 11.63 11.91 4.54
N GLU A 149 11.20 12.14 3.27
CA GLU A 149 12.00 11.78 2.13
C GLU A 149 12.20 10.28 2.17
N MET A 150 13.46 9.82 2.03
CA MET A 150 13.72 8.40 2.09
C MET A 150 14.96 8.22 2.91
N PRO A 151 15.07 7.06 3.54
CA PRO A 151 16.24 6.73 4.36
C PRO A 151 17.52 6.75 3.61
N LEU A 152 18.61 6.93 4.37
CA LEU A 152 19.92 6.99 3.77
C LEU A 152 20.39 5.57 3.60
N ASN A 153 21.05 5.29 2.46
CA ASN A 153 21.54 3.96 2.21
C ASN A 153 22.70 4.10 1.28
N ALA A 154 23.75 3.28 1.48
CA ALA A 154 24.91 3.35 0.65
C ALA A 154 25.53 1.98 0.64
N SER A 155 26.25 1.66 -0.46
CA SER A 155 26.87 0.36 -0.55
C SER A 155 28.04 0.47 -1.54
N MET A 21 0.82 5.60 26.09
CA MET A 21 0.25 6.65 25.20
C MET A 21 0.62 6.40 23.76
N GLY A 22 0.33 5.17 23.27
CA GLY A 22 0.66 4.84 21.90
C GLY A 22 -0.50 5.23 21.04
N GLU A 23 -0.80 6.54 20.99
CA GLU A 23 -1.90 7.02 20.19
C GLU A 23 -1.32 7.67 18.97
N ASN A 24 -0.02 7.43 18.73
CA ASN A 24 0.64 8.02 17.59
C ASN A 24 0.48 7.04 16.45
N GLN A 25 -0.48 7.32 15.55
CA GLN A 25 -0.71 6.44 14.43
C GLN A 25 -0.01 7.01 13.23
N GLU A 26 0.57 8.21 13.40
CA GLU A 26 1.28 8.85 12.31
C GLU A 26 2.49 8.04 11.99
N LEU A 27 3.13 7.48 13.05
CA LEU A 27 4.31 6.68 12.86
C LEU A 27 3.96 5.45 12.07
N VAL A 28 2.77 4.87 12.33
CA VAL A 28 2.34 3.68 11.63
C VAL A 28 2.21 4.00 10.17
N LEU A 29 1.55 5.13 9.85
CA LEU A 29 1.37 5.50 8.46
C LEU A 29 2.68 5.92 7.87
N SER A 30 3.65 6.36 8.70
CA SER A 30 4.93 6.78 8.20
C SER A 30 5.60 5.57 7.58
N ASP A 31 5.49 4.40 8.24
CA ASP A 31 6.09 3.19 7.73
C ASP A 31 5.42 2.83 6.42
N HIS A 32 4.10 3.02 6.35
CA HIS A 32 3.36 2.69 5.15
C HIS A 32 3.80 3.64 4.06
N TYR A 33 3.97 4.93 4.43
CA TYR A 33 4.38 5.97 3.51
C TYR A 33 5.72 5.63 2.92
N ILE A 34 6.68 5.28 3.80
CA ILE A 34 8.02 4.93 3.34
C ILE A 34 7.94 3.74 2.42
N SER A 35 7.13 2.72 2.80
CA SER A 35 7.01 1.53 1.98
C SER A 35 6.44 1.89 0.64
N LEU A 36 5.45 2.81 0.62
CA LEU A 36 4.85 3.22 -0.63
C LEU A 36 5.87 3.92 -1.48
N LYS A 37 6.73 4.76 -0.87
CA LYS A 37 7.74 5.49 -1.63
C LYS A 37 8.68 4.51 -2.27
N ARG A 38 9.15 3.50 -1.50
CA ARG A 38 10.07 2.53 -2.04
C ARG A 38 9.38 1.71 -3.10
N TYR A 39 8.10 1.34 -2.86
CA TYR A 39 7.35 0.54 -3.82
C TYR A 39 7.22 1.30 -5.11
N LEU A 40 6.80 2.58 -5.03
CA LEU A 40 6.60 3.38 -6.22
C LEU A 40 7.92 3.58 -6.91
N SER A 41 9.00 3.79 -6.13
CA SER A 41 10.31 4.00 -6.72
C SER A 41 10.74 2.76 -7.45
N ALA A 42 10.47 1.58 -6.86
CA ALA A 42 10.85 0.32 -7.47
C ALA A 42 10.13 0.15 -8.78
N THR A 43 8.84 0.53 -8.84
CA THR A 43 8.07 0.37 -10.05
C THR A 43 8.38 1.48 -11.02
N SER A 44 9.09 2.53 -10.56
CA SER A 44 9.40 3.63 -11.45
C SER A 44 10.76 3.39 -12.03
N ARG A 45 10.81 2.54 -13.09
CA ARG A 45 12.06 2.24 -13.74
C ARG A 45 12.55 3.49 -14.42
N ASP A 46 11.62 4.25 -15.01
CA ASP A 46 11.98 5.46 -15.69
C ASP A 46 10.76 6.34 -15.66
N GLY A 47 10.74 7.31 -14.73
CA GLY A 47 9.61 8.19 -14.63
C GLY A 47 10.02 9.32 -13.75
N ASN A 48 9.13 10.32 -13.58
CA ASN A 48 9.43 11.45 -12.75
C ASN A 48 9.37 11.00 -11.31
N PRO A 49 10.19 11.61 -10.47
CA PRO A 49 10.21 11.30 -9.04
C PRO A 49 8.90 11.47 -8.36
N LYS A 50 8.13 12.49 -8.80
CA LYS A 50 6.84 12.75 -8.20
C LYS A 50 5.79 12.30 -9.18
N PRO A 51 5.03 11.28 -8.80
CA PRO A 51 3.98 10.77 -9.66
C PRO A 51 2.76 11.64 -9.66
N PRO A 52 1.91 11.53 -10.66
CA PRO A 52 0.70 12.34 -10.75
C PRO A 52 -0.23 12.12 -9.58
N PRO A 53 -0.88 13.16 -9.11
CA PRO A 53 -1.78 13.07 -7.97
C PRO A 53 -3.07 12.37 -8.31
N ASN A 54 -3.42 12.33 -9.61
CA ASN A 54 -4.65 11.68 -10.06
C ASN A 54 -5.80 12.58 -9.74
N LYS A 55 -7.00 12.25 -10.27
CA LYS A 55 -8.17 13.05 -10.02
C LYS A 55 -9.16 12.20 -9.28
N ALA A 56 -8.67 11.11 -8.65
CA ALA A 56 -9.55 10.22 -7.93
C ALA A 56 -9.34 10.48 -6.46
N ARG A 57 -9.05 11.75 -6.11
CA ARG A 57 -8.82 12.11 -4.73
C ARG A 57 -10.13 12.06 -3.99
N ASP A 58 -11.25 12.24 -4.72
CA ASP A 58 -12.55 12.26 -4.08
C ASP A 58 -12.87 10.89 -3.53
N LYS A 59 -12.27 9.83 -4.09
CA LYS A 59 -12.55 8.49 -3.63
C LYS A 59 -12.05 8.35 -2.21
N LEU A 60 -10.89 8.97 -1.91
CA LEU A 60 -10.31 8.86 -0.59
C LEU A 60 -10.98 9.84 0.34
N GLN A 61 -11.80 10.77 -0.19
CA GLN A 61 -12.45 11.74 0.66
C GLN A 61 -13.75 11.14 1.15
N ARG A 62 -14.07 9.91 0.71
CA ARG A 62 -15.28 9.26 1.14
C ARG A 62 -14.93 8.23 2.15
N LEU A 63 -13.78 8.42 2.83
CA LEU A 63 -13.35 7.47 3.80
C LEU A 63 -13.12 8.18 5.09
N THR A 64 -13.44 7.49 6.20
CA THR A 64 -13.25 8.05 7.51
C THR A 64 -11.81 7.79 7.86
N GLU A 65 -11.35 8.38 8.99
CA GLU A 65 -9.98 8.19 9.39
C GLU A 65 -9.74 6.73 9.65
N VAL A 66 -10.72 6.04 10.28
CA VAL A 66 -10.55 4.64 10.60
C VAL A 66 -10.59 3.82 9.34
N GLN A 67 -11.52 4.16 8.42
CA GLN A 67 -11.63 3.41 7.19
C GLN A 67 -10.36 3.61 6.40
N PHE A 68 -9.82 4.84 6.42
CA PHE A 68 -8.62 5.14 5.69
C PHE A 68 -7.50 4.31 6.27
N LEU A 69 -7.43 4.18 7.63
CA LEU A 69 -6.37 3.40 8.23
C LEU A 69 -6.52 1.96 7.81
N GLU A 70 -7.78 1.47 7.72
CA GLU A 70 -7.99 0.10 7.31
C GLU A 70 -7.50 -0.05 5.89
N LEU A 71 -7.76 0.97 5.04
CA LEU A 71 -7.33 0.92 3.66
C LEU A 71 -5.82 0.91 3.61
N SER A 72 -5.16 1.78 4.43
CA SER A 72 -3.71 1.85 4.42
C SER A 72 -3.15 0.53 4.88
N THR A 73 -3.81 -0.11 5.87
CA THR A 73 -3.34 -1.38 6.39
C THR A 73 -3.53 -2.46 5.36
N ASP A 74 -4.70 -2.47 4.68
CA ASP A 74 -4.96 -3.50 3.70
C ASP A 74 -3.98 -3.36 2.56
N VAL A 75 -3.70 -2.12 2.12
CA VAL A 75 -2.76 -1.91 1.04
C VAL A 75 -1.39 -2.31 1.50
N TYR A 76 -1.02 -1.90 2.73
CA TYR A 76 0.29 -2.20 3.28
C TYR A 76 0.47 -3.69 3.34
N ASP A 77 -0.54 -4.40 3.86
CA ASP A 77 -0.45 -5.84 3.99
C ASP A 77 -0.27 -6.47 2.62
N GLU A 78 -1.04 -6.03 1.60
CA GLU A 78 -0.92 -6.63 0.28
C GLU A 78 0.43 -6.31 -0.30
N LEU A 79 0.96 -5.09 -0.07
CA LEU A 79 2.24 -4.72 -0.63
C LEU A 79 3.31 -5.67 -0.14
N LYS A 80 3.24 -6.07 1.15
CA LYS A 80 4.23 -6.99 1.69
C LYS A 80 4.15 -8.30 0.95
N ARG A 81 2.92 -8.76 0.65
CA ARG A 81 2.75 -10.01 -0.05
C ARG A 81 3.32 -9.89 -1.43
N ARG A 82 3.14 -8.72 -2.08
CA ARG A 82 3.65 -8.52 -3.42
C ARG A 82 5.16 -8.60 -3.38
N GLU A 83 5.78 -8.05 -2.31
CA GLU A 83 7.21 -8.07 -2.18
C GLU A 83 7.68 -9.49 -2.02
N GLN A 84 6.91 -10.31 -1.27
CA GLN A 84 7.29 -11.70 -1.04
C GLN A 84 7.29 -12.43 -2.36
N VAL A 85 6.30 -12.12 -3.22
CA VAL A 85 6.20 -12.77 -4.51
C VAL A 85 7.43 -12.41 -5.32
N ALA A 86 7.82 -11.12 -5.27
CA ALA A 86 8.97 -10.65 -6.00
C ALA A 86 10.21 -11.34 -5.52
N ARG A 87 10.32 -11.54 -4.18
CA ARG A 87 11.48 -12.18 -3.62
C ARG A 87 11.57 -13.59 -4.13
N ARG A 88 10.41 -14.26 -4.31
CA ARG A 88 10.42 -15.63 -4.79
C ARG A 88 10.96 -15.62 -6.18
N GLY A 89 10.50 -14.65 -7.00
CA GLY A 89 11.00 -14.50 -8.34
C GLY A 89 10.14 -15.31 -9.26
N PRO A 90 10.42 -15.16 -10.53
CA PRO A 90 9.71 -15.87 -11.58
C PRO A 90 10.11 -17.30 -11.65
N ASN A 91 9.15 -18.17 -12.04
CA ASN A 91 9.41 -19.59 -12.13
C ASN A 91 9.82 -20.08 -10.76
N ALA A 92 9.18 -19.52 -9.72
CA ALA A 92 9.49 -19.90 -8.37
C ALA A 92 8.81 -21.22 -8.11
N PRO A 93 9.32 -21.98 -7.18
CA PRO A 93 8.76 -23.28 -6.86
C PRO A 93 7.39 -23.20 -6.23
N PRO A 94 6.55 -24.17 -6.49
CA PRO A 94 5.19 -24.18 -5.95
C PRO A 94 5.10 -24.46 -4.48
N GLU A 95 6.15 -25.07 -3.91
CA GLU A 95 6.13 -25.40 -2.49
C GLU A 95 6.10 -24.15 -1.67
N THR A 96 6.87 -23.15 -2.09
CA THR A 96 6.93 -21.91 -1.35
C THR A 96 6.18 -20.87 -2.12
N ALA A 97 5.36 -21.31 -3.09
CA ALA A 97 4.62 -20.37 -3.90
C ALA A 97 3.53 -19.77 -3.05
N PRO A 98 3.45 -18.46 -3.05
CA PRO A 98 2.44 -17.74 -2.30
C PRO A 98 1.12 -17.74 -3.01
N PRO A 99 0.04 -17.44 -2.32
CA PRO A 99 -1.29 -17.41 -2.92
C PRO A 99 -1.45 -16.29 -3.90
N ASP A 100 -2.33 -16.48 -4.90
CA ASP A 100 -2.54 -15.48 -5.90
C ASP A 100 -3.47 -14.43 -5.34
N PHE A 101 -4.09 -14.71 -4.18
CA PHE A 101 -4.98 -13.74 -3.60
C PHE A 101 -4.97 -13.93 -2.12
N LEU A 102 -5.38 -12.90 -1.37
CA LEU A 102 -5.38 -13.00 0.07
C LEU A 102 -6.47 -13.94 0.47
N LEU A 103 -6.12 -14.96 1.27
CA LEU A 103 -7.09 -15.94 1.68
C LEU A 103 -7.96 -15.33 2.75
N PRO A 104 -9.21 -15.74 2.77
CA PRO A 104 -10.17 -15.24 3.74
C PRO A 104 -9.96 -15.80 5.11
N GLN A 105 -10.43 -15.06 6.14
CA GLN A 105 -10.28 -15.50 7.50
C GLN A 105 -11.66 -15.45 8.12
N ASP A 106 -11.91 -16.33 9.11
CA ASP A 106 -13.22 -16.38 9.73
C ASP A 106 -13.26 -15.47 10.93
N ASN A 107 -12.14 -14.81 11.29
CA ASN A 107 -12.16 -13.93 12.43
C ASN A 107 -12.50 -12.54 11.96
N PHE A 108 -12.71 -12.39 10.64
CA PHE A 108 -13.05 -11.10 10.08
C PHE A 108 -14.33 -11.26 9.33
N HIS A 109 -15.06 -10.14 9.12
CA HIS A 109 -16.31 -10.19 8.41
C HIS A 109 -16.01 -10.50 6.97
N PRO A 110 -16.94 -11.14 6.30
CA PRO A 110 -16.77 -11.52 4.91
C PRO A 110 -16.62 -10.35 3.98
N LYS A 111 -17.19 -9.18 4.36
CA LYS A 111 -17.08 -8.00 3.54
C LYS A 111 -15.64 -7.61 3.46
N ARG A 112 -14.92 -7.71 4.60
CA ARG A 112 -13.51 -7.35 4.64
C ARG A 112 -12.74 -8.32 3.78
N ASN A 113 -13.10 -9.62 3.84
CA ASN A 113 -12.42 -10.63 3.07
C ASN A 113 -12.60 -10.34 1.61
N GLN A 114 -13.80 -9.91 1.19
CA GLN A 114 -14.06 -9.62 -0.21
C GLN A 114 -13.23 -8.44 -0.60
N ALA A 115 -13.14 -7.45 0.29
CA ALA A 115 -12.39 -6.25 0.01
C ALA A 115 -10.94 -6.61 -0.20
N ARG A 116 -10.41 -7.52 0.63
CA ARG A 116 -9.02 -7.92 0.51
C ARG A 116 -8.83 -8.64 -0.81
N GLN A 117 -9.81 -9.49 -1.19
CA GLN A 117 -9.72 -10.23 -2.43
C GLN A 117 -9.74 -9.27 -3.59
N LYS A 118 -10.55 -8.19 -3.50
CA LYS A 118 -10.64 -7.23 -4.57
C LYS A 118 -9.29 -6.60 -4.81
N LEU A 119 -8.53 -6.31 -3.74
CA LEU A 119 -7.22 -5.71 -3.91
C LEU A 119 -6.34 -6.65 -4.68
N SER A 120 -6.44 -7.96 -4.38
CA SER A 120 -5.61 -8.94 -5.06
C SER A 120 -6.06 -9.07 -6.49
N SER A 121 -7.31 -8.66 -6.78
CA SER A 121 -7.82 -8.77 -8.13
C SER A 121 -7.40 -7.55 -8.90
N LEU A 122 -6.73 -6.57 -8.24
CA LEU A 122 -6.31 -5.39 -8.93
C LEU A 122 -4.95 -5.65 -9.53
N GLY A 123 -4.91 -6.61 -10.48
CA GLY A 123 -3.67 -6.95 -11.16
C GLY A 123 -3.15 -5.75 -11.94
N PRO A 124 -4.05 -5.08 -12.66
CA PRO A 124 -3.67 -3.89 -13.45
C PRO A 124 -3.06 -2.79 -12.63
N PRO A 125 -2.43 -1.82 -13.28
CA PRO A 125 -1.79 -0.69 -12.61
C PRO A 125 -2.72 0.13 -11.77
N ARG A 126 -4.01 -0.25 -11.73
CA ARG A 126 -4.98 0.45 -10.92
C ARG A 126 -4.51 0.37 -9.50
N PHE A 127 -3.95 -0.79 -9.11
CA PHE A 127 -3.44 -0.96 -7.75
C PHE A 127 -2.31 0.01 -7.53
N ARG A 128 -1.42 0.16 -8.53
CA ARG A 128 -0.30 1.08 -8.39
C ARG A 128 -0.85 2.48 -8.22
N ASP A 129 -1.91 2.82 -8.99
CA ASP A 129 -2.52 4.12 -8.88
C ASP A 129 -3.11 4.28 -7.51
N LEU A 130 -3.66 3.18 -6.94
CA LEU A 130 -4.25 3.20 -5.62
C LEU A 130 -3.18 3.55 -4.63
N ALA A 131 -2.02 2.90 -4.77
CA ALA A 131 -0.90 3.13 -3.89
C ALA A 131 -0.45 4.57 -4.03
N THR A 132 -0.43 5.08 -5.28
CA THR A 132 0.00 6.44 -5.53
C THR A 132 -0.97 7.39 -4.86
N ASP A 133 -2.28 7.12 -4.99
CA ASP A 133 -3.29 7.99 -4.41
C ASP A 133 -3.12 8.03 -2.91
N VAL A 134 -2.87 6.86 -2.28
CA VAL A 134 -2.71 6.82 -0.85
C VAL A 134 -1.47 7.60 -0.47
N PHE A 135 -0.37 7.40 -1.24
CA PHE A 135 0.88 8.09 -0.97
C PHE A 135 0.67 9.57 -1.05
N CYS A 136 0.02 10.05 -2.13
CA CYS A 136 -0.20 11.47 -2.31
C CYS A 136 -1.11 11.98 -1.22
N GLU A 137 -2.14 11.21 -0.85
CA GLU A 137 -3.07 11.64 0.17
C GLU A 137 -2.34 11.81 1.47
N LEU A 138 -1.45 10.86 1.82
CA LEU A 138 -0.71 10.94 3.06
C LEU A 138 0.20 12.14 3.03
N GLU A 139 0.82 12.43 1.87
CA GLU A 139 1.72 13.54 1.78
C GLU A 139 0.98 14.83 2.03
N ARG A 140 -0.23 14.99 1.43
CA ARG A 140 -0.96 16.23 1.63
C ARG A 140 -1.49 16.32 3.03
N ARG A 141 -1.99 15.20 3.60
CA ARG A 141 -2.53 15.22 4.95
C ARG A 141 -1.42 15.46 5.94
N TYR A 142 -0.25 14.83 5.71
CA TYR A 142 0.85 14.98 6.62
C TYR A 142 2.00 15.55 5.86
N PRO A 143 2.10 16.87 5.86
CA PRO A 143 3.18 17.55 5.15
C PRO A 143 4.53 17.27 5.74
N ASN A 144 4.55 16.77 7.00
CA ASN A 144 5.79 16.46 7.65
C ASN A 144 6.33 15.17 7.10
N PHE A 145 5.51 14.44 6.29
CA PHE A 145 5.97 13.20 5.72
C PHE A 145 6.88 13.54 4.57
N ALA A 146 6.81 14.80 4.09
CA ALA A 146 7.64 15.21 2.99
C ALA A 146 9.05 15.41 3.47
N ASN A 147 9.25 15.48 4.80
CA ASN A 147 10.58 15.68 5.34
C ASN A 147 11.20 14.33 5.59
N LEU A 148 10.47 13.25 5.28
CA LEU A 148 10.99 11.92 5.50
C LEU A 148 10.54 11.08 4.34
N GLU A 149 10.85 11.56 3.12
CA GLU A 149 10.46 10.85 1.92
C GLU A 149 11.09 9.49 1.95
N MET A 150 12.38 9.43 2.32
CA MET A 150 13.06 8.16 2.39
C MET A 150 13.92 8.19 3.61
N PRO A 151 14.17 7.03 4.18
CA PRO A 151 15.00 6.90 5.36
C PRO A 151 16.46 6.95 5.04
N LEU A 152 17.29 7.06 6.09
CA LEU A 152 18.72 7.12 5.89
C LEU A 152 19.28 5.80 6.33
N ASN A 153 20.22 5.25 5.54
CA ASN A 153 20.81 3.98 5.88
C ASN A 153 22.26 4.06 5.49
N ALA A 154 23.16 3.88 6.47
CA ALA A 154 24.57 3.94 6.18
C ALA A 154 25.25 3.05 7.17
N SER A 155 26.42 2.50 6.78
CA SER A 155 27.15 1.63 7.67
C SER A 155 28.13 2.48 8.48
N MET A 21 -10.10 1.95 16.12
CA MET A 21 -9.43 3.12 16.74
C MET A 21 -8.01 2.79 17.10
N GLY A 22 -7.18 3.84 17.31
CA GLY A 22 -5.81 3.60 17.65
C GLY A 22 -5.19 4.93 17.96
N GLU A 23 -3.92 4.92 18.40
CA GLU A 23 -3.24 6.15 18.71
C GLU A 23 -1.85 6.04 18.16
N ASN A 24 -1.22 7.20 17.86
CA ASN A 24 0.12 7.21 17.32
C ASN A 24 0.11 6.51 15.99
N GLN A 25 -0.98 6.71 15.22
CA GLN A 25 -1.12 6.08 13.93
C GLN A 25 -0.25 6.81 12.93
N GLU A 26 0.17 8.04 13.28
CA GLU A 26 0.98 8.83 12.40
C GLU A 26 2.27 8.12 12.12
N LEU A 27 2.90 7.52 13.15
CA LEU A 27 4.15 6.82 12.95
C LEU A 27 3.91 5.59 12.13
N VAL A 28 2.76 4.92 12.35
CA VAL A 28 2.45 3.73 11.60
C VAL A 28 2.31 4.09 10.15
N LEU A 29 1.60 5.20 9.85
CA LEU A 29 1.41 5.62 8.48
C LEU A 29 2.72 6.10 7.92
N SER A 30 3.64 6.58 8.78
CA SER A 30 4.92 7.06 8.30
C SER A 30 5.66 5.90 7.68
N ASP A 31 5.58 4.72 8.33
CA ASP A 31 6.25 3.54 7.81
C ASP A 31 5.60 3.15 6.51
N HIS A 32 4.26 3.28 6.43
CA HIS A 32 3.54 2.92 5.23
C HIS A 32 3.95 3.87 4.13
N TYR A 33 4.09 5.15 4.49
CA TYR A 33 4.48 6.19 3.55
C TYR A 33 5.83 5.86 2.96
N ILE A 34 6.79 5.53 3.83
CA ILE A 34 8.13 5.20 3.38
C ILE A 34 8.09 4.00 2.48
N SER A 35 7.31 2.97 2.87
CA SER A 35 7.21 1.76 2.06
C SER A 35 6.62 2.09 0.72
N LEU A 36 5.56 2.93 0.70
CA LEU A 36 4.92 3.30 -0.54
C LEU A 36 5.88 4.07 -1.39
N LYS A 37 6.68 4.97 -0.76
CA LYS A 37 7.60 5.79 -1.50
C LYS A 37 8.60 4.91 -2.21
N ARG A 38 9.15 3.90 -1.50
CA ARG A 38 10.13 3.02 -2.13
C ARG A 38 9.48 2.24 -3.23
N TYR A 39 8.24 1.75 -3.00
CA TYR A 39 7.55 0.96 -3.99
C TYR A 39 7.30 1.79 -5.23
N LEU A 40 6.74 3.02 -5.05
CA LEU A 40 6.44 3.87 -6.17
C LEU A 40 7.70 4.29 -6.86
N SER A 41 8.75 4.61 -6.08
CA SER A 41 10.00 5.05 -6.67
C SER A 41 10.61 3.93 -7.48
N ALA A 42 10.63 2.71 -6.92
CA ALA A 42 11.23 1.59 -7.60
C ALA A 42 10.47 1.26 -8.86
N THR A 43 9.12 1.27 -8.79
CA THR A 43 8.33 0.93 -9.96
C THR A 43 8.36 2.05 -10.97
N SER A 44 8.32 3.31 -10.50
CA SER A 44 8.33 4.43 -11.42
C SER A 44 9.66 4.45 -12.14
N ARG A 45 10.77 4.34 -11.37
CA ARG A 45 12.12 4.35 -11.93
C ARG A 45 12.44 5.75 -12.39
N ASP A 46 11.68 6.25 -13.38
CA ASP A 46 11.92 7.56 -13.90
C ASP A 46 10.59 8.08 -14.37
N GLY A 47 9.96 8.94 -13.55
CA GLY A 47 8.68 9.48 -13.91
C GLY A 47 8.50 10.76 -13.17
N ASN A 48 7.30 11.36 -13.27
CA ASN A 48 7.04 12.62 -12.59
C ASN A 48 6.99 12.35 -11.11
N PRO A 49 7.56 13.24 -10.34
CA PRO A 49 7.59 13.12 -8.89
C PRO A 49 6.28 13.41 -8.24
N LYS A 50 5.36 14.08 -8.97
CA LYS A 50 4.08 14.42 -8.40
C LYS A 50 3.01 14.07 -9.40
N PRO A 51 2.62 12.80 -9.43
CA PRO A 51 1.58 12.34 -10.33
C PRO A 51 0.24 13.00 -10.06
N PRO A 52 -0.57 13.20 -11.08
CA PRO A 52 -1.88 13.83 -10.92
C PRO A 52 -2.78 13.10 -9.96
N PRO A 53 -3.54 13.82 -9.16
CA PRO A 53 -4.45 13.20 -8.19
C PRO A 53 -5.70 12.64 -8.84
N ASN A 54 -5.94 13.01 -10.12
CA ASN A 54 -7.11 12.55 -10.83
C ASN A 54 -8.32 13.10 -10.14
N LYS A 55 -9.28 12.22 -9.77
CA LYS A 55 -10.47 12.68 -9.11
C LYS A 55 -10.84 11.64 -8.10
N ALA A 56 -9.83 11.11 -7.38
CA ALA A 56 -10.09 10.10 -6.38
C ALA A 56 -10.13 10.78 -5.05
N ARG A 57 -10.07 12.13 -5.07
CA ARG A 57 -10.10 12.90 -3.85
C ARG A 57 -11.42 12.70 -3.15
N ASP A 58 -12.52 12.66 -3.94
CA ASP A 58 -13.83 12.50 -3.36
C ASP A 58 -13.93 11.16 -2.69
N LYS A 59 -13.35 10.12 -3.31
CA LYS A 59 -13.41 8.78 -2.77
C LYS A 59 -12.66 8.73 -1.47
N LEU A 60 -11.51 9.43 -1.40
CA LEU A 60 -10.70 9.41 -0.20
C LEU A 60 -11.35 10.24 0.88
N GLN A 61 -12.37 11.06 0.54
CA GLN A 61 -13.02 11.87 1.54
C GLN A 61 -14.25 11.15 2.02
N ARG A 62 -14.55 9.96 1.45
CA ARG A 62 -15.74 9.24 1.86
C ARG A 62 -15.31 8.04 2.65
N LEU A 63 -14.71 8.29 3.83
CA LEU A 63 -14.26 7.21 4.66
C LEU A 63 -13.89 7.80 5.98
N THR A 64 -13.83 6.93 7.02
CA THR A 64 -13.49 7.38 8.34
C THR A 64 -12.01 7.22 8.50
N GLU A 65 -11.46 7.79 9.60
CA GLU A 65 -10.04 7.71 9.85
C GLU A 65 -9.67 6.27 10.06
N VAL A 66 -10.54 5.51 10.75
CA VAL A 66 -10.26 4.11 11.03
C VAL A 66 -10.28 3.36 9.74
N GLN A 67 -11.26 3.65 8.87
CA GLN A 67 -11.35 2.96 7.60
C GLN A 67 -10.13 3.30 6.79
N PHE A 68 -9.67 4.57 6.89
CA PHE A 68 -8.50 4.99 6.17
C PHE A 68 -7.31 4.17 6.64
N LEU A 69 -7.18 3.98 7.98
CA LEU A 69 -6.06 3.20 8.49
C LEU A 69 -6.17 1.79 8.01
N GLU A 70 -7.41 1.24 7.97
CA GLU A 70 -7.59 -0.12 7.52
C GLU A 70 -7.17 -0.21 6.07
N LEU A 71 -7.52 0.82 5.27
CA LEU A 71 -7.16 0.83 3.87
C LEU A 71 -5.66 0.88 3.76
N SER A 72 -5.01 1.75 4.58
CA SER A 72 -3.57 1.89 4.54
C SER A 72 -2.93 0.58 4.90
N THR A 73 -3.49 -0.12 5.91
CA THR A 73 -2.95 -1.38 6.36
C THR A 73 -3.13 -2.41 5.27
N ASP A 74 -4.30 -2.41 4.60
CA ASP A 74 -4.55 -3.37 3.55
C ASP A 74 -3.56 -3.17 2.44
N VAL A 75 -3.25 -1.91 2.08
CA VAL A 75 -2.29 -1.64 1.03
C VAL A 75 -0.94 -2.12 1.46
N TYR A 76 -0.55 -1.80 2.71
CA TYR A 76 0.75 -2.20 3.22
C TYR A 76 0.85 -3.70 3.21
N ASP A 77 -0.18 -4.39 3.74
CA ASP A 77 -0.18 -5.83 3.79
C ASP A 77 -0.11 -6.40 2.40
N GLU A 78 -0.83 -5.79 1.42
CA GLU A 78 -0.82 -6.28 0.07
C GLU A 78 0.58 -6.16 -0.49
N LEU A 79 1.27 -5.04 -0.21
CA LEU A 79 2.61 -4.86 -0.73
C LEU A 79 3.51 -5.92 -0.16
N LYS A 80 3.37 -6.22 1.15
CA LYS A 80 4.21 -7.21 1.77
C LYS A 80 3.92 -8.56 1.18
N ARG A 81 2.64 -8.86 0.93
CA ARG A 81 2.26 -10.15 0.39
C ARG A 81 2.87 -10.31 -0.98
N ARG A 82 2.78 -9.27 -1.83
CA ARG A 82 3.30 -9.35 -3.17
C ARG A 82 4.80 -9.48 -3.13
N GLU A 83 5.48 -8.79 -2.19
CA GLU A 83 6.93 -8.88 -2.11
C GLU A 83 7.31 -10.29 -1.75
N GLN A 84 6.55 -10.92 -0.83
CA GLN A 84 6.85 -12.28 -0.43
C GLN A 84 6.66 -13.20 -1.59
N VAL A 85 5.59 -12.96 -2.38
CA VAL A 85 5.31 -13.81 -3.53
C VAL A 85 6.42 -13.66 -4.53
N ALA A 86 6.86 -12.42 -4.77
CA ALA A 86 7.92 -12.17 -5.74
C ALA A 86 9.19 -12.84 -5.31
N ARG A 87 9.49 -12.84 -4.00
CA ARG A 87 10.71 -13.42 -3.51
C ARG A 87 10.48 -14.85 -3.10
N ARG A 88 9.41 -15.50 -3.61
CA ARG A 88 9.16 -16.87 -3.24
C ARG A 88 10.28 -17.73 -3.78
N GLY A 89 10.83 -17.35 -4.95
CA GLY A 89 11.93 -18.07 -5.53
C GLY A 89 11.45 -18.70 -6.81
N PRO A 90 12.34 -18.75 -7.78
CA PRO A 90 12.03 -19.33 -9.07
C PRO A 90 11.95 -20.83 -9.06
N ASN A 91 12.58 -21.45 -8.04
CA ASN A 91 12.56 -22.89 -7.93
C ASN A 91 11.67 -23.24 -6.78
N ALA A 92 10.78 -22.29 -6.41
CA ALA A 92 9.88 -22.52 -5.32
C ALA A 92 8.72 -23.35 -5.84
N PRO A 93 8.48 -24.50 -5.22
CA PRO A 93 7.39 -25.38 -5.62
C PRO A 93 6.04 -24.72 -5.54
N PRO A 94 5.14 -25.04 -6.42
CA PRO A 94 3.80 -24.45 -6.42
C PRO A 94 2.97 -24.90 -5.26
N GLU A 95 3.30 -26.06 -4.68
CA GLU A 95 2.55 -26.57 -3.55
C GLU A 95 2.78 -25.69 -2.36
N THR A 96 4.03 -25.21 -2.23
CA THR A 96 4.38 -24.37 -1.11
C THR A 96 4.33 -22.94 -1.55
N ALA A 97 3.72 -22.68 -2.71
CA ALA A 97 3.64 -21.33 -3.20
C ALA A 97 2.66 -20.57 -2.35
N PRO A 98 2.90 -19.28 -2.20
CA PRO A 98 2.05 -18.42 -1.40
C PRO A 98 0.74 -18.11 -2.07
N PRO A 99 -0.24 -17.69 -1.32
CA PRO A 99 -1.55 -17.36 -1.86
C PRO A 99 -1.55 -16.09 -2.67
N ASP A 100 -2.53 -15.98 -3.59
CA ASP A 100 -2.63 -14.80 -4.42
C ASP A 100 -3.51 -13.81 -3.71
N PHE A 101 -4.01 -14.18 -2.52
CA PHE A 101 -4.87 -13.30 -1.77
C PHE A 101 -4.36 -13.29 -0.35
N LEU A 102 -4.99 -12.46 0.52
CA LEU A 102 -4.55 -12.35 1.89
C LEU A 102 -5.16 -13.45 2.71
N LEU A 103 -5.93 -14.32 2.04
CA LEU A 103 -6.59 -15.45 2.70
C LEU A 103 -7.75 -14.92 3.53
N PRO A 104 -8.89 -15.56 3.40
CA PRO A 104 -10.08 -15.16 4.14
C PRO A 104 -10.00 -15.53 5.59
N GLN A 105 -10.68 -14.75 6.45
CA GLN A 105 -10.66 -15.02 7.86
C GLN A 105 -12.09 -15.05 8.32
N ASP A 106 -12.38 -15.87 9.37
CA ASP A 106 -13.73 -16.00 9.84
C ASP A 106 -14.02 -14.94 10.88
N ASN A 107 -12.99 -14.26 11.41
CA ASN A 107 -13.25 -13.24 12.40
C ASN A 107 -13.49 -11.93 11.70
N PHE A 108 -13.33 -11.91 10.36
CA PHE A 108 -13.57 -10.72 9.60
C PHE A 108 -14.88 -10.91 8.89
N HIS A 109 -15.59 -9.79 8.61
CA HIS A 109 -16.85 -9.87 7.93
C HIS A 109 -16.57 -10.27 6.50
N PRO A 110 -17.51 -10.94 5.89
CA PRO A 110 -17.38 -11.40 4.50
C PRO A 110 -17.05 -10.30 3.53
N LYS A 111 -17.65 -9.10 3.74
CA LYS A 111 -17.40 -7.99 2.87
C LYS A 111 -15.95 -7.59 2.94
N ARG A 112 -15.37 -7.64 4.17
CA ARG A 112 -13.98 -7.27 4.35
C ARG A 112 -13.11 -8.27 3.62
N ASN A 113 -13.46 -9.56 3.70
CA ASN A 113 -12.68 -10.59 3.04
C ASN A 113 -12.72 -10.36 1.55
N GLN A 114 -13.90 -9.98 1.02
CA GLN A 114 -14.03 -9.76 -0.41
C GLN A 114 -13.23 -8.55 -0.79
N ALA A 115 -13.26 -7.53 0.08
CA ALA A 115 -12.56 -6.29 -0.17
C ALA A 115 -11.08 -6.55 -0.30
N ARG A 116 -10.52 -7.43 0.55
CA ARG A 116 -9.11 -7.72 0.49
C ARG A 116 -8.80 -8.41 -0.82
N GLN A 117 -9.71 -9.29 -1.28
CA GLN A 117 -9.48 -10.01 -2.51
C GLN A 117 -9.60 -9.06 -3.69
N LYS A 118 -10.31 -7.92 -3.51
CA LYS A 118 -10.46 -6.97 -4.59
C LYS A 118 -9.11 -6.43 -4.97
N LEU A 119 -8.22 -6.23 -3.98
CA LEU A 119 -6.90 -5.70 -4.27
C LEU A 119 -6.17 -6.66 -5.15
N SER A 120 -6.34 -7.98 -4.89
CA SER A 120 -5.69 -8.99 -5.69
C SER A 120 -6.26 -8.96 -7.07
N SER A 121 -7.60 -8.76 -7.17
CA SER A 121 -8.28 -8.72 -8.45
C SER A 121 -7.74 -7.57 -9.27
N LEU A 122 -7.50 -6.42 -8.62
CA LEU A 122 -7.00 -5.26 -9.33
C LEU A 122 -5.65 -5.58 -9.90
N GLY A 123 -5.42 -5.17 -11.16
CA GLY A 123 -4.15 -5.41 -11.79
C GLY A 123 -3.18 -4.39 -11.28
N PRO A 124 -1.93 -4.60 -11.62
CA PRO A 124 -0.85 -3.71 -11.20
C PRO A 124 -1.07 -2.24 -11.52
N PRO A 125 -1.52 -1.86 -12.70
CA PRO A 125 -1.73 -0.44 -13.01
C PRO A 125 -2.73 0.22 -12.11
N ARG A 126 -3.84 -0.48 -11.81
CA ARG A 126 -4.87 0.08 -10.95
C ARG A 126 -4.33 0.13 -9.55
N PHE A 127 -3.60 -0.92 -9.15
CA PHE A 127 -3.04 -0.99 -7.83
C PHE A 127 -2.05 0.13 -7.64
N ARG A 128 -1.17 0.36 -8.64
CA ARG A 128 -0.17 1.40 -8.53
C ARG A 128 -0.87 2.74 -8.44
N ASP A 129 -1.96 2.94 -9.21
CA ASP A 129 -2.68 4.19 -9.17
C ASP A 129 -3.29 4.37 -7.79
N LEU A 130 -3.80 3.26 -7.21
CA LEU A 130 -4.42 3.31 -5.90
C LEU A 130 -3.38 3.68 -4.89
N ALA A 131 -2.20 3.03 -5.00
CA ALA A 131 -1.12 3.27 -4.08
C ALA A 131 -0.67 4.70 -4.20
N THR A 132 -0.62 5.22 -5.44
CA THR A 132 -0.19 6.59 -5.67
C THR A 132 -1.17 7.53 -5.03
N ASP A 133 -2.48 7.26 -5.18
CA ASP A 133 -3.49 8.14 -4.62
C ASP A 133 -3.35 8.17 -3.12
N VAL A 134 -3.12 7.01 -2.48
CA VAL A 134 -2.98 6.97 -1.05
C VAL A 134 -1.71 7.70 -0.66
N PHE A 135 -0.63 7.45 -1.42
CA PHE A 135 0.66 8.06 -1.12
C PHE A 135 0.56 9.57 -1.18
N CYS A 136 -0.04 10.12 -2.27
CA CYS A 136 -0.12 11.56 -2.38
C CYS A 136 -1.08 12.11 -1.36
N GLU A 137 -2.08 11.30 -0.94
CA GLU A 137 -3.04 11.78 0.03
C GLU A 137 -2.33 11.95 1.35
N LEU A 138 -1.44 10.99 1.70
CA LEU A 138 -0.71 11.08 2.94
C LEU A 138 0.19 12.27 2.91
N GLU A 139 0.82 12.55 1.76
CA GLU A 139 1.71 13.67 1.67
C GLU A 139 0.95 14.95 1.89
N ARG A 140 -0.26 15.07 1.30
CA ARG A 140 -1.04 16.29 1.45
C ARG A 140 -1.54 16.41 2.86
N ARG A 141 -2.02 15.29 3.46
CA ARG A 141 -2.55 15.35 4.81
C ARG A 141 -1.44 15.60 5.79
N TYR A 142 -0.27 14.97 5.58
CA TYR A 142 0.83 15.12 6.47
C TYR A 142 1.98 15.69 5.69
N PRO A 143 2.10 17.00 5.68
CA PRO A 143 3.18 17.66 4.96
C PRO A 143 4.53 17.38 5.55
N ASN A 144 4.54 16.90 6.81
CA ASN A 144 5.79 16.60 7.47
C ASN A 144 6.28 15.27 6.97
N PHE A 145 5.46 14.56 6.16
CA PHE A 145 5.87 13.28 5.64
C PHE A 145 6.84 13.55 4.52
N ALA A 146 6.85 14.79 3.99
CA ALA A 146 7.74 15.14 2.92
C ALA A 146 9.15 15.19 3.47
N ASN A 147 9.29 15.28 4.81
CA ASN A 147 10.60 15.36 5.41
C ASN A 147 10.96 14.00 5.95
N LEU A 148 10.25 12.94 5.50
CA LEU A 148 10.53 11.62 5.99
C LEU A 148 11.61 11.05 5.14
N GLU A 149 12.85 11.31 5.57
CA GLU A 149 14.00 10.80 4.88
C GLU A 149 14.09 9.33 5.19
N MET A 150 14.70 8.55 4.28
CA MET A 150 14.81 7.13 4.49
C MET A 150 16.28 6.79 4.52
N PRO A 151 16.61 5.74 5.23
CA PRO A 151 17.98 5.28 5.34
C PRO A 151 18.40 4.44 4.18
N LEU A 152 19.70 4.17 4.07
CA LEU A 152 20.20 3.38 2.98
C LEU A 152 21.41 2.66 3.48
N ASN A 153 21.78 1.55 2.81
CA ASN A 153 22.91 0.79 3.22
C ASN A 153 23.46 0.12 1.99
N ALA A 154 24.80 0.12 1.84
CA ALA A 154 25.40 -0.49 0.70
C ALA A 154 26.77 -0.93 1.11
N SER A 155 27.29 -1.98 0.45
CA SER A 155 28.61 -2.48 0.79
C SER A 155 29.13 -3.24 -0.42
#